data_6FO6
#
_entry.id   6FO6
#
_cell.length_a   1.000
_cell.length_b   1.000
_cell.length_c   1.000
_cell.angle_alpha   90.00
_cell.angle_beta   90.00
_cell.angle_gamma   90.00
#
_symmetry.space_group_name_H-M   'P 1'
#
loop_
_entity.id
_entity.type
_entity.pdbx_description
1 polymer 'Cytochrome b-c1 complex subunit Rieske, mitochondrial'
2 polymer 'Cytochrome b-c1 complex subunit 1, mitochondrial'
3 polymer 'Cytochrome b-c1 complex subunit 2, mitochondrial'
4 polymer 'Cytochrome b'
5 polymer 'Cytochrome c1, heme protein, mitochondrial'
6 polymer 'Cytochrome b-c1 complex subunit 7'
7 polymer 'Cytochrome b-c1 complex subunit 8'
8 polymer 'Cytochrome b-c1 complex subunit 6, mitochondrial'
9 polymer 'Cytochrome b-c1 complex subunit 9'
10 non-polymer 'PROTOPORPHYRIN IX CONTAINING FE'
11 non-polymer 7-methoxy-3-methyl-2-[5-[4-(trifluoromethyloxy)phenyl]pyridin-3-yl]quinolin-4-ol
12 non-polymer 'HEME C'
#
loop_
_entity_poly.entity_id
_entity_poly.type
_entity_poly.pdbx_seq_one_letter_code
_entity_poly.pdbx_strand_id
1 'polypeptide(L)'
;MLSVAARSGPFAPVLSATSRGVAGALRPLVQAAVPATSESPVLDLKRSVLCRESLRGQAAGRPLVASVSLNVPASVRYSH
TDIKVPDFSDYRRPEVLDSTKSSKESSEARKGFSYLVTATTTVGVAYAAKNVVSQFVSSMSASADVLAMSKIEIKLSDIP
EGKNMAFKWRGKPLFVRHRTKKEIDQEAAVEVSQLRDPQHDLERVKKPEWVILIGVCTHLGCVPIANAGDFGGYYCPCHG
SHYDASGRIRKGPAPLNLEVPSYEFTSDDMVIVG
;
E,R
2 'polypeptide(L)'
;MAASAVCRAAGAGTRVLLRTRRSPALLRSSDLRGTATYAQALQSVPETQVSQLDNGLRVASEQSSQPTCTVGVWIDAGSR
YESEKNNGAGYFVEHLAFKGTKNRPGNALEKEVESMGAHLNAYSTREHTAYYIKALSKDLPKAVELLADIVQNCSLEDSQ
IEKERDVILQELQENDTSMRDVVFNYLHATAFQGTPLAQSVEGPSENVRKLSRADLTEYLSRHYKAPRMVLAAAGGLEHR
QLLDLAQKHFSGLSGTYDEDAVPTLSPCRFTGSQICHREDGLPLAHVAIAVEGPGWAHPDNVALQVANAIIGHYDCTYGG
GAHLSSPLASIAATNKLCQSFQTFNICYADTGLLGAHFVCDHMSIDDMMFVLQGQWMRLCTSATESEVLRGKNLLRNALV
SHLDGTTPVCEDIGRSLLTYGRRIPLAEWESRIAEVDARVVREVCSKYFYDQCPAVAGFGPIEQLPDYNRIRSGMFWLRF
;
A,N
3 'polypeptide(L)'
;MKLLTRAGSLSRFYSLKVAPKVKATEAPAGVPPHPQDLEFTRLPNGLVIASLENYAPASRIGLFIKAGSRYENSNNLGTS
HLLRLASSLTTKGASSFKITRGIEAVGGKLSVTSTRENMAYTVECLRDDVDILMEFLLNVTTAPEFRRWEVAALQPQLRI
DKAVALQNPQAHVIENLHAAAYRNALANSLYCPDYRIGKVTPVELHDYVQNHFTSARMALIGLGVSHPVLKQVAEQFLNI
RGGLGLSGAKAKYHGGEIREQNGDSLVHAALVAESAAIGSAEANAFSVLQHVLGAGPHVKRGSNATSSLYQAVAKGVHQP
FDVSAFNASYSDSGLFGFYTISQAASAGDVIKAAYNQVKTIAQGNLSNPDVQAAKNKLKAGYLMSVESSEGFLDEVGSQA
LAAGSYTPPSTVLQQIDAVADADVINAAKKFVSGRKSMAASGNLGHTPFIDEL
;
B,O
4 'polypeptide(L)'
;MTNIRKSHPLMKIVNNAFIDLPAPSNISSWWNFGSLLGICLILQILTGLFLAMHYTSDTTTAFSSVTHICRDVNYGWIIR
YMHANGASMFFICLYMHVGRGLYYGSYTFLETWNIGVILLLTVMATAFMGYVLPWGQMSFWGATVITNLLSAIPYIGTNL
VEWIWGGFSVDKATLTRFFAFHFILPFIIMAIAMVHLLFLHETGSNNPTGISSDVDKIPFHPYYTIKDILGALLLILALM
LLVLFAPDLLGDPDNYTPANPLNTPPHIKPEWYFLFAYAILRSIPNKLGGVLALAFSILILALIPLLHTSKQRSMMFRPL
SQCLFWALVADLLTLTWIGGQPVEHPYITIGQLASVLYFLLILVLMPTAGTIENKLLKW
;
C,P
5 'polypeptide(L)'
;MAAAAATLRGAMVGPRGAGLPGARARGLLCGARPGQLPLRTPQAVSLSSKSGLSRGRKVILSALGMLAAGGAGLAVALHS
AVSASDLELHPPSYPWSHRGLLSSLDHTSIRRGFQVYKQVCSSCHSMDYVAYRHLVGVCYTEDEAKALAEEVEVQDGPNE
DGEMFMRPGKLSDYFPKPYPNPEAARAANNGALPPDLSYIVRARHGGEDYVFSLLTGYCEPPTGVSLREGLYFNPYFPGQ
AIGMAPPIYNEVLEFDDGTPATMSQVAKDVCTFLRWAAEPEHDHRKRMGLKMLLMMGLLLPLVYAMKRHKWSVLKSRKLA
YRPPK
;
D,Q
6 'polypeptide(L)'
;MAGRPAVSASSRWLEGIRKWYYNAAGFNKLGLMRDDTIHENDDVKEAIRRLPENLYDDRVFRIKRALDLSMRQQILPKEQ
WTKYEEDKSYLEPYLKEVIRERKEREEWAKK
;
F,S
7 'polypeptide(L)'
;MGRQFGHLTRVRHVITYSLSPFEQRAFPHYFSKGIPNVLRRTRACILRVAPPFVAFYLVYTWGTQEFEKSKRKNPAAYEN
DR
;
G,T
8 'polypeptide(L)'
;MGLEDEQRMLTGSGDPKEEEEEEEELVDPLTTVREQCEQLEKCVKARERLELCDERVSSRSQTEEDCTEELLDFLHARDH
CVAHKLFNSLK
;
H,U
9 'polypeptide(L)' MVAPTLTARLYSLLFRRTSTFALTIVVGALFFERAFDQGADAIYEHINEGKLWKHIKHKYENKE J,W
#
# COMPACT_ATOMS: atom_id res chain seq x y z
N SER A 79 36.54 14.29 21.01
CA SER A 79 36.54 12.98 20.37
C SER A 79 35.44 12.09 20.91
N HIS A 80 35.52 10.81 20.57
CA HIS A 80 34.53 9.86 21.08
C HIS A 80 34.85 9.41 22.50
N THR A 81 36.14 9.36 22.86
CA THR A 81 36.50 8.99 24.22
C THR A 81 36.11 10.05 25.22
N ASP A 82 36.05 11.31 24.79
CA ASP A 82 35.57 12.38 25.64
C ASP A 82 34.10 12.28 25.96
N ILE A 83 33.38 11.39 25.27
CA ILE A 83 31.96 11.20 25.51
C ILE A 83 31.76 10.40 26.79
N LYS A 84 30.93 10.92 27.68
CA LYS A 84 30.63 10.29 28.95
C LYS A 84 29.17 10.52 29.28
N VAL A 85 28.61 9.59 30.03
CA VAL A 85 27.19 9.62 30.38
C VAL A 85 27.02 10.57 31.56
N PRO A 86 25.93 11.33 31.65
CA PRO A 86 25.71 12.15 32.84
C PRO A 86 25.08 11.36 33.97
N ASP A 87 24.73 12.04 35.05
CA ASP A 87 24.16 11.38 36.22
C ASP A 87 22.66 11.21 36.02
N PHE A 88 22.19 9.98 36.16
CA PHE A 88 20.77 9.67 36.22
C PHE A 88 20.31 9.39 37.64
N SER A 89 21.19 9.50 38.63
CA SER A 89 20.90 9.03 39.97
C SER A 89 19.70 9.72 40.60
N ASP A 90 19.33 10.90 40.11
CA ASP A 90 18.08 11.50 40.53
C ASP A 90 16.90 10.62 40.19
N TYR A 91 16.99 9.86 39.10
CA TYR A 91 15.90 9.04 38.61
C TYR A 91 16.08 7.57 38.90
N ARG A 92 17.31 7.12 39.17
CA ARG A 92 17.57 5.72 39.36
C ARG A 92 16.86 5.20 40.60
N ARG A 93 16.54 3.91 40.57
CA ARG A 93 15.94 3.30 41.73
C ARG A 93 16.96 3.20 42.85
N PRO A 94 16.52 3.22 44.12
CA PRO A 94 17.48 3.23 45.21
C PRO A 94 18.30 1.97 45.30
N GLU A 95 17.78 0.86 44.78
CA GLU A 95 18.51 -0.41 44.84
C GLU A 95 19.75 -0.42 43.98
N VAL A 96 19.86 0.52 43.04
CA VAL A 96 20.90 0.49 42.01
C VAL A 96 21.66 1.81 41.98
N LEU A 97 21.73 2.50 43.11
CA LEU A 97 22.50 3.73 43.22
C LEU A 97 23.95 3.49 43.61
N ASP A 98 24.32 2.27 43.99
CA ASP A 98 25.69 1.96 44.38
C ASP A 98 26.41 1.39 43.18
N SER A 99 27.32 2.18 42.62
CA SER A 99 28.11 1.73 41.48
C SER A 99 28.94 0.48 41.77
N THR A 100 29.24 0.22 43.04
CA THR A 100 30.16 -0.83 43.42
C THR A 100 29.48 -2.19 43.62
N LYS A 101 28.19 -2.30 43.36
CA LYS A 101 27.44 -3.53 43.58
C LYS A 101 26.83 -4.03 42.28
N SER A 102 26.55 -5.33 42.26
CA SER A 102 26.02 -5.98 41.08
C SER A 102 24.50 -5.93 41.09
N SER A 103 23.93 -5.39 40.01
CA SER A 103 22.49 -5.16 39.95
C SER A 103 21.68 -6.44 39.94
N LYS A 104 22.30 -7.58 39.59
CA LYS A 104 21.58 -8.83 39.41
C LYS A 104 20.80 -9.22 40.65
N GLU A 105 21.31 -8.90 41.83
CA GLU A 105 20.78 -9.45 43.06
C GLU A 105 19.35 -9.01 43.32
N SER A 106 18.94 -7.87 42.75
CA SER A 106 17.59 -7.35 42.91
C SER A 106 16.84 -7.19 41.60
N SER A 107 17.43 -7.61 40.48
CA SER A 107 16.69 -7.62 39.22
C SER A 107 15.44 -8.44 39.34
N GLU A 108 15.53 -9.60 39.99
CA GLU A 108 14.37 -10.44 40.24
C GLU A 108 13.28 -9.66 40.95
N ALA A 109 13.67 -8.74 41.84
CA ALA A 109 12.70 -7.94 42.56
C ALA A 109 12.28 -6.73 41.74
N ARG A 110 13.23 -6.13 41.02
CA ARG A 110 12.89 -4.99 40.17
C ARG A 110 11.92 -5.40 39.09
N LYS A 111 12.15 -6.56 38.48
CA LYS A 111 11.26 -7.03 37.43
C LYS A 111 9.92 -7.42 38.02
N GLY A 112 9.92 -8.27 39.04
CA GLY A 112 8.69 -8.77 39.61
C GLY A 112 7.75 -7.67 40.07
N PHE A 113 8.32 -6.55 40.49
CA PHE A 113 7.49 -5.41 40.87
C PHE A 113 6.76 -4.86 39.66
N SER A 114 7.50 -4.57 38.60
CA SER A 114 6.88 -3.97 37.41
C SER A 114 5.90 -4.93 36.77
N TYR A 115 6.27 -6.20 36.62
CA TYR A 115 5.37 -7.18 36.03
C TYR A 115 4.17 -7.44 36.93
N LEU A 116 4.26 -7.11 38.22
CA LEU A 116 3.10 -7.24 39.08
C LEU A 116 2.07 -6.18 38.77
N VAL A 117 2.50 -5.02 38.31
CA VAL A 117 1.56 -3.95 38.01
C VAL A 117 0.64 -4.38 36.88
N THR A 118 1.23 -4.89 35.80
CA THR A 118 0.42 -5.31 34.66
C THR A 118 -0.39 -6.55 34.99
N ALA A 119 0.13 -7.42 35.85
CA ALA A 119 -0.58 -8.63 36.17
C ALA A 119 -1.85 -8.33 36.95
N THR A 120 -1.72 -7.58 38.04
CA THR A 120 -2.89 -7.20 38.82
C THR A 120 -3.88 -6.44 37.97
N THR A 121 -3.38 -5.59 37.08
CA THR A 121 -4.25 -4.89 36.15
C THR A 121 -5.05 -5.87 35.32
N THR A 122 -4.37 -6.87 34.76
CA THR A 122 -5.03 -7.85 33.92
C THR A 122 -6.14 -8.56 34.65
N VAL A 123 -5.99 -8.73 35.96
CA VAL A 123 -7.04 -9.38 36.74
C VAL A 123 -8.29 -8.52 36.74
N GLY A 124 -8.11 -7.22 36.95
CA GLY A 124 -9.26 -6.34 37.02
C GLY A 124 -9.94 -6.17 35.68
N VAL A 125 -9.18 -6.27 34.60
CA VAL A 125 -9.76 -6.23 33.27
C VAL A 125 -10.67 -7.43 33.07
N ALA A 126 -10.13 -8.61 33.30
CA ALA A 126 -10.86 -9.84 33.02
C ALA A 126 -12.11 -9.96 33.87
N TYR A 127 -12.09 -9.40 35.07
CA TYR A 127 -13.29 -9.30 35.88
C TYR A 127 -14.37 -8.54 35.12
N ALA A 128 -14.05 -7.32 34.72
CA ALA A 128 -15.01 -6.49 34.00
C ALA A 128 -15.39 -7.14 32.67
N ALA A 129 -14.39 -7.62 31.94
CA ALA A 129 -14.63 -8.25 30.65
C ALA A 129 -15.52 -9.46 30.78
N LYS A 130 -15.44 -10.17 31.92
CA LYS A 130 -16.35 -11.28 32.14
C LYS A 130 -17.76 -10.76 32.33
N ASN A 131 -17.92 -9.67 33.06
CA ASN A 131 -19.25 -9.19 33.42
C ASN A 131 -20.00 -8.71 32.18
N VAL A 132 -19.46 -7.68 31.52
CA VAL A 132 -20.16 -6.99 30.44
C VAL A 132 -20.56 -7.97 29.35
N VAL A 133 -19.69 -8.92 29.04
CA VAL A 133 -20.06 -9.98 28.13
C VAL A 133 -21.21 -10.77 28.71
N SER A 134 -21.11 -11.16 29.97
CA SER A 134 -22.19 -11.90 30.61
C SER A 134 -23.45 -11.06 30.69
N GLN A 135 -23.31 -9.74 30.83
CA GLN A 135 -24.48 -8.88 30.75
C GLN A 135 -25.09 -8.97 29.37
N PHE A 136 -24.27 -8.78 28.34
CA PHE A 136 -24.77 -8.76 26.97
C PHE A 136 -25.41 -10.09 26.60
N VAL A 137 -24.71 -11.18 26.85
CA VAL A 137 -25.23 -12.49 26.52
C VAL A 137 -26.51 -12.77 27.30
N SER A 138 -26.57 -12.29 28.54
CA SER A 138 -27.80 -12.42 29.30
C SER A 138 -28.92 -11.58 28.68
N SER A 139 -28.56 -10.50 28.00
CA SER A 139 -29.57 -9.68 27.33
C SER A 139 -30.27 -10.48 26.26
N MET A 140 -29.50 -11.22 25.49
CA MET A 140 -30.05 -11.99 24.39
C MET A 140 -30.86 -13.19 24.87
N SER A 141 -30.66 -13.63 26.10
CA SER A 141 -31.42 -14.74 26.63
C SER A 141 -32.83 -14.28 26.93
N ALA A 142 -33.61 -15.15 27.56
CA ALA A 142 -35.03 -14.89 27.72
C ALA A 142 -35.25 -13.78 28.74
N SER A 143 -36.09 -12.82 28.37
CA SER A 143 -36.45 -11.74 29.27
C SER A 143 -37.31 -12.27 30.40
N ALA A 144 -37.69 -11.36 31.29
CA ALA A 144 -38.58 -11.74 32.38
C ALA A 144 -39.97 -12.06 31.87
N ASP A 145 -40.38 -11.40 30.79
CA ASP A 145 -41.74 -11.57 30.28
C ASP A 145 -41.97 -13.01 29.85
N VAL A 146 -41.04 -13.56 29.09
CA VAL A 146 -41.22 -14.90 28.54
C VAL A 146 -41.22 -15.92 29.66
N LEU A 147 -40.36 -15.72 30.66
CA LEU A 147 -40.21 -16.72 31.71
C LEU A 147 -41.49 -16.85 32.53
N ALA A 148 -42.26 -15.79 32.65
CA ALA A 148 -43.53 -15.88 33.36
C ALA A 148 -44.49 -16.80 32.63
N MET A 149 -44.74 -16.51 31.36
CA MET A 149 -45.67 -17.29 30.57
C MET A 149 -45.16 -18.71 30.36
N SER A 150 -43.85 -18.91 30.43
CA SER A 150 -43.29 -20.25 30.21
C SER A 150 -43.73 -21.22 31.28
N LYS A 151 -43.95 -20.74 32.49
CA LYS A 151 -44.30 -21.57 33.64
C LYS A 151 -45.78 -21.53 33.95
N ILE A 152 -46.33 -20.33 34.11
CA ILE A 152 -47.73 -20.19 34.52
C ILE A 152 -48.59 -20.62 33.35
N GLU A 153 -49.20 -21.80 33.47
CA GLU A 153 -50.09 -22.33 32.43
C GLU A 153 -51.27 -23.00 33.12
N ILE A 154 -52.34 -22.25 33.29
CA ILE A 154 -53.54 -22.73 33.95
C ILE A 154 -54.46 -23.32 32.90
N LYS A 155 -55.21 -24.35 33.28
CA LYS A 155 -56.18 -24.98 32.40
C LYS A 155 -57.45 -25.30 33.19
N LEU A 156 -58.43 -25.84 32.48
CA LEU A 156 -59.70 -26.25 33.08
C LEU A 156 -60.18 -27.58 32.51
N GLU A 161 -65.55 -35.07 27.18
CA GLU A 161 -64.88 -36.37 27.28
C GLU A 161 -64.60 -36.93 25.91
N GLY A 162 -63.60 -37.81 25.82
CA GLY A 162 -63.19 -38.37 24.55
C GLY A 162 -62.80 -37.31 23.54
N LYS A 163 -62.30 -36.18 24.01
CA LYS A 163 -62.01 -35.02 23.19
C LYS A 163 -60.60 -34.55 23.49
N ASN A 164 -59.98 -33.89 22.51
CA ASN A 164 -58.63 -33.35 22.66
C ASN A 164 -58.57 -31.99 21.98
N MET A 165 -58.01 -31.03 22.70
CA MET A 165 -57.88 -29.66 22.24
C MET A 165 -56.42 -29.28 22.14
N ALA A 166 -56.09 -28.52 21.09
CA ALA A 166 -54.75 -27.99 20.90
C ALA A 166 -54.69 -26.60 21.54
N PHE A 167 -53.82 -26.46 22.53
CA PHE A 167 -53.64 -25.21 23.24
C PHE A 167 -52.19 -24.76 23.18
N LYS A 168 -52.00 -23.45 23.27
CA LYS A 168 -50.70 -22.85 23.14
C LYS A 168 -49.98 -22.84 24.48
N TRP A 169 -48.66 -23.02 24.42
CA TRP A 169 -47.82 -22.95 25.60
C TRP A 169 -46.39 -22.83 25.13
N ARG A 170 -45.71 -21.75 25.52
CA ARG A 170 -44.37 -21.46 25.05
C ARG A 170 -44.33 -21.39 23.52
N GLY A 171 -45.40 -20.85 22.95
CA GLY A 171 -45.55 -20.78 21.51
C GLY A 171 -45.44 -22.11 20.82
N LYS A 172 -45.80 -23.17 21.54
CA LYS A 172 -45.89 -24.51 21.02
C LYS A 172 -47.28 -25.07 21.29
N PRO A 173 -47.69 -26.11 20.58
CA PRO A 173 -48.99 -26.70 20.87
C PRO A 173 -48.94 -27.53 22.15
N LEU A 174 -50.07 -27.58 22.83
CA LEU A 174 -50.23 -28.35 24.05
C LEU A 174 -51.56 -29.06 23.98
N PHE A 175 -51.52 -30.39 24.03
CA PHE A 175 -52.70 -31.22 23.88
C PHE A 175 -53.19 -31.68 25.25
N VAL A 176 -54.50 -31.73 25.39
CA VAL A 176 -55.15 -32.15 26.63
C VAL A 176 -56.27 -33.13 26.31
N GLU A 183 -62.48 -45.68 26.46
CA GLU A 183 -61.22 -45.21 25.91
C GLU A 183 -60.06 -45.64 26.80
N ILE A 184 -60.15 -45.29 28.08
CA ILE A 184 -59.10 -45.63 29.04
C ILE A 184 -58.82 -47.13 29.03
N ASP A 185 -59.89 -47.93 29.12
CA ASP A 185 -59.76 -49.38 29.11
C ASP A 185 -59.08 -49.82 27.82
N GLN A 186 -59.44 -49.19 26.71
CA GLN A 186 -58.87 -49.51 25.42
C GLN A 186 -57.39 -49.18 25.39
N GLU A 187 -57.04 -47.97 25.84
CA GLU A 187 -55.63 -47.56 25.85
C GLU A 187 -54.82 -48.45 26.76
N ALA A 188 -55.38 -48.81 27.92
CA ALA A 188 -54.72 -49.77 28.80
C ALA A 188 -54.62 -51.14 28.14
N ALA A 189 -55.59 -51.49 27.30
CA ALA A 189 -55.58 -52.79 26.65
C ALA A 189 -54.46 -52.89 25.61
N VAL A 190 -54.02 -51.76 25.08
CA VAL A 190 -52.92 -51.77 24.12
C VAL A 190 -51.65 -52.24 24.81
N GLU A 191 -50.99 -53.22 24.22
CA GLU A 191 -49.80 -53.81 24.82
C GLU A 191 -48.64 -52.82 24.80
N VAL A 192 -47.78 -52.94 25.82
CA VAL A 192 -46.63 -52.05 25.95
C VAL A 192 -45.52 -52.47 25.01
N SER A 193 -45.22 -53.78 24.97
CA SER A 193 -44.11 -54.27 24.16
C SER A 193 -44.32 -54.05 22.68
N GLN A 194 -45.57 -54.06 22.23
CA GLN A 194 -45.86 -53.88 20.80
C GLN A 194 -45.60 -52.45 20.33
N LEU A 195 -45.41 -51.50 21.24
CA LEU A 195 -45.04 -50.15 20.86
C LEU A 195 -43.58 -50.11 20.43
N ARG A 196 -43.28 -49.26 19.45
CA ARG A 196 -41.89 -48.98 19.13
C ARG A 196 -41.17 -48.33 20.31
N ASP A 197 -41.89 -47.63 21.16
CA ASP A 197 -41.34 -46.96 22.34
C ASP A 197 -42.12 -47.50 23.54
N PRO A 198 -41.73 -48.66 24.07
CA PRO A 198 -42.54 -49.30 25.11
C PRO A 198 -42.73 -48.43 26.35
N GLN A 199 -43.97 -48.02 26.58
CA GLN A 199 -44.34 -47.26 27.76
C GLN A 199 -45.77 -47.64 28.13
N HIS A 200 -46.01 -47.81 29.42
CA HIS A 200 -47.36 -48.02 29.91
C HIS A 200 -48.11 -46.69 29.95
N ASP A 201 -49.43 -46.77 29.91
CA ASP A 201 -50.27 -45.58 29.84
C ASP A 201 -50.09 -44.72 31.09
N LEU A 202 -50.35 -45.30 32.26
CA LEU A 202 -50.23 -44.55 33.52
C LEU A 202 -48.81 -44.09 33.81
N GLU A 203 -47.80 -44.65 33.14
CA GLU A 203 -46.48 -44.06 33.18
C GLU A 203 -46.42 -42.72 32.46
N ARG A 204 -47.42 -42.41 31.63
CA ARG A 204 -47.48 -41.17 30.89
C ARG A 204 -48.49 -40.17 31.45
N VAL A 205 -49.44 -40.62 32.27
CA VAL A 205 -50.44 -39.75 32.89
C VAL A 205 -50.42 -39.95 34.39
N LYS A 206 -50.74 -38.88 35.10
CA LYS A 206 -50.92 -38.92 36.55
C LYS A 206 -52.33 -39.28 36.95
N LYS A 207 -53.32 -39.00 36.10
CA LYS A 207 -54.66 -39.52 36.22
C LYS A 207 -55.09 -40.08 34.88
N PRO A 208 -55.85 -41.18 34.86
CA PRO A 208 -56.08 -41.87 33.58
C PRO A 208 -56.96 -41.11 32.61
N GLU A 209 -57.82 -40.22 33.10
CA GLU A 209 -58.74 -39.47 32.24
C GLU A 209 -58.19 -38.10 31.88
N TRP A 210 -56.87 -37.93 31.90
CA TRP A 210 -56.24 -36.68 31.51
C TRP A 210 -54.94 -36.99 30.78
N VAL A 211 -54.95 -36.84 29.47
CA VAL A 211 -53.77 -37.03 28.63
C VAL A 211 -53.25 -35.65 28.26
N ILE A 212 -52.13 -35.26 28.87
CA ILE A 212 -51.51 -33.97 28.63
C ILE A 212 -50.25 -34.23 27.82
N LEU A 213 -50.24 -33.75 26.59
CA LEU A 213 -49.17 -34.10 25.66
C LEU A 213 -48.85 -32.91 24.80
N ILE A 214 -47.76 -33.06 24.05
CA ILE A 214 -47.02 -31.96 23.48
C ILE A 214 -46.91 -32.23 21.97
N GLY A 215 -47.53 -31.37 21.17
CA GLY A 215 -47.61 -31.59 19.73
C GLY A 215 -46.31 -31.37 18.98
N VAL A 216 -45.28 -32.13 19.32
CA VAL A 216 -43.99 -32.09 18.64
C VAL A 216 -43.59 -33.53 18.34
N CYS A 217 -43.25 -33.80 17.08
CA CYS A 217 -42.86 -35.14 16.67
C CYS A 217 -41.38 -35.37 16.92
N THR A 218 -41.07 -36.55 17.46
CA THR A 218 -39.69 -36.90 17.77
C THR A 218 -38.88 -37.27 16.53
N HIS A 219 -39.51 -37.44 15.38
CA HIS A 219 -38.77 -37.69 14.14
C HIS A 219 -38.13 -36.40 13.65
N LEU A 220 -38.95 -35.42 13.33
CA LEU A 220 -38.51 -34.05 13.12
C LEU A 220 -39.63 -33.14 13.57
N GLY A 221 -39.27 -31.93 14.03
CA GLY A 221 -40.24 -31.07 14.68
C GLY A 221 -41.44 -30.73 13.81
N CYS A 222 -42.57 -31.39 14.10
CA CYS A 222 -43.81 -31.22 13.36
C CYS A 222 -44.96 -31.56 14.31
N VAL A 223 -46.16 -31.16 13.93
CA VAL A 223 -47.33 -31.26 14.80
C VAL A 223 -48.20 -32.41 14.28
N PRO A 224 -48.63 -33.34 15.12
CA PRO A 224 -49.68 -34.28 14.68
C PRO A 224 -51.04 -33.67 14.87
N ILE A 225 -52.00 -34.19 14.13
CA ILE A 225 -53.38 -33.78 14.23
C ILE A 225 -54.05 -34.59 15.34
N ALA A 226 -55.00 -33.99 16.02
CA ALA A 226 -55.73 -34.65 17.10
C ALA A 226 -56.88 -35.47 16.54
N ASN A 227 -57.13 -36.61 17.18
CA ASN A 227 -58.21 -37.53 16.81
C ASN A 227 -58.10 -37.95 15.35
N GLY A 232 -57.98 -43.88 16.13
CA GLY A 232 -58.64 -42.73 16.71
C GLY A 232 -57.74 -41.88 17.60
N GLY A 233 -56.43 -42.06 17.47
CA GLY A 233 -55.48 -41.31 18.26
C GLY A 233 -55.03 -40.06 17.54
N TYR A 234 -53.78 -40.05 17.09
CA TYR A 234 -53.23 -38.93 16.33
C TYR A 234 -52.79 -39.41 14.95
N TYR A 235 -52.58 -38.44 14.07
CA TYR A 235 -51.86 -38.65 12.83
C TYR A 235 -51.02 -37.42 12.56
N CYS A 236 -49.80 -37.65 12.04
CA CYS A 236 -48.93 -36.57 11.58
C CYS A 236 -48.70 -36.74 10.08
N PRO A 237 -48.96 -35.73 9.24
CA PRO A 237 -48.55 -35.83 7.84
C PRO A 237 -47.10 -35.45 7.57
N CYS A 238 -46.34 -35.03 8.57
CA CYS A 238 -44.96 -34.63 8.37
C CYS A 238 -44.05 -35.84 8.18
N TYR A 243 -50.25 -42.27 16.29
CA TYR A 243 -50.19 -42.54 17.71
C TYR A 243 -51.59 -42.87 18.21
N ASP A 244 -51.66 -43.36 19.46
CA ASP A 244 -52.94 -43.65 20.08
C ASP A 244 -53.44 -42.42 20.84
N ALA A 245 -54.60 -42.56 21.49
CA ALA A 245 -55.10 -41.48 22.32
C ALA A 245 -54.17 -41.18 23.49
N SER A 246 -53.42 -42.19 23.93
CA SER A 246 -52.49 -42.03 25.04
C SER A 246 -51.25 -41.23 24.66
N GLY A 247 -51.00 -41.09 23.36
CA GLY A 247 -49.85 -40.35 22.89
C GLY A 247 -48.73 -41.25 22.39
N ARG A 248 -48.83 -42.55 22.67
CA ARG A 248 -47.82 -43.50 22.23
C ARG A 248 -47.91 -43.73 20.73
N ILE A 249 -46.82 -44.18 20.13
CA ILE A 249 -46.78 -44.43 18.69
C ILE A 249 -47.02 -45.90 18.36
N ARG A 250 -47.61 -46.13 17.19
CA ARG A 250 -47.88 -47.49 16.74
C ARG A 250 -47.12 -47.81 15.45
N LYS A 251 -47.37 -47.02 14.41
CA LYS A 251 -46.70 -47.21 13.13
C LYS A 251 -46.35 -45.85 12.53
N GLY A 252 -45.28 -45.80 11.74
CA GLY A 252 -44.85 -44.55 11.12
C GLY A 252 -43.37 -44.28 11.28
N PRO A 253 -42.88 -43.20 10.67
CA PRO A 253 -41.47 -42.79 10.72
C PRO A 253 -41.03 -42.33 12.11
N ALA A 254 -41.98 -41.83 12.91
CA ALA A 254 -41.67 -41.36 14.25
C ALA A 254 -40.93 -42.42 15.06
N PRO A 255 -39.85 -42.00 15.76
CA PRO A 255 -39.04 -42.91 16.57
C PRO A 255 -39.62 -43.12 17.97
N LEU A 256 -39.86 -42.03 18.70
CA LEU A 256 -40.40 -42.12 20.04
C LEU A 256 -41.85 -41.65 20.09
N ASN A 257 -42.51 -41.88 21.21
CA ASN A 257 -43.90 -41.48 21.39
C ASN A 257 -43.97 -40.05 21.92
N LEU A 258 -45.18 -39.51 22.02
CA LEU A 258 -45.37 -38.15 22.52
C LEU A 258 -44.81 -38.01 23.94
N GLU A 259 -44.17 -36.88 24.23
CA GLU A 259 -43.59 -36.67 25.56
C GLU A 259 -44.60 -36.01 26.50
N VAL A 260 -44.37 -36.18 27.80
CA VAL A 260 -45.26 -35.61 28.81
C VAL A 260 -44.50 -34.59 29.65
N PRO A 261 -45.04 -33.37 29.76
CA PRO A 261 -44.41 -32.30 30.53
C PRO A 261 -44.44 -32.59 32.02
N SER A 262 -43.81 -31.68 32.77
CA SER A 262 -43.88 -31.68 34.23
C SER A 262 -45.01 -30.77 34.66
N TYR A 263 -46.08 -31.36 35.21
CA TYR A 263 -47.28 -30.63 35.55
C TYR A 263 -47.77 -31.09 36.91
N GLU A 264 -48.92 -30.54 37.32
CA GLU A 264 -49.56 -30.97 38.55
C GLU A 264 -51.02 -30.55 38.50
N PHE A 265 -51.84 -31.26 39.28
CA PHE A 265 -53.26 -30.97 39.44
C PHE A 265 -53.45 -30.30 40.79
N THR A 266 -53.75 -29.01 40.76
CA THR A 266 -53.97 -28.26 41.98
C THR A 266 -55.34 -28.48 42.56
N SER A 267 -56.33 -28.79 41.73
CA SER A 267 -57.69 -29.06 42.16
C SER A 267 -58.26 -30.14 41.26
N ASP A 268 -59.55 -30.42 41.45
CA ASP A 268 -60.24 -31.38 40.60
C ASP A 268 -60.58 -30.81 39.23
N ASP A 269 -60.31 -29.53 38.99
CA ASP A 269 -60.59 -28.88 37.71
C ASP A 269 -59.42 -28.10 37.14
N MET A 270 -58.53 -27.56 37.99
CA MET A 270 -57.44 -26.70 37.56
C MET A 270 -56.16 -27.52 37.44
N VAL A 271 -55.31 -27.11 36.49
CA VAL A 271 -54.10 -27.83 36.16
C VAL A 271 -52.99 -26.82 35.90
N ILE A 272 -51.78 -27.17 36.31
CA ILE A 272 -50.61 -26.30 36.17
C ILE A 272 -49.52 -27.08 35.46
N VAL A 273 -49.07 -26.57 34.32
CA VAL A 273 -48.06 -27.22 33.49
C VAL A 273 -46.75 -26.49 33.71
N GLY A 274 -45.76 -27.19 34.24
CA GLY A 274 -44.45 -26.62 34.46
C GLY A 274 -44.45 -25.53 35.51
N ALA B 36 46.49 -43.04 18.34
CA ALA B 36 46.83 -41.64 18.21
C ALA B 36 45.59 -40.81 17.92
N THR B 37 44.77 -40.63 18.95
CA THR B 37 43.48 -39.98 18.84
C THR B 37 43.55 -38.54 19.32
N TYR B 38 42.40 -37.87 19.28
CA TYR B 38 42.30 -36.51 19.79
C TYR B 38 42.64 -36.46 21.26
N ALA B 39 42.09 -37.39 22.04
CA ALA B 39 42.37 -37.41 23.47
C ALA B 39 43.82 -37.71 23.75
N GLN B 40 44.43 -38.57 22.95
CA GLN B 40 45.82 -38.93 23.16
C GLN B 40 46.76 -37.80 22.78
N ALA B 41 46.34 -36.92 21.88
CA ALA B 41 47.14 -35.73 21.61
C ALA B 41 47.04 -34.74 22.76
N LEU B 42 45.86 -34.60 23.33
CA LEU B 42 45.71 -33.80 24.54
C LEU B 42 46.60 -34.34 25.65
N GLN B 43 46.73 -35.66 25.73
CA GLN B 43 47.59 -36.28 26.73
C GLN B 43 49.04 -35.83 26.54
N SER B 44 49.50 -35.80 25.30
CA SER B 44 50.90 -35.46 25.02
C SER B 44 51.16 -33.98 24.97
N VAL B 45 50.20 -33.14 25.37
CA VAL B 45 50.47 -31.71 25.43
C VAL B 45 51.54 -31.46 26.50
N PRO B 46 52.50 -30.57 26.29
CA PRO B 46 53.45 -30.29 27.36
C PRO B 46 52.77 -29.67 28.57
N GLU B 47 53.02 -30.26 29.73
CA GLU B 47 52.51 -29.68 30.96
C GLU B 47 53.22 -28.37 31.23
N THR B 48 52.49 -27.46 31.87
CA THR B 48 53.02 -26.14 32.15
C THR B 48 53.75 -26.12 33.48
N GLN B 49 54.89 -25.44 33.51
CA GLN B 49 55.63 -25.22 34.73
C GLN B 49 55.20 -23.91 35.35
N VAL B 50 55.34 -23.83 36.67
CA VAL B 50 55.09 -22.60 37.41
C VAL B 50 56.13 -22.49 38.52
N SER B 51 56.23 -21.30 39.07
CA SER B 51 57.09 -21.05 40.22
C SER B 51 56.74 -19.69 40.78
N GLN B 52 57.55 -19.22 41.72
CA GLN B 52 57.32 -17.92 42.33
C GLN B 52 58.59 -17.45 42.99
N LEU B 53 58.86 -16.16 42.90
CA LEU B 53 60.03 -15.59 43.55
C LEU B 53 59.71 -15.18 44.97
N ASP B 54 60.76 -14.88 45.73
CA ASP B 54 60.59 -14.45 47.11
C ASP B 54 59.86 -13.12 47.19
N ASN B 55 60.01 -12.28 46.17
CA ASN B 55 59.35 -10.98 46.13
C ASN B 55 57.93 -11.06 45.58
N GLY B 56 57.32 -12.24 45.58
CA GLY B 56 55.94 -12.39 45.20
C GLY B 56 55.70 -12.62 43.72
N LEU B 57 56.71 -12.37 42.87
CA LEU B 57 56.49 -12.50 41.45
C LEU B 57 56.29 -13.94 41.06
N ARG B 58 55.38 -14.14 40.12
CA ARG B 58 55.05 -15.45 39.60
C ARG B 58 55.83 -15.71 38.31
N VAL B 59 56.11 -16.98 38.07
CA VAL B 59 56.86 -17.40 36.89
C VAL B 59 56.22 -18.67 36.36
N ALA B 60 56.25 -18.83 35.04
CA ALA B 60 55.74 -20.03 34.40
C ALA B 60 56.34 -20.14 33.01
N SER B 61 56.11 -21.29 32.38
CA SER B 61 56.64 -21.52 31.05
C SER B 61 56.09 -22.83 30.51
N GLU B 62 56.30 -23.03 29.22
CA GLU B 62 56.01 -24.29 28.55
C GLU B 62 57.15 -24.60 27.60
N GLN B 63 57.73 -25.79 27.75
CA GLN B 63 58.81 -26.22 26.89
C GLN B 63 58.25 -26.88 25.64
N SER B 64 58.87 -26.58 24.52
CA SER B 64 58.55 -27.22 23.25
C SER B 64 59.83 -27.37 22.45
N SER B 65 59.74 -28.11 21.35
CA SER B 65 60.89 -28.37 20.49
C SER B 65 61.13 -27.27 19.48
N GLN B 66 60.46 -26.12 19.61
CA GLN B 66 60.62 -25.07 18.63
C GLN B 66 62.02 -24.47 18.75
N PRO B 67 62.53 -23.86 17.67
CA PRO B 67 63.73 -23.04 17.81
C PRO B 67 63.45 -21.63 18.27
N THR B 68 62.20 -21.17 18.19
CA THR B 68 61.82 -19.84 18.58
C THR B 68 61.25 -19.88 20.00
N CYS B 69 60.92 -18.70 20.51
CA CYS B 69 60.32 -18.59 21.82
C CYS B 69 59.75 -17.19 21.98
N THR B 70 58.64 -17.11 22.70
CA THR B 70 58.04 -15.86 23.07
C THR B 70 58.04 -15.76 24.58
N VAL B 71 58.45 -14.60 25.09
CA VAL B 71 58.45 -14.34 26.51
C VAL B 71 58.02 -12.90 26.73
N GLY B 72 57.28 -12.69 27.81
CA GLY B 72 56.83 -11.35 28.13
C GLY B 72 56.29 -11.30 29.53
N VAL B 73 55.74 -10.14 29.86
CA VAL B 73 55.19 -9.86 31.18
C VAL B 73 53.71 -9.58 30.99
N TRP B 74 52.91 -10.05 31.94
CA TRP B 74 51.48 -9.80 31.97
C TRP B 74 51.12 -9.27 33.35
N ILE B 75 50.48 -8.11 33.37
CA ILE B 75 50.20 -7.39 34.60
C ILE B 75 48.69 -7.34 34.82
N ASP B 76 48.31 -7.29 36.09
CA ASP B 76 46.93 -7.05 36.48
C ASP B 76 46.74 -5.55 36.68
N ALA B 77 46.87 -4.82 35.56
CA ALA B 77 46.71 -3.38 35.56
C ALA B 77 46.04 -2.93 34.28
N GLY B 78 45.18 -1.94 34.41
CA GLY B 78 44.49 -1.38 33.27
C GLY B 78 43.74 -0.13 33.67
N SER B 79 42.78 0.24 32.83
CA SER B 79 42.02 1.45 33.11
C SER B 79 41.00 1.25 34.20
N ARG B 80 40.61 0.00 34.49
CA ARG B 80 39.74 -0.25 35.63
C ARG B 80 40.36 0.26 36.92
N TYR B 81 41.67 0.08 37.08
CA TYR B 81 42.36 0.58 38.24
C TYR B 81 42.57 2.08 38.22
N GLU B 82 42.31 2.73 37.09
CA GLU B 82 42.58 4.15 36.93
C GLU B 82 41.39 4.97 37.39
N SER B 83 41.68 6.14 37.93
CA SER B 83 40.67 7.14 38.23
C SER B 83 40.43 7.99 36.99
N GLU B 84 39.42 8.85 37.08
CA GLU B 84 39.15 9.78 35.99
C GLU B 84 40.31 10.75 35.76
N LYS B 85 41.17 10.95 36.76
CA LYS B 85 42.24 11.92 36.65
C LYS B 85 43.53 11.32 36.13
N ASN B 86 43.68 10.00 36.25
CA ASN B 86 44.78 9.26 35.64
C ASN B 86 44.26 8.32 34.55
N ASN B 87 43.16 8.70 33.92
CA ASN B 87 42.57 7.88 32.87
C ASN B 87 43.36 8.09 31.59
N GLY B 88 44.14 7.08 31.22
CA GLY B 88 45.01 7.13 30.07
C GLY B 88 46.48 6.97 30.41
N ALA B 89 46.82 7.03 31.69
CA ALA B 89 48.19 6.85 32.13
C ALA B 89 48.74 5.51 31.66
N GLY B 90 48.06 4.42 32.04
CA GLY B 90 48.51 3.09 31.65
C GLY B 90 48.66 2.91 30.16
N TYR B 91 47.92 3.69 29.37
CA TYR B 91 48.12 3.71 27.93
C TYR B 91 49.28 4.61 27.56
N PHE B 92 49.43 5.73 28.27
CA PHE B 92 50.50 6.66 27.98
C PHE B 92 51.86 6.02 28.23
N VAL B 93 51.94 5.17 29.24
CA VAL B 93 53.20 4.48 29.54
C VAL B 93 53.57 3.53 28.42
N GLU B 94 52.59 3.04 27.67
CA GLU B 94 52.86 2.07 26.62
C GLU B 94 53.78 2.62 25.56
N HIS B 95 53.81 3.94 25.40
CA HIS B 95 54.71 4.55 24.44
C HIS B 95 56.10 4.70 25.02
N LEU B 96 56.20 5.37 26.17
CA LEU B 96 57.50 5.77 26.68
C LEU B 96 58.32 4.60 27.19
N ALA B 97 57.70 3.45 27.45
CA ALA B 97 58.45 2.30 27.89
C ALA B 97 59.47 1.84 26.85
N PHE B 98 59.28 2.22 25.59
CA PHE B 98 60.19 1.86 24.51
C PHE B 98 60.86 3.10 23.93
N LYS B 99 61.19 4.06 24.79
CA LYS B 99 61.77 5.32 24.35
C LYS B 99 62.96 5.75 25.21
N GLY B 100 63.52 4.83 26.00
CA GLY B 100 64.70 5.12 26.78
C GLY B 100 64.58 4.68 28.22
N THR B 101 65.71 4.32 28.82
CA THR B 101 65.78 3.91 30.21
C THR B 101 66.99 4.55 30.86
N LYS B 102 67.16 4.29 32.15
CA LYS B 102 68.32 4.79 32.86
C LYS B 102 69.61 4.19 32.33
N ASN B 103 69.57 2.93 31.90
CA ASN B 103 70.73 2.24 31.38
C ASN B 103 70.77 2.15 29.87
N ARG B 104 69.61 2.21 29.22
CA ARG B 104 69.51 2.16 27.75
C ARG B 104 68.70 3.37 27.31
N PRO B 105 69.25 4.57 27.48
CA PRO B 105 68.48 5.79 27.19
C PRO B 105 68.18 5.95 25.71
N GLY B 106 67.15 6.76 25.45
CA GLY B 106 66.78 7.08 24.09
C GLY B 106 66.37 5.84 23.31
N ASN B 107 66.73 5.84 22.03
CA ASN B 107 66.44 4.72 21.15
C ASN B 107 67.47 3.60 21.25
N ALA B 108 68.36 3.66 22.24
CA ALA B 108 69.36 2.61 22.40
C ALA B 108 68.69 1.25 22.61
N LEU B 109 67.57 1.25 23.33
CA LEU B 109 66.80 0.03 23.54
C LEU B 109 66.37 -0.59 22.22
N GLU B 110 65.78 0.23 21.34
CA GLU B 110 65.31 -0.25 20.05
C GLU B 110 66.44 -0.87 19.24
N LYS B 111 67.66 -0.37 19.41
CA LYS B 111 68.77 -0.82 18.60
C LYS B 111 69.17 -2.25 18.94
N GLU B 112 68.98 -2.66 20.19
CA GLU B 112 69.37 -4.00 20.59
C GLU B 112 68.36 -5.03 20.10
N VAL B 113 67.09 -4.64 20.06
CA VAL B 113 66.05 -5.55 19.56
C VAL B 113 66.29 -5.84 18.08
N GLU B 114 66.33 -4.78 17.28
CA GLU B 114 66.55 -4.95 15.85
C GLU B 114 67.89 -5.59 15.57
N SER B 115 68.87 -5.37 16.45
CA SER B 115 70.17 -6.00 16.28
C SER B 115 70.07 -7.51 16.37
N MET B 116 69.20 -7.99 17.26
CA MET B 116 68.99 -9.43 17.42
C MET B 116 67.97 -9.99 16.46
N GLY B 117 67.30 -9.15 15.68
CA GLY B 117 66.26 -9.63 14.79
C GLY B 117 64.95 -9.97 15.46
N ALA B 118 64.88 -9.89 16.79
CA ALA B 118 63.65 -10.18 17.47
C ALA B 118 62.59 -9.13 17.14
N HIS B 119 61.38 -9.36 17.63
CA HIS B 119 60.30 -8.38 17.60
C HIS B 119 60.00 -7.93 19.02
N LEU B 120 59.30 -6.81 19.13
CA LEU B 120 58.89 -6.27 20.40
C LEU B 120 57.52 -5.64 20.23
N ASN B 121 56.70 -5.73 21.26
CA ASN B 121 55.28 -5.47 21.12
C ASN B 121 54.70 -5.22 22.49
N ALA B 122 53.51 -4.63 22.51
CA ALA B 122 52.82 -4.30 23.74
C ALA B 122 51.33 -4.25 23.47
N TYR B 123 50.56 -4.34 24.54
CA TYR B 123 49.15 -3.99 24.46
C TYR B 123 48.65 -3.73 25.86
N SER B 124 47.46 -3.15 25.92
CA SER B 124 46.84 -2.75 27.17
C SER B 124 45.35 -2.96 27.06
N THR B 125 44.72 -3.19 28.21
CA THR B 125 43.30 -3.44 28.31
C THR B 125 42.76 -2.71 29.53
N ARG B 126 41.45 -2.80 29.70
CA ARG B 126 40.83 -2.18 30.85
C ARG B 126 41.20 -2.89 32.15
N GLU B 127 41.69 -4.12 32.09
CA GLU B 127 42.15 -4.87 33.25
C GLU B 127 43.63 -5.19 33.22
N HIS B 128 44.19 -5.42 32.05
CA HIS B 128 45.48 -6.07 31.93
C HIS B 128 46.35 -5.38 30.90
N THR B 129 47.66 -5.47 31.13
CA THR B 129 48.66 -4.85 30.29
C THR B 129 49.81 -5.82 30.16
N ALA B 130 50.46 -5.80 29.00
CA ALA B 130 51.48 -6.79 28.71
C ALA B 130 52.50 -6.26 27.73
N TYR B 131 53.76 -6.52 28.03
CA TYR B 131 54.87 -6.33 27.12
C TYR B 131 55.47 -7.70 26.86
N TYR B 132 55.92 -7.93 25.63
CA TYR B 132 56.51 -9.21 25.32
C TYR B 132 57.46 -9.11 24.14
N ILE B 133 58.33 -10.10 24.06
CA ILE B 133 59.33 -10.22 23.02
C ILE B 133 59.10 -11.53 22.30
N LYS B 134 59.25 -11.50 20.98
CA LYS B 134 59.26 -12.69 20.15
C LYS B 134 60.66 -12.83 19.58
N ALA B 135 61.35 -13.90 19.96
CA ALA B 135 62.76 -14.04 19.66
C ALA B 135 63.11 -15.50 19.53
N LEU B 136 64.40 -15.77 19.35
CA LEU B 136 64.90 -17.12 19.18
C LEU B 136 65.18 -17.76 20.53
N SER B 137 65.35 -19.08 20.50
CA SER B 137 65.56 -19.85 21.72
C SER B 137 66.82 -19.41 22.44
N LYS B 138 67.88 -19.12 21.68
CA LYS B 138 69.15 -18.77 22.31
C LYS B 138 69.12 -17.37 22.90
N ASP B 139 68.34 -16.47 22.32
CA ASP B 139 68.35 -15.06 22.70
C ASP B 139 67.49 -14.76 23.92
N LEU B 140 67.09 -15.79 24.66
CA LEU B 140 66.33 -15.61 25.90
C LEU B 140 66.99 -14.67 26.90
N PRO B 141 68.26 -14.85 27.30
CA PRO B 141 68.79 -14.07 28.42
C PRO B 141 68.88 -12.58 28.14
N LYS B 142 68.82 -12.16 26.88
CA LYS B 142 68.74 -10.74 26.58
C LYS B 142 67.30 -10.26 26.57
N ALA B 143 66.38 -11.09 26.12
CA ALA B 143 64.96 -10.74 26.18
C ALA B 143 64.56 -10.43 27.61
N VAL B 144 64.89 -11.33 28.53
CA VAL B 144 64.58 -11.12 29.94
C VAL B 144 65.31 -9.91 30.47
N GLU B 145 66.53 -9.69 29.98
CA GLU B 145 67.33 -8.58 30.47
C GLU B 145 66.66 -7.24 30.19
N LEU B 146 65.98 -7.13 29.05
CA LEU B 146 65.37 -5.86 28.69
C LEU B 146 64.07 -5.65 29.47
N LEU B 147 63.28 -6.70 29.59
CA LEU B 147 61.97 -6.59 30.24
C LEU B 147 62.10 -6.11 31.67
N ALA B 148 63.25 -6.35 32.30
CA ALA B 148 63.56 -5.67 33.55
C ALA B 148 63.76 -4.18 33.32
N ASP B 149 64.73 -3.84 32.46
CA ASP B 149 65.10 -2.46 32.27
C ASP B 149 63.97 -1.64 31.68
N ILE B 150 63.02 -2.28 31.01
CA ILE B 150 61.84 -1.59 30.51
C ILE B 150 60.93 -1.23 31.67
N VAL B 151 60.50 -2.24 32.41
CA VAL B 151 59.59 -2.03 33.54
C VAL B 151 60.28 -1.24 34.62
N GLN B 152 61.50 -1.62 34.96
CA GLN B 152 62.18 -1.06 36.11
C GLN B 152 62.55 0.40 35.88
N ASN B 153 63.30 0.67 34.82
CA ASN B 153 64.09 1.88 34.69
C ASN B 153 63.61 2.78 33.57
N CYS B 154 62.31 2.80 33.29
CA CYS B 154 61.79 3.73 32.29
C CYS B 154 62.03 5.15 32.73
N SER B 155 62.92 5.85 32.02
CA SER B 155 63.30 7.20 32.44
C SER B 155 62.16 8.19 32.29
N LEU B 156 61.32 8.01 31.27
CA LEU B 156 60.19 8.91 31.02
C LEU B 156 60.68 10.35 30.81
N GLU B 157 61.45 10.54 29.74
CA GLU B 157 62.04 11.83 29.48
C GLU B 157 60.96 12.87 29.18
N ASP B 158 61.08 14.02 29.85
CA ASP B 158 60.07 15.06 29.74
C ASP B 158 59.88 15.53 28.31
N SER B 159 60.95 15.57 27.53
CA SER B 159 60.81 15.86 26.11
C SER B 159 59.92 14.82 25.44
N GLN B 160 60.20 13.54 25.70
CA GLN B 160 59.39 12.48 25.11
C GLN B 160 57.98 12.50 25.66
N ILE B 161 57.80 12.91 26.91
CA ILE B 161 56.47 12.99 27.49
C ILE B 161 55.62 13.97 26.70
N GLU B 162 56.24 15.04 26.20
CA GLU B 162 55.49 16.04 25.44
C GLU B 162 55.33 15.63 23.99
N LYS B 163 56.28 14.87 23.45
CA LYS B 163 56.13 14.38 22.08
C LYS B 163 54.97 13.41 21.99
N GLU B 164 55.02 12.34 22.79
CA GLU B 164 53.98 11.34 22.76
C GLU B 164 52.63 11.91 23.16
N ARG B 165 52.61 12.98 23.95
CA ARG B 165 51.38 13.69 24.22
C ARG B 165 50.74 14.15 22.92
N ASP B 166 51.54 14.70 22.01
CA ASP B 166 51.00 15.13 20.74
C ASP B 166 50.62 13.94 19.88
N VAL B 167 51.37 12.86 19.98
CA VAL B 167 51.10 11.68 19.17
C VAL B 167 49.76 11.09 19.55
N ILE B 168 49.51 10.97 20.84
CA ILE B 168 48.32 10.27 21.29
C ILE B 168 47.08 11.08 20.96
N LEU B 169 47.19 12.40 20.96
CA LEU B 169 46.07 13.21 20.50
C LEU B 169 45.84 13.00 19.02
N GLN B 170 46.89 12.70 18.26
CA GLN B 170 46.72 12.36 16.87
C GLN B 170 46.10 10.97 16.72
N GLU B 171 46.37 10.07 17.67
CA GLU B 171 45.80 8.73 17.58
C GLU B 171 44.30 8.77 17.82
N LEU B 172 43.85 9.57 18.78
CA LEU B 172 42.43 9.66 19.07
C LEU B 172 41.66 10.13 17.85
N GLN B 173 42.23 11.07 17.11
CA GLN B 173 41.60 11.53 15.87
C GLN B 173 41.49 10.40 14.86
N GLU B 174 42.47 9.50 14.87
CA GLU B 174 42.40 8.33 14.00
C GLU B 174 41.38 7.34 14.53
N ASN B 175 41.37 7.11 15.84
CA ASN B 175 40.41 6.20 16.43
C ASN B 175 39.00 6.76 16.40
N ASP B 176 38.85 8.06 16.15
CA ASP B 176 37.52 8.60 15.89
C ASP B 176 36.93 8.03 14.61
N THR B 177 37.76 7.49 13.71
CA THR B 177 37.31 6.91 12.46
C THR B 177 37.15 5.41 12.54
N SER B 178 37.86 4.75 13.45
CA SER B 178 37.69 3.33 13.66
C SER B 178 36.37 3.10 14.37
N MET B 179 35.29 3.03 13.58
CA MET B 179 33.94 3.06 14.12
C MET B 179 33.70 1.90 15.06
N ARG B 180 34.38 0.78 14.84
CA ARG B 180 34.22 -0.39 15.69
C ARG B 180 34.66 -0.10 17.10
N ASP B 181 35.88 0.41 17.27
CA ASP B 181 36.40 0.73 18.59
C ASP B 181 35.52 1.73 19.31
N VAL B 182 34.88 2.63 18.56
CA VAL B 182 34.04 3.64 19.17
C VAL B 182 32.87 2.99 19.89
N VAL B 183 32.26 2.01 19.24
CA VAL B 183 31.03 1.43 19.75
C VAL B 183 31.27 0.76 21.09
N PHE B 184 32.30 -0.08 21.16
CA PHE B 184 32.60 -0.76 22.41
C PHE B 184 32.93 0.25 23.50
N ASN B 185 33.63 1.33 23.14
CA ASN B 185 33.92 2.35 24.12
C ASN B 185 32.65 3.06 24.56
N TYR B 186 31.74 3.30 23.62
CA TYR B 186 30.42 3.79 24.00
C TYR B 186 29.67 2.74 24.79
N LEU B 187 29.87 1.48 24.44
CA LEU B 187 29.11 0.42 25.07
C LEU B 187 29.47 0.30 26.54
N HIS B 188 30.78 0.22 26.84
CA HIS B 188 31.22 0.12 28.22
C HIS B 188 30.82 1.35 29.02
N ALA B 189 30.71 2.50 28.35
CA ALA B 189 30.31 3.73 29.02
C ALA B 189 28.91 3.60 29.60
N THR B 190 28.06 2.82 28.95
CA THR B 190 26.65 2.72 29.29
C THR B 190 26.32 1.52 30.14
N ALA B 191 26.95 0.40 29.85
CA ALA B 191 26.74 -0.77 30.69
C ALA B 191 27.27 -0.52 32.08
N PHE B 192 28.44 0.09 32.16
CA PHE B 192 29.22 0.19 33.39
C PHE B 192 29.33 1.64 33.85
N GLN B 193 28.22 2.35 33.78
CA GLN B 193 28.18 3.75 34.19
C GLN B 193 28.69 3.92 35.61
N GLY B 194 29.25 5.09 35.89
CA GLY B 194 29.68 5.43 37.23
C GLY B 194 30.76 4.54 37.80
N THR B 195 31.42 3.74 36.98
CA THR B 195 32.49 2.86 37.41
C THR B 195 33.72 3.09 36.55
N PRO B 196 34.85 2.48 36.90
CA PRO B 196 36.02 2.61 36.03
C PRO B 196 35.85 1.96 34.68
N LEU B 197 35.08 0.88 34.59
CA LEU B 197 34.98 0.14 33.35
C LEU B 197 34.35 0.97 32.24
N ALA B 198 33.58 1.99 32.58
CA ALA B 198 33.10 2.92 31.58
C ALA B 198 34.23 3.67 30.90
N GLN B 199 35.39 3.73 31.54
CA GLN B 199 36.51 4.45 30.96
C GLN B 199 37.08 3.68 29.78
N SER B 200 37.82 4.41 28.96
CA SER B 200 38.60 3.82 27.89
C SER B 200 40.01 3.53 28.37
N VAL B 201 40.70 2.69 27.61
CA VAL B 201 42.11 2.45 27.88
C VAL B 201 42.89 3.73 27.69
N GLU B 202 42.48 4.53 26.71
CA GLU B 202 43.21 5.72 26.33
C GLU B 202 42.77 6.94 27.13
N GLY B 203 41.56 6.91 27.67
CA GLY B 203 41.05 8.00 28.44
C GLY B 203 40.76 9.21 27.58
N PRO B 204 40.19 10.24 28.19
CA PRO B 204 39.80 11.43 27.44
C PRO B 204 41.03 12.22 27.00
N SER B 205 40.81 13.01 25.94
CA SER B 205 41.88 13.86 25.44
C SER B 205 42.29 14.92 26.45
N GLU B 206 41.39 15.26 27.37
CA GLU B 206 41.71 16.24 28.39
C GLU B 206 42.85 15.77 29.26
N ASN B 207 42.72 14.58 29.86
CA ASN B 207 43.77 14.06 30.72
C ASN B 207 45.05 13.86 29.93
N VAL B 208 44.94 13.52 28.66
CA VAL B 208 46.12 13.42 27.80
C VAL B 208 46.83 14.76 27.75
N ARG B 209 46.06 15.85 27.69
CA ARG B 209 46.64 17.17 27.75
C ARG B 209 47.04 17.55 29.17
N LYS B 210 46.23 17.18 30.15
CA LYS B 210 46.49 17.51 31.55
C LYS B 210 47.09 16.33 32.30
N LEU B 211 48.33 15.99 31.97
CA LEU B 211 49.05 14.90 32.59
C LEU B 211 50.42 15.39 33.04
N SER B 212 51.03 14.62 33.93
CA SER B 212 52.34 14.96 34.47
C SER B 212 53.19 13.71 34.60
N ARG B 213 54.50 13.92 34.62
CA ARG B 213 55.42 12.88 35.04
C ARG B 213 55.04 12.34 36.42
N ALA B 214 54.61 13.23 37.32
CA ALA B 214 54.29 12.83 38.68
C ALA B 214 53.12 11.85 38.69
N ASP B 215 52.14 12.08 37.84
CA ASP B 215 50.97 11.21 37.78
C ASP B 215 51.37 9.78 37.42
N LEU B 216 52.43 9.63 36.64
CA LEU B 216 52.86 8.33 36.15
C LEU B 216 53.67 7.60 37.21
N THR B 217 54.64 8.29 37.81
CA THR B 217 55.42 7.70 38.90
C THR B 217 54.52 7.23 40.01
N GLU B 218 53.43 7.94 40.26
CA GLU B 218 52.41 7.46 41.17
C GLU B 218 51.80 6.17 40.65
N TYR B 219 51.42 6.17 39.36
CA TYR B 219 50.76 5.00 38.79
C TYR B 219 51.69 3.80 38.77
N LEU B 220 52.95 4.02 38.45
CA LEU B 220 53.89 2.92 38.33
C LEU B 220 54.31 2.41 39.70
N SER B 221 54.65 3.33 40.60
CA SER B 221 55.06 2.95 41.94
C SER B 221 53.95 2.27 42.72
N ARG B 222 52.70 2.41 42.27
CA ARG B 222 51.57 1.82 42.95
C ARG B 222 51.24 0.43 42.41
N HIS B 223 51.09 0.32 41.10
CA HIS B 223 50.50 -0.87 40.51
C HIS B 223 51.52 -1.94 40.16
N TYR B 224 52.66 -1.54 39.60
CA TYR B 224 53.68 -2.51 39.21
C TYR B 224 54.39 -3.02 40.46
N LYS B 225 53.81 -4.07 41.02
CA LYS B 225 54.41 -4.83 42.10
C LYS B 225 54.46 -6.28 41.69
N ALA B 226 55.56 -6.94 42.07
CA ALA B 226 55.78 -8.34 41.72
C ALA B 226 54.59 -9.26 41.99
N PRO B 227 53.90 -9.20 43.13
CA PRO B 227 52.80 -10.13 43.37
C PRO B 227 51.69 -10.04 42.33
N ARG B 228 51.40 -8.85 41.85
CA ARG B 228 50.36 -8.66 40.85
C ARG B 228 50.82 -8.95 39.44
N MET B 229 52.10 -9.22 39.24
CA MET B 229 52.68 -9.37 37.92
C MET B 229 52.97 -10.84 37.63
N VAL B 230 53.33 -11.11 36.39
CA VAL B 230 53.64 -12.45 35.94
C VAL B 230 54.70 -12.34 34.85
N LEU B 231 55.76 -13.13 34.97
CA LEU B 231 56.59 -13.48 33.84
C LEU B 231 56.17 -14.84 33.34
N ALA B 232 56.14 -15.00 32.02
CA ALA B 232 55.86 -16.30 31.46
C ALA B 232 56.35 -16.33 30.02
N ALA B 233 56.53 -17.54 29.51
CA ALA B 233 57.19 -17.74 28.24
C ALA B 233 56.66 -19.02 27.61
N ALA B 234 57.22 -19.35 26.46
CA ALA B 234 56.91 -20.58 25.75
C ALA B 234 57.86 -20.72 24.58
N GLY B 235 58.09 -21.96 24.16
CA GLY B 235 58.95 -22.26 23.03
C GLY B 235 60.14 -23.10 23.45
N GLY B 236 61.21 -22.97 22.69
CA GLY B 236 62.41 -23.76 22.92
C GLY B 236 63.29 -23.20 24.02
N LEU B 237 62.85 -23.35 25.25
CA LEU B 237 63.61 -22.94 26.42
C LEU B 237 63.39 -23.96 27.51
N GLU B 238 63.82 -23.63 28.71
CA GLU B 238 63.47 -24.40 29.89
C GLU B 238 63.08 -23.47 31.04
N HIS B 239 62.12 -23.96 31.82
CA HIS B 239 61.69 -23.31 33.05
C HIS B 239 62.89 -22.90 33.91
N ARG B 240 63.76 -23.85 34.22
CA ARG B 240 64.93 -23.60 35.06
C ARG B 240 65.80 -22.48 34.53
N GLN B 241 65.92 -22.37 33.20
CA GLN B 241 66.67 -21.26 32.63
C GLN B 241 66.02 -19.93 32.96
N LEU B 242 64.69 -19.92 33.00
CA LEU B 242 63.97 -18.68 33.24
C LEU B 242 64.17 -18.18 34.66
N LEU B 243 64.30 -19.11 35.62
CA LEU B 243 64.44 -18.72 37.01
C LEU B 243 65.75 -18.01 37.26
N ASP B 244 66.83 -18.55 36.69
CA ASP B 244 68.15 -17.99 36.92
C ASP B 244 68.23 -16.54 36.46
N LEU B 245 67.39 -16.16 35.51
CA LEU B 245 67.35 -14.79 35.02
C LEU B 245 66.39 -13.95 35.84
N ALA B 246 65.30 -14.56 36.30
CA ALA B 246 64.34 -13.85 37.14
C ALA B 246 65.00 -13.39 38.42
N GLN B 247 65.71 -14.29 39.10
CA GLN B 247 66.46 -13.91 40.30
C GLN B 247 67.55 -12.93 39.96
N LYS B 248 68.21 -13.13 38.82
CA LYS B 248 69.26 -12.22 38.39
C LYS B 248 68.73 -10.81 38.20
N HIS B 249 67.57 -10.68 37.57
CA HIS B 249 66.97 -9.39 37.24
C HIS B 249 65.79 -9.05 38.13
N PHE B 250 64.79 -9.92 38.18
CA PHE B 250 63.52 -9.56 38.81
C PHE B 250 63.52 -9.76 40.32
N SER B 251 64.64 -10.14 40.91
CA SER B 251 64.71 -10.17 42.37
C SER B 251 64.63 -8.78 42.97
N GLY B 252 64.89 -7.74 42.18
CA GLY B 252 64.94 -6.38 42.70
C GLY B 252 63.61 -5.67 42.76
N LEU B 253 62.53 -6.30 42.31
CA LEU B 253 61.23 -5.64 42.34
C LEU B 253 60.77 -5.39 43.75
N SER B 254 59.86 -4.43 43.88
CA SER B 254 59.22 -4.15 45.16
C SER B 254 58.16 -5.21 45.41
N GLY B 255 58.55 -6.28 46.09
CA GLY B 255 57.62 -7.34 46.43
C GLY B 255 56.70 -7.03 47.60
N THR B 256 56.76 -5.81 48.13
CA THR B 256 55.95 -5.39 49.26
C THR B 256 55.28 -4.07 48.92
N TYR B 257 54.42 -3.62 49.83
CA TYR B 257 53.75 -2.35 49.67
C TYR B 257 53.14 -1.94 51.00
N ASP B 258 52.75 -0.68 51.10
CA ASP B 258 52.24 -0.12 52.35
C ASP B 258 50.95 -0.82 52.75
N GLU B 259 50.40 -0.39 53.90
CA GLU B 259 49.23 -1.07 54.46
C GLU B 259 48.04 -1.00 53.52
N ASP B 260 47.91 0.10 52.77
CA ASP B 260 46.78 0.28 51.85
C ASP B 260 47.23 0.92 50.54
N ALA B 261 48.38 0.51 50.02
CA ALA B 261 48.88 1.06 48.76
C ALA B 261 48.22 0.39 47.56
N VAL B 262 48.08 -0.94 47.59
CA VAL B 262 47.53 -1.68 46.46
C VAL B 262 46.00 -1.64 46.58
N PRO B 263 45.27 -1.13 45.59
CA PRO B 263 43.81 -1.18 45.67
C PRO B 263 43.29 -2.58 45.42
N THR B 264 42.00 -2.74 45.67
CA THR B 264 41.26 -3.94 45.32
C THR B 264 40.06 -3.55 44.47
N LEU B 265 39.56 -4.53 43.72
CA LEU B 265 38.47 -4.32 42.81
C LEU B 265 37.17 -4.80 43.42
N SER B 266 36.21 -3.91 43.55
CA SER B 266 34.86 -4.27 43.91
C SER B 266 34.10 -4.62 42.65
N PRO B 267 32.95 -5.28 42.77
CA PRO B 267 32.10 -5.46 41.61
C PRO B 267 31.66 -4.11 41.07
N CYS B 268 31.30 -4.10 39.79
CA CYS B 268 30.87 -2.90 39.10
C CYS B 268 29.42 -3.02 38.71
N ARG B 269 28.76 -1.88 38.68
CA ARG B 269 27.32 -1.80 38.46
C ARG B 269 27.03 -1.85 36.97
N PHE B 270 26.63 -3.03 36.51
CA PHE B 270 25.98 -3.10 35.22
C PHE B 270 24.66 -2.34 35.28
N THR B 271 24.23 -1.84 34.13
CA THR B 271 22.90 -1.24 34.04
C THR B 271 22.37 -1.38 32.63
N GLY B 272 21.05 -1.30 32.53
CA GLY B 272 20.40 -1.44 31.24
C GLY B 272 20.14 -0.09 30.64
N SER B 273 20.67 0.14 29.46
CA SER B 273 20.70 1.48 28.91
C SER B 273 20.92 1.41 27.42
N GLN B 274 20.90 2.57 26.78
CA GLN B 274 21.07 2.70 25.36
C GLN B 274 21.80 3.99 25.09
N ILE B 275 22.63 3.96 24.06
CA ILE B 275 23.30 5.13 23.55
C ILE B 275 23.20 5.11 22.03
N CYS B 276 22.81 6.23 21.46
CA CYS B 276 22.42 6.33 20.06
C CYS B 276 23.08 7.56 19.48
N HIS B 277 24.30 7.38 18.98
CA HIS B 277 25.06 8.47 18.39
C HIS B 277 24.68 8.57 16.92
N ARG B 278 23.81 9.51 16.62
CA ARG B 278 23.26 9.66 15.29
C ARG B 278 24.25 10.37 14.38
N GLU B 279 24.59 9.75 13.26
CA GLU B 279 25.45 10.37 12.25
C GLU B 279 25.04 9.82 10.89
N ASP B 280 24.14 10.53 10.21
CA ASP B 280 23.65 10.08 8.92
C ASP B 280 24.66 10.24 7.79
N GLY B 281 25.67 11.08 7.97
CA GLY B 281 26.64 11.28 6.91
C GLY B 281 27.43 10.04 6.58
N LEU B 282 27.54 9.11 7.50
CA LEU B 282 28.38 7.94 7.32
C LEU B 282 27.55 6.79 6.74
N PRO B 283 28.11 6.01 5.83
CA PRO B 283 27.26 5.17 4.99
C PRO B 283 26.71 3.93 5.66
N LEU B 284 27.41 3.45 6.69
CA LEU B 284 27.04 2.22 7.35
C LEU B 284 26.78 2.45 8.83
N ALA B 285 26.13 1.47 9.44
CA ALA B 285 25.65 1.55 10.80
C ALA B 285 26.20 0.43 11.64
N HIS B 286 27.11 0.76 12.54
CA HIS B 286 27.59 -0.18 13.54
C HIS B 286 26.63 -0.23 14.70
N VAL B 287 26.40 -1.44 15.20
CA VAL B 287 25.52 -1.68 16.33
C VAL B 287 26.19 -2.66 17.26
N ALA B 288 25.87 -2.54 18.54
CA ALA B 288 26.35 -3.47 19.54
C ALA B 288 25.39 -3.51 20.70
N ILE B 289 24.89 -4.70 20.97
CA ILE B 289 24.00 -4.96 22.09
C ILE B 289 24.62 -6.04 22.94
N ALA B 290 24.44 -5.95 24.24
CA ALA B 290 24.96 -6.96 25.13
C ALA B 290 24.27 -6.87 26.47
N VAL B 291 24.70 -7.75 27.38
CA VAL B 291 24.14 -7.89 28.71
C VAL B 291 25.30 -8.03 29.69
N GLU B 292 24.95 -8.27 30.95
CA GLU B 292 25.96 -8.53 31.96
C GLU B 292 26.49 -9.95 31.81
N GLY B 293 27.79 -10.09 32.01
CA GLY B 293 28.46 -11.36 31.87
C GLY B 293 28.77 -11.98 33.21
N PRO B 294 29.17 -13.24 33.23
CA PRO B 294 29.54 -13.85 34.51
C PRO B 294 30.80 -13.27 35.12
N GLY B 295 31.85 -13.17 34.32
CA GLY B 295 33.20 -13.02 34.81
C GLY B 295 34.11 -14.08 34.21
N TRP B 296 35.40 -13.95 34.53
CA TRP B 296 36.36 -14.93 34.04
C TRP B 296 36.06 -16.30 34.63
N ALA B 297 36.20 -16.40 35.94
CA ALA B 297 36.30 -17.69 36.62
C ALA B 297 35.00 -18.44 36.69
N HIS B 298 33.89 -17.82 36.34
CA HIS B 298 32.61 -18.47 36.48
C HIS B 298 32.53 -19.60 35.45
N PRO B 299 32.10 -20.81 35.85
CA PRO B 299 32.25 -21.96 34.94
C PRO B 299 31.31 -21.91 33.75
N ASP B 300 30.19 -21.21 33.84
CA ASP B 300 29.26 -21.20 32.73
C ASP B 300 29.75 -20.39 31.54
N ASN B 301 30.93 -19.77 31.63
CA ASN B 301 31.55 -19.17 30.47
C ASN B 301 31.69 -20.19 29.34
N VAL B 302 31.98 -21.44 29.71
CA VAL B 302 32.19 -22.48 28.71
C VAL B 302 30.94 -22.65 27.87
N ALA B 303 29.80 -22.79 28.53
CA ALA B 303 28.56 -23.06 27.82
C ALA B 303 28.20 -21.91 26.90
N LEU B 304 28.55 -20.69 27.29
CA LEU B 304 28.17 -19.53 26.50
C LEU B 304 29.00 -19.44 25.23
N GLN B 305 30.28 -19.79 25.33
CA GLN B 305 31.13 -19.79 24.14
C GLN B 305 30.57 -20.72 23.09
N VAL B 306 29.91 -21.79 23.52
CA VAL B 306 29.19 -22.64 22.58
C VAL B 306 28.03 -21.88 21.99
N ALA B 307 27.22 -21.26 22.86
CA ALA B 307 26.00 -20.60 22.43
C ALA B 307 26.31 -19.52 21.42
N ASN B 308 27.33 -18.73 21.66
CA ASN B 308 27.77 -17.76 20.67
C ASN B 308 28.21 -18.48 19.40
N ALA B 309 28.90 -19.60 19.56
CA ALA B 309 29.44 -20.30 18.40
C ALA B 309 28.33 -20.90 17.57
N ILE B 310 27.20 -21.22 18.18
CA ILE B 310 26.04 -21.67 17.40
C ILE B 310 25.62 -20.56 16.46
N ILE B 311 25.60 -19.34 16.95
CA ILE B 311 25.26 -18.19 16.13
C ILE B 311 26.42 -17.89 15.18
N GLY B 312 27.64 -18.02 15.68
CA GLY B 312 28.78 -17.87 14.82
C GLY B 312 29.05 -16.41 14.49
N HIS B 313 29.32 -16.16 13.23
CA HIS B 313 29.81 -14.87 12.78
C HIS B 313 29.83 -14.87 11.27
N TYR B 314 29.86 -13.68 10.69
CA TYR B 314 29.69 -13.57 9.26
C TYR B 314 30.31 -12.28 8.74
N ASP B 315 30.82 -12.36 7.53
CA ASP B 315 31.14 -11.19 6.71
C ASP B 315 30.57 -11.45 5.32
N CYS B 316 30.60 -10.42 4.49
CA CYS B 316 30.14 -10.57 3.12
C CYS B 316 31.16 -11.25 2.22
N THR B 317 32.31 -11.69 2.76
CA THR B 317 33.31 -12.40 1.97
C THR B 317 33.22 -13.91 2.11
N TYR B 318 32.44 -14.42 3.05
CA TYR B 318 32.31 -15.85 3.23
C TYR B 318 31.48 -16.44 2.10
N GLY B 319 32.01 -17.50 1.49
CA GLY B 319 31.42 -18.07 0.31
C GLY B 319 30.37 -19.10 0.55
N GLY B 320 30.07 -19.42 1.81
CA GLY B 320 29.02 -20.37 2.09
C GLY B 320 27.66 -19.82 1.71
N GLY B 321 27.38 -18.60 2.13
CA GLY B 321 26.12 -17.98 1.80
C GLY B 321 24.96 -18.63 2.52
N ALA B 322 23.94 -18.97 1.74
CA ALA B 322 22.70 -19.50 2.32
C ALA B 322 22.91 -20.83 3.00
N HIS B 323 23.80 -21.65 2.46
CA HIS B 323 23.96 -23.01 2.93
C HIS B 323 24.66 -23.13 4.27
N LEU B 324 25.02 -22.01 4.91
CA LEU B 324 25.65 -22.07 6.21
C LEU B 324 24.69 -22.65 7.24
N SER B 325 25.23 -22.97 8.41
CA SER B 325 24.45 -23.66 9.42
C SER B 325 23.74 -22.68 10.34
N SER B 326 24.42 -21.62 10.73
CA SER B 326 23.81 -20.64 11.61
C SER B 326 22.63 -19.99 10.90
N PRO B 327 21.38 -20.25 11.32
CA PRO B 327 20.24 -19.71 10.57
C PRO B 327 20.23 -18.20 10.50
N LEU B 328 20.95 -17.54 11.40
CA LEU B 328 21.18 -16.13 11.27
C LEU B 328 22.07 -15.83 10.08
N ALA B 329 23.22 -16.50 10.00
CA ALA B 329 24.10 -16.28 8.87
C ALA B 329 23.47 -16.71 7.57
N SER B 330 22.63 -17.75 7.62
CA SER B 330 21.95 -18.22 6.42
C SER B 330 21.01 -17.15 5.91
N ILE B 331 20.24 -16.54 6.81
CA ILE B 331 19.26 -15.54 6.41
C ILE B 331 19.97 -14.29 5.94
N ALA B 332 21.02 -13.89 6.65
CA ALA B 332 21.70 -12.65 6.34
C ALA B 332 22.33 -12.67 4.96
N ALA B 333 22.88 -13.80 4.57
CA ALA B 333 23.49 -13.90 3.25
C ALA B 333 22.42 -13.97 2.17
N THR B 334 21.26 -14.51 2.51
CA THR B 334 20.18 -14.60 1.55
C THR B 334 19.59 -13.24 1.23
N ASN B 335 19.05 -12.58 2.26
CA ASN B 335 18.35 -11.32 2.10
C ASN B 335 19.26 -10.11 2.15
N LYS B 336 20.57 -10.29 2.34
CA LYS B 336 21.52 -9.19 2.41
C LYS B 336 21.11 -8.18 3.47
N LEU B 337 20.66 -8.68 4.61
CA LEU B 337 20.32 -7.82 5.72
C LEU B 337 21.53 -7.10 6.31
N CYS B 338 22.74 -7.52 5.99
CA CYS B 338 23.92 -6.97 6.65
C CYS B 338 25.14 -7.22 5.79
N GLN B 339 26.24 -6.63 6.23
CA GLN B 339 27.56 -6.86 5.68
C GLN B 339 28.43 -7.70 6.60
N SER B 340 28.08 -7.76 7.88
CA SER B 340 28.98 -8.34 8.86
C SER B 340 28.28 -8.43 10.21
N PHE B 341 28.69 -9.42 10.99
CA PHE B 341 28.36 -9.47 12.41
C PHE B 341 29.21 -10.55 13.06
N GLN B 342 29.02 -10.70 14.36
CA GLN B 342 29.85 -11.60 15.15
C GLN B 342 29.19 -11.78 16.51
N THR B 343 29.90 -12.47 17.40
CA THR B 343 29.44 -12.78 18.74
C THR B 343 30.65 -12.76 19.67
N PHE B 344 30.57 -11.91 20.68
CA PHE B 344 31.65 -11.73 21.61
C PHE B 344 31.20 -12.07 23.01
N ASN B 345 32.18 -12.41 23.84
CA ASN B 345 31.98 -12.58 25.27
C ASN B 345 33.21 -12.00 25.96
N ILE B 346 33.13 -10.73 26.31
CA ILE B 346 34.21 -10.10 27.05
C ILE B 346 34.03 -10.45 28.51
N CYS B 347 35.11 -10.89 29.14
CA CYS B 347 35.08 -11.39 30.50
C CYS B 347 35.97 -10.49 31.35
N TYR B 348 35.38 -9.91 32.39
CA TYR B 348 36.09 -9.13 33.39
C TYR B 348 36.12 -9.92 34.69
N ALA B 349 36.66 -9.28 35.74
CA ALA B 349 37.05 -10.00 36.96
C ALA B 349 35.89 -10.77 37.57
N ASP B 350 34.72 -10.14 37.66
CA ASP B 350 33.54 -10.78 38.22
C ASP B 350 32.29 -10.44 37.42
N THR B 351 32.47 -10.11 36.15
CA THR B 351 31.34 -9.77 35.29
C THR B 351 31.89 -9.65 33.87
N GLY B 352 31.04 -9.27 32.94
CA GLY B 352 31.47 -9.13 31.58
C GLY B 352 30.32 -8.73 30.68
N LEU B 353 30.65 -8.58 29.41
CA LEU B 353 29.68 -8.28 28.37
C LEU B 353 29.46 -9.53 27.52
N LEU B 354 28.22 -9.71 27.10
CA LEU B 354 27.81 -10.84 26.29
C LEU B 354 26.80 -10.35 25.28
N GLY B 355 27.09 -10.53 24.00
CA GLY B 355 26.17 -10.04 23.00
C GLY B 355 26.69 -10.17 21.60
N ALA B 356 26.61 -9.10 20.83
CA ALA B 356 26.99 -9.18 19.43
C ALA B 356 27.14 -7.81 18.82
N HIS B 357 27.91 -7.78 17.75
CA HIS B 357 28.25 -6.60 16.98
C HIS B 357 27.79 -6.84 15.56
N PHE B 358 27.31 -5.80 14.89
CA PHE B 358 26.92 -6.01 13.52
C PHE B 358 26.84 -4.69 12.77
N VAL B 359 27.05 -4.81 11.46
CA VAL B 359 27.04 -3.71 10.53
C VAL B 359 25.94 -3.94 9.53
N CYS B 360 25.21 -2.88 9.18
CA CYS B 360 24.14 -3.06 8.23
C CYS B 360 23.67 -1.71 7.72
N ASP B 361 22.99 -1.75 6.59
CA ASP B 361 22.44 -0.54 5.99
C ASP B 361 21.28 -0.03 6.83
N HIS B 362 21.09 1.29 6.77
CA HIS B 362 20.13 1.95 7.63
C HIS B 362 18.70 1.50 7.40
N MET B 363 18.42 0.83 6.29
CA MET B 363 17.10 0.31 6.01
C MET B 363 16.99 -1.18 6.32
N SER B 364 17.88 -1.69 7.20
CA SER B 364 17.94 -3.12 7.46
C SER B 364 18.21 -3.48 8.91
N ILE B 365 18.12 -2.53 9.84
CA ILE B 365 18.45 -2.83 11.22
C ILE B 365 17.32 -3.62 11.87
N ASP B 366 16.08 -3.13 11.72
CA ASP B 366 14.94 -3.71 12.39
C ASP B 366 14.77 -5.19 12.07
N ASP B 367 15.22 -5.60 10.90
CA ASP B 367 15.14 -7.01 10.53
C ASP B 367 16.16 -7.83 11.30
N MET B 368 17.32 -7.24 11.60
CA MET B 368 18.38 -7.98 12.27
C MET B 368 18.05 -8.21 13.73
N MET B 369 17.66 -7.14 14.43
CA MET B 369 17.34 -7.26 15.84
C MET B 369 16.10 -8.10 16.10
N PHE B 370 15.35 -8.45 15.06
CA PHE B 370 14.20 -9.34 15.21
C PHE B 370 14.60 -10.80 15.01
N VAL B 371 15.69 -11.04 14.29
CA VAL B 371 16.17 -12.41 14.07
C VAL B 371 17.23 -12.76 15.10
N LEU B 372 18.06 -11.78 15.44
CA LEU B 372 19.10 -11.99 16.42
C LEU B 372 18.51 -12.39 17.76
N GLN B 373 17.57 -11.58 18.24
CA GLN B 373 16.89 -11.89 19.49
C GLN B 373 16.10 -13.17 19.38
N GLY B 374 15.64 -13.51 18.19
CA GLY B 374 14.91 -14.74 18.03
C GLY B 374 15.78 -15.95 18.30
N GLN B 375 17.01 -15.90 17.84
CA GLN B 375 17.90 -17.04 18.02
C GLN B 375 18.29 -17.20 19.48
N TRP B 376 18.50 -16.09 20.17
CA TRP B 376 18.75 -16.16 21.61
C TRP B 376 17.58 -16.81 22.32
N MET B 377 16.38 -16.29 22.10
CA MET B 377 15.21 -16.87 22.75
C MET B 377 14.92 -18.27 22.23
N ARG B 378 15.36 -18.57 21.01
CA ARG B 378 15.25 -19.94 20.53
C ARG B 378 16.05 -20.88 21.41
N LEU B 379 17.27 -20.49 21.74
CA LEU B 379 18.14 -21.32 22.56
C LEU B 379 17.63 -21.40 23.99
N CYS B 380 17.15 -20.28 24.52
CA CYS B 380 16.65 -20.29 25.89
C CYS B 380 15.48 -21.25 26.06
N THR B 381 14.76 -21.52 24.96
CA THR B 381 13.58 -22.36 25.00
C THR B 381 13.81 -23.74 24.42
N SER B 382 14.47 -23.84 23.28
CA SER B 382 14.61 -25.12 22.60
C SER B 382 15.85 -25.10 21.71
N ALA B 383 16.81 -25.94 22.04
CA ALA B 383 17.98 -26.16 21.22
C ALA B 383 18.25 -27.65 21.14
N THR B 384 18.76 -28.09 20.00
CA THR B 384 18.94 -29.50 19.72
C THR B 384 20.40 -29.91 19.94
N GLU B 385 20.58 -31.18 20.28
CA GLU B 385 21.93 -31.67 20.56
C GLU B 385 22.82 -31.56 19.34
N SER B 386 22.26 -31.66 18.14
CA SER B 386 23.07 -31.63 16.93
C SER B 386 23.76 -30.28 16.78
N GLU B 387 23.00 -29.20 16.92
CA GLU B 387 23.59 -27.87 16.78
C GLU B 387 24.44 -27.52 17.98
N VAL B 388 24.07 -28.00 19.17
CA VAL B 388 24.96 -27.83 20.30
C VAL B 388 26.25 -28.57 20.03
N LEU B 389 26.15 -29.83 19.58
CA LEU B 389 27.32 -30.58 19.18
C LEU B 389 28.09 -29.87 18.08
N ARG B 390 27.38 -29.23 17.15
CA ARG B 390 28.04 -28.41 16.15
C ARG B 390 28.80 -27.28 16.80
N GLY B 391 28.22 -26.67 17.84
CA GLY B 391 28.89 -25.58 18.50
C GLY B 391 30.09 -26.05 19.30
N LYS B 392 29.96 -27.22 19.92
CA LYS B 392 31.04 -27.74 20.73
C LYS B 392 32.27 -28.01 19.90
N ASN B 393 32.09 -28.60 18.73
CA ASN B 393 33.22 -28.92 17.85
C ASN B 393 33.91 -27.65 17.39
N LEU B 394 33.18 -26.53 17.32
CA LEU B 394 33.83 -25.27 16.99
C LEU B 394 34.71 -24.80 18.14
N LEU B 395 34.18 -24.88 19.35
CA LEU B 395 34.93 -24.40 20.50
C LEU B 395 36.19 -25.22 20.72
N ARG B 396 36.13 -26.51 20.38
CA ARG B 396 37.32 -27.33 20.46
C ARG B 396 38.40 -26.78 19.54
N ASN B 397 38.05 -26.57 18.27
CA ASN B 397 39.04 -26.18 17.28
C ASN B 397 39.60 -24.79 17.56
N ALA B 398 38.76 -23.89 18.07
CA ALA B 398 39.22 -22.53 18.33
C ALA B 398 40.33 -22.52 19.35
N LEU B 399 40.13 -23.23 20.46
CA LEU B 399 41.16 -23.30 21.49
C LEU B 399 42.43 -23.91 20.94
N VAL B 400 42.30 -24.98 20.16
CA VAL B 400 43.47 -25.62 19.57
C VAL B 400 44.11 -24.68 18.56
N SER B 401 43.32 -24.14 17.64
CA SER B 401 43.86 -23.29 16.61
C SER B 401 44.38 -21.99 17.17
N HIS B 402 43.79 -21.51 18.25
CA HIS B 402 44.30 -20.29 18.87
C HIS B 402 45.67 -20.53 19.49
N LEU B 403 45.94 -21.76 19.91
CA LEU B 403 47.22 -22.15 20.49
C LEU B 403 48.07 -22.79 19.41
N ASP B 404 48.62 -21.94 18.55
CA ASP B 404 49.52 -22.36 17.49
C ASP B 404 50.53 -21.24 17.31
N GLY B 405 51.69 -21.40 17.94
CA GLY B 405 52.73 -20.38 17.95
C GLY B 405 53.15 -20.07 19.37
N THR B 406 54.41 -19.71 19.57
CA THR B 406 54.89 -19.45 20.93
C THR B 406 54.25 -18.20 21.51
N THR B 407 53.76 -17.30 20.65
CA THR B 407 53.21 -16.04 21.18
C THR B 407 51.86 -16.25 21.84
N PRO B 408 50.82 -16.72 21.14
CA PRO B 408 49.51 -16.83 21.80
C PRO B 408 49.49 -17.80 22.95
N VAL B 409 50.43 -18.74 23.00
CA VAL B 409 50.49 -19.67 24.11
C VAL B 409 50.86 -18.95 25.39
N CYS B 410 51.94 -18.18 25.35
CA CYS B 410 52.36 -17.47 26.55
C CYS B 410 51.39 -16.36 26.90
N GLU B 411 50.59 -15.89 25.95
CA GLU B 411 49.45 -15.05 26.30
C GLU B 411 48.47 -15.83 27.15
N ASP B 412 48.08 -17.01 26.67
CA ASP B 412 47.17 -17.86 27.42
C ASP B 412 47.71 -18.18 28.80
N ILE B 413 49.02 -18.35 28.90
CA ILE B 413 49.64 -18.56 30.22
C ILE B 413 49.46 -17.31 31.06
N GLY B 414 49.87 -16.17 30.52
CA GLY B 414 49.95 -14.96 31.32
C GLY B 414 48.62 -14.55 31.93
N ARG B 415 47.61 -14.37 31.09
CA ARG B 415 46.34 -13.86 31.60
C ARG B 415 45.64 -14.91 32.46
N SER B 416 45.74 -16.18 32.07
CA SER B 416 45.09 -17.23 32.86
C SER B 416 45.66 -17.30 34.26
N LEU B 417 46.96 -17.04 34.40
CA LEU B 417 47.55 -16.97 35.72
C LEU B 417 47.11 -15.73 36.48
N LEU B 418 46.63 -14.71 35.79
CA LEU B 418 46.09 -13.52 36.41
C LEU B 418 44.60 -13.61 36.63
N THR B 419 43.88 -14.17 35.67
CA THR B 419 42.43 -14.27 35.77
C THR B 419 42.01 -15.44 36.63
N TYR B 420 42.45 -16.64 36.27
CA TYR B 420 42.11 -17.84 36.99
C TYR B 420 43.09 -18.16 38.11
N GLY B 421 44.28 -17.58 38.07
CA GLY B 421 45.33 -17.93 38.99
C GLY B 421 46.21 -19.07 38.53
N ARG B 422 45.65 -20.02 37.80
CA ARG B 422 46.40 -21.11 37.18
C ARG B 422 46.13 -21.09 35.69
N ARG B 423 46.72 -22.05 35.00
CA ARG B 423 46.34 -22.35 33.63
C ARG B 423 45.50 -23.62 33.59
N ILE B 424 44.60 -23.65 32.63
CA ILE B 424 43.76 -24.82 32.36
C ILE B 424 44.31 -25.50 31.12
N PRO B 425 44.60 -26.79 31.14
CA PRO B 425 44.98 -27.47 29.91
C PRO B 425 43.76 -27.84 29.09
N LEU B 426 44.01 -28.05 27.80
CA LEU B 426 42.94 -28.37 26.86
C LEU B 426 42.22 -29.64 27.24
N ALA B 427 42.91 -30.56 27.92
CA ALA B 427 42.23 -31.75 28.43
C ALA B 427 41.12 -31.37 29.38
N GLU B 428 41.35 -30.35 30.21
CA GLU B 428 40.34 -29.96 31.18
C GLU B 428 39.24 -29.14 30.53
N TRP B 429 39.60 -28.31 29.54
CA TRP B 429 38.59 -27.61 28.77
C TRP B 429 37.65 -28.60 28.10
N GLU B 430 38.24 -29.61 27.44
CA GLU B 430 37.44 -30.67 26.83
C GLU B 430 36.56 -31.35 27.85
N SER B 431 37.10 -31.57 29.05
CA SER B 431 36.30 -32.19 30.11
C SER B 431 35.13 -31.31 30.48
N ARG B 432 35.35 -29.99 30.54
CA ARG B 432 34.26 -29.08 30.82
C ARG B 432 33.29 -29.01 29.66
N ILE B 433 33.79 -29.11 28.43
CA ILE B 433 32.91 -29.14 27.27
C ILE B 433 32.04 -30.38 27.32
N ALA B 434 32.61 -31.51 27.74
CA ALA B 434 31.91 -32.77 27.69
C ALA B 434 30.66 -32.76 28.54
N GLU B 435 30.64 -31.97 29.60
CA GLU B 435 29.47 -31.88 30.47
C GLU B 435 28.38 -31.00 29.89
N VAL B 436 28.55 -30.49 28.68
CA VAL B 436 27.54 -29.66 28.05
C VAL B 436 26.57 -30.53 27.26
N ASP B 437 25.30 -30.14 27.29
CA ASP B 437 24.32 -30.65 26.36
C ASP B 437 23.29 -29.57 26.11
N ALA B 438 22.16 -29.95 25.51
CA ALA B 438 21.15 -28.96 25.19
C ALA B 438 20.53 -28.38 26.46
N ARG B 439 20.35 -29.22 27.48
CA ARG B 439 19.71 -28.77 28.71
C ARG B 439 20.50 -27.66 29.37
N VAL B 440 21.82 -27.78 29.35
CA VAL B 440 22.67 -26.77 29.98
C VAL B 440 22.47 -25.43 29.30
N VAL B 441 22.41 -25.45 27.98
CA VAL B 441 22.37 -24.22 27.21
C VAL B 441 21.06 -23.50 27.43
N ARG B 442 19.96 -24.25 27.41
CA ARG B 442 18.65 -23.65 27.66
C ARG B 442 18.62 -22.92 28.98
N GLU B 443 19.21 -23.52 30.00
CA GLU B 443 19.17 -22.92 31.33
C GLU B 443 20.04 -21.68 31.39
N VAL B 444 21.29 -21.80 30.99
CA VAL B 444 22.26 -20.73 31.17
C VAL B 444 21.85 -19.51 30.37
N CYS B 445 21.48 -19.71 29.11
CA CYS B 445 21.00 -18.60 28.32
C CYS B 445 19.74 -17.99 28.91
N SER B 446 18.89 -18.82 29.51
CA SER B 446 17.70 -18.29 30.17
C SER B 446 18.06 -17.44 31.37
N LYS B 447 19.21 -17.69 31.99
CA LYS B 447 19.62 -16.86 33.11
C LYS B 447 20.06 -15.50 32.64
N TYR B 448 20.71 -15.42 31.49
CA TYR B 448 21.50 -14.26 31.11
C TYR B 448 21.01 -13.58 29.86
N PHE B 449 20.12 -14.20 29.09
CA PHE B 449 19.40 -13.53 28.01
C PHE B 449 17.94 -13.26 28.35
N TYR B 450 17.21 -14.29 28.77
CA TYR B 450 15.77 -14.24 28.84
C TYR B 450 15.31 -13.20 29.84
N ASP B 451 14.71 -12.14 29.33
CA ASP B 451 14.00 -11.14 30.11
C ASP B 451 14.96 -10.35 30.98
N GLN B 452 16.07 -9.94 30.39
CA GLN B 452 17.08 -9.13 31.04
C GLN B 452 17.07 -7.73 30.45
N CYS B 453 17.84 -6.86 31.10
CA CYS B 453 17.92 -5.45 30.74
C CYS B 453 19.28 -5.21 30.08
N PRO B 454 19.39 -5.20 28.77
CA PRO B 454 20.68 -5.16 28.12
C PRO B 454 21.22 -3.74 27.99
N ALA B 455 22.43 -3.67 27.46
CA ALA B 455 23.06 -2.43 27.03
C ALA B 455 23.08 -2.42 25.52
N VAL B 456 22.84 -1.24 24.96
CA VAL B 456 22.71 -1.06 23.52
C VAL B 456 23.56 0.13 23.11
N ALA B 457 24.08 0.05 21.90
CA ALA B 457 24.90 1.11 21.36
C ALA B 457 24.68 1.21 19.86
N GLY B 458 24.82 2.42 19.36
CA GLY B 458 24.62 2.69 17.95
C GLY B 458 25.46 3.86 17.51
N PHE B 459 25.81 3.84 16.24
CA PHE B 459 26.65 4.88 15.68
C PHE B 459 26.45 4.91 14.18
N GLY B 460 25.83 5.98 13.70
CA GLY B 460 25.50 6.11 12.30
C GLY B 460 24.01 6.24 12.09
N PRO B 461 23.56 5.99 10.89
CA PRO B 461 22.14 6.19 10.59
C PRO B 461 21.30 5.11 11.23
N ILE B 462 21.06 5.27 12.52
CA ILE B 462 20.42 4.25 13.33
C ILE B 462 18.96 4.60 13.54
N GLU B 463 18.40 5.37 12.61
CA GLU B 463 17.03 5.84 12.77
C GLU B 463 16.06 4.68 12.89
N GLN B 464 16.30 3.61 12.14
CA GLN B 464 15.41 2.47 12.17
C GLN B 464 15.54 1.65 13.44
N LEU B 465 16.53 1.95 14.26
CA LEU B 465 16.84 1.13 15.42
C LEU B 465 15.64 1.06 16.35
N PRO B 466 15.16 -0.12 16.73
CA PRO B 466 14.01 -0.18 17.63
C PRO B 466 14.35 0.46 18.97
N ASP B 467 13.39 1.19 19.50
CA ASP B 467 13.59 1.79 20.81
C ASP B 467 13.69 0.71 21.87
N TYR B 468 14.35 1.07 22.97
CA TYR B 468 14.82 0.07 23.93
C TYR B 468 13.69 -0.76 24.50
N ASN B 469 12.49 -0.21 24.57
CA ASN B 469 11.36 -0.98 25.04
C ASN B 469 10.91 -2.01 24.02
N ARG B 470 11.24 -1.80 22.74
CA ARG B 470 11.00 -2.81 21.73
C ARG B 470 12.12 -3.83 21.70
N ILE B 471 13.35 -3.37 21.89
CA ILE B 471 14.46 -4.29 22.09
C ILE B 471 14.16 -5.16 23.29
N ARG B 472 13.83 -4.52 24.41
CA ARG B 472 13.53 -5.24 25.63
C ARG B 472 12.28 -6.10 25.47
N SER B 473 11.35 -5.66 24.63
CA SER B 473 10.16 -6.46 24.39
C SER B 473 10.50 -7.77 23.71
N GLY B 474 11.51 -7.76 22.86
CA GLY B 474 11.93 -8.94 22.16
C GLY B 474 12.90 -9.81 22.89
N MET B 475 13.34 -9.39 24.07
CA MET B 475 14.16 -10.24 24.92
C MET B 475 13.36 -11.29 25.66
N PHE B 476 12.07 -11.40 25.38
CA PHE B 476 11.29 -12.55 25.79
C PHE B 476 10.30 -12.90 24.71
N TRP B 477 9.66 -14.05 24.90
CA TRP B 477 8.55 -14.50 24.08
C TRP B 477 7.29 -14.59 24.90
N LEU B 478 6.18 -14.73 24.19
CA LEU B 478 4.90 -15.09 24.77
C LEU B 478 4.62 -16.56 24.54
N ARG B 479 5.68 -17.37 24.63
CA ARG B 479 5.61 -18.81 24.43
C ARG B 479 6.38 -19.54 25.52
N GLN C 36 59.01 -35.99 15.41
CA GLN C 36 59.11 -36.79 14.20
C GLN C 36 59.78 -36.00 13.09
N ASP C 37 59.99 -36.66 11.95
CA ASP C 37 60.63 -36.07 10.79
C ASP C 37 59.66 -36.03 9.63
N LEU C 38 59.84 -35.04 8.78
CA LEU C 38 58.94 -34.80 7.65
C LEU C 38 59.13 -35.88 6.61
N GLU C 39 58.15 -36.76 6.47
CA GLU C 39 58.13 -37.67 5.35
C GLU C 39 58.04 -36.88 4.05
N PHE C 40 58.44 -37.53 2.97
CA PHE C 40 58.41 -36.89 1.66
C PHE C 40 58.66 -37.95 0.60
N THR C 41 58.01 -37.78 -0.54
CA THR C 41 58.21 -38.69 -1.66
C THR C 41 57.65 -38.03 -2.91
N ARG C 42 57.55 -38.81 -3.98
CA ARG C 42 56.90 -38.37 -5.20
C ARG C 42 56.35 -39.60 -5.91
N LEU C 43 55.27 -39.40 -6.60
CA LEU C 43 54.62 -40.45 -7.36
C LEU C 43 55.14 -40.46 -8.79
N PRO C 44 55.03 -41.59 -9.49
CA PRO C 44 55.49 -41.62 -10.88
C PRO C 44 54.71 -40.71 -11.80
N ASN C 45 53.49 -40.34 -11.42
CA ASN C 45 52.71 -39.36 -12.17
C ASN C 45 53.10 -37.92 -11.85
N GLY C 46 54.17 -37.71 -11.09
CA GLY C 46 54.64 -36.37 -10.80
C GLY C 46 54.01 -35.73 -9.59
N LEU C 47 53.23 -36.47 -8.81
CA LEU C 47 52.59 -35.91 -7.63
C LEU C 47 53.49 -36.08 -6.42
N VAL C 48 53.40 -35.15 -5.52
CA VAL C 48 54.21 -35.09 -4.32
C VAL C 48 53.34 -35.35 -3.10
N ILE C 49 53.94 -35.95 -2.08
CA ILE C 49 53.32 -36.09 -0.77
C ILE C 49 54.37 -35.78 0.28
N ALA C 50 53.92 -35.19 1.39
CA ALA C 50 54.71 -35.08 2.60
C ALA C 50 53.81 -35.44 3.78
N SER C 51 54.42 -35.54 4.95
CA SER C 51 53.68 -35.84 6.17
C SER C 51 54.59 -35.62 7.37
N LEU C 52 54.02 -35.05 8.42
CA LEU C 52 54.74 -34.81 9.66
C LEU C 52 53.74 -34.98 10.80
N GLU C 53 53.72 -36.16 11.40
CA GLU C 53 52.81 -36.44 12.50
C GLU C 53 53.31 -35.70 13.72
N ASN C 54 52.87 -34.45 13.84
CA ASN C 54 53.27 -33.58 14.94
C ASN C 54 52.60 -33.91 16.26
N TYR C 55 51.71 -34.91 16.30
CA TYR C 55 50.92 -35.24 17.48
C TYR C 55 50.07 -34.06 17.95
N ALA C 56 49.78 -33.12 17.06
CA ALA C 56 48.90 -32.03 17.44
C ALA C 56 47.47 -32.55 17.55
N PRO C 57 46.64 -31.93 18.38
CA PRO C 57 45.24 -32.36 18.41
C PRO C 57 44.53 -32.14 17.11
N ALA C 58 44.79 -31.01 16.46
CA ALA C 58 44.14 -30.63 15.22
C ALA C 58 45.06 -30.95 14.06
N SER C 59 44.55 -31.70 13.10
CA SER C 59 45.29 -31.94 11.88
C SER C 59 45.35 -30.67 11.06
N ARG C 60 46.02 -30.75 9.92
CA ARG C 60 46.03 -29.67 8.96
C ARG C 60 46.54 -30.23 7.64
N ILE C 61 45.77 -30.02 6.59
CA ILE C 61 46.07 -30.57 5.28
C ILE C 61 45.92 -29.47 4.26
N GLY C 62 46.83 -29.46 3.29
CA GLY C 62 46.89 -28.43 2.29
C GLY C 62 47.38 -28.95 0.96
N LEU C 63 46.60 -28.68 -0.07
CA LEU C 63 46.90 -29.13 -1.42
C LEU C 63 47.34 -27.95 -2.25
N PHE C 64 48.65 -27.78 -2.40
CA PHE C 64 49.21 -26.69 -3.17
C PHE C 64 49.34 -27.10 -4.63
N ILE C 65 49.57 -26.12 -5.48
CA ILE C 65 49.52 -26.32 -6.92
C ILE C 65 50.14 -25.12 -7.61
N LYS C 66 50.59 -25.33 -8.85
CA LYS C 66 51.12 -24.26 -9.70
C LYS C 66 50.03 -23.86 -10.70
N ALA C 67 49.02 -23.16 -10.19
CA ALA C 67 47.92 -22.70 -11.03
C ALA C 67 47.48 -21.30 -10.63
N GLY C 68 48.44 -20.41 -10.41
CA GLY C 68 48.10 -19.07 -10.01
C GLY C 68 47.51 -18.24 -11.13
N SER C 69 47.74 -16.94 -11.08
CA SER C 69 47.17 -16.03 -12.06
C SER C 69 48.05 -15.84 -13.28
N ARG C 70 49.34 -16.17 -13.19
CA ARG C 70 50.21 -16.04 -14.35
C ARG C 70 49.79 -16.97 -15.47
N TYR C 71 49.11 -18.05 -15.15
CA TYR C 71 48.65 -19.01 -16.14
C TYR C 71 47.38 -18.58 -16.85
N GLU C 72 46.93 -17.34 -16.63
CA GLU C 72 45.77 -16.81 -17.31
C GLU C 72 46.22 -15.98 -18.52
N ASN C 73 45.56 -16.17 -19.64
CA ASN C 73 45.76 -15.31 -20.79
C ASN C 73 44.86 -14.08 -20.69
N SER C 74 44.92 -13.25 -21.71
CA SER C 74 44.12 -12.03 -21.71
C SER C 74 42.63 -12.34 -21.84
N ASN C 75 42.30 -13.55 -22.28
CA ASN C 75 40.90 -13.86 -22.59
C ASN C 75 40.15 -14.30 -21.35
N ASN C 76 40.77 -15.12 -20.51
CA ASN C 76 40.07 -15.77 -19.40
C ASN C 76 40.47 -15.15 -18.07
N LEU C 77 40.71 -13.85 -18.09
CA LEU C 77 41.09 -13.15 -16.87
C LEU C 77 39.94 -13.17 -15.87
N GLY C 78 40.30 -13.01 -14.60
CA GLY C 78 39.35 -13.14 -13.52
C GLY C 78 38.99 -14.56 -13.19
N THR C 79 39.51 -15.53 -13.93
CA THR C 79 39.20 -16.93 -13.70
C THR C 79 39.60 -17.36 -12.30
N SER C 80 40.85 -17.11 -11.95
CA SER C 80 41.37 -17.57 -10.66
C SER C 80 40.68 -16.88 -9.51
N HIS C 81 40.24 -15.64 -9.68
CA HIS C 81 39.49 -14.99 -8.61
C HIS C 81 38.16 -15.69 -8.39
N LEU C 82 37.59 -16.23 -9.46
CA LEU C 82 36.36 -16.98 -9.28
C LEU C 82 36.62 -18.30 -8.59
N LEU C 83 37.79 -18.89 -8.82
CA LEU C 83 38.09 -20.18 -8.22
C LEU C 83 38.32 -20.06 -6.73
N ARG C 84 38.90 -18.94 -6.29
CA ARG C 84 39.04 -18.71 -4.87
C ARG C 84 37.69 -18.73 -4.18
N LEU C 85 36.65 -18.36 -4.91
CA LEU C 85 35.29 -18.37 -4.43
C LEU C 85 34.51 -19.57 -4.92
N ALA C 86 34.99 -20.25 -5.97
CA ALA C 86 34.25 -21.38 -6.51
C ALA C 86 34.32 -22.60 -5.62
N SER C 87 35.21 -22.62 -4.64
CA SER C 87 35.12 -23.63 -3.62
C SER C 87 33.79 -23.51 -2.91
N SER C 88 33.38 -24.59 -2.27
CA SER C 88 32.06 -24.67 -1.64
C SER C 88 30.96 -24.52 -2.67
N LEU C 89 31.14 -25.14 -3.83
CA LEU C 89 30.10 -25.29 -4.83
C LEU C 89 29.84 -26.76 -5.09
N THR C 90 28.89 -27.02 -5.98
CA THR C 90 28.47 -28.38 -6.26
C THR C 90 29.61 -29.18 -6.89
N THR C 91 29.61 -30.48 -6.62
CA THR C 91 30.57 -31.41 -7.17
C THR C 91 29.87 -32.68 -7.58
N LYS C 92 30.60 -33.54 -8.28
CA LYS C 92 30.09 -34.86 -8.57
C LYS C 92 30.04 -35.72 -7.32
N GLY C 93 30.90 -35.43 -6.36
CA GLY C 93 30.97 -36.21 -5.15
C GLY C 93 29.98 -35.76 -4.09
N ALA C 94 29.53 -34.52 -4.18
CA ALA C 94 28.61 -33.99 -3.19
C ALA C 94 28.07 -32.65 -3.68
N SER C 95 27.08 -32.16 -2.95
CA SER C 95 26.45 -30.89 -3.25
C SER C 95 27.03 -29.79 -2.38
N SER C 96 26.77 -28.55 -2.79
CA SER C 96 27.30 -27.41 -2.06
C SER C 96 26.76 -27.34 -0.64
N PHE C 97 25.58 -27.89 -0.40
CA PHE C 97 25.01 -27.86 0.94
C PHE C 97 25.68 -28.90 1.83
N LYS C 98 25.93 -30.08 1.28
CA LYS C 98 26.56 -31.13 2.07
C LYS C 98 27.96 -30.72 2.49
N ILE C 99 28.68 -30.05 1.59
CA ILE C 99 30.05 -29.66 1.87
C ILE C 99 30.07 -28.65 2.99
N THR C 100 29.20 -27.65 2.91
CA THR C 100 29.21 -26.56 3.86
C THR C 100 28.90 -27.06 5.26
N ARG C 101 27.82 -27.83 5.40
CA ARG C 101 27.41 -28.26 6.72
C ARG C 101 28.28 -29.39 7.23
N GLY C 102 28.66 -30.31 6.35
CA GLY C 102 29.49 -31.43 6.76
C GLY C 102 30.80 -30.98 7.35
N ILE C 103 31.32 -29.85 6.87
CA ILE C 103 32.51 -29.27 7.47
C ILE C 103 32.17 -28.66 8.81
N GLU C 104 31.14 -27.81 8.84
CA GLU C 104 30.79 -27.10 10.05
C GLU C 104 30.28 -28.03 11.14
N ALA C 105 29.76 -29.20 10.77
CA ALA C 105 29.27 -30.12 11.79
C ALA C 105 30.40 -30.63 12.65
N VAL C 106 31.57 -30.84 12.07
CA VAL C 106 32.77 -31.20 12.82
C VAL C 106 33.57 -29.98 13.21
N GLY C 107 33.09 -28.78 12.89
CA GLY C 107 33.78 -27.58 13.25
C GLY C 107 35.07 -27.35 12.50
N GLY C 108 35.27 -28.06 11.40
CA GLY C 108 36.44 -27.85 10.59
C GLY C 108 36.46 -26.49 9.93
N LYS C 109 37.36 -26.37 8.97
CA LYS C 109 37.59 -25.12 8.27
C LYS C 109 38.03 -25.41 6.85
N LEU C 110 37.74 -24.46 5.96
CA LEU C 110 38.15 -24.53 4.58
C LEU C 110 38.53 -23.14 4.12
N SER C 111 39.73 -23.03 3.58
CA SER C 111 40.29 -21.73 3.25
C SER C 111 41.15 -21.89 2.01
N VAL C 112 41.18 -20.83 1.22
CA VAL C 112 41.92 -20.80 -0.02
C VAL C 112 42.90 -19.65 0.03
N THR C 113 44.09 -19.90 -0.46
CA THR C 113 45.12 -18.89 -0.63
C THR C 113 45.65 -19.00 -2.03
N SER C 114 45.94 -17.85 -2.63
CA SER C 114 46.48 -17.81 -3.97
C SER C 114 47.64 -16.85 -4.03
N THR C 115 48.51 -17.12 -4.99
CA THR C 115 49.57 -16.22 -5.41
C THR C 115 49.50 -16.13 -6.93
N ARG C 116 50.34 -15.26 -7.49
CA ARG C 116 50.38 -15.17 -8.94
C ARG C 116 50.88 -16.47 -9.55
N GLU C 117 51.71 -17.21 -8.84
CA GLU C 117 52.15 -18.53 -9.26
C GLU C 117 51.24 -19.64 -8.76
N ASN C 118 51.05 -19.72 -7.44
CA ASN C 118 50.48 -20.88 -6.82
C ASN C 118 49.08 -20.61 -6.31
N MET C 119 48.32 -21.69 -6.13
CA MET C 119 47.08 -21.70 -5.39
C MET C 119 47.21 -22.71 -4.26
N ALA C 120 46.21 -22.71 -3.40
CA ALA C 120 46.27 -23.53 -2.20
C ALA C 120 44.86 -23.76 -1.68
N TYR C 121 44.52 -25.02 -1.49
CA TYR C 121 43.29 -25.41 -0.82
C TYR C 121 43.68 -26.11 0.47
N THR C 122 43.19 -25.57 1.58
CA THR C 122 43.63 -25.97 2.91
C THR C 122 42.43 -26.23 3.79
N VAL C 123 42.64 -27.08 4.78
CA VAL C 123 41.61 -27.42 5.75
C VAL C 123 42.20 -27.38 7.15
N GLU C 124 41.31 -27.42 8.12
CA GLU C 124 41.65 -27.69 9.50
C GLU C 124 40.56 -28.56 10.07
N CYS C 125 40.94 -29.44 10.99
CA CYS C 125 39.98 -30.31 11.64
C CYS C 125 40.70 -31.01 12.77
N LEU C 126 39.93 -31.82 13.48
CA LEU C 126 40.49 -32.68 14.49
C LEU C 126 40.85 -34.00 13.86
N ARG C 127 41.97 -34.58 14.32
CA ARG C 127 42.52 -35.76 13.67
C ARG C 127 41.61 -36.98 13.73
N ASP C 128 40.56 -36.94 14.53
CA ASP C 128 39.51 -37.94 14.45
C ASP C 128 38.52 -37.68 13.32
N ASP C 129 38.75 -36.63 12.52
CA ASP C 129 37.81 -36.22 11.49
C ASP C 129 38.50 -35.94 10.16
N VAL C 130 39.64 -36.58 9.94
CA VAL C 130 40.43 -36.29 8.75
C VAL C 130 39.70 -36.76 7.50
N ASP C 131 39.21 -38.00 7.53
CA ASP C 131 38.74 -38.65 6.31
C ASP C 131 37.54 -37.93 5.72
N ILE C 132 36.77 -37.22 6.54
CA ILE C 132 35.65 -36.46 6.01
C ILE C 132 36.16 -35.30 5.16
N LEU C 133 37.05 -34.50 5.74
CA LEU C 133 37.48 -33.27 5.08
C LEU C 133 38.21 -33.57 3.78
N MET C 134 38.88 -34.71 3.70
CA MET C 134 39.54 -35.07 2.47
C MET C 134 38.55 -35.32 1.36
N GLU C 135 37.52 -36.13 1.64
CA GLU C 135 36.52 -36.44 0.64
C GLU C 135 35.84 -35.18 0.13
N PHE C 136 35.69 -34.18 0.99
CA PHE C 136 35.18 -32.89 0.56
C PHE C 136 36.25 -32.10 -0.18
N LEU C 137 37.49 -32.17 0.30
CA LEU C 137 38.56 -31.41 -0.32
C LEU C 137 38.76 -31.82 -1.77
N LEU C 138 38.87 -33.12 -2.02
CA LEU C 138 39.21 -33.60 -3.35
C LEU C 138 38.07 -33.40 -4.32
N ASN C 139 36.83 -33.55 -3.86
CA ASN C 139 35.69 -33.35 -4.75
C ASN C 139 35.64 -31.91 -5.25
N VAL C 140 36.15 -30.97 -4.47
CA VAL C 140 36.25 -29.60 -4.94
C VAL C 140 37.34 -29.50 -5.99
N THR C 141 38.49 -30.10 -5.71
CA THR C 141 39.63 -30.02 -6.59
C THR C 141 39.49 -30.95 -7.79
N THR C 142 39.34 -32.23 -7.52
CA THR C 142 39.35 -33.24 -8.57
C THR C 142 38.21 -33.02 -9.56
N ALA C 143 36.97 -33.15 -9.09
CA ALA C 143 35.80 -33.23 -9.97
C ALA C 143 34.71 -32.30 -9.51
N PRO C 144 34.88 -31.00 -9.71
CA PRO C 144 33.76 -30.06 -9.60
C PRO C 144 32.97 -29.96 -10.89
N GLU C 145 31.69 -29.69 -10.74
CA GLU C 145 30.80 -29.60 -11.90
C GLU C 145 30.66 -28.18 -12.43
N PHE C 146 30.71 -27.19 -11.55
CA PHE C 146 30.58 -25.78 -11.93
C PHE C 146 29.31 -25.55 -12.75
N ARG C 147 28.20 -25.94 -12.14
CA ARG C 147 26.91 -25.71 -12.76
C ARG C 147 26.66 -24.21 -12.86
N ARG C 148 26.18 -23.79 -14.03
CA ARG C 148 26.32 -22.40 -14.42
C ARG C 148 25.54 -21.44 -13.53
N TRP C 149 24.39 -21.86 -13.02
CA TRP C 149 23.58 -20.94 -12.24
C TRP C 149 24.26 -20.59 -10.92
N GLU C 150 24.87 -21.57 -10.28
CA GLU C 150 25.65 -21.30 -9.08
C GLU C 150 26.76 -20.33 -9.38
N VAL C 151 27.38 -20.49 -10.55
CA VAL C 151 28.45 -19.60 -10.95
C VAL C 151 27.92 -18.18 -11.09
N ALA C 152 26.75 -18.05 -11.70
CA ALA C 152 26.23 -16.71 -11.99
C ALA C 152 25.77 -16.03 -10.72
N ALA C 153 25.29 -16.80 -9.75
CA ALA C 153 24.97 -16.24 -8.44
C ALA C 153 26.23 -15.81 -7.70
N LEU C 154 27.40 -16.26 -8.14
CA LEU C 154 28.64 -16.01 -7.46
C LEU C 154 29.42 -14.83 -8.04
N GLN C 155 29.17 -14.48 -9.29
CA GLN C 155 29.91 -13.42 -9.96
C GLN C 155 29.99 -12.12 -9.18
N PRO C 156 28.90 -11.50 -8.74
CA PRO C 156 29.01 -10.21 -8.06
C PRO C 156 29.77 -10.28 -6.75
N GLN C 157 29.97 -11.46 -6.20
CA GLN C 157 30.85 -11.58 -5.04
C GLN C 157 32.25 -11.09 -5.37
N LEU C 158 32.67 -11.22 -6.62
CA LEU C 158 33.96 -10.70 -7.06
C LEU C 158 34.08 -9.21 -6.78
N ARG C 159 33.04 -8.46 -7.15
CA ARG C 159 33.04 -7.01 -6.92
C ARG C 159 33.24 -6.69 -5.46
N ILE C 160 32.80 -7.57 -4.58
CA ILE C 160 32.96 -7.34 -3.15
C ILE C 160 34.39 -7.64 -2.74
N ASP C 161 34.82 -8.90 -2.90
CA ASP C 161 36.13 -9.34 -2.43
C ASP C 161 37.23 -8.49 -3.00
N LYS C 162 37.07 -8.05 -4.25
CA LYS C 162 37.99 -7.12 -4.84
C LYS C 162 38.00 -5.79 -4.07
N ALA C 163 36.86 -5.10 -4.09
CA ALA C 163 36.83 -3.73 -3.61
C ALA C 163 37.12 -3.64 -2.12
N VAL C 164 36.85 -4.71 -1.38
CA VAL C 164 37.27 -4.75 0.01
C VAL C 164 38.78 -4.67 0.09
N ALA C 165 39.45 -5.60 -0.58
CA ALA C 165 40.89 -5.69 -0.48
C ALA C 165 41.58 -4.47 -1.06
N LEU C 166 40.89 -3.73 -1.91
CA LEU C 166 41.43 -2.49 -2.45
C LEU C 166 41.19 -1.30 -1.53
N GLN C 167 40.46 -1.48 -0.44
CA GLN C 167 40.50 -0.47 0.60
C GLN C 167 41.92 -0.26 1.08
N ASN C 168 42.62 -1.36 1.33
CA ASN C 168 44.03 -1.32 1.65
C ASN C 168 44.76 -0.82 0.40
N PRO C 169 45.30 0.40 0.40
CA PRO C 169 45.75 1.00 -0.86
C PRO C 169 46.91 0.26 -1.50
N GLN C 170 47.64 -0.54 -0.75
CA GLN C 170 48.78 -1.27 -1.30
C GLN C 170 48.35 -2.12 -2.49
N ALA C 171 47.17 -2.73 -2.39
CA ALA C 171 46.72 -3.65 -3.42
C ALA C 171 46.55 -2.95 -4.77
N HIS C 172 46.19 -1.67 -4.77
CA HIS C 172 46.24 -0.92 -6.01
C HIS C 172 47.65 -0.85 -6.53
N VAL C 173 48.57 -0.45 -5.66
CA VAL C 173 49.92 -0.14 -6.06
C VAL C 173 50.60 -1.38 -6.59
N ILE C 174 50.54 -2.45 -5.82
CA ILE C 174 51.24 -3.68 -6.16
C ILE C 174 50.69 -4.25 -7.45
N GLU C 175 49.38 -4.20 -7.63
CA GLU C 175 48.79 -4.75 -8.84
C GLU C 175 49.13 -3.89 -10.03
N ASN C 176 48.95 -2.57 -9.89
CA ASN C 176 49.35 -1.66 -10.95
C ASN C 176 50.87 -1.65 -11.14
N LEU C 177 51.62 -2.17 -10.18
CA LEU C 177 53.07 -2.23 -10.33
C LEU C 177 53.46 -3.38 -11.22
N HIS C 178 52.98 -4.58 -10.91
CA HIS C 178 53.31 -5.75 -11.72
C HIS C 178 52.81 -5.60 -13.15
N ALA C 179 51.74 -4.82 -13.35
CA ALA C 179 51.27 -4.55 -14.70
C ALA C 179 52.30 -3.76 -15.50
N ALA C 180 53.19 -3.05 -14.83
CA ALA C 180 54.18 -2.22 -15.51
C ALA C 180 55.51 -2.94 -15.67
N ALA C 181 56.00 -3.58 -14.61
CA ALA C 181 57.31 -4.23 -14.68
C ALA C 181 57.31 -5.32 -15.72
N TYR C 182 56.24 -6.11 -15.74
CA TYR C 182 56.16 -7.32 -16.52
C TYR C 182 55.06 -7.18 -17.55
N ARG C 183 55.13 -8.05 -18.56
CA ARG C 183 54.28 -7.90 -19.73
C ARG C 183 53.00 -8.71 -19.62
N ASN C 184 53.13 -10.03 -19.54
CA ASN C 184 52.00 -10.94 -19.73
C ASN C 184 51.71 -11.79 -18.51
N ALA C 185 52.71 -12.54 -18.03
CA ALA C 185 52.39 -13.64 -17.12
C ALA C 185 52.21 -13.15 -15.69
N LEU C 186 53.29 -12.72 -15.05
CA LEU C 186 53.18 -12.27 -13.68
C LEU C 186 52.55 -10.90 -13.58
N ALA C 187 52.36 -10.21 -14.71
CA ALA C 187 51.64 -8.95 -14.70
C ALA C 187 50.14 -9.14 -14.48
N ASN C 188 49.64 -10.37 -14.64
CA ASN C 188 48.23 -10.62 -14.44
C ASN C 188 47.83 -10.35 -13.00
N SER C 189 46.65 -9.79 -12.82
CA SER C 189 46.14 -9.53 -11.50
C SER C 189 45.47 -10.77 -10.92
N LEU C 190 45.65 -10.95 -9.62
CA LEU C 190 44.87 -11.93 -8.89
C LEU C 190 43.40 -11.62 -8.93
N TYR C 191 43.05 -10.34 -9.05
CA TYR C 191 41.68 -9.88 -8.91
C TYR C 191 41.09 -9.60 -10.28
N CYS C 192 39.89 -10.10 -10.49
CA CYS C 192 39.23 -9.97 -11.77
C CYS C 192 39.02 -8.51 -12.12
N PRO C 193 39.33 -8.08 -13.35
CA PRO C 193 38.99 -6.72 -13.75
C PRO C 193 37.49 -6.56 -13.93
N ASP C 194 37.08 -5.31 -13.98
CA ASP C 194 35.66 -4.98 -13.87
C ASP C 194 34.88 -5.44 -15.10
N TYR C 195 35.52 -5.49 -16.25
CA TYR C 195 34.78 -5.79 -17.47
C TYR C 195 34.46 -7.27 -17.61
N ARG C 196 35.22 -8.15 -16.97
CA ARG C 196 34.96 -9.57 -17.04
C ARG C 196 33.86 -10.04 -16.09
N ILE C 197 33.31 -9.13 -15.28
CA ILE C 197 32.30 -9.52 -14.31
C ILE C 197 31.08 -10.03 -15.03
N GLY C 198 30.60 -11.20 -14.60
CA GLY C 198 29.45 -11.82 -15.24
C GLY C 198 29.71 -12.31 -16.63
N LYS C 199 30.97 -12.44 -17.03
CA LYS C 199 31.36 -12.97 -18.32
C LYS C 199 32.20 -14.22 -18.20
N VAL C 200 32.65 -14.56 -17.00
CA VAL C 200 33.40 -15.78 -16.81
C VAL C 200 32.44 -16.95 -16.94
N THR C 201 32.76 -17.87 -17.80
CA THR C 201 31.93 -19.02 -18.10
C THR C 201 32.40 -20.22 -17.31
N PRO C 202 31.55 -21.23 -17.17
CA PRO C 202 32.06 -22.51 -16.67
C PRO C 202 32.98 -23.17 -17.66
N VAL C 203 32.81 -22.86 -18.95
CA VAL C 203 33.63 -23.45 -19.99
C VAL C 203 35.10 -23.12 -19.75
N GLU C 204 35.37 -21.84 -19.48
CA GLU C 204 36.74 -21.42 -19.22
C GLU C 204 37.30 -22.13 -18.00
N LEU C 205 36.45 -22.39 -17.01
CA LEU C 205 36.91 -23.01 -15.78
C LEU C 205 37.38 -24.43 -16.02
N HIS C 206 36.47 -25.28 -16.50
CA HIS C 206 36.80 -26.68 -16.76
C HIS C 206 38.03 -26.78 -17.65
N ASP C 207 38.12 -25.90 -18.63
CA ASP C 207 39.35 -25.80 -19.41
C ASP C 207 40.52 -25.47 -18.51
N TYR C 208 40.38 -24.45 -17.67
CA TYR C 208 41.46 -24.07 -16.77
C TYR C 208 41.76 -25.19 -15.79
N VAL C 209 40.73 -25.90 -15.36
CA VAL C 209 40.92 -27.07 -14.52
C VAL C 209 41.77 -28.10 -15.25
N GLN C 210 41.27 -28.57 -16.39
CA GLN C 210 41.94 -29.63 -17.11
C GLN C 210 43.30 -29.19 -17.61
N ASN C 211 43.49 -27.90 -17.83
CA ASN C 211 44.74 -27.40 -18.37
C ASN C 211 45.83 -27.25 -17.32
N HIS C 212 45.47 -27.15 -16.05
CA HIS C 212 46.46 -26.95 -15.00
C HIS C 212 46.28 -27.85 -13.78
N PHE C 213 45.06 -28.29 -13.45
CA PHE C 213 44.89 -29.18 -12.31
C PHE C 213 45.28 -30.59 -12.74
N THR C 214 46.59 -30.80 -12.78
CA THR C 214 47.20 -32.06 -13.14
C THR C 214 48.05 -32.57 -11.99
N SER C 215 48.22 -33.89 -11.95
CA SER C 215 48.99 -34.51 -10.87
C SER C 215 50.46 -34.08 -10.90
N ALA C 216 50.94 -33.64 -12.06
CA ALA C 216 52.33 -33.21 -12.16
C ALA C 216 52.59 -31.90 -11.44
N ARG C 217 51.56 -31.08 -11.26
CA ARG C 217 51.72 -29.73 -10.73
C ARG C 217 51.32 -29.60 -9.27
N MET C 218 50.85 -30.67 -8.65
CA MET C 218 50.26 -30.62 -7.33
C MET C 218 51.26 -31.06 -6.26
N ALA C 219 50.89 -30.78 -5.01
CA ALA C 219 51.70 -31.17 -3.86
C ALA C 219 50.80 -31.27 -2.65
N LEU C 220 50.44 -32.49 -2.28
CA LEU C 220 49.56 -32.73 -1.15
C LEU C 220 50.37 -32.80 0.13
N ILE C 221 49.89 -32.14 1.17
CA ILE C 221 50.62 -32.00 2.41
C ILE C 221 49.66 -32.17 3.57
N GLY C 222 50.11 -32.83 4.63
CA GLY C 222 49.29 -33.08 5.80
C GLY C 222 50.10 -33.14 7.08
N LEU C 223 49.62 -32.45 8.11
CA LEU C 223 50.28 -32.39 9.40
C LEU C 223 49.40 -33.03 10.46
N GLY C 224 50.03 -33.63 11.44
CA GLY C 224 49.30 -34.47 12.38
C GLY C 224 48.67 -35.68 11.73
N VAL C 225 49.19 -36.10 10.58
CA VAL C 225 48.62 -37.18 9.79
C VAL C 225 49.73 -38.10 9.32
N SER C 226 49.39 -39.38 9.15
CA SER C 226 50.35 -40.37 8.72
C SER C 226 50.51 -40.32 7.21
N HIS C 227 51.72 -40.70 6.77
CA HIS C 227 52.12 -40.66 5.38
C HIS C 227 51.29 -41.58 4.48
N PRO C 228 51.18 -42.88 4.78
CA PRO C 228 50.52 -43.77 3.81
C PRO C 228 49.05 -43.48 3.64
N VAL C 229 48.44 -42.74 4.57
CA VAL C 229 47.06 -42.30 4.37
C VAL C 229 46.97 -41.43 3.12
N LEU C 230 47.78 -40.37 3.08
CA LEU C 230 47.79 -39.50 1.91
C LEU C 230 48.20 -40.27 0.67
N LYS C 231 49.06 -41.27 0.81
CA LYS C 231 49.34 -42.16 -0.31
C LYS C 231 48.08 -42.91 -0.72
N GLN C 232 47.31 -43.38 0.26
CA GLN C 232 46.07 -44.10 -0.05
C GLN C 232 45.09 -43.17 -0.76
N VAL C 233 44.99 -41.94 -0.29
CA VAL C 233 44.05 -41.00 -0.88
C VAL C 233 44.49 -40.61 -2.29
N ALA C 234 45.77 -40.27 -2.43
CA ALA C 234 46.25 -39.74 -3.70
C ALA C 234 46.22 -40.81 -4.78
N GLU C 235 46.73 -42.00 -4.49
CA GLU C 235 46.69 -43.09 -5.45
C GLU C 235 45.27 -43.42 -5.85
N GLN C 236 44.34 -43.30 -4.90
CA GLN C 236 42.95 -43.68 -5.16
C GLN C 236 42.23 -42.62 -5.98
N PHE C 237 42.45 -41.35 -5.66
CA PHE C 237 41.66 -40.26 -6.22
C PHE C 237 42.47 -39.34 -7.13
N LEU C 238 43.57 -38.78 -6.62
CA LEU C 238 44.31 -37.78 -7.35
C LEU C 238 45.15 -38.35 -8.47
N ASN C 239 45.17 -39.67 -8.66
CA ASN C 239 45.96 -40.24 -9.73
C ASN C 239 45.30 -39.93 -11.07
N ILE C 240 45.58 -38.72 -11.58
CA ILE C 240 44.99 -38.22 -12.81
C ILE C 240 46.11 -37.89 -13.78
N ARG C 241 45.75 -37.31 -14.92
CA ARG C 241 46.72 -36.79 -15.87
C ARG C 241 47.68 -35.82 -15.19
N LEU C 246 47.76 -26.78 -20.56
CA LEU C 246 48.36 -25.54 -21.04
C LEU C 246 49.65 -25.27 -20.29
N SER C 247 50.69 -24.92 -21.03
CA SER C 247 51.96 -24.57 -20.43
C SER C 247 51.93 -23.14 -19.93
N GLY C 248 52.80 -22.84 -18.98
CA GLY C 248 52.92 -21.49 -18.47
C GLY C 248 53.66 -20.59 -19.44
N ALA C 249 53.59 -19.30 -19.15
CA ALA C 249 54.21 -18.26 -19.95
C ALA C 249 55.35 -17.60 -19.17
N LYS C 250 56.20 -16.89 -19.90
CA LYS C 250 57.34 -16.23 -19.29
C LYS C 250 56.93 -14.91 -18.65
N ALA C 251 57.68 -14.52 -17.62
CA ALA C 251 57.52 -13.23 -16.98
C ALA C 251 58.54 -12.27 -17.58
N LYS C 252 58.30 -11.94 -18.85
CA LYS C 252 59.19 -11.03 -19.57
C LYS C 252 59.14 -9.65 -18.94
N TYR C 253 60.30 -9.16 -18.52
CA TYR C 253 60.39 -7.83 -17.93
C TYR C 253 60.40 -6.76 -19.01
N HIS C 254 59.71 -5.67 -18.74
CA HIS C 254 59.67 -4.51 -19.61
C HIS C 254 59.98 -3.21 -18.90
N GLY C 255 59.55 -3.08 -17.65
CA GLY C 255 59.62 -1.80 -16.97
C GLY C 255 58.47 -0.90 -17.39
N GLY C 256 58.44 0.28 -16.79
CA GLY C 256 57.44 1.28 -17.09
C GLY C 256 56.91 1.89 -15.82
N GLU C 257 55.78 2.56 -15.94
CA GLU C 257 55.28 3.40 -14.87
C GLU C 257 53.77 3.53 -14.96
N ILE C 258 53.14 3.58 -13.80
CA ILE C 258 51.72 3.84 -13.65
C ILE C 258 51.55 4.96 -12.65
N ARG C 259 50.52 5.76 -12.84
CA ARG C 259 50.28 6.94 -12.01
C ARG C 259 48.77 7.09 -11.87
N GLU C 260 48.24 6.60 -10.75
CA GLU C 260 46.80 6.54 -10.50
C GLU C 260 46.43 7.71 -9.60
N GLN C 261 46.28 8.87 -10.22
CA GLN C 261 45.84 10.08 -9.53
C GLN C 261 44.50 9.86 -8.85
N ASN C 262 44.45 10.04 -7.54
CA ASN C 262 43.24 9.90 -6.76
C ASN C 262 43.20 10.98 -5.69
N GLY C 263 42.03 11.10 -5.06
CA GLY C 263 41.86 12.00 -3.94
C GLY C 263 42.22 11.32 -2.64
N ASP C 264 43.44 11.58 -2.17
CA ASP C 264 43.90 11.06 -0.89
C ASP C 264 45.15 11.84 -0.50
N SER C 265 45.21 12.25 0.77
CA SER C 265 46.32 13.09 1.21
C SER C 265 47.65 12.35 1.13
N LEU C 266 47.62 11.05 1.38
CA LEU C 266 48.84 10.26 1.37
C LEU C 266 49.14 9.74 -0.02
N VAL C 267 50.41 9.76 -0.37
CA VAL C 267 50.90 9.15 -1.61
C VAL C 267 51.44 7.78 -1.28
N HIS C 268 50.89 6.77 -1.93
CA HIS C 268 51.45 5.44 -1.92
C HIS C 268 52.22 5.24 -3.21
N ALA C 269 53.46 4.78 -3.10
CA ALA C 269 54.33 4.68 -4.26
C ALA C 269 55.35 3.59 -4.04
N ALA C 270 55.86 3.08 -5.15
CA ALA C 270 56.87 2.04 -5.14
C ALA C 270 57.81 2.25 -6.31
N LEU C 271 59.03 1.75 -6.15
CA LEU C 271 60.04 1.81 -7.18
C LEU C 271 60.90 0.58 -7.06
N VAL C 272 61.01 -0.19 -8.13
CA VAL C 272 61.60 -1.51 -8.11
C VAL C 272 62.42 -1.72 -9.38
N ALA C 273 63.16 -2.81 -9.38
CA ALA C 273 63.89 -3.27 -10.55
C ALA C 273 63.84 -4.78 -10.58
N GLU C 274 64.30 -5.34 -11.69
CA GLU C 274 64.24 -6.77 -11.86
C GLU C 274 65.18 -7.45 -10.87
N SER C 275 64.85 -8.68 -10.51
CA SER C 275 65.46 -9.40 -9.41
C SER C 275 65.97 -10.75 -9.89
N ALA C 276 66.32 -11.59 -8.92
CA ALA C 276 66.62 -13.00 -9.14
C ALA C 276 65.45 -13.85 -8.66
N ALA C 277 65.25 -14.97 -9.33
CA ALA C 277 64.21 -15.90 -8.93
C ALA C 277 64.54 -16.52 -7.59
N ILE C 278 63.52 -17.13 -6.97
CA ILE C 278 63.73 -17.77 -5.69
C ILE C 278 64.66 -18.97 -5.85
N GLY C 279 65.38 -19.27 -4.78
CA GLY C 279 66.30 -20.38 -4.73
C GLY C 279 67.73 -20.01 -5.07
N SER C 280 67.92 -18.96 -5.88
CA SER C 280 69.26 -18.47 -6.14
C SER C 280 69.87 -17.88 -4.89
N ALA C 281 71.15 -18.17 -4.69
CA ALA C 281 71.92 -17.47 -3.66
C ALA C 281 71.92 -15.98 -3.92
N GLU C 282 71.88 -15.59 -5.19
CA GLU C 282 71.67 -14.19 -5.57
C GLU C 282 70.44 -13.62 -4.89
N ALA C 283 69.35 -14.39 -4.87
CA ALA C 283 68.12 -13.90 -4.28
C ALA C 283 68.25 -13.71 -2.77
N ASN C 284 69.04 -14.58 -2.13
CA ASN C 284 69.27 -14.41 -0.69
C ASN C 284 69.96 -13.09 -0.41
N ALA C 285 70.82 -12.63 -1.32
CA ALA C 285 71.48 -11.36 -1.12
C ALA C 285 70.47 -10.22 -1.03
N PHE C 286 69.49 -10.22 -1.93
CA PHE C 286 68.41 -9.26 -1.83
C PHE C 286 67.68 -9.40 -0.49
N SER C 287 67.41 -10.63 -0.09
CA SER C 287 66.71 -10.87 1.16
C SER C 287 67.49 -10.30 2.34
N VAL C 288 68.82 -10.36 2.26
CA VAL C 288 69.63 -9.67 3.25
C VAL C 288 69.51 -8.17 3.06
N LEU C 289 69.70 -7.72 1.83
CA LEU C 289 69.63 -6.30 1.52
C LEU C 289 68.29 -5.71 1.90
N GLN C 290 67.24 -6.53 1.82
CA GLN C 290 65.92 -6.11 2.26
C GLN C 290 65.94 -5.66 3.70
N HIS C 291 66.58 -6.45 4.57
CA HIS C 291 66.56 -6.14 5.99
C HIS C 291 67.57 -5.07 6.36
N VAL C 292 68.65 -4.94 5.59
CA VAL C 292 69.61 -3.86 5.84
C VAL C 292 68.91 -2.51 5.73
N LEU C 293 68.05 -2.39 4.74
CA LEU C 293 67.33 -1.14 4.53
C LEU C 293 66.20 -0.97 5.55
N GLY C 294 65.67 -2.08 6.05
CA GLY C 294 64.57 -2.05 7.00
C GLY C 294 63.25 -2.33 6.32
N ALA C 295 62.75 -3.54 6.50
CA ALA C 295 61.51 -4.01 5.85
C ALA C 295 60.34 -3.99 6.82
N GLY C 296 60.31 -2.98 7.67
CA GLY C 296 59.23 -2.77 8.59
C GLY C 296 59.69 -2.90 10.02
N PRO C 297 58.93 -2.33 10.95
CA PRO C 297 59.40 -2.26 12.33
C PRO C 297 59.36 -3.60 13.02
N HIS C 298 60.36 -3.82 13.86
CA HIS C 298 60.38 -4.93 14.79
C HIS C 298 59.83 -4.54 16.15
N VAL C 299 59.97 -3.28 16.51
CA VAL C 299 59.41 -2.72 17.73
C VAL C 299 58.09 -2.05 17.42
N LYS C 300 57.16 -2.14 18.35
CA LYS C 300 55.92 -1.40 18.23
C LYS C 300 56.20 0.09 18.44
N ARG C 301 55.82 0.89 17.45
CA ARG C 301 56.02 2.34 17.45
C ARG C 301 57.49 2.75 17.51
N GLY C 302 58.39 1.83 17.22
CA GLY C 302 59.79 2.18 17.22
C GLY C 302 60.13 3.15 16.11
N SER C 303 61.22 3.87 16.31
CA SER C 303 61.71 4.82 15.31
C SER C 303 62.52 4.16 14.21
N ASN C 304 62.53 2.84 14.13
CA ASN C 304 63.27 2.08 13.11
C ASN C 304 64.73 2.55 13.06
N ALA C 305 65.37 2.43 14.22
CA ALA C 305 66.69 3.01 14.41
C ALA C 305 67.71 2.46 13.41
N THR C 306 67.57 1.20 13.05
CA THR C 306 68.53 0.55 12.16
C THR C 306 68.14 0.65 10.69
N SER C 307 66.89 0.96 10.39
CA SER C 307 66.46 1.09 9.00
C SER C 307 67.17 2.27 8.37
N SER C 308 68.12 1.98 7.48
CA SER C 308 68.89 3.04 6.84
C SER C 308 67.99 3.96 6.05
N LEU C 309 66.92 3.43 5.47
CA LEU C 309 66.00 4.27 4.69
C LEU C 309 65.27 5.24 5.60
N TYR C 310 64.56 4.71 6.59
CA TYR C 310 63.73 5.54 7.46
C TYR C 310 64.56 6.60 8.16
N GLN C 311 65.80 6.28 8.50
CA GLN C 311 66.70 7.27 9.07
C GLN C 311 67.15 8.26 7.99
N ALA C 312 67.52 7.77 6.82
CA ALA C 312 67.99 8.64 5.76
C ALA C 312 66.90 9.62 5.36
N VAL C 313 65.66 9.16 5.30
CA VAL C 313 64.54 10.06 5.04
C VAL C 313 64.37 11.02 6.20
N ALA C 314 64.55 10.54 7.42
CA ALA C 314 64.34 11.37 8.60
C ALA C 314 65.30 12.53 8.64
N LYS C 315 66.51 12.36 8.11
CA LYS C 315 67.48 13.43 8.12
C LYS C 315 67.02 14.60 7.25
N GLY C 316 66.29 14.30 6.18
CA GLY C 316 65.81 15.31 5.28
C GLY C 316 64.41 15.79 5.64
N VAL C 317 63.52 14.86 5.92
CA VAL C 317 62.11 15.14 6.11
C VAL C 317 61.81 15.15 7.59
N HIS C 318 60.86 16.00 7.98
CA HIS C 318 60.42 16.15 9.37
C HIS C 318 58.91 16.24 9.42
N GLN C 319 58.26 15.31 8.72
CA GLN C 319 56.84 15.31 8.48
C GLN C 319 56.46 13.85 8.34
N PRO C 320 55.28 13.41 8.86
CA PRO C 320 55.01 11.97 8.97
C PRO C 320 55.16 11.17 7.69
N PHE C 321 55.95 10.10 7.74
CA PHE C 321 56.24 9.30 6.57
C PHE C 321 56.45 7.86 6.97
N ASP C 322 56.63 7.00 5.97
CA ASP C 322 56.97 5.62 6.17
C ASP C 322 57.65 5.10 4.91
N VAL C 323 58.44 4.04 5.07
CA VAL C 323 59.16 3.45 3.96
C VAL C 323 59.67 2.09 4.41
N SER C 324 59.85 1.19 3.45
CA SER C 324 60.33 -0.14 3.77
C SER C 324 60.80 -0.83 2.50
N ALA C 325 61.58 -1.88 2.70
CA ALA C 325 62.12 -2.66 1.59
C ALA C 325 61.06 -3.60 1.05
N PHE C 326 60.93 -3.61 -0.27
CA PHE C 326 60.05 -4.54 -0.97
C PHE C 326 60.90 -5.60 -1.66
N ASN C 327 60.54 -6.87 -1.45
CA ASN C 327 61.28 -7.98 -2.03
C ASN C 327 60.27 -9.06 -2.40
N ALA C 328 59.95 -9.13 -3.68
CA ALA C 328 59.11 -10.17 -4.23
C ALA C 328 59.95 -11.10 -5.07
N SER C 329 59.71 -12.39 -4.92
CA SER C 329 60.47 -13.41 -5.64
C SER C 329 59.51 -14.40 -6.25
N TYR C 330 59.90 -14.96 -7.38
CA TYR C 330 59.07 -15.91 -8.10
C TYR C 330 59.98 -16.94 -8.75
N SER C 331 59.37 -18.01 -9.23
CA SER C 331 60.12 -19.10 -9.83
C SER C 331 60.87 -18.66 -11.07
N ASP C 332 60.26 -17.83 -11.90
CA ASP C 332 60.88 -17.32 -13.12
C ASP C 332 61.69 -16.07 -12.89
N SER C 333 61.20 -15.18 -12.02
CA SER C 333 61.84 -13.90 -11.80
C SER C 333 61.50 -13.43 -10.39
N GLY C 334 61.66 -12.16 -10.16
CA GLY C 334 61.21 -11.56 -8.93
C GLY C 334 61.22 -10.07 -9.10
N LEU C 335 61.05 -9.38 -7.98
CA LEU C 335 61.18 -7.93 -7.95
C LEU C 335 61.80 -7.51 -6.63
N PHE C 336 62.51 -6.38 -6.67
CA PHE C 336 63.08 -5.80 -5.47
C PHE C 336 63.08 -4.28 -5.59
N GLY C 337 62.91 -3.63 -4.46
CA GLY C 337 62.99 -2.20 -4.37
C GLY C 337 62.51 -1.74 -3.02
N PHE C 338 61.70 -0.68 -2.99
CA PHE C 338 61.14 -0.22 -1.73
C PHE C 338 59.76 0.37 -1.97
N TYR C 339 58.95 0.33 -0.92
CA TYR C 339 57.61 0.86 -0.92
C TYR C 339 57.57 2.14 -0.11
N THR C 340 56.77 3.07 -0.57
CA THR C 340 56.79 4.43 -0.08
C THR C 340 55.42 4.82 0.44
N ILE C 341 55.41 5.62 1.50
CA ILE C 341 54.22 6.34 1.94
C ILE C 341 54.66 7.72 2.36
N SER C 342 54.02 8.74 1.79
CA SER C 342 54.34 10.11 2.10
C SER C 342 53.12 10.98 1.89
N GLN C 343 53.30 12.27 2.15
CA GLN C 343 52.28 13.26 1.88
C GLN C 343 52.38 13.70 0.42
N ALA C 344 51.37 14.46 -0.01
CA ALA C 344 51.30 14.85 -1.41
C ALA C 344 52.42 15.79 -1.79
N ALA C 345 52.89 16.62 -0.85
CA ALA C 345 53.85 17.67 -1.13
C ALA C 345 55.23 17.36 -0.58
N SER C 346 55.51 16.10 -0.27
CA SER C 346 56.80 15.70 0.27
C SER C 346 57.36 14.42 -0.32
N ALA C 347 56.57 13.67 -1.10
CA ALA C 347 57.04 12.38 -1.59
C ALA C 347 58.23 12.52 -2.51
N GLY C 348 58.30 13.61 -3.26
CA GLY C 348 59.43 13.83 -4.15
C GLY C 348 60.75 13.91 -3.43
N ASP C 349 60.75 14.23 -2.14
CA ASP C 349 61.95 14.20 -1.33
C ASP C 349 62.20 12.84 -0.74
N VAL C 350 61.13 12.14 -0.35
CA VAL C 350 61.27 10.85 0.30
C VAL C 350 61.89 9.84 -0.64
N ILE C 351 61.39 9.79 -1.86
CA ILE C 351 61.80 8.75 -2.79
C ILE C 351 63.26 8.96 -3.18
N LYS C 352 63.66 10.21 -3.38
CA LYS C 352 65.05 10.48 -3.73
C LYS C 352 65.98 10.08 -2.60
N ALA C 353 65.59 10.36 -1.36
CA ALA C 353 66.42 9.99 -0.22
C ALA C 353 66.59 8.49 -0.14
N ALA C 354 65.49 7.74 -0.29
CA ALA C 354 65.58 6.29 -0.31
C ALA C 354 66.41 5.82 -1.49
N TYR C 355 66.25 6.48 -2.64
CA TYR C 355 67.01 6.09 -3.82
C TYR C 355 68.50 6.32 -3.60
N ASN C 356 68.85 7.38 -2.87
CA ASN C 356 70.25 7.67 -2.63
C ASN C 356 70.86 6.75 -1.59
N GLN C 357 70.08 6.37 -0.57
CA GLN C 357 70.60 5.48 0.46
C GLN C 357 70.97 4.13 -0.15
N VAL C 358 70.10 3.61 -1.01
CA VAL C 358 70.44 2.40 -1.75
C VAL C 358 71.62 2.67 -2.66
N LYS C 359 71.70 3.88 -3.21
CA LYS C 359 72.75 4.21 -4.15
C LYS C 359 74.12 4.17 -3.49
N THR C 360 74.24 4.79 -2.31
CA THR C 360 75.52 4.79 -1.59
C THR C 360 75.95 3.37 -1.27
N ILE C 361 75.01 2.53 -0.88
CA ILE C 361 75.34 1.16 -0.52
C ILE C 361 75.85 0.41 -1.74
N ALA C 362 75.31 0.74 -2.91
CA ALA C 362 75.78 0.11 -4.14
C ALA C 362 77.20 0.55 -4.46
N GLN C 363 77.56 1.78 -4.08
CA GLN C 363 78.91 2.26 -4.35
C GLN C 363 79.95 1.51 -3.54
N GLY C 364 79.58 1.04 -2.35
CA GLY C 364 80.50 0.32 -1.48
C GLY C 364 80.30 0.64 -0.01
N ASN C 365 79.47 1.63 0.30
CA ASN C 365 79.26 2.06 1.68
C ASN C 365 78.41 1.00 2.39
N LEU C 366 79.11 0.02 2.96
CA LEU C 366 78.43 -1.03 3.71
C LEU C 366 79.45 -1.77 4.56
N SER C 367 79.12 -1.98 5.82
CA SER C 367 80.00 -2.63 6.78
C SER C 367 79.44 -4.00 7.17
N ASN C 368 80.36 -4.89 7.57
CA ASN C 368 79.98 -6.24 7.98
C ASN C 368 78.94 -6.27 9.09
N PRO C 369 79.10 -5.58 10.22
CA PRO C 369 78.12 -5.76 11.30
C PRO C 369 76.72 -5.29 10.92
N ASP C 370 76.61 -4.24 10.11
CA ASP C 370 75.33 -3.89 9.52
C ASP C 370 74.76 -5.07 8.75
N VAL C 371 75.60 -5.70 7.94
CA VAL C 371 75.16 -6.88 7.19
C VAL C 371 74.87 -8.03 8.14
N GLN C 372 75.72 -8.21 9.14
CA GLN C 372 75.51 -9.28 10.11
C GLN C 372 74.19 -9.09 10.84
N ALA C 373 73.82 -7.84 11.11
CA ALA C 373 72.55 -7.57 11.75
C ALA C 373 71.39 -8.02 10.88
N ALA C 374 71.43 -7.67 9.60
CA ALA C 374 70.36 -8.06 8.68
C ALA C 374 70.25 -9.58 8.58
N LYS C 375 71.39 -10.27 8.71
CA LYS C 375 71.35 -11.72 8.72
C LYS C 375 70.56 -12.22 9.92
N ASN C 376 70.87 -11.71 11.11
CA ASN C 376 70.14 -12.09 12.31
C ASN C 376 68.65 -11.81 12.15
N LYS C 377 68.32 -10.72 11.46
CA LYS C 377 66.93 -10.44 11.17
C LYS C 377 66.34 -11.50 10.25
N LEU C 378 67.06 -11.81 9.17
CA LEU C 378 66.55 -12.75 8.18
C LEU C 378 66.39 -14.13 8.77
N LYS C 379 67.39 -14.56 9.56
CA LYS C 379 67.28 -15.84 10.26
C LYS C 379 66.04 -15.86 11.16
N ALA C 380 65.67 -14.69 11.69
CA ALA C 380 64.50 -14.63 12.55
C ALA C 380 63.22 -14.59 11.74
N GLY C 381 63.22 -13.81 10.65
CA GLY C 381 62.02 -13.69 9.85
C GLY C 381 61.56 -15.02 9.28
N TYR C 382 62.52 -15.86 8.90
CA TYR C 382 62.19 -17.16 8.36
C TYR C 382 61.61 -18.06 9.44
N LEU C 383 62.35 -18.24 10.53
CA LEU C 383 61.95 -19.17 11.57
C LEU C 383 60.64 -18.76 12.21
N MET C 384 60.43 -17.46 12.39
CA MET C 384 59.19 -16.99 12.98
C MET C 384 58.02 -17.20 12.05
N SER C 385 58.28 -17.23 10.74
CA SER C 385 57.20 -17.47 9.77
C SER C 385 56.71 -18.90 9.85
N VAL C 386 57.65 -19.84 9.92
CA VAL C 386 57.33 -21.26 9.92
C VAL C 386 57.04 -21.76 11.33
N GLU C 387 56.94 -20.85 12.29
CA GLU C 387 56.65 -21.24 13.66
C GLU C 387 55.29 -21.92 13.75
N SER C 388 54.26 -21.29 13.20
CA SER C 388 52.93 -21.88 13.25
C SER C 388 52.85 -23.08 12.32
N SER C 389 51.79 -23.86 12.51
CA SER C 389 51.51 -24.93 11.56
C SER C 389 51.18 -24.37 10.20
N GLU C 390 50.48 -23.24 10.17
CA GLU C 390 50.03 -22.67 8.91
C GLU C 390 51.20 -22.11 8.12
N GLY C 391 51.93 -21.16 8.72
CA GLY C 391 53.06 -20.57 8.04
C GLY C 391 54.11 -21.59 7.69
N PHE C 392 54.26 -22.61 8.52
CA PHE C 392 55.08 -23.75 8.15
C PHE C 392 54.53 -24.39 6.89
N LEU C 393 53.21 -24.60 6.85
CA LEU C 393 52.61 -25.35 5.76
C LEU C 393 52.82 -24.66 4.43
N ASP C 394 52.89 -23.34 4.42
CA ASP C 394 53.16 -22.63 3.18
C ASP C 394 54.60 -22.82 2.74
N GLU C 395 55.53 -22.92 3.69
CA GLU C 395 56.93 -23.08 3.35
C GLU C 395 57.23 -24.49 2.86
N VAL C 396 56.49 -25.47 3.34
CA VAL C 396 56.75 -26.85 2.96
C VAL C 396 56.47 -27.04 1.48
N GLY C 397 55.23 -26.77 1.06
CA GLY C 397 54.81 -27.13 -0.27
C GLY C 397 55.29 -26.16 -1.34
N SER C 398 55.51 -24.91 -0.96
CA SER C 398 56.15 -23.98 -1.88
C SER C 398 57.48 -24.54 -2.36
N GLN C 399 58.31 -24.99 -1.43
CA GLN C 399 59.53 -25.70 -1.80
C GLN C 399 59.22 -26.95 -2.61
N ALA C 400 58.18 -27.68 -2.20
CA ALA C 400 57.88 -28.96 -2.83
C ALA C 400 57.50 -28.76 -4.29
N LEU C 401 56.79 -27.68 -4.59
CA LEU C 401 56.48 -27.38 -5.97
C LEU C 401 57.69 -26.78 -6.68
N ALA C 402 58.48 -25.98 -5.98
CA ALA C 402 59.65 -25.33 -6.55
C ALA C 402 60.93 -26.14 -6.37
N ALA C 403 60.86 -27.27 -5.67
CA ALA C 403 62.03 -28.11 -5.47
C ALA C 403 61.59 -29.55 -5.35
N GLY C 404 62.50 -30.45 -5.63
CA GLY C 404 62.24 -31.86 -5.49
C GLY C 404 62.34 -32.38 -4.08
N SER C 405 62.55 -31.52 -3.09
CA SER C 405 62.66 -31.97 -1.72
C SER C 405 62.58 -30.78 -0.78
N TYR C 406 62.17 -31.05 0.44
CA TYR C 406 62.07 -30.02 1.47
C TYR C 406 63.46 -29.58 1.89
N THR C 407 63.63 -28.28 2.05
CA THR C 407 64.84 -27.72 2.61
C THR C 407 64.65 -27.57 4.12
N PRO C 408 65.45 -28.25 4.96
CA PRO C 408 65.34 -28.01 6.39
C PRO C 408 65.73 -26.59 6.73
N PRO C 409 65.17 -26.01 7.79
CA PRO C 409 65.47 -24.61 8.10
C PRO C 409 66.90 -24.39 8.50
N SER C 410 67.54 -25.39 9.12
CA SER C 410 68.94 -25.23 9.51
C SER C 410 69.82 -24.99 8.31
N THR C 411 69.54 -25.68 7.20
CA THR C 411 70.29 -25.46 5.99
C THR C 411 70.03 -24.09 5.41
N VAL C 412 68.81 -23.59 5.58
CA VAL C 412 68.49 -22.24 5.12
C VAL C 412 69.36 -21.23 5.85
N LEU C 413 69.54 -21.44 7.16
CA LEU C 413 70.39 -20.55 7.93
C LEU C 413 71.82 -20.58 7.44
N GLN C 414 72.28 -21.75 6.99
CA GLN C 414 73.62 -21.84 6.41
C GLN C 414 73.71 -21.02 5.14
N GLN C 415 72.66 -21.06 4.32
CA GLN C 415 72.65 -20.27 3.10
C GLN C 415 72.69 -18.79 3.40
N ILE C 416 72.09 -18.36 4.51
CA ILE C 416 72.17 -16.97 4.91
C ILE C 416 73.60 -16.59 5.20
N ASP C 417 74.28 -17.41 6.01
CA ASP C 417 75.66 -17.12 6.37
C ASP C 417 76.57 -17.16 5.15
N ALA C 418 76.18 -17.91 4.12
CA ALA C 418 76.99 -17.99 2.91
C ALA C 418 76.98 -16.68 2.13
N VAL C 419 76.05 -15.78 2.42
CA VAL C 419 75.95 -14.54 1.66
C VAL C 419 77.13 -13.64 1.98
N ALA C 420 77.76 -13.10 0.94
CA ALA C 420 78.88 -12.18 1.10
C ALA C 420 78.39 -10.74 1.02
N ASP C 421 79.12 -9.85 1.69
CA ASP C 421 78.75 -8.44 1.68
C ASP C 421 78.85 -7.85 0.28
N ALA C 422 79.82 -8.32 -0.51
CA ALA C 422 79.98 -7.76 -1.86
C ALA C 422 78.80 -8.12 -2.74
N ASP C 423 78.28 -9.33 -2.60
CA ASP C 423 77.07 -9.71 -3.33
C ASP C 423 75.92 -8.78 -2.98
N VAL C 424 75.81 -8.43 -1.70
CA VAL C 424 74.80 -7.48 -1.28
C VAL C 424 75.04 -6.13 -1.92
N ILE C 425 76.30 -5.78 -2.17
CA ILE C 425 76.60 -4.52 -2.84
C ILE C 425 76.26 -4.65 -4.32
N ASN C 426 76.72 -5.72 -4.96
CA ASN C 426 76.39 -5.96 -6.35
C ASN C 426 74.89 -6.09 -6.54
N ALA C 427 74.20 -6.61 -5.53
CA ALA C 427 72.75 -6.60 -5.54
C ALA C 427 72.21 -5.18 -5.67
N ALA C 428 72.72 -4.26 -4.86
CA ALA C 428 72.24 -2.89 -4.91
C ALA C 428 72.61 -2.24 -6.23
N LYS C 429 73.75 -2.60 -6.80
CA LYS C 429 74.14 -2.08 -8.11
C LYS C 429 73.09 -2.42 -9.16
N LYS C 430 72.52 -3.63 -9.09
CA LYS C 430 71.51 -4.02 -10.06
C LYS C 430 70.29 -3.13 -9.96
N PHE C 431 69.89 -2.82 -8.73
CA PHE C 431 68.75 -1.93 -8.53
C PHE C 431 68.98 -0.58 -9.17
N VAL C 432 70.14 0.01 -8.95
CA VAL C 432 70.44 1.32 -9.50
C VAL C 432 70.66 1.24 -11.00
N SER C 433 71.40 0.25 -11.47
CA SER C 433 71.78 0.17 -12.86
C SER C 433 70.68 -0.42 -13.73
N GLY C 434 69.95 -1.41 -13.22
CA GLY C 434 68.91 -2.04 -14.01
C GLY C 434 67.77 -1.10 -14.32
N ARG C 435 67.04 -1.43 -15.37
CA ARG C 435 65.85 -0.68 -15.72
C ARG C 435 64.84 -0.77 -14.58
N LYS C 436 64.04 0.29 -14.45
CA LYS C 436 63.15 0.47 -13.31
C LYS C 436 61.72 0.15 -13.67
N SER C 437 60.92 -0.04 -12.63
CA SER C 437 59.48 -0.05 -12.73
C SER C 437 58.91 0.71 -11.56
N MET C 438 57.85 1.47 -11.81
CA MET C 438 57.33 2.43 -10.86
C MET C 438 55.82 2.34 -10.86
N ALA C 439 55.23 2.81 -9.76
CA ALA C 439 53.78 2.82 -9.62
C ALA C 439 53.44 3.68 -8.42
N ALA C 440 52.31 4.38 -8.52
CA ALA C 440 51.89 5.25 -7.44
C ALA C 440 50.38 5.38 -7.40
N SER C 441 49.91 6.08 -6.38
CA SER C 441 48.50 6.38 -6.23
C SER C 441 48.34 7.42 -5.12
N GLY C 442 47.56 8.45 -5.40
CA GLY C 442 47.31 9.50 -4.46
C GLY C 442 47.18 10.82 -5.20
N ASN C 443 47.56 11.89 -4.50
CA ASN C 443 47.66 13.21 -5.10
C ASN C 443 49.10 13.40 -5.56
N LEU C 444 49.33 13.25 -6.86
CA LEU C 444 50.67 13.24 -7.44
C LEU C 444 51.12 14.59 -7.94
N GLY C 445 50.66 15.67 -7.30
CA GLY C 445 51.00 17.00 -7.76
C GLY C 445 52.48 17.29 -7.75
N HIS C 446 53.22 16.63 -6.85
CA HIS C 446 54.65 16.87 -6.66
C HIS C 446 55.48 15.61 -6.84
N THR C 447 54.90 14.59 -7.44
CA THR C 447 55.60 13.30 -7.50
C THR C 447 56.48 13.23 -8.74
N PRO C 448 57.72 12.75 -8.65
CA PRO C 448 58.56 12.67 -9.84
C PRO C 448 58.21 11.45 -10.69
N PHE C 449 59.01 11.25 -11.73
CA PHE C 449 58.98 10.07 -12.58
C PHE C 449 60.21 9.22 -12.32
N ILE C 450 60.33 8.14 -13.10
CA ILE C 450 61.52 7.31 -13.09
C ILE C 450 62.73 8.14 -13.50
N ASP C 451 62.64 8.79 -14.67
CA ASP C 451 63.78 9.45 -15.27
C ASP C 451 64.34 10.56 -14.41
N GLU C 452 63.53 11.22 -13.61
CA GLU C 452 64.00 12.24 -12.68
C GLU C 452 64.74 11.64 -11.50
N LEU C 453 64.70 10.32 -11.32
CA LEU C 453 65.37 9.66 -10.21
C LEU C 453 66.67 9.01 -10.68
N LEU D 10 -0.75 -11.19 5.24
CA LEU D 10 -0.20 -9.90 4.88
C LEU D 10 -1.27 -8.81 4.84
N MET D 11 -2.14 -8.86 5.83
CA MET D 11 -2.85 -7.68 6.30
C MET D 11 -1.94 -6.81 7.14
N LYS D 12 -1.19 -7.47 8.02
CA LYS D 12 -0.54 -6.84 9.15
C LYS D 12 0.60 -5.92 8.75
N ILE D 13 0.85 -5.74 7.45
CA ILE D 13 1.57 -4.56 7.01
C ILE D 13 0.74 -3.32 7.27
N VAL D 14 -0.59 -3.46 7.27
CA VAL D 14 -1.49 -2.38 7.60
C VAL D 14 -1.51 -2.11 9.09
N ASN D 15 -1.24 -3.13 9.91
CA ASN D 15 -1.11 -2.91 11.34
C ASN D 15 0.17 -2.16 11.71
N ASN D 16 1.03 -1.87 10.75
CA ASN D 16 2.15 -0.98 11.03
C ASN D 16 1.67 0.42 11.32
N ALA D 17 0.47 0.77 10.86
CA ALA D 17 -0.15 2.01 11.31
C ALA D 17 -0.59 1.97 12.76
N PHE D 18 -0.52 0.81 13.42
CA PHE D 18 -0.83 0.68 14.83
C PHE D 18 0.36 0.26 15.67
N ILE D 19 1.49 -0.10 15.07
CA ILE D 19 2.60 -0.71 15.81
C ILE D 19 3.88 0.06 15.57
N ASP D 20 4.38 0.03 14.33
CA ASP D 20 5.64 0.65 13.98
C ASP D 20 5.45 2.01 13.36
N LEU D 21 4.35 2.65 13.65
CA LEU D 21 4.05 3.92 13.03
C LEU D 21 4.95 5.01 13.61
N PRO D 22 5.61 5.81 12.79
CA PRO D 22 6.26 6.99 13.33
C PRO D 22 5.24 7.95 13.91
N ALA D 23 5.50 8.39 15.13
CA ALA D 23 4.69 9.41 15.76
C ALA D 23 5.59 10.31 16.59
N PRO D 24 5.21 11.56 16.78
CA PRO D 24 6.02 12.46 17.61
C PRO D 24 6.05 11.99 19.05
N SER D 25 6.77 12.74 19.87
CA SER D 25 7.04 12.35 21.23
C SER D 25 6.35 13.21 22.27
N ASN D 26 5.94 14.42 21.93
CA ASN D 26 5.53 15.40 22.91
C ASN D 26 4.02 15.49 23.09
N ILE D 27 3.24 14.74 22.34
CA ILE D 27 1.83 15.05 22.20
C ILE D 27 1.10 14.67 23.47
N SER D 28 0.31 15.59 23.99
CA SER D 28 -0.35 15.40 25.26
C SER D 28 -1.72 14.78 25.01
N SER D 29 -2.58 14.83 26.02
CA SER D 29 -3.82 14.07 26.00
C SER D 29 -4.74 14.45 24.85
N TRP D 30 -4.58 15.65 24.32
CA TRP D 30 -5.56 16.21 23.41
C TRP D 30 -5.73 15.37 22.16
N TRP D 31 -4.71 14.62 21.78
CA TRP D 31 -4.78 13.80 20.59
C TRP D 31 -5.48 12.47 20.84
N ASN D 32 -5.57 12.04 22.09
CA ASN D 32 -6.25 10.78 22.37
C ASN D 32 -7.68 10.79 21.91
N PHE D 33 -8.31 11.97 21.90
CA PHE D 33 -9.71 12.07 21.56
C PHE D 33 -9.99 11.62 20.14
N GLY D 34 -8.98 11.55 19.30
CA GLY D 34 -9.17 10.94 18.00
C GLY D 34 -9.38 9.44 18.11
N SER D 35 -8.63 8.79 18.98
CA SER D 35 -8.76 7.34 19.10
C SER D 35 -10.04 6.98 19.82
N LEU D 36 -10.43 7.78 20.80
CA LEU D 36 -11.55 7.44 21.65
C LEU D 36 -12.84 7.32 20.86
N LEU D 37 -12.98 8.18 19.85
CA LEU D 37 -14.09 8.04 18.92
C LEU D 37 -14.11 6.64 18.33
N GLY D 38 -12.93 6.11 18.07
CA GLY D 38 -12.81 4.74 17.62
C GLY D 38 -13.31 3.74 18.63
N ILE D 39 -13.36 4.13 19.89
CA ILE D 39 -13.89 3.27 20.94
C ILE D 39 -15.37 3.51 21.13
N CYS D 40 -15.76 4.78 21.27
CA CYS D 40 -17.17 5.12 21.39
C CYS D 40 -17.97 4.57 20.24
N LEU D 41 -17.46 4.74 19.03
CA LEU D 41 -18.14 4.27 17.84
C LEU D 41 -18.32 2.77 17.89
N ILE D 42 -17.24 2.04 18.14
CA ILE D 42 -17.33 0.60 18.21
C ILE D 42 -18.14 0.19 19.42
N LEU D 43 -18.02 0.95 20.50
CA LEU D 43 -18.84 0.69 21.67
C LEU D 43 -20.31 0.89 21.37
N GLN D 44 -20.61 2.00 20.71
CA GLN D 44 -21.99 2.39 20.53
C GLN D 44 -22.70 1.45 19.57
N ILE D 45 -21.96 0.91 18.60
CA ILE D 45 -22.53 0.00 17.63
C ILE D 45 -22.96 -1.29 18.28
N LEU D 46 -22.16 -1.80 19.21
CA LEU D 46 -22.52 -3.03 19.90
C LEU D 46 -23.76 -2.83 20.76
N THR D 47 -23.85 -1.69 21.42
CA THR D 47 -24.98 -1.42 22.29
C THR D 47 -26.25 -1.23 21.49
N GLY D 48 -26.22 -0.29 20.56
CA GLY D 48 -27.38 -0.04 19.72
C GLY D 48 -27.84 -1.26 18.97
N LEU D 49 -26.92 -2.17 18.65
CA LEU D 49 -27.31 -3.41 18.04
C LEU D 49 -28.20 -4.21 18.98
N PHE D 50 -27.72 -4.44 20.19
CA PHE D 50 -28.49 -5.18 21.18
C PHE D 50 -29.78 -4.48 21.54
N LEU D 51 -29.90 -3.19 21.24
CA LEU D 51 -31.19 -2.53 21.35
C LEU D 51 -32.07 -2.86 20.17
N ALA D 52 -31.49 -3.16 19.02
CA ALA D 52 -32.29 -3.51 17.86
C ALA D 52 -33.02 -4.82 18.07
N MET D 53 -32.43 -5.70 18.86
CA MET D 53 -33.04 -7.00 19.12
C MET D 53 -34.39 -6.89 19.78
N HIS D 54 -34.63 -5.79 20.50
CA HIS D 54 -35.85 -5.62 21.27
C HIS D 54 -36.60 -4.34 20.89
N TYR D 55 -36.11 -3.59 19.92
CA TYR D 55 -36.80 -2.40 19.46
C TYR D 55 -37.77 -2.76 18.34
N THR D 56 -38.83 -1.97 18.25
CA THR D 56 -39.82 -2.06 17.19
C THR D 56 -39.98 -0.69 16.57
N SER D 57 -39.99 -0.66 15.25
CA SER D 57 -39.97 0.61 14.54
C SER D 57 -41.36 1.19 14.32
N ASP D 58 -42.39 0.61 14.90
CA ASP D 58 -43.74 1.10 14.71
C ASP D 58 -44.14 2.00 15.88
N THR D 59 -45.07 2.91 15.60
CA THR D 59 -45.42 3.93 16.57
C THR D 59 -46.23 3.37 17.71
N THR D 60 -47.05 2.36 17.46
CA THR D 60 -47.85 1.77 18.49
C THR D 60 -47.06 0.86 19.42
N THR D 61 -45.79 0.61 19.12
CA THR D 61 -45.00 -0.36 19.84
C THR D 61 -43.61 0.11 20.20
N ALA D 62 -43.16 1.26 19.73
CA ALA D 62 -41.78 1.67 19.95
C ALA D 62 -41.53 2.06 21.38
N PHE D 63 -42.34 2.99 21.89
CA PHE D 63 -42.13 3.53 23.23
C PHE D 63 -42.17 2.42 24.27
N SER D 64 -43.07 1.46 24.07
CA SER D 64 -43.12 0.30 24.95
C SER D 64 -41.88 -0.55 24.79
N SER D 65 -41.37 -0.64 23.55
CA SER D 65 -40.22 -1.50 23.26
C SER D 65 -39.03 -1.11 24.11
N VAL D 66 -38.85 0.19 24.31
CA VAL D 66 -37.81 0.65 25.22
C VAL D 66 -38.10 0.17 26.64
N THR D 67 -39.38 0.10 26.99
CA THR D 67 -39.72 -0.37 28.32
C THR D 67 -39.40 -1.84 28.47
N HIS D 68 -39.71 -2.64 27.44
CA HIS D 68 -39.32 -4.05 27.42
C HIS D 68 -37.85 -4.20 27.72
N ILE D 69 -37.04 -3.32 27.15
CA ILE D 69 -35.61 -3.33 27.44
C ILE D 69 -35.36 -2.95 28.88
N CYS D 70 -35.85 -1.78 29.28
CA CYS D 70 -35.46 -1.21 30.55
C CYS D 70 -36.09 -1.91 31.74
N ARG D 71 -37.07 -2.78 31.51
CA ARG D 71 -37.77 -3.45 32.60
C ARG D 71 -37.57 -4.95 32.59
N ASP D 72 -37.92 -5.61 31.51
CA ASP D 72 -38.04 -7.05 31.51
C ASP D 72 -36.76 -7.76 31.11
N VAL D 73 -35.90 -7.08 30.38
CA VAL D 73 -34.69 -7.70 29.85
C VAL D 73 -33.63 -7.77 30.93
N ASN D 74 -32.83 -8.83 30.87
CA ASN D 74 -31.67 -8.96 31.73
C ASN D 74 -30.64 -7.92 31.33
N TYR D 75 -30.53 -6.85 32.12
CA TYR D 75 -29.55 -5.81 31.90
C TYR D 75 -29.72 -5.14 30.55
N GLY D 76 -30.96 -5.12 30.06
CA GLY D 76 -31.28 -4.30 28.92
C GLY D 76 -31.13 -2.82 29.25
N TRP D 77 -31.32 -2.45 30.50
CA TRP D 77 -31.40 -1.04 30.83
C TRP D 77 -30.04 -0.37 30.76
N ILE D 78 -28.99 -1.08 31.19
CA ILE D 78 -27.65 -0.51 31.13
C ILE D 78 -27.28 -0.19 29.70
N ILE D 79 -27.76 -0.99 28.76
CA ILE D 79 -27.34 -0.81 27.39
C ILE D 79 -27.95 0.45 26.81
N ARG D 80 -29.17 0.79 27.23
CA ARG D 80 -29.78 2.01 26.75
C ARG D 80 -28.96 3.21 27.17
N TYR D 81 -28.42 3.19 28.38
CA TYR D 81 -27.76 4.35 28.93
C TYR D 81 -26.28 4.37 28.64
N MET D 82 -25.68 3.21 28.37
CA MET D 82 -24.35 3.21 27.79
C MET D 82 -24.38 3.70 26.35
N HIS D 83 -25.55 3.83 25.76
CA HIS D 83 -25.71 4.11 24.35
C HIS D 83 -26.21 5.52 24.09
N ALA D 84 -27.24 5.95 24.81
CA ALA D 84 -27.65 7.34 24.77
C ALA D 84 -26.52 8.25 25.21
N ASN D 85 -26.09 8.10 26.45
CA ASN D 85 -24.96 8.87 26.94
C ASN D 85 -23.67 8.47 26.25
N GLY D 86 -23.63 7.30 25.61
CA GLY D 86 -22.55 6.97 24.71
C GLY D 86 -22.54 7.80 23.45
N ALA D 87 -23.56 8.63 23.24
CA ALA D 87 -23.55 9.62 22.19
C ALA D 87 -23.13 10.98 22.71
N SER D 88 -23.52 11.30 23.94
CA SER D 88 -23.11 12.56 24.54
C SER D 88 -21.59 12.64 24.67
N MET D 89 -20.99 11.63 25.29
CA MET D 89 -19.54 11.58 25.38
C MET D 89 -18.90 11.53 24.00
N PHE D 90 -19.62 11.01 23.02
CA PHE D 90 -19.11 10.94 21.67
C PHE D 90 -19.08 12.31 21.00
N PHE D 91 -19.59 13.34 21.67
CA PHE D 91 -19.51 14.71 21.16
C PHE D 91 -18.71 15.63 22.06
N ILE D 92 -18.53 15.28 23.33
CA ILE D 92 -17.48 15.93 24.08
C ILE D 92 -16.14 15.64 23.43
N CYS D 93 -16.00 14.42 22.93
CA CYS D 93 -14.76 14.01 22.30
C CYS D 93 -14.51 14.79 21.03
N LEU D 94 -15.54 14.98 20.20
CA LEU D 94 -15.37 15.72 18.96
C LEU D 94 -14.95 17.15 19.24
N TYR D 95 -15.80 17.88 19.96
CA TYR D 95 -15.63 19.32 20.15
C TYR D 95 -14.27 19.64 20.74
N MET D 96 -13.69 18.72 21.49
CA MET D 96 -12.31 18.85 21.92
C MET D 96 -11.37 18.32 20.85
N HIS D 97 -11.79 17.28 20.14
CA HIS D 97 -10.99 16.78 19.03
C HIS D 97 -10.90 17.79 17.91
N VAL D 98 -11.90 18.66 17.80
CA VAL D 98 -11.86 19.69 16.79
C VAL D 98 -11.05 20.87 17.29
N GLY D 99 -11.27 21.26 18.54
CA GLY D 99 -10.63 22.44 19.07
C GLY D 99 -9.12 22.30 19.07
N ARG D 100 -8.63 21.10 19.32
CA ARG D 100 -7.24 20.78 19.05
C ARG D 100 -6.88 21.18 17.63
N GLY D 101 -7.60 20.61 16.66
CA GLY D 101 -7.30 20.81 15.27
C GLY D 101 -7.29 22.26 14.85
N LEU D 102 -8.00 23.11 15.58
CA LEU D 102 -8.04 24.55 15.31
C LEU D 102 -7.01 25.30 16.12
N TYR D 103 -6.82 24.92 17.37
CA TYR D 103 -5.89 25.63 18.24
C TYR D 103 -4.45 25.27 17.92
N TYR D 104 -4.15 23.98 17.77
CA TYR D 104 -2.84 23.54 17.38
C TYR D 104 -2.64 23.55 15.87
N GLY D 105 -3.62 24.03 15.11
CA GLY D 105 -3.40 24.25 13.70
C GLY D 105 -3.15 23.00 12.89
N SER D 106 -3.94 21.95 13.09
CA SER D 106 -3.83 20.78 12.26
C SER D 106 -4.63 20.88 10.97
N TYR D 107 -5.45 21.91 10.84
CA TYR D 107 -6.30 22.04 9.67
C TYR D 107 -5.54 22.25 8.37
N THR D 108 -4.21 22.41 8.43
CA THR D 108 -3.40 22.43 7.23
C THR D 108 -3.39 21.10 6.50
N PHE D 109 -3.84 20.03 7.15
CA PHE D 109 -4.08 18.75 6.48
C PHE D 109 -5.50 18.80 5.91
N LEU D 110 -5.61 19.57 4.83
CA LEU D 110 -6.90 19.86 4.21
C LEU D 110 -7.68 18.61 3.89
N GLU D 111 -7.01 17.59 3.35
CA GLU D 111 -7.68 16.39 2.90
C GLU D 111 -8.37 15.69 4.06
N THR D 112 -7.78 15.77 5.24
CA THR D 112 -8.39 15.17 6.42
C THR D 112 -9.50 16.06 6.97
N TRP D 113 -9.21 17.36 7.08
CA TRP D 113 -10.13 18.29 7.71
C TRP D 113 -11.46 18.34 6.98
N ASN D 114 -11.42 18.50 5.66
CA ASN D 114 -12.64 18.50 4.89
C ASN D 114 -13.38 17.19 5.03
N ILE D 115 -12.68 16.10 5.34
CA ILE D 115 -13.33 14.86 5.69
C ILE D 115 -13.73 14.84 7.16
N GLY D 116 -13.00 15.55 8.00
CA GLY D 116 -13.43 15.71 9.38
C GLY D 116 -14.79 16.36 9.45
N VAL D 117 -15.05 17.29 8.55
CA VAL D 117 -16.37 17.89 8.48
C VAL D 117 -17.39 16.86 8.07
N ILE D 118 -17.06 16.05 7.07
CA ILE D 118 -18.05 15.15 6.50
C ILE D 118 -18.37 14.03 7.47
N LEU D 119 -17.47 13.75 8.41
CA LEU D 119 -17.80 12.84 9.49
C LEU D 119 -18.74 13.50 10.48
N LEU D 120 -18.52 14.79 10.73
CA LEU D 120 -19.29 15.50 11.72
C LEU D 120 -20.76 15.55 11.32
N LEU D 121 -21.03 16.06 10.11
CA LEU D 121 -22.39 16.13 9.61
C LEU D 121 -23.04 14.76 9.58
N THR D 122 -22.30 13.79 9.05
CA THR D 122 -22.81 12.42 8.95
C THR D 122 -23.22 11.89 10.30
N VAL D 123 -22.55 12.33 11.34
CA VAL D 123 -22.91 11.98 12.70
C VAL D 123 -24.07 12.83 13.18
N MET D 124 -23.91 14.15 13.12
CA MET D 124 -24.80 15.03 13.88
C MET D 124 -26.19 15.05 13.26
N ALA D 125 -26.39 14.34 12.15
CA ALA D 125 -27.73 14.02 11.70
C ALA D 125 -28.16 12.67 12.25
N THR D 126 -27.19 11.80 12.51
CA THR D 126 -27.51 10.46 12.98
C THR D 126 -28.08 10.49 14.38
N ALA D 127 -27.58 11.39 15.22
CA ALA D 127 -28.13 11.49 16.57
C ALA D 127 -29.54 12.04 16.50
N PHE D 128 -29.77 12.97 15.59
CA PHE D 128 -31.10 13.52 15.38
C PHE D 128 -32.08 12.40 15.07
N MET D 129 -31.72 11.53 14.14
CA MET D 129 -32.55 10.38 13.84
C MET D 129 -32.64 9.45 15.04
N GLY D 130 -31.53 9.30 15.77
CA GLY D 130 -31.54 8.37 16.88
C GLY D 130 -32.37 8.85 18.04
N TYR D 131 -32.54 10.15 18.17
CA TYR D 131 -33.31 10.71 19.26
C TYR D 131 -34.80 10.56 19.02
N VAL D 132 -35.19 10.24 17.79
CA VAL D 132 -36.61 10.09 17.48
C VAL D 132 -37.12 8.75 17.96
N LEU D 133 -36.32 7.72 17.79
CA LEU D 133 -36.71 6.32 17.88
C LEU D 133 -37.43 5.94 19.17
N PRO D 134 -37.13 6.54 20.33
CA PRO D 134 -37.92 6.22 21.52
C PRO D 134 -39.35 6.68 21.42
N TRP D 135 -39.63 7.64 20.54
CA TRP D 135 -40.99 8.06 20.26
C TRP D 135 -41.68 8.60 21.51
N GLY D 136 -41.13 9.70 22.01
CA GLY D 136 -41.78 10.53 23.00
C GLY D 136 -42.07 11.91 22.45
N GLN D 137 -42.46 12.80 23.36
CA GLN D 137 -42.80 14.16 22.97
C GLN D 137 -41.62 14.88 22.35
N MET D 138 -40.56 15.07 23.13
CA MET D 138 -39.42 15.84 22.65
C MET D 138 -38.75 15.17 21.47
N SER D 139 -38.90 13.85 21.36
CA SER D 139 -38.50 13.15 20.16
C SER D 139 -39.32 13.62 18.96
N PHE D 140 -40.63 13.45 19.04
CA PHE D 140 -41.53 13.83 17.97
C PHE D 140 -41.41 15.32 17.67
N TRP D 141 -41.72 16.14 18.66
CA TRP D 141 -41.75 17.58 18.45
C TRP D 141 -40.39 18.12 18.07
N GLY D 142 -39.33 17.43 18.45
CA GLY D 142 -38.02 17.81 18.01
C GLY D 142 -37.95 17.68 16.50
N ALA D 143 -38.36 16.53 16.02
CA ALA D 143 -38.31 16.27 14.60
C ALA D 143 -39.34 17.07 13.83
N THR D 144 -40.43 17.47 14.50
CA THR D 144 -41.46 18.22 13.82
C THR D 144 -40.98 19.62 13.49
N VAL D 145 -40.35 20.26 14.45
CA VAL D 145 -39.86 21.61 14.25
C VAL D 145 -38.74 21.61 13.24
N ILE D 146 -37.79 20.69 13.41
CA ILE D 146 -36.50 20.83 12.77
C ILE D 146 -36.55 20.43 11.31
N THR D 147 -37.47 19.55 10.94
CA THR D 147 -37.64 19.25 9.54
C THR D 147 -38.29 20.40 8.79
N ASN D 148 -39.19 21.14 9.45
CA ASN D 148 -39.91 22.22 8.80
C ASN D 148 -38.99 23.34 8.35
N LEU D 149 -37.77 23.40 8.87
CA LEU D 149 -36.86 24.47 8.50
C LEU D 149 -36.51 24.38 7.02
N LEU D 150 -36.47 23.17 6.47
CA LEU D 150 -36.26 23.05 5.04
C LEU D 150 -37.44 23.59 4.25
N SER D 151 -38.63 23.68 4.87
CA SER D 151 -39.76 24.30 4.20
C SER D 151 -39.50 25.74 3.86
N ALA D 152 -38.56 26.39 4.56
CA ALA D 152 -38.24 27.77 4.27
C ALA D 152 -37.64 27.95 2.88
N ILE D 153 -37.03 26.92 2.34
CA ILE D 153 -36.39 27.05 1.03
C ILE D 153 -37.48 27.28 -0.03
N PRO D 154 -37.27 28.15 -1.02
CA PRO D 154 -38.31 28.35 -2.02
C PRO D 154 -38.36 27.22 -3.03
N TYR D 155 -39.58 26.93 -3.49
CA TYR D 155 -39.88 26.08 -4.64
C TYR D 155 -39.62 24.59 -4.40
N ILE D 156 -39.06 24.21 -3.25
CA ILE D 156 -38.68 22.82 -3.00
C ILE D 156 -39.28 22.33 -1.69
N GLY D 157 -39.19 23.17 -0.66
CA GLY D 157 -39.30 22.68 0.71
C GLY D 157 -40.60 21.96 1.01
N THR D 158 -41.72 22.48 0.49
CA THR D 158 -42.99 21.81 0.68
C THR D 158 -43.01 20.42 0.07
N ASN D 159 -42.18 20.18 -0.95
CA ASN D 159 -42.07 18.88 -1.58
C ASN D 159 -41.06 17.99 -0.90
N LEU D 160 -39.93 18.56 -0.46
CA LEU D 160 -38.86 17.76 0.10
C LEU D 160 -39.21 17.27 1.49
N VAL D 161 -39.83 18.13 2.28
CA VAL D 161 -40.14 17.78 3.66
C VAL D 161 -41.18 16.67 3.69
N GLU D 162 -42.22 16.80 2.88
CA GLU D 162 -43.22 15.75 2.79
C GLU D 162 -42.61 14.45 2.30
N TRP D 163 -41.56 14.54 1.50
CA TRP D 163 -40.88 13.36 1.02
C TRP D 163 -40.12 12.68 2.15
N ILE D 164 -39.36 13.46 2.91
CA ILE D 164 -38.62 12.91 4.04
C ILE D 164 -39.56 12.29 5.04
N TRP D 165 -40.67 12.97 5.32
CA TRP D 165 -41.67 12.43 6.22
C TRP D 165 -42.34 11.20 5.66
N GLY D 166 -42.27 10.99 4.34
CA GLY D 166 -43.10 10.00 3.73
C GLY D 166 -44.58 10.31 3.84
N GLY D 167 -44.92 11.57 4.06
CA GLY D 167 -46.30 11.96 4.25
C GLY D 167 -46.42 13.46 4.42
N PHE D 168 -47.38 13.89 5.23
CA PHE D 168 -47.64 15.31 5.47
C PHE D 168 -47.38 15.71 6.91
N SER D 169 -46.96 14.78 7.76
CA SER D 169 -46.47 15.08 9.09
C SER D 169 -45.72 13.86 9.58
N VAL D 170 -44.92 14.06 10.63
CA VAL D 170 -44.15 12.96 11.17
C VAL D 170 -45.10 11.91 11.70
N ASP D 171 -44.87 10.68 11.27
CA ASP D 171 -45.80 9.59 11.50
C ASP D 171 -44.98 8.31 11.39
N LYS D 172 -45.67 7.19 11.19
CA LYS D 172 -45.03 5.88 11.15
C LYS D 172 -43.84 5.85 10.21
N ALA D 173 -44.09 6.11 8.92
CA ALA D 173 -43.04 5.89 7.93
C ALA D 173 -41.88 6.85 8.10
N THR D 174 -42.07 7.94 8.84
CA THR D 174 -40.95 8.79 9.20
C THR D 174 -40.06 8.11 10.21
N LEU D 175 -40.67 7.41 11.15
CA LEU D 175 -39.93 6.71 12.18
C LEU D 175 -39.13 5.56 11.58
N THR D 176 -39.82 4.67 10.86
CA THR D 176 -39.21 3.43 10.40
C THR D 176 -38.01 3.67 9.52
N ARG D 177 -38.00 4.79 8.80
CA ARG D 177 -36.88 5.05 7.92
C ARG D 177 -35.71 5.64 8.67
N PHE D 178 -35.98 6.44 9.71
CA PHE D 178 -34.90 6.88 10.57
C PHE D 178 -34.17 5.69 11.15
N PHE D 179 -34.92 4.70 11.63
CA PHE D 179 -34.30 3.51 12.19
C PHE D 179 -33.38 2.83 11.20
N ALA D 180 -33.67 2.97 9.90
CA ALA D 180 -32.84 2.36 8.90
C ALA D 180 -31.73 3.31 8.46
N PHE D 181 -32.01 4.61 8.40
CA PHE D 181 -30.95 5.58 8.17
C PHE D 181 -30.03 5.69 9.35
N HIS D 182 -30.43 5.20 10.50
CA HIS D 182 -29.67 5.36 11.71
C HIS D 182 -28.75 4.19 11.95
N PHE D 183 -29.28 3.01 11.74
CA PHE D 183 -28.61 1.74 11.94
C PHE D 183 -27.77 1.33 10.72
N ILE D 184 -27.44 2.30 9.85
CA ILE D 184 -26.59 2.08 8.68
C ILE D 184 -25.40 3.04 8.65
N LEU D 185 -25.67 4.34 8.79
CA LEU D 185 -24.62 5.35 8.62
C LEU D 185 -23.39 5.11 9.45
N PRO D 186 -23.49 4.63 10.70
CA PRO D 186 -22.29 4.31 11.45
C PRO D 186 -21.37 3.35 10.75
N PHE D 187 -21.92 2.43 9.96
CA PHE D 187 -21.09 1.58 9.14
C PHE D 187 -20.51 2.33 7.95
N ILE D 188 -21.15 3.43 7.56
CA ILE D 188 -20.53 4.33 6.59
C ILE D 188 -19.53 5.23 7.28
N ILE D 189 -19.81 5.64 8.51
CA ILE D 189 -18.87 6.46 9.25
C ILE D 189 -17.58 5.70 9.49
N MET D 190 -17.69 4.41 9.74
CA MET D 190 -16.50 3.61 10.00
C MET D 190 -15.60 3.58 8.78
N ALA D 191 -16.17 3.65 7.60
CA ALA D 191 -15.37 3.68 6.39
C ALA D 191 -14.59 4.97 6.30
N ILE D 192 -15.28 6.09 6.50
CA ILE D 192 -14.67 7.38 6.29
C ILE D 192 -13.58 7.63 7.32
N ALA D 193 -13.69 6.99 8.49
CA ALA D 193 -12.61 7.09 9.46
C ALA D 193 -11.34 6.45 8.94
N MET D 194 -11.44 5.23 8.42
CA MET D 194 -10.28 4.59 7.84
C MET D 194 -9.75 5.39 6.66
N VAL D 195 -10.64 6.06 5.93
CA VAL D 195 -10.22 7.03 4.95
C VAL D 195 -9.53 8.21 5.61
N HIS D 196 -10.18 8.74 6.64
CA HIS D 196 -9.68 9.92 7.31
C HIS D 196 -8.27 9.71 7.84
N LEU D 197 -8.03 8.53 8.39
CA LEU D 197 -6.69 8.19 8.84
C LEU D 197 -5.74 8.05 7.68
N LEU D 198 -6.23 7.53 6.55
CA LEU D 198 -5.36 7.21 5.42
C LEU D 198 -4.61 8.44 4.94
N PHE D 199 -5.28 9.58 4.87
CA PHE D 199 -4.64 10.81 4.48
C PHE D 199 -3.81 11.38 5.61
N LEU D 200 -4.07 10.95 6.83
CA LEU D 200 -3.24 11.36 7.96
C LEU D 200 -1.94 10.57 8.00
N HIS D 201 -2.00 9.26 7.72
CA HIS D 201 -0.80 8.44 7.68
C HIS D 201 0.04 8.66 6.45
N GLU D 202 -0.34 9.59 5.57
CA GLU D 202 0.57 10.12 4.58
C GLU D 202 1.40 11.27 5.12
N THR D 203 0.92 11.94 6.16
CA THR D 203 1.55 13.14 6.68
C THR D 203 2.02 13.03 8.12
N GLY D 204 1.43 12.14 8.91
CA GLY D 204 1.82 12.01 10.30
C GLY D 204 1.27 13.15 11.11
N SER D 205 0.99 12.90 12.38
CA SER D 205 0.22 13.85 13.14
C SER D 205 1.04 15.08 13.51
N ASN D 206 0.34 16.05 14.05
CA ASN D 206 0.90 17.35 14.42
C ASN D 206 1.26 17.30 15.91
N ASN D 207 1.95 18.33 16.36
CA ASN D 207 2.39 18.43 17.75
C ASN D 207 1.95 19.80 18.26
N PRO D 208 2.08 20.04 19.56
CA PRO D 208 1.69 21.35 20.09
C PRO D 208 2.44 22.51 19.48
N THR D 209 3.64 22.27 18.97
CA THR D 209 4.48 23.34 18.47
C THR D 209 4.16 23.73 17.04
N GLY D 210 3.59 22.82 16.28
CA GLY D 210 3.38 23.06 14.87
C GLY D 210 4.61 22.86 14.01
N ILE D 211 5.65 22.26 14.55
CA ILE D 211 6.92 22.13 13.88
C ILE D 211 7.09 20.70 13.39
N SER D 212 7.80 20.57 12.27
CA SER D 212 8.08 19.25 11.71
C SER D 212 8.83 18.40 12.71
N SER D 213 8.23 17.26 13.03
CA SER D 213 8.72 16.38 14.07
C SER D 213 9.37 15.13 13.53
N ASP D 214 9.91 15.19 12.31
CA ASP D 214 10.56 14.04 11.72
C ASP D 214 11.78 13.59 12.50
N VAL D 215 12.33 14.46 13.35
CA VAL D 215 13.58 14.15 14.02
C VAL D 215 13.34 13.35 15.29
N ASP D 216 12.25 13.64 15.99
CA ASP D 216 11.97 13.07 17.30
C ASP D 216 10.72 12.23 17.25
N LYS D 217 10.62 11.41 16.21
CA LYS D 217 9.53 10.47 16.14
C LYS D 217 9.80 9.31 17.08
N ILE D 218 8.73 8.55 17.33
CA ILE D 218 8.83 7.36 18.16
C ILE D 218 7.79 6.36 17.69
N PRO D 219 7.99 5.09 18.01
CA PRO D 219 6.98 4.11 17.68
C PRO D 219 5.69 4.35 18.45
N PHE D 220 4.73 3.47 18.23
CA PHE D 220 3.37 3.64 18.69
C PHE D 220 2.92 2.48 19.55
N HIS D 221 3.68 1.39 19.57
CA HIS D 221 3.16 0.15 20.13
C HIS D 221 3.20 0.10 21.65
N PRO D 222 4.31 0.44 22.29
CA PRO D 222 4.31 0.49 23.76
C PRO D 222 3.87 1.81 24.35
N TYR D 223 4.00 2.90 23.61
CA TYR D 223 3.95 4.24 24.19
C TYR D 223 2.57 4.86 24.12
N TYR D 224 2.02 5.06 22.92
CA TYR D 224 0.71 5.66 22.83
C TYR D 224 -0.41 4.66 23.03
N THR D 225 -0.13 3.39 22.75
CA THR D 225 -1.08 2.33 23.02
C THR D 225 -1.53 2.37 24.47
N ILE D 226 -0.58 2.19 25.37
CA ILE D 226 -0.87 2.23 26.80
C ILE D 226 -1.41 3.60 27.18
N LYS D 227 -1.02 4.65 26.46
CA LYS D 227 -1.62 5.95 26.72
C LYS D 227 -3.07 5.97 26.29
N ASP D 228 -3.39 5.29 25.21
CA ASP D 228 -4.79 5.20 24.80
C ASP D 228 -5.57 4.25 25.69
N ILE D 229 -4.90 3.24 26.23
CA ILE D 229 -5.57 2.38 27.20
C ILE D 229 -5.94 3.19 28.43
N LEU D 230 -5.04 4.08 28.85
CA LEU D 230 -5.37 4.96 29.96
C LEU D 230 -6.51 5.89 29.58
N GLY D 231 -6.35 6.62 28.49
CA GLY D 231 -7.36 7.58 28.10
C GLY D 231 -8.69 6.93 27.81
N ALA D 232 -8.67 5.69 27.35
CA ALA D 232 -9.92 4.97 27.14
C ALA D 232 -10.56 4.60 28.46
N LEU D 233 -9.74 4.25 29.43
CA LEU D 233 -10.25 3.85 30.73
C LEU D 233 -10.98 5.00 31.39
N LEU D 234 -10.37 6.19 31.41
CA LEU D 234 -11.02 7.35 31.97
C LEU D 234 -12.30 7.69 31.25
N LEU D 235 -12.36 7.42 29.94
CA LEU D 235 -13.60 7.66 29.22
C LEU D 235 -14.69 6.74 29.73
N ILE D 236 -14.35 5.48 29.99
CA ILE D 236 -15.35 4.54 30.45
C ILE D 236 -15.82 4.93 31.83
N LEU D 237 -14.99 5.64 32.58
CA LEU D 237 -15.45 6.18 33.85
C LEU D 237 -16.58 7.17 33.63
N ALA D 238 -16.28 8.27 32.94
CA ALA D 238 -17.22 9.38 32.82
C ALA D 238 -18.48 8.96 32.09
N LEU D 239 -18.41 7.91 31.29
CA LEU D 239 -19.63 7.35 30.73
C LEU D 239 -20.42 6.62 31.80
N MET D 240 -19.79 5.68 32.48
CA MET D 240 -20.53 4.81 33.38
C MET D 240 -20.98 5.54 34.62
N LEU D 241 -20.28 6.62 35.01
CA LEU D 241 -20.78 7.46 36.09
C LEU D 241 -22.17 7.96 35.78
N LEU D 242 -22.32 8.52 34.58
CA LEU D 242 -23.64 8.97 34.16
C LEU D 242 -24.61 7.80 34.13
N VAL D 243 -24.16 6.65 33.66
CA VAL D 243 -25.05 5.50 33.62
C VAL D 243 -25.38 5.03 35.01
N LEU D 244 -24.42 5.12 35.93
CA LEU D 244 -24.55 4.58 37.26
C LEU D 244 -24.75 5.63 38.34
N PHE D 245 -24.70 6.92 38.01
CA PHE D 245 -24.94 7.95 39.01
C PHE D 245 -25.76 9.13 38.54
N ALA D 246 -26.00 9.31 37.26
CA ALA D 246 -26.84 10.42 36.83
C ALA D 246 -27.35 10.24 35.41
N PRO D 247 -28.13 9.20 35.15
CA PRO D 247 -28.47 8.87 33.77
C PRO D 247 -29.44 9.85 33.14
N ASP D 248 -30.35 10.43 33.91
CA ASP D 248 -31.28 11.41 33.40
C ASP D 248 -30.68 12.80 33.33
N LEU D 249 -29.38 12.95 33.59
CA LEU D 249 -28.79 14.28 33.69
C LEU D 249 -28.91 15.04 32.38
N LEU D 250 -28.22 14.57 31.35
CA LEU D 250 -28.25 15.22 30.06
C LEU D 250 -29.52 14.97 29.31
N GLY D 251 -30.38 14.10 29.79
CA GLY D 251 -31.63 13.80 29.12
C GLY D 251 -32.60 14.96 29.19
N ASP D 252 -33.86 14.63 29.04
CA ASP D 252 -34.91 15.63 29.12
C ASP D 252 -36.18 14.88 29.49
N PRO D 253 -36.73 15.09 30.69
CA PRO D 253 -37.71 14.12 31.21
C PRO D 253 -38.99 14.06 30.41
N ASP D 254 -39.34 15.11 29.68
CA ASP D 254 -40.54 15.08 28.86
C ASP D 254 -40.49 13.98 27.81
N ASN D 255 -39.30 13.51 27.46
CA ASN D 255 -39.15 12.38 26.56
C ASN D 255 -39.82 11.13 27.09
N TYR D 256 -39.92 10.99 28.41
CA TYR D 256 -40.53 9.82 29.00
C TYR D 256 -42.04 9.89 29.06
N THR D 257 -42.64 10.81 28.30
CA THR D 257 -44.05 10.75 27.96
C THR D 257 -44.15 10.36 26.51
N PRO D 258 -44.99 9.40 26.14
CA PRO D 258 -45.05 9.01 24.73
C PRO D 258 -45.54 10.17 23.87
N ALA D 259 -45.31 10.04 22.58
CA ALA D 259 -45.60 11.13 21.67
C ALA D 259 -47.08 11.43 21.65
N ASN D 260 -47.39 12.72 21.72
CA ASN D 260 -48.76 13.23 21.65
C ASN D 260 -48.74 14.40 20.68
N PRO D 261 -49.01 14.18 19.40
CA PRO D 261 -48.93 15.28 18.44
C PRO D 261 -49.95 16.37 18.66
N LEU D 262 -50.95 16.14 19.50
CA LEU D 262 -51.96 17.14 19.80
C LEU D 262 -51.71 17.84 21.13
N ASN D 263 -50.53 17.68 21.71
CA ASN D 263 -50.19 18.29 22.99
C ASN D 263 -48.73 18.73 22.92
N THR D 264 -48.52 19.99 22.67
CA THR D 264 -47.17 20.49 22.52
C THR D 264 -46.52 20.65 23.89
N PRO D 265 -45.27 20.23 24.08
CA PRO D 265 -44.62 20.46 25.35
C PRO D 265 -44.30 21.93 25.55
N PRO D 266 -44.03 22.34 26.79
CA PRO D 266 -43.67 23.76 27.00
C PRO D 266 -42.37 24.14 26.32
N HIS D 267 -41.30 23.41 26.60
CA HIS D 267 -39.97 23.71 26.11
C HIS D 267 -39.65 22.69 25.04
N ILE D 268 -39.65 23.13 23.78
CA ILE D 268 -39.10 22.33 22.70
C ILE D 268 -37.65 22.71 22.53
N LYS D 269 -36.80 21.72 22.42
CA LYS D 269 -35.40 21.95 22.12
C LYS D 269 -34.75 20.64 21.75
N PRO D 270 -33.71 20.65 20.94
CA PRO D 270 -32.93 19.42 20.80
C PRO D 270 -32.09 19.20 22.04
N GLU D 271 -31.25 18.18 22.03
CA GLU D 271 -30.41 17.89 23.16
C GLU D 271 -29.22 18.85 23.19
N TRP D 272 -28.44 18.74 24.27
CA TRP D 272 -27.43 19.74 24.59
C TRP D 272 -26.41 19.91 23.48
N TYR D 273 -26.15 18.86 22.73
CA TYR D 273 -25.05 18.89 21.78
C TYR D 273 -25.38 19.60 20.49
N PHE D 274 -26.64 19.91 20.24
CA PHE D 274 -27.05 20.74 19.12
C PHE D 274 -27.27 22.20 19.49
N LEU D 275 -27.48 22.49 20.77
CA LEU D 275 -28.18 23.71 21.16
C LEU D 275 -27.51 24.97 20.66
N PHE D 276 -26.17 24.97 20.57
CA PHE D 276 -25.51 26.17 20.08
C PHE D 276 -25.92 26.47 18.65
N ALA D 277 -26.21 25.43 17.89
CA ALA D 277 -26.77 25.62 16.56
C ALA D 277 -28.16 26.20 16.64
N TYR D 278 -28.95 25.71 17.58
CA TYR D 278 -30.35 26.13 17.68
C TYR D 278 -30.46 27.58 18.11
N ALA D 279 -29.58 28.00 19.02
CA ALA D 279 -29.59 29.38 19.49
C ALA D 279 -29.34 30.34 18.35
N ILE D 280 -28.44 29.96 17.44
CA ILE D 280 -28.18 30.78 16.26
C ILE D 280 -29.45 30.93 15.45
N LEU D 281 -30.23 29.87 15.36
CA LEU D 281 -31.45 29.92 14.56
C LEU D 281 -32.49 30.80 15.21
N ARG D 282 -32.75 30.59 16.51
CA ARG D 282 -33.73 31.40 17.20
C ARG D 282 -33.32 32.86 17.27
N SER D 283 -32.04 33.15 17.12
CA SER D 283 -31.59 34.54 17.10
C SER D 283 -32.22 35.29 15.95
N ILE D 284 -32.15 34.74 14.76
CA ILE D 284 -32.60 35.46 13.57
C ILE D 284 -34.11 35.33 13.44
N PRO D 285 -34.85 36.43 13.22
CA PRO D 285 -36.30 36.25 13.00
C PRO D 285 -36.63 35.72 11.63
N ASN D 286 -35.92 36.18 10.59
CA ASN D 286 -36.17 35.70 9.24
C ASN D 286 -35.86 34.22 9.18
N LYS D 287 -36.84 33.43 8.76
CA LYS D 287 -36.75 31.99 8.89
C LYS D 287 -35.65 31.42 8.01
N LEU D 288 -35.71 31.70 6.71
CA LEU D 288 -34.73 31.14 5.79
C LEU D 288 -33.34 31.64 6.12
N GLY D 289 -33.20 32.94 6.37
CA GLY D 289 -31.92 33.49 6.75
C GLY D 289 -31.39 32.87 8.02
N GLY D 290 -32.28 32.40 8.89
CA GLY D 290 -31.84 31.67 10.06
C GLY D 290 -31.21 30.34 9.69
N VAL D 291 -31.75 29.69 8.66
CA VAL D 291 -31.29 28.35 8.30
C VAL D 291 -29.87 28.41 7.77
N LEU D 292 -29.61 29.32 6.83
CA LEU D 292 -28.30 29.39 6.23
C LEU D 292 -27.24 29.79 7.23
N ALA D 293 -27.65 30.40 8.35
CA ALA D 293 -26.73 30.61 9.45
C ALA D 293 -26.47 29.31 10.20
N LEU D 294 -27.49 28.47 10.33
CA LEU D 294 -27.34 27.22 11.04
C LEU D 294 -26.34 26.32 10.34
N ALA D 295 -26.57 26.07 9.06
CA ALA D 295 -25.67 25.22 8.30
C ALA D 295 -24.29 25.85 8.19
N PHE D 296 -24.22 27.17 8.21
CA PHE D 296 -22.93 27.84 8.06
C PHE D 296 -22.13 27.80 9.34
N SER D 297 -22.79 27.68 10.50
CA SER D 297 -22.06 27.55 11.75
C SER D 297 -21.22 26.29 11.78
N ILE D 298 -21.60 25.28 11.01
CA ILE D 298 -20.85 24.05 10.90
C ILE D 298 -19.86 24.12 9.75
N LEU D 299 -20.36 24.44 8.56
CA LEU D 299 -19.55 24.43 7.35
C LEU D 299 -18.43 25.45 7.39
N ILE D 300 -18.48 26.43 8.30
CA ILE D 300 -17.44 27.44 8.40
C ILE D 300 -16.08 26.81 8.67
N LEU D 301 -16.06 25.60 9.24
CA LEU D 301 -14.81 24.91 9.44
C LEU D 301 -14.06 24.72 8.13
N ALA D 302 -14.79 24.59 7.03
CA ALA D 302 -14.16 24.45 5.73
C ALA D 302 -13.62 25.75 5.19
N LEU D 303 -13.85 26.87 5.87
CA LEU D 303 -13.29 28.16 5.50
C LEU D 303 -12.09 28.55 6.34
N ILE D 304 -11.80 27.81 7.39
CA ILE D 304 -10.67 28.09 8.27
C ILE D 304 -9.37 28.12 7.48
N PRO D 305 -8.98 27.04 6.79
CA PRO D 305 -7.66 27.04 6.17
C PRO D 305 -7.47 28.11 5.13
N LEU D 306 -8.54 28.53 4.48
CA LEU D 306 -8.46 29.65 3.57
C LEU D 306 -8.39 30.98 4.30
N LEU D 307 -8.52 30.97 5.62
CA LEU D 307 -8.33 32.15 6.45
C LEU D 307 -7.11 32.04 7.35
N HIS D 308 -6.24 31.08 7.10
CA HIS D 308 -4.98 31.03 7.81
C HIS D 308 -4.09 32.17 7.34
N THR D 309 -3.52 32.90 8.28
CA THR D 309 -2.74 34.09 7.99
C THR D 309 -1.40 34.11 8.66
N SER D 310 -1.27 33.54 9.84
CA SER D 310 0.00 33.51 10.53
C SER D 310 0.92 32.51 9.86
N LYS D 311 2.18 32.89 9.71
CA LYS D 311 3.17 31.98 9.17
C LYS D 311 3.59 30.92 10.17
N GLN D 312 3.03 30.94 11.38
CA GLN D 312 3.12 29.84 12.31
C GLN D 312 1.84 29.02 12.23
N ARG D 313 1.85 27.90 12.93
CA ARG D 313 0.77 26.91 12.87
C ARG D 313 0.06 26.77 14.21
N SER D 314 0.81 26.49 15.27
CA SER D 314 0.23 26.32 16.59
C SER D 314 -0.28 27.63 17.13
N MET D 315 -0.88 27.55 18.30
CA MET D 315 -1.24 28.71 19.09
C MET D 315 -0.59 28.73 20.46
N MET D 316 0.29 27.77 20.76
CA MET D 316 1.14 27.94 21.93
C MET D 316 2.05 29.15 21.80
N PHE D 317 2.34 29.54 20.56
CA PHE D 317 3.23 30.65 20.24
C PHE D 317 2.48 31.72 19.48
N ARG D 318 1.24 31.98 19.87
CA ARG D 318 0.43 33.04 19.28
C ARG D 318 -0.47 33.60 20.38
N PRO D 319 0.06 34.48 21.22
CA PRO D 319 -0.71 34.97 22.38
C PRO D 319 -2.08 35.55 22.06
N LEU D 320 -2.18 36.42 21.07
CA LEU D 320 -3.46 37.07 20.81
C LEU D 320 -4.49 36.06 20.35
N SER D 321 -4.09 35.09 19.55
CA SER D 321 -5.04 34.09 19.08
C SER D 321 -5.48 33.19 20.21
N GLN D 322 -4.64 32.99 21.23
CA GLN D 322 -5.06 32.22 22.39
C GLN D 322 -6.21 32.91 23.08
N CYS D 323 -6.10 34.22 23.29
CA CYS D 323 -7.14 34.95 23.98
C CYS D 323 -8.42 34.95 23.18
N LEU D 324 -8.32 35.02 21.86
CA LEU D 324 -9.51 34.98 21.03
C LEU D 324 -10.09 33.57 20.97
N PHE D 325 -9.23 32.56 20.98
CA PHE D 325 -9.71 31.20 20.89
C PHE D 325 -10.58 30.86 22.09
N TRP D 326 -10.03 31.05 23.30
CA TRP D 326 -10.81 30.75 24.49
C TRP D 326 -11.99 31.68 24.65
N ALA D 327 -12.03 32.79 23.91
CA ALA D 327 -13.25 33.59 23.86
C ALA D 327 -14.31 32.89 23.01
N LEU D 328 -13.88 32.26 21.92
CA LEU D 328 -14.81 31.54 21.07
C LEU D 328 -15.50 30.43 21.84
N VAL D 329 -14.74 29.75 22.70
CA VAL D 329 -15.29 28.69 23.53
C VAL D 329 -16.40 29.24 24.42
N ALA D 330 -16.20 30.42 24.97
CA ALA D 330 -17.23 31.03 25.79
C ALA D 330 -18.45 31.35 24.97
N ASP D 331 -18.25 31.83 23.75
CA ASP D 331 -19.39 32.11 22.88
C ASP D 331 -20.17 30.83 22.59
N LEU D 332 -19.46 29.72 22.38
CA LEU D 332 -20.14 28.45 22.21
C LEU D 332 -20.94 28.09 23.45
N LEU D 333 -20.27 28.06 24.60
CA LEU D 333 -20.91 27.70 25.86
C LEU D 333 -22.12 28.57 26.12
N THR D 334 -22.03 29.85 25.76
CA THR D 334 -23.18 30.72 25.79
C THR D 334 -24.29 30.17 24.92
N LEU D 335 -23.99 29.92 23.66
CA LEU D 335 -25.01 29.46 22.72
C LEU D 335 -25.60 28.13 23.16
N THR D 336 -24.80 27.28 23.78
CA THR D 336 -25.34 26.06 24.38
C THR D 336 -26.35 26.40 25.45
N TRP D 337 -26.11 27.47 26.19
CA TRP D 337 -26.97 27.81 27.30
C TRP D 337 -28.23 28.51 26.82
N ILE D 338 -28.08 29.44 25.89
CA ILE D 338 -29.23 30.19 25.40
C ILE D 338 -30.21 29.27 24.72
N GLY D 339 -29.71 28.33 23.93
CA GLY D 339 -30.59 27.42 23.23
C GLY D 339 -31.43 26.58 24.17
N GLY D 340 -30.86 26.20 25.30
CA GLY D 340 -31.60 25.43 26.27
C GLY D 340 -32.61 26.25 27.04
N GLN D 341 -32.39 27.56 27.11
CA GLN D 341 -33.26 28.46 27.85
C GLN D 341 -34.28 29.08 26.92
N PRO D 342 -35.41 29.56 27.45
CA PRO D 342 -36.46 30.11 26.59
C PRO D 342 -36.05 31.42 25.96
N VAL D 343 -37.00 32.00 25.23
CA VAL D 343 -36.75 33.14 24.36
C VAL D 343 -37.46 34.32 24.99
N GLU D 344 -36.68 35.19 25.65
CA GLU D 344 -37.19 36.41 26.23
C GLU D 344 -36.13 37.50 26.15
N HIS D 345 -36.54 38.73 26.47
CA HIS D 345 -35.79 39.92 26.08
C HIS D 345 -34.34 39.92 26.56
N PRO D 346 -34.03 39.46 27.77
CA PRO D 346 -32.61 39.34 28.11
C PRO D 346 -31.89 38.28 27.29
N TYR D 347 -32.51 37.12 27.10
CA TYR D 347 -31.84 36.02 26.43
C TYR D 347 -31.84 36.21 24.92
N ILE D 348 -32.84 36.90 24.37
CA ILE D 348 -32.82 37.23 22.96
C ILE D 348 -31.61 38.09 22.64
N THR D 349 -31.41 39.13 23.43
CA THR D 349 -30.32 40.05 23.19
C THR D 349 -28.97 39.33 23.27
N ILE D 350 -28.82 38.47 24.28
CA ILE D 350 -27.56 37.75 24.45
C ILE D 350 -27.35 36.80 23.29
N GLY D 351 -28.39 36.07 22.91
CA GLY D 351 -28.26 35.10 21.84
C GLY D 351 -27.90 35.74 20.52
N GLN D 352 -28.31 37.00 20.32
CA GLN D 352 -27.92 37.70 19.12
C GLN D 352 -26.45 38.05 19.14
N LEU D 353 -25.98 38.61 20.26
CA LEU D 353 -24.61 39.06 20.34
C LEU D 353 -23.64 37.90 20.20
N ALA D 354 -23.92 36.80 20.89
CA ALA D 354 -23.01 35.66 20.86
C ALA D 354 -22.91 35.10 19.45
N SER D 355 -24.04 35.01 18.75
CA SER D 355 -24.02 34.46 17.41
C SER D 355 -23.22 35.33 16.47
N VAL D 356 -23.28 36.64 16.65
CA VAL D 356 -22.50 37.54 15.82
C VAL D 356 -21.03 37.37 16.11
N LEU D 357 -20.70 37.18 17.38
CA LEU D 357 -19.31 36.94 17.75
C LEU D 357 -18.78 35.68 17.11
N TYR D 358 -19.60 34.63 17.04
CA TYR D 358 -19.16 33.36 16.50
C TYR D 358 -18.67 33.51 15.06
N PHE D 359 -19.46 34.18 14.22
CA PHE D 359 -19.04 34.42 12.85
C PHE D 359 -18.00 35.52 12.76
N LEU D 360 -18.14 36.56 13.57
CA LEU D 360 -17.20 37.66 13.52
C LEU D 360 -15.83 37.21 13.98
N LEU D 361 -15.77 36.54 15.12
CA LEU D 361 -14.51 36.16 15.73
C LEU D 361 -13.73 35.22 14.82
N ILE D 362 -14.42 34.32 14.13
CA ILE D 362 -13.74 33.35 13.30
C ILE D 362 -13.22 34.00 12.03
N LEU D 363 -14.03 34.83 11.41
CA LEU D 363 -13.74 35.31 10.08
C LEU D 363 -12.84 36.53 10.06
N VAL D 364 -12.77 37.28 11.14
CA VAL D 364 -12.22 38.63 11.11
C VAL D 364 -11.08 38.74 12.09
N LEU D 365 -11.37 38.54 13.37
CA LEU D 365 -10.39 38.82 14.40
C LEU D 365 -9.24 37.83 14.37
N MET D 366 -9.55 36.55 14.34
CA MET D 366 -8.53 35.52 14.44
C MET D 366 -7.59 35.55 13.24
N PRO D 367 -8.09 35.73 12.01
CA PRO D 367 -7.16 36.05 10.91
C PRO D 367 -6.39 37.33 11.14
N THR D 368 -7.11 38.38 11.55
CA THR D 368 -6.48 39.68 11.77
C THR D 368 -5.38 39.58 12.79
N ALA D 369 -5.53 38.68 13.77
CA ALA D 369 -4.53 38.55 14.82
C ALA D 369 -3.19 38.10 14.24
N GLY D 370 -3.19 36.97 13.56
CA GLY D 370 -1.95 36.44 13.03
C GLY D 370 -1.26 37.39 12.07
N THR D 371 -2.05 38.19 11.36
CA THR D 371 -1.47 39.26 10.57
C THR D 371 -0.69 40.21 11.45
N ILE D 372 -1.31 40.64 12.55
CA ILE D 372 -0.65 41.54 13.50
C ILE D 372 0.55 40.83 14.12
N GLU D 373 0.38 39.56 14.47
CA GLU D 373 1.46 38.85 15.11
C GLU D 373 2.65 38.72 14.18
N ASN D 374 2.40 38.58 12.88
CA ASN D 374 3.48 38.57 11.92
C ASN D 374 4.22 39.90 11.94
N LYS D 375 3.48 41.00 12.05
CA LYS D 375 4.10 42.32 11.97
C LYS D 375 5.04 42.56 13.12
N LEU D 376 4.70 42.07 14.31
CA LEU D 376 5.57 42.25 15.46
C LEU D 376 6.86 41.47 15.28
N LEU D 377 6.79 40.32 14.64
CA LEU D 377 7.96 39.52 14.35
C LEU D 377 8.66 39.94 13.08
N LYS D 378 8.34 41.12 12.54
CA LYS D 378 9.01 41.67 11.37
C LYS D 378 8.82 40.78 10.15
N TRP D 379 7.57 40.33 9.97
CA TRP D 379 7.19 39.51 8.84
C TRP D 379 6.16 40.22 7.96
N GLU E 88 -43.73 30.42 38.22
CA GLU E 88 -43.58 29.05 38.68
C GLU E 88 -42.87 29.01 40.03
N LEU E 89 -42.75 27.81 40.58
CA LEU E 89 -42.21 27.59 41.92
C LEU E 89 -41.25 26.41 41.88
N HIS E 90 -39.97 26.69 42.11
CA HIS E 90 -39.00 25.63 42.21
C HIS E 90 -39.26 24.83 43.47
N PRO E 91 -39.54 23.52 43.41
CA PRO E 91 -39.81 22.80 44.63
C PRO E 91 -38.55 22.66 45.46
N PRO E 92 -38.67 22.40 46.75
CA PRO E 92 -37.48 22.19 47.58
C PRO E 92 -36.97 20.77 47.49
N SER E 93 -35.67 20.64 47.73
CA SER E 93 -35.02 19.33 47.78
C SER E 93 -34.98 18.83 49.22
N TYR E 94 -35.26 17.55 49.40
CA TYR E 94 -35.45 16.94 50.70
C TYR E 94 -34.37 15.92 51.02
N PRO E 95 -34.25 15.51 52.30
CA PRO E 95 -33.36 14.39 52.64
C PRO E 95 -34.06 13.05 52.49
N TRP E 96 -34.38 12.70 51.25
CA TRP E 96 -34.86 11.36 50.97
C TRP E 96 -33.83 10.34 51.40
N SER E 97 -34.32 9.16 51.78
CA SER E 97 -33.42 8.11 52.22
C SER E 97 -32.53 7.62 51.08
N HIS E 98 -33.00 7.74 49.85
CA HIS E 98 -32.32 7.19 48.69
C HIS E 98 -31.56 8.24 47.89
N ARG E 99 -31.44 9.46 48.40
CA ARG E 99 -30.68 10.48 47.70
C ARG E 99 -29.19 10.13 47.62
N GLY E 100 -28.71 9.25 48.49
CA GLY E 100 -27.30 8.93 48.50
C GLY E 100 -26.86 8.23 47.24
N LEU E 101 -25.59 8.45 46.90
CA LEU E 101 -25.03 7.83 45.70
C LEU E 101 -24.99 6.32 45.83
N LEU E 102 -24.94 5.82 47.07
CA LEU E 102 -25.01 4.40 47.35
C LEU E 102 -26.26 4.02 48.13
N SER E 103 -27.08 4.99 48.50
CA SER E 103 -28.28 4.71 49.27
C SER E 103 -29.35 4.11 48.37
N SER E 104 -30.06 3.13 48.92
CA SER E 104 -31.11 2.43 48.20
C SER E 104 -32.46 2.94 48.66
N LEU E 105 -33.50 2.24 48.22
CA LEU E 105 -34.87 2.56 48.61
C LEU E 105 -35.29 1.77 49.83
N ASP E 106 -36.14 2.38 50.65
CA ASP E 106 -36.79 1.68 51.75
C ASP E 106 -37.85 0.78 51.17
N HIS E 107 -37.47 -0.48 50.92
CA HIS E 107 -38.41 -1.45 50.39
C HIS E 107 -39.64 -1.59 51.28
N THR E 108 -39.47 -1.40 52.58
CA THR E 108 -40.63 -1.39 53.46
C THR E 108 -41.56 -0.24 53.11
N SER E 109 -41.00 0.89 52.70
CA SER E 109 -41.83 2.02 52.32
C SER E 109 -42.49 1.80 50.98
N ILE E 110 -41.82 1.08 50.08
CA ILE E 110 -42.41 0.74 48.79
C ILE E 110 -43.65 -0.11 49.01
N ARG E 111 -43.63 -0.95 50.05
CA ARG E 111 -44.81 -1.73 50.38
C ARG E 111 -45.97 -0.82 50.71
N ARG E 112 -45.72 0.20 51.52
CA ARG E 112 -46.78 1.13 51.89
C ARG E 112 -47.23 1.93 50.68
N GLY E 113 -46.28 2.30 49.82
CA GLY E 113 -46.62 3.15 48.69
C GLY E 113 -47.55 2.48 47.71
N PHE E 114 -47.43 1.16 47.55
CA PHE E 114 -48.30 0.45 46.64
C PHE E 114 -49.73 0.44 47.15
N GLN E 115 -49.89 0.28 48.46
CA GLN E 115 -51.21 0.29 49.06
C GLN E 115 -51.92 1.61 48.82
N VAL E 116 -51.14 2.69 48.65
CA VAL E 116 -51.72 3.98 48.35
C VAL E 116 -52.26 4.01 46.93
N TYR E 117 -51.42 3.66 45.95
CA TYR E 117 -51.83 3.64 44.56
C TYR E 117 -53.02 2.74 44.32
N LYS E 118 -53.14 1.69 45.12
CA LYS E 118 -54.14 0.66 44.88
C LYS E 118 -55.50 1.06 45.41
N GLN E 119 -55.54 1.83 46.49
CA GLN E 119 -56.77 2.18 47.17
C GLN E 119 -57.23 3.60 46.85
N VAL E 120 -56.41 4.37 46.14
CA VAL E 120 -56.68 5.78 45.91
C VAL E 120 -56.61 6.08 44.42
N CYS E 121 -55.47 5.75 43.82
CA CYS E 121 -55.14 6.21 42.48
C CYS E 121 -55.41 5.19 41.40
N SER E 122 -55.37 3.90 41.74
CA SER E 122 -55.62 2.87 40.74
C SER E 122 -57.02 2.95 40.17
N SER E 123 -57.95 3.66 40.81
CA SER E 123 -59.27 3.88 40.26
C SER E 123 -59.29 4.97 39.20
N CYS E 124 -58.26 5.81 39.15
CA CYS E 124 -58.26 6.98 38.28
C CYS E 124 -56.95 7.18 37.53
N HIS E 125 -55.90 6.41 37.83
CA HIS E 125 -54.66 6.46 37.08
C HIS E 125 -54.29 5.09 36.55
N SER E 126 -53.78 5.08 35.34
CA SER E 126 -53.22 3.89 34.73
C SER E 126 -51.73 3.78 35.07
N MET E 127 -51.24 2.54 35.08
CA MET E 127 -49.81 2.26 35.13
C MET E 127 -49.60 1.04 34.24
N ASP E 128 -49.33 1.31 32.96
CA ASP E 128 -49.36 0.26 31.96
C ASP E 128 -48.10 -0.59 31.96
N TYR E 129 -46.98 -0.04 32.44
CA TYR E 129 -45.66 -0.62 32.23
C TYR E 129 -45.12 -1.27 33.49
N VAL E 130 -46.00 -1.90 34.26
CA VAL E 130 -45.61 -2.63 35.45
C VAL E 130 -46.48 -3.88 35.55
N ALA E 131 -45.94 -4.91 36.18
CA ALA E 131 -46.64 -6.14 36.43
C ALA E 131 -46.65 -6.46 37.92
N TYR E 132 -47.58 -7.32 38.29
CA TYR E 132 -47.59 -7.86 39.65
C TYR E 132 -46.36 -8.73 39.91
N ARG E 133 -45.70 -9.22 38.86
CA ARG E 133 -44.49 -10.01 39.08
C ARG E 133 -43.32 -9.13 39.46
N HIS E 134 -43.28 -7.90 38.95
CA HIS E 134 -42.19 -6.99 39.29
C HIS E 134 -42.18 -6.67 40.77
N LEU E 135 -43.34 -6.74 41.43
CA LEU E 135 -43.39 -6.51 42.86
C LEU E 135 -42.73 -7.62 43.64
N VAL E 136 -42.54 -8.78 43.02
CA VAL E 136 -41.93 -9.90 43.72
C VAL E 136 -40.51 -9.55 44.11
N GLY E 137 -40.15 -9.92 45.32
CA GLY E 137 -38.79 -9.74 45.77
C GLY E 137 -38.40 -8.33 46.08
N VAL E 138 -39.33 -7.37 46.01
CA VAL E 138 -39.05 -5.97 46.28
C VAL E 138 -39.91 -5.43 47.41
N CYS E 139 -41.24 -5.52 47.28
CA CYS E 139 -42.15 -5.07 48.32
C CYS E 139 -43.19 -6.10 48.69
N TYR E 140 -43.63 -6.91 47.74
CA TYR E 140 -44.42 -8.10 48.02
C TYR E 140 -43.63 -9.31 47.60
N THR E 141 -44.01 -10.45 48.16
CA THR E 141 -43.43 -11.73 47.78
C THR E 141 -44.27 -12.36 46.68
N GLU E 142 -43.98 -13.63 46.39
CA GLU E 142 -44.70 -14.33 45.35
C GLU E 142 -46.16 -14.50 45.72
N ASP E 143 -46.42 -15.10 46.89
CA ASP E 143 -47.79 -15.45 47.26
C ASP E 143 -48.63 -14.22 47.50
N GLU E 144 -48.06 -13.21 48.16
CA GLU E 144 -48.82 -12.01 48.49
C GLU E 144 -49.27 -11.32 47.21
N ALA E 145 -48.36 -11.16 46.25
CA ALA E 145 -48.73 -10.54 44.98
C ALA E 145 -49.70 -11.44 44.23
N LYS E 146 -49.48 -12.75 44.28
CA LYS E 146 -50.37 -13.69 43.62
C LYS E 146 -51.79 -13.57 44.14
N ALA E 147 -51.92 -13.34 45.45
CA ALA E 147 -53.24 -13.14 46.03
C ALA E 147 -53.91 -11.91 45.45
N LEU E 148 -53.13 -10.86 45.21
CA LEU E 148 -53.71 -9.64 44.66
C LEU E 148 -54.03 -9.79 43.19
N ALA E 149 -53.29 -10.66 42.51
CA ALA E 149 -53.65 -10.97 41.14
C ALA E 149 -55.04 -11.58 41.06
N GLU E 150 -55.44 -12.32 42.10
CA GLU E 150 -56.73 -12.97 42.12
C GLU E 150 -57.83 -12.12 42.72
N GLU E 151 -57.54 -10.85 43.02
CA GLU E 151 -58.57 -9.95 43.52
C GLU E 151 -59.33 -9.27 42.39
N VAL E 152 -58.63 -8.88 41.33
CA VAL E 152 -59.22 -8.13 40.23
C VAL E 152 -59.44 -9.06 39.04
N GLU E 153 -60.50 -8.76 38.29
CA GLU E 153 -60.87 -9.53 37.11
C GLU E 153 -60.26 -8.86 35.88
N VAL E 154 -59.83 -9.70 34.94
CA VAL E 154 -59.16 -9.23 33.73
C VAL E 154 -59.81 -9.88 32.53
N GLN E 155 -59.91 -9.10 31.46
CA GLN E 155 -60.48 -9.60 30.21
C GLN E 155 -59.42 -10.38 29.45
N ASP E 156 -59.64 -11.68 29.32
CA ASP E 156 -58.67 -12.55 28.68
C ASP E 156 -59.39 -13.73 28.06
N GLY E 157 -58.91 -14.15 26.91
CA GLY E 157 -59.28 -15.43 26.35
C GLY E 157 -60.43 -15.34 25.37
N PRO E 158 -60.14 -15.46 24.08
CA PRO E 158 -61.21 -15.79 23.14
C PRO E 158 -61.74 -17.18 23.37
N ASN E 159 -62.96 -17.24 23.87
CA ASN E 159 -63.64 -18.50 24.12
C ASN E 159 -63.72 -19.31 22.84
N GLU E 160 -63.82 -20.64 22.99
CA GLU E 160 -64.06 -21.47 21.82
C GLU E 160 -65.41 -21.15 21.19
N ASP E 161 -66.35 -20.64 21.97
CA ASP E 161 -67.60 -20.15 21.42
C ASP E 161 -67.41 -18.92 20.55
N GLY E 162 -66.29 -18.23 20.70
CA GLY E 162 -66.00 -17.06 19.90
C GLY E 162 -66.22 -15.75 20.62
N GLU E 163 -66.16 -15.75 21.94
CA GLU E 163 -66.39 -14.57 22.76
C GLU E 163 -65.22 -14.37 23.68
N MET E 164 -65.25 -13.28 24.43
CA MET E 164 -64.24 -12.95 25.42
C MET E 164 -64.88 -12.78 26.78
N PHE E 165 -64.17 -13.23 27.81
CA PHE E 165 -64.72 -13.35 29.15
C PHE E 165 -63.79 -12.63 30.11
N MET E 166 -64.06 -12.80 31.40
CA MET E 166 -63.26 -12.24 32.47
C MET E 166 -62.76 -13.37 33.35
N ARG E 167 -61.54 -13.22 33.85
CA ARG E 167 -60.95 -14.18 34.76
C ARG E 167 -60.21 -13.43 35.85
N PRO E 168 -59.87 -14.10 36.95
CA PRO E 168 -58.95 -13.48 37.91
C PRO E 168 -57.60 -13.28 37.28
N GLY E 169 -56.99 -12.13 37.57
CA GLY E 169 -55.68 -11.84 37.04
C GLY E 169 -54.62 -12.78 37.60
N LYS E 170 -53.48 -12.79 36.94
CA LYS E 170 -52.31 -13.53 37.37
C LYS E 170 -51.13 -12.57 37.49
N LEU E 171 -49.95 -13.12 37.79
CA LEU E 171 -48.79 -12.28 38.02
C LEU E 171 -48.30 -11.65 36.73
N SER E 172 -48.38 -12.38 35.62
CA SER E 172 -47.97 -11.84 34.33
C SER E 172 -48.80 -10.64 33.94
N ASP E 173 -50.04 -10.58 34.40
CA ASP E 173 -50.92 -9.47 34.06
C ASP E 173 -50.38 -8.17 34.61
N TYR E 174 -50.59 -7.10 33.86
CA TYR E 174 -50.17 -5.78 34.26
C TYR E 174 -51.21 -5.15 35.16
N PHE E 175 -50.89 -4.00 35.72
CA PHE E 175 -51.82 -3.32 36.59
C PHE E 175 -53.07 -2.96 35.80
N PRO E 176 -54.27 -3.26 36.31
CA PRO E 176 -55.45 -3.05 35.50
C PRO E 176 -55.71 -1.58 35.28
N LYS E 177 -55.93 -1.23 34.03
CA LYS E 177 -56.23 0.14 33.70
C LYS E 177 -57.64 0.48 34.21
N PRO E 178 -57.82 1.59 34.94
CA PRO E 178 -59.16 1.86 35.48
C PRO E 178 -60.19 2.12 34.40
N TYR E 179 -59.79 2.76 33.32
CA TYR E 179 -60.67 3.18 32.25
C TYR E 179 -60.32 2.47 30.95
N PRO E 180 -61.27 2.34 30.02
CA PRO E 180 -60.96 1.66 28.76
C PRO E 180 -60.24 2.52 27.75
N ASN E 181 -60.27 3.83 27.89
CA ASN E 181 -59.71 4.72 26.88
C ASN E 181 -59.66 6.14 27.46
N PRO E 182 -58.75 6.98 26.96
CA PRO E 182 -58.58 8.30 27.60
C PRO E 182 -59.79 9.20 27.46
N GLU E 183 -60.63 8.98 26.46
CA GLU E 183 -61.79 9.85 26.29
C GLU E 183 -62.77 9.65 27.43
N ALA E 184 -62.98 8.40 27.85
CA ALA E 184 -63.78 8.15 29.03
C ALA E 184 -63.19 8.84 30.26
N ALA E 185 -61.86 8.98 30.29
CA ALA E 185 -61.23 9.68 31.39
C ALA E 185 -61.54 11.16 31.33
N ARG E 186 -61.30 11.77 30.17
CA ARG E 186 -61.70 13.15 29.96
C ARG E 186 -63.19 13.33 30.18
N ALA E 187 -63.97 12.30 29.88
CA ALA E 187 -65.40 12.36 30.14
C ALA E 187 -65.68 12.33 31.64
N ALA E 188 -64.90 11.55 32.38
CA ALA E 188 -65.16 11.34 33.79
C ALA E 188 -64.40 12.30 34.69
N ASN E 189 -63.67 13.26 34.13
CA ASN E 189 -62.91 14.22 34.92
C ASN E 189 -62.97 15.61 34.31
N ASN E 190 -64.11 15.95 33.69
CA ASN E 190 -64.36 17.28 33.17
C ASN E 190 -63.33 17.66 32.11
N GLY E 191 -63.16 16.78 31.14
CA GLY E 191 -62.22 17.00 30.06
C GLY E 191 -60.77 16.78 30.41
N ALA E 192 -60.46 16.54 31.67
CA ALA E 192 -59.08 16.44 32.11
C ALA E 192 -58.61 14.99 32.07
N LEU E 193 -57.30 14.84 31.92
CA LEU E 193 -56.69 13.53 31.67
C LEU E 193 -55.81 13.12 32.84
N PRO E 194 -56.21 12.16 33.67
CA PRO E 194 -55.26 11.59 34.61
C PRO E 194 -54.11 10.94 33.87
N PRO E 195 -52.87 11.36 34.11
CA PRO E 195 -51.76 10.78 33.38
C PRO E 195 -51.39 9.42 33.93
N ASP E 196 -50.71 8.64 33.10
CA ASP E 196 -50.07 7.43 33.57
C ASP E 196 -49.02 7.79 34.60
N LEU E 197 -48.58 6.80 35.37
CA LEU E 197 -47.66 7.02 36.47
C LEU E 197 -46.52 6.02 36.48
N SER E 198 -46.26 5.36 35.36
CA SER E 198 -45.08 4.51 35.27
C SER E 198 -43.80 5.32 35.33
N TYR E 199 -43.77 6.45 34.62
CA TYR E 199 -42.56 7.25 34.45
C TYR E 199 -42.73 8.67 34.98
N ILE E 200 -43.74 8.91 35.83
CA ILE E 200 -44.09 10.27 36.23
C ILE E 200 -42.94 10.92 37.00
N VAL E 201 -42.21 10.13 37.77
CA VAL E 201 -41.06 10.66 38.50
C VAL E 201 -40.07 11.23 37.51
N ARG E 202 -39.70 10.45 36.51
CA ARG E 202 -38.70 10.81 35.54
C ARG E 202 -39.27 11.56 34.35
N ALA E 203 -40.54 11.96 34.41
CA ALA E 203 -41.18 12.77 33.39
C ALA E 203 -41.54 14.15 33.90
N ARG E 204 -41.06 14.54 35.07
CA ARG E 204 -41.36 15.84 35.64
C ARG E 204 -40.12 16.39 36.33
N HIS E 205 -39.77 17.61 35.97
CA HIS E 205 -38.63 18.27 36.56
C HIS E 205 -38.80 18.37 38.07
N GLY E 206 -37.73 18.12 38.79
CA GLY E 206 -37.75 18.05 40.22
C GLY E 206 -38.01 16.66 40.77
N GLY E 207 -38.67 15.80 40.01
CA GLY E 207 -38.79 14.42 40.44
C GLY E 207 -39.72 14.27 41.63
N GLU E 208 -39.36 13.34 42.51
CA GLU E 208 -40.23 13.03 43.64
C GLU E 208 -40.40 14.21 44.58
N ASP E 209 -39.43 15.11 44.63
CA ASP E 209 -39.58 16.32 45.41
C ASP E 209 -40.78 17.12 44.95
N TYR E 210 -41.00 17.18 43.65
CA TYR E 210 -42.15 17.87 43.10
C TYR E 210 -43.43 17.26 43.60
N VAL E 211 -43.51 15.93 43.53
CA VAL E 211 -44.77 15.24 43.72
C VAL E 211 -45.25 15.38 45.16
N PHE E 212 -44.36 15.18 46.13
CA PHE E 212 -44.73 15.33 47.52
C PHE E 212 -45.19 16.75 47.80
N SER E 213 -44.46 17.73 47.27
CA SER E 213 -44.88 19.11 47.42
C SER E 213 -46.19 19.38 46.69
N LEU E 214 -46.48 18.59 45.66
CA LEU E 214 -47.68 18.82 44.88
C LEU E 214 -48.91 18.39 45.65
N LEU E 215 -48.91 17.15 46.12
CA LEU E 215 -50.01 16.67 46.95
C LEU E 215 -50.10 17.49 48.22
N THR E 216 -48.96 17.77 48.83
CA THR E 216 -48.90 18.45 50.11
C THR E 216 -48.86 19.95 49.98
N GLY E 217 -49.32 20.49 48.85
CA GLY E 217 -49.26 21.92 48.61
C GLY E 217 -50.61 22.54 48.37
N TYR E 218 -51.68 21.78 48.49
CA TYR E 218 -53.01 22.32 48.28
C TYR E 218 -53.30 23.41 49.30
N CYS E 219 -54.02 24.42 48.84
CA CYS E 219 -54.44 25.52 49.68
C CYS E 219 -55.50 26.29 48.91
N GLU E 220 -56.22 27.13 49.63
CA GLU E 220 -57.11 28.05 48.96
C GLU E 220 -56.31 28.96 48.05
N PRO E 221 -56.92 29.52 47.01
CA PRO E 221 -56.21 30.47 46.20
C PRO E 221 -55.99 31.76 46.97
N PRO E 222 -55.01 32.58 46.58
CA PRO E 222 -54.89 33.91 47.19
C PRO E 222 -55.95 34.84 46.63
N THR E 223 -55.99 36.04 47.22
CA THR E 223 -56.96 37.03 46.79
C THR E 223 -56.65 37.48 45.37
N GLY E 224 -57.70 37.82 44.64
CA GLY E 224 -57.59 38.15 43.24
C GLY E 224 -57.61 36.95 42.31
N VAL E 225 -57.45 35.74 42.85
CA VAL E 225 -57.40 34.52 42.07
C VAL E 225 -58.75 33.81 42.18
N SER E 226 -59.23 33.29 41.05
CA SER E 226 -60.46 32.52 41.05
C SER E 226 -60.41 31.51 39.91
N LEU E 227 -60.86 30.29 40.20
CA LEU E 227 -60.80 29.17 39.28
C LEU E 227 -62.21 28.69 38.95
N ARG E 228 -62.30 27.92 37.87
CA ARG E 228 -63.56 27.36 37.44
C ARG E 228 -63.90 26.12 38.24
N GLU E 229 -65.16 25.71 38.14
CA GLU E 229 -65.62 24.54 38.86
C GLU E 229 -64.93 23.29 38.36
N GLY E 230 -64.60 22.40 39.29
CA GLY E 230 -63.87 21.18 39.00
C GLY E 230 -62.40 21.34 39.27
N LEU E 231 -61.85 22.50 38.92
CA LEU E 231 -60.42 22.77 39.05
C LEU E 231 -60.11 23.43 40.39
N TYR E 232 -58.99 23.01 40.95
CA TYR E 232 -58.54 23.45 42.26
C TYR E 232 -57.18 24.10 42.15
N PHE E 233 -56.79 24.75 43.24
CA PHE E 233 -55.57 25.55 43.30
C PHE E 233 -54.44 24.73 43.91
N ASN E 234 -53.26 24.86 43.34
CA ASN E 234 -52.07 24.26 43.94
C ASN E 234 -50.84 25.00 43.42
N PRO E 235 -50.00 25.59 44.28
CA PRO E 235 -48.90 26.41 43.77
C PRO E 235 -47.86 25.66 42.95
N TYR E 236 -47.83 24.33 43.04
CA TYR E 236 -46.76 23.54 42.44
C TYR E 236 -47.13 23.01 41.06
N PHE E 237 -47.87 23.79 40.28
CA PHE E 237 -48.30 23.39 38.95
C PHE E 237 -48.26 24.61 38.04
N PRO E 238 -47.92 24.45 36.76
CA PRO E 238 -47.96 25.60 35.85
C PRO E 238 -49.36 26.13 35.68
N GLY E 239 -49.57 27.37 36.10
CA GLY E 239 -50.88 27.95 36.13
C GLY E 239 -51.64 27.69 37.42
N GLN E 240 -51.16 26.76 38.25
CA GLN E 240 -51.70 26.53 39.58
C GLN E 240 -53.17 26.12 39.50
N ALA E 241 -53.50 25.34 38.50
CA ALA E 241 -54.88 24.91 38.26
C ALA E 241 -54.90 23.49 37.74
N ILE E 242 -55.49 22.58 38.53
CA ILE E 242 -55.55 21.18 38.16
C ILE E 242 -56.90 20.60 38.55
N GLY E 243 -57.24 19.48 37.92
CA GLY E 243 -58.45 18.77 38.26
C GLY E 243 -58.25 17.76 39.37
N MET E 244 -57.03 17.66 39.88
CA MET E 244 -56.75 16.63 40.85
C MET E 244 -57.31 17.04 42.20
N ALA E 245 -58.52 16.59 42.50
CA ALA E 245 -59.09 16.84 43.80
C ALA E 245 -58.31 16.09 44.87
N PRO E 246 -58.49 16.43 46.15
CA PRO E 246 -57.68 15.84 47.22
C PRO E 246 -57.71 14.32 47.18
N PRO E 247 -56.59 13.68 46.86
CA PRO E 247 -56.58 12.22 46.83
C PRO E 247 -56.32 11.66 48.21
N ILE E 248 -55.60 12.41 49.04
CA ILE E 248 -55.12 11.93 50.33
C ILE E 248 -55.34 12.96 51.40
N TYR E 249 -55.40 12.49 52.64
CA TYR E 249 -55.45 13.30 53.83
C TYR E 249 -55.28 12.37 55.02
N ASN E 250 -55.39 12.92 56.21
CA ASN E 250 -55.18 12.14 57.43
C ASN E 250 -56.22 11.03 57.54
N GLU E 251 -55.73 9.79 57.66
CA GLU E 251 -56.59 8.61 57.76
C GLU E 251 -57.49 8.47 56.56
N VAL E 252 -57.01 8.89 55.39
CA VAL E 252 -57.72 8.61 54.14
C VAL E 252 -57.79 7.11 53.89
N LEU E 253 -56.84 6.34 54.44
CA LEU E 253 -56.81 4.91 54.27
C LEU E 253 -56.26 4.29 55.55
N GLU E 254 -55.91 3.00 55.48
CA GLU E 254 -55.21 2.33 56.56
C GLU E 254 -54.10 1.48 55.98
N PHE E 255 -53.02 1.37 56.74
CA PHE E 255 -51.88 0.55 56.37
C PHE E 255 -51.93 -0.78 57.10
N ASP E 256 -51.12 -1.72 56.62
CA ASP E 256 -51.09 -3.05 57.20
C ASP E 256 -50.13 -3.16 58.37
N ASP E 257 -49.02 -2.45 58.32
CA ASP E 257 -48.00 -2.52 59.35
C ASP E 257 -48.30 -1.65 60.57
N GLY E 258 -49.52 -1.13 60.69
CA GLY E 258 -49.86 -0.31 61.84
C GLY E 258 -49.30 1.09 61.79
N THR E 259 -48.92 1.57 60.62
CA THR E 259 -48.36 2.90 60.52
C THR E 259 -49.47 3.95 60.66
N PRO E 260 -49.20 5.07 61.32
CA PRO E 260 -50.16 6.19 61.27
C PRO E 260 -50.20 6.80 59.88
N ALA E 261 -51.41 6.92 59.33
CA ALA E 261 -51.59 7.34 57.94
C ALA E 261 -51.80 8.84 57.87
N THR E 262 -50.79 9.57 58.32
CA THR E 262 -50.77 11.00 58.08
C THR E 262 -50.61 11.27 56.60
N MET E 263 -51.17 12.41 56.17
CA MET E 263 -51.05 12.82 54.78
C MET E 263 -49.61 12.82 54.30
N SER E 264 -48.68 13.20 55.17
CA SER E 264 -47.27 13.21 54.80
C SER E 264 -46.73 11.80 54.71
N GLN E 265 -46.99 10.98 55.72
CA GLN E 265 -46.54 9.58 55.70
C GLN E 265 -47.04 8.88 54.45
N VAL E 266 -48.25 9.19 54.02
CA VAL E 266 -48.78 8.58 52.82
C VAL E 266 -48.00 9.06 51.60
N ALA E 267 -47.88 10.37 51.44
CA ALA E 267 -47.27 10.92 50.25
C ALA E 267 -45.79 10.58 50.17
N LYS E 268 -45.16 10.32 51.31
CA LYS E 268 -43.78 9.87 51.29
C LYS E 268 -43.69 8.49 50.65
N ASP E 269 -44.50 7.56 51.12
CA ASP E 269 -44.36 6.17 50.69
C ASP E 269 -44.70 6.01 49.22
N VAL E 270 -45.74 6.71 48.77
CA VAL E 270 -46.16 6.57 47.38
C VAL E 270 -45.08 7.09 46.45
N CYS E 271 -44.46 8.21 46.78
CA CYS E 271 -43.41 8.72 45.93
C CYS E 271 -42.23 7.78 45.90
N THR E 272 -41.99 7.09 47.01
CA THR E 272 -40.96 6.06 47.03
C THR E 272 -41.34 4.94 46.09
N PHE E 273 -42.62 4.58 46.04
CA PHE E 273 -43.05 3.54 45.13
C PHE E 273 -42.86 3.97 43.69
N LEU E 274 -43.20 5.21 43.38
CA LEU E 274 -43.15 5.66 41.99
C LEU E 274 -41.73 5.76 41.51
N ARG E 275 -40.81 6.11 42.40
CA ARG E 275 -39.40 6.12 42.02
C ARG E 275 -38.92 4.72 41.71
N TRP E 276 -39.53 3.71 42.32
CA TRP E 276 -39.23 2.34 41.95
C TRP E 276 -39.85 2.00 40.61
N ALA E 277 -41.05 2.51 40.36
CA ALA E 277 -41.71 2.26 39.09
C ALA E 277 -40.91 2.84 37.94
N ALA E 278 -40.57 4.11 38.03
CA ALA E 278 -39.85 4.77 36.96
C ALA E 278 -38.40 4.35 36.90
N GLU E 279 -37.88 3.69 37.94
CA GLU E 279 -36.48 3.30 37.99
C GLU E 279 -36.33 2.10 38.90
N PRO E 280 -36.84 0.94 38.48
CA PRO E 280 -36.67 -0.27 39.29
C PRO E 280 -35.23 -0.72 39.36
N GLU E 281 -34.40 -0.31 38.42
CA GLU E 281 -32.99 -0.62 38.45
C GLU E 281 -32.21 0.15 39.51
N HIS E 282 -32.87 1.09 40.20
CA HIS E 282 -32.21 1.98 41.14
C HIS E 282 -31.37 1.22 42.15
N ASP E 283 -31.99 0.27 42.86
CA ASP E 283 -31.30 -0.45 43.91
C ASP E 283 -30.17 -1.33 43.38
N HIS E 284 -30.25 -1.76 42.13
CA HIS E 284 -29.19 -2.52 41.48
C HIS E 284 -28.23 -1.63 40.72
N ARG E 285 -28.64 -0.42 40.39
CA ARG E 285 -27.76 0.54 39.75
C ARG E 285 -26.53 0.79 40.61
N LYS E 286 -26.75 1.16 41.87
CA LYS E 286 -25.67 1.65 42.71
C LYS E 286 -24.67 0.57 43.07
N ARG E 287 -25.14 -0.66 43.26
CA ARG E 287 -24.23 -1.77 43.55
C ARG E 287 -23.16 -1.90 42.48
N MET E 288 -23.55 -1.77 41.22
CA MET E 288 -22.55 -1.70 40.17
C MET E 288 -21.77 -0.40 40.28
N GLY E 289 -22.42 0.67 40.70
CA GLY E 289 -21.70 1.92 40.94
C GLY E 289 -20.66 1.77 42.02
N LEU E 290 -20.90 0.89 42.97
CA LEU E 290 -19.92 0.63 44.02
C LEU E 290 -18.80 -0.25 43.49
N LYS E 291 -19.15 -1.32 42.78
CA LYS E 291 -18.14 -2.21 42.23
C LYS E 291 -17.22 -1.43 41.30
N MET E 292 -17.76 -0.45 40.59
CA MET E 292 -16.96 0.25 39.60
C MET E 292 -15.88 1.08 40.28
N LEU E 293 -16.27 1.94 41.21
CA LEU E 293 -15.33 2.88 41.79
C LEU E 293 -14.21 2.18 42.54
N LEU E 294 -14.48 1.00 43.06
CA LEU E 294 -13.42 0.24 43.71
C LEU E 294 -12.45 -0.32 42.68
N MET E 295 -12.96 -0.81 41.56
CA MET E 295 -12.09 -1.27 40.50
C MET E 295 -11.38 -0.10 39.85
N MET E 296 -12.14 0.93 39.50
CA MET E 296 -11.54 2.09 38.86
C MET E 296 -10.61 2.83 39.81
N GLY E 297 -10.83 2.68 41.11
CA GLY E 297 -9.86 3.18 42.06
C GLY E 297 -8.52 2.46 41.98
N LEU E 298 -8.52 1.25 41.42
CA LEU E 298 -7.31 0.45 41.30
C LEU E 298 -6.71 0.52 39.91
N LEU E 299 -7.52 0.35 38.87
CA LEU E 299 -6.96 0.25 37.53
C LEU E 299 -6.37 1.58 37.07
N LEU E 300 -6.96 2.70 37.46
CA LEU E 300 -6.45 3.99 37.04
C LEU E 300 -5.02 4.24 37.50
N PRO E 301 -4.67 4.06 38.77
CA PRO E 301 -3.27 4.25 39.14
C PRO E 301 -2.35 3.19 38.56
N LEU E 302 -2.80 1.94 38.47
CA LEU E 302 -1.94 0.89 37.96
C LEU E 302 -1.59 1.13 36.51
N VAL E 303 -2.60 1.41 35.68
CA VAL E 303 -2.36 1.75 34.29
C VAL E 303 -1.50 3.00 34.21
N TYR E 304 -1.75 3.97 35.09
CA TYR E 304 -0.94 5.18 35.14
C TYR E 304 0.49 4.89 35.51
N ALA E 305 0.76 3.72 36.10
CA ALA E 305 2.13 3.34 36.39
C ALA E 305 2.79 2.75 35.16
N MET E 306 2.11 1.81 34.50
CA MET E 306 2.66 1.22 33.29
C MET E 306 2.92 2.28 32.24
N LYS E 307 2.08 3.30 32.19
CA LYS E 307 2.36 4.43 31.32
C LYS E 307 3.67 5.08 31.70
N ARG E 308 3.75 5.57 32.92
CA ARG E 308 4.98 6.20 33.39
C ARG E 308 6.04 5.20 33.74
N HIS E 309 5.83 3.93 33.40
CA HIS E 309 6.88 2.93 33.30
C HIS E 309 7.48 2.89 31.92
N LYS E 310 6.63 2.87 30.88
CA LYS E 310 7.12 2.77 29.52
C LYS E 310 7.61 4.12 29.01
N TRP E 311 6.87 5.18 29.29
CA TRP E 311 7.33 6.52 28.97
C TRP E 311 8.53 6.94 29.79
N SER E 312 8.85 6.19 30.85
CA SER E 312 9.95 6.57 31.73
C SER E 312 11.26 6.67 30.99
N VAL E 313 11.42 5.91 29.91
CA VAL E 313 12.61 6.00 29.10
C VAL E 313 12.76 7.40 28.56
N LEU E 314 11.66 8.02 28.19
CA LEU E 314 11.69 9.28 27.48
C LEU E 314 11.66 10.46 28.43
N LYS E 315 11.00 10.32 29.57
CA LYS E 315 11.05 11.38 30.57
C LYS E 315 12.42 11.51 31.19
N SER E 316 13.29 10.51 31.02
CA SER E 316 14.60 10.49 31.63
C SER E 316 15.73 10.52 30.62
N ARG E 317 15.44 10.52 29.32
CA ARG E 317 16.53 10.53 28.38
C ARG E 317 17.20 11.89 28.36
N LYS E 318 18.34 11.95 27.69
CA LYS E 318 19.16 13.14 27.63
C LYS E 318 19.71 13.28 26.23
N LEU E 319 20.26 14.45 25.95
CA LEU E 319 20.75 14.77 24.63
C LEU E 319 22.01 15.61 24.72
N ALA E 320 22.72 15.65 23.61
CA ALA E 320 23.95 16.41 23.50
C ALA E 320 24.25 16.64 22.04
N TYR E 321 25.21 17.51 21.78
CA TYR E 321 25.49 18.00 20.44
C TYR E 321 26.99 18.12 20.26
N ARG E 322 27.58 17.17 19.55
CA ARG E 322 29.03 17.01 19.43
C ARG E 322 29.43 17.15 17.98
N PRO E 323 29.44 18.37 17.46
CA PRO E 323 29.90 18.59 16.10
C PRO E 323 31.40 18.51 16.02
N PRO E 324 31.96 18.40 14.81
CA PRO E 324 33.41 18.28 14.65
C PRO E 324 34.14 19.58 14.92
N TRP F 13 6.63 52.41 23.51
CA TRP F 13 7.24 52.45 22.19
C TRP F 13 7.22 51.07 21.56
N LEU F 14 7.12 51.03 20.22
CA LEU F 14 6.83 49.78 19.52
C LEU F 14 7.93 48.75 19.71
N GLU F 15 9.18 49.20 19.74
CA GLU F 15 10.29 48.28 19.99
C GLU F 15 10.11 47.57 21.32
N GLY F 16 9.77 48.32 22.36
CA GLY F 16 9.47 47.70 23.64
C GLY F 16 8.29 46.75 23.54
N ILE F 17 7.35 47.05 22.64
CA ILE F 17 6.18 46.21 22.48
C ILE F 17 6.54 44.94 21.74
N ARG F 18 7.34 45.06 20.68
CA ARG F 18 7.86 43.88 19.99
C ARG F 18 8.59 42.98 20.96
N LYS F 19 9.35 43.57 21.88
CA LYS F 19 10.12 42.78 22.83
C LYS F 19 9.22 42.02 23.77
N TRP F 20 8.19 42.69 24.29
CA TRP F 20 7.30 42.04 25.24
C TRP F 20 6.55 40.89 24.60
N TYR F 21 6.08 41.10 23.37
CA TYR F 21 5.38 40.05 22.65
C TYR F 21 6.27 38.82 22.48
N TYR F 22 7.56 39.05 22.24
CA TYR F 22 8.49 37.95 22.05
C TYR F 22 8.57 37.09 23.29
N ASN F 23 8.75 37.72 24.45
CA ASN F 23 8.78 36.98 25.70
C ASN F 23 7.43 36.38 26.01
N ALA F 24 6.36 37.03 25.57
CA ALA F 24 5.03 36.52 25.81
C ALA F 24 4.79 35.23 25.03
N ALA F 25 5.34 35.16 23.81
CA ALA F 25 5.14 33.98 22.99
C ALA F 25 5.74 32.76 23.65
N GLY F 26 7.01 32.85 24.01
CA GLY F 26 7.65 31.85 24.82
C GLY F 26 8.50 30.85 24.11
N PHE F 27 8.69 30.98 22.80
CA PHE F 27 9.60 30.06 22.14
C PHE F 27 11.06 30.37 22.44
N ASN F 28 11.34 31.48 23.12
CA ASN F 28 12.63 31.64 23.78
C ASN F 28 12.77 30.73 24.97
N LYS F 29 11.66 30.43 25.66
CA LYS F 29 11.75 29.59 26.83
C LYS F 29 12.09 28.15 26.49
N LEU F 30 11.96 27.77 25.21
CA LEU F 30 12.42 26.49 24.71
C LEU F 30 13.69 26.63 23.90
N GLY F 31 14.39 27.75 24.03
CA GLY F 31 15.67 27.89 23.38
C GLY F 31 15.63 28.04 21.88
N LEU F 32 14.44 28.16 21.30
CA LEU F 32 14.31 28.28 19.87
C LEU F 32 14.53 29.71 19.41
N MET F 33 14.85 29.83 18.13
CA MET F 33 14.86 31.10 17.44
C MET F 33 13.56 31.24 16.67
N ARG F 34 13.40 32.39 16.01
CA ARG F 34 12.18 32.65 15.27
C ARG F 34 12.04 31.69 14.10
N ASP F 35 13.04 31.68 13.22
CA ASP F 35 12.94 30.94 11.98
C ASP F 35 12.83 29.44 12.19
N ASP F 36 13.10 28.96 13.40
CA ASP F 36 12.89 27.55 13.69
C ASP F 36 11.41 27.17 13.68
N THR F 37 10.52 28.14 13.78
CA THR F 37 9.11 27.90 13.99
C THR F 37 8.24 28.02 12.76
N ILE F 38 8.79 28.53 11.65
CA ILE F 38 7.95 28.95 10.54
C ILE F 38 7.25 27.72 9.96
N HIS F 39 6.06 27.95 9.41
CA HIS F 39 5.26 26.86 8.88
C HIS F 39 6.00 26.19 7.74
N GLU F 40 6.17 24.88 7.89
CA GLU F 40 6.70 24.05 6.83
C GLU F 40 5.90 24.27 5.54
N ASN F 41 6.60 24.66 4.49
CA ASN F 41 5.94 25.06 3.27
C ASN F 41 6.92 24.92 2.11
N ASP F 42 6.37 24.88 0.91
CA ASP F 42 7.17 24.62 -0.28
C ASP F 42 8.26 25.66 -0.45
N ASP F 43 7.89 26.94 -0.32
CA ASP F 43 8.87 28.01 -0.40
C ASP F 43 9.89 27.91 0.73
N VAL F 44 9.53 27.25 1.82
CA VAL F 44 10.41 27.16 2.98
C VAL F 44 11.38 26.01 2.83
N LYS F 45 10.87 24.83 2.50
CA LYS F 45 11.72 23.65 2.35
C LYS F 45 12.85 23.90 1.36
N GLU F 46 12.51 24.53 0.24
CA GLU F 46 13.51 25.01 -0.70
C GLU F 46 14.57 25.82 0.03
N ALA F 47 14.15 26.74 0.89
CA ALA F 47 15.10 27.57 1.60
C ALA F 47 15.90 26.75 2.60
N ILE F 48 15.26 25.78 3.25
CA ILE F 48 15.97 24.96 4.22
C ILE F 48 17.00 24.12 3.52
N ARG F 49 16.65 23.55 2.39
CA ARG F 49 17.56 22.70 1.64
C ARG F 49 18.84 23.43 1.28
N ARG F 50 18.75 24.74 1.09
CA ARG F 50 19.89 25.54 0.71
C ARG F 50 20.75 25.94 1.89
N LEU F 51 20.35 25.63 3.11
CA LEU F 51 21.15 26.00 4.25
C LEU F 51 22.47 25.25 4.23
N PRO F 52 23.48 25.75 4.93
CA PRO F 52 24.70 24.98 5.10
C PRO F 52 24.53 23.97 6.20
N GLU F 53 25.50 23.06 6.29
CA GLU F 53 25.40 21.96 7.22
C GLU F 53 25.52 22.44 8.66
N ASN F 54 26.39 23.40 8.91
CA ASN F 54 26.59 23.91 10.26
C ASN F 54 25.30 24.52 10.79
N LEU F 55 24.77 25.48 10.05
CA LEU F 55 23.55 26.17 10.46
C LEU F 55 22.37 25.23 10.50
N TYR F 56 22.30 24.30 9.54
CA TYR F 56 21.20 23.34 9.52
C TYR F 56 21.25 22.42 10.72
N ASP F 57 22.40 21.77 10.92
CA ASP F 57 22.54 20.83 12.02
C ASP F 57 22.34 21.50 13.37
N ASP F 58 22.44 22.82 13.43
CA ASP F 58 22.07 23.54 14.65
C ASP F 58 20.57 23.66 14.75
N ARG F 59 19.89 23.90 13.62
CA ARG F 59 18.45 24.02 13.62
C ARG F 59 17.81 22.75 14.14
N VAL F 60 18.34 21.62 13.72
CA VAL F 60 17.75 20.34 14.11
C VAL F 60 17.85 20.15 15.61
N PHE F 61 18.94 20.59 16.21
CA PHE F 61 19.11 20.39 17.64
C PHE F 61 18.24 21.35 18.44
N ARG F 62 18.12 22.59 17.98
CA ARG F 62 17.25 23.53 18.65
C ARG F 62 15.82 23.01 18.68
N ILE F 63 15.43 22.27 17.64
CA ILE F 63 14.09 21.71 17.58
C ILE F 63 14.00 20.48 18.46
N LYS F 64 14.90 19.52 18.24
CA LYS F 64 14.79 18.24 18.91
C LYS F 64 14.96 18.40 20.42
N ARG F 65 15.68 19.42 20.85
CA ARG F 65 15.74 19.73 22.26
C ARG F 65 14.38 20.22 22.74
N ALA F 66 13.78 21.13 21.97
CA ALA F 66 12.53 21.74 22.38
C ALA F 66 11.42 20.70 22.49
N LEU F 67 11.35 19.80 21.53
CA LEU F 67 10.36 18.74 21.61
C LEU F 67 10.57 17.88 22.83
N ASP F 68 11.82 17.63 23.19
CA ASP F 68 12.11 16.86 24.38
C ASP F 68 11.67 17.60 25.64
N LEU F 69 11.53 18.93 25.54
CA LEU F 69 11.04 19.68 26.68
C LEU F 69 9.53 19.62 26.78
N SER F 70 8.86 19.85 25.65
CA SER F 70 7.40 19.88 25.68
C SER F 70 6.82 18.52 26.02
N MET F 71 7.54 17.46 25.70
CA MET F 71 7.16 16.14 26.16
C MET F 71 7.14 16.09 27.67
N ARG F 72 8.23 16.53 28.29
CA ARG F 72 8.30 16.61 29.74
C ARG F 72 7.52 17.78 30.30
N GLN F 73 6.98 18.65 29.46
CA GLN F 73 6.28 19.86 29.87
C GLN F 73 7.17 20.68 30.81
N GLN F 74 8.39 20.91 30.35
CA GLN F 74 9.37 21.70 31.08
C GLN F 74 9.97 22.73 30.15
N ILE F 75 10.84 23.54 30.71
CA ILE F 75 11.52 24.60 29.98
C ILE F 75 12.95 24.68 30.49
N LEU F 76 13.68 25.62 29.97
CA LEU F 76 15.07 25.83 30.35
C LEU F 76 15.19 26.98 31.33
N PRO F 77 16.32 27.10 32.01
CA PRO F 77 16.52 28.28 32.86
C PRO F 77 16.62 29.54 32.04
N LYS F 78 16.44 30.67 32.72
CA LYS F 78 16.48 31.97 32.07
C LYS F 78 17.82 32.22 31.38
N GLU F 79 18.88 31.57 31.86
CA GLU F 79 20.20 31.81 31.31
C GLU F 79 20.35 31.31 29.90
N GLN F 80 19.53 30.34 29.49
CA GLN F 80 19.61 29.74 28.17
C GLN F 80 18.50 30.21 27.24
N TRP F 81 17.56 31.00 27.72
CA TRP F 81 16.48 31.46 26.87
C TRP F 81 17.02 32.37 25.78
N THR F 82 16.32 32.38 24.66
CA THR F 82 16.74 33.19 23.53
C THR F 82 16.41 34.64 23.80
N LYS F 83 17.39 35.51 23.57
CA LYS F 83 17.22 36.94 23.79
C LYS F 83 16.71 37.61 22.53
N TYR F 84 15.89 38.64 22.73
CA TYR F 84 15.23 39.31 21.61
C TYR F 84 16.25 39.90 20.65
N GLU F 85 17.22 40.64 21.19
CA GLU F 85 18.26 41.21 20.34
C GLU F 85 19.12 40.14 19.69
N GLU F 86 19.18 38.94 20.26
CA GLU F 86 19.94 37.83 19.70
C GLU F 86 19.11 36.94 18.79
N ASP F 87 17.89 37.34 18.46
CA ASP F 87 17.04 36.53 17.61
C ASP F 87 17.56 36.58 16.19
N LYS F 88 18.36 35.60 15.82
CA LYS F 88 18.98 35.60 14.50
C LYS F 88 17.97 35.23 13.43
N SER F 89 17.97 36.00 12.34
CA SER F 89 17.10 35.73 11.20
C SER F 89 17.89 34.98 10.14
N TYR F 90 18.33 33.79 10.52
CA TYR F 90 19.26 33.05 9.67
C TYR F 90 18.65 32.56 8.38
N LEU F 91 17.32 32.50 8.30
CA LEU F 91 16.64 31.86 7.19
C LEU F 91 16.07 32.85 6.20
N GLU F 92 15.70 34.04 6.67
CA GLU F 92 15.11 35.04 5.78
C GLU F 92 15.99 35.43 4.60
N PRO F 93 17.31 35.57 4.71
CA PRO F 93 18.11 35.91 3.53
C PRO F 93 17.97 34.92 2.41
N TYR F 94 17.82 33.63 2.74
CA TYR F 94 17.64 32.60 1.75
C TYR F 94 16.19 32.49 1.32
N LEU F 95 15.25 32.80 2.22
CA LEU F 95 13.83 32.64 1.91
C LEU F 95 13.35 33.74 0.98
N LYS F 96 13.71 34.98 1.28
CA LYS F 96 13.32 36.09 0.42
C LYS F 96 13.86 35.92 -0.99
N GLU F 97 14.95 35.18 -1.13
CA GLU F 97 15.48 34.84 -2.44
C GLU F 97 14.51 33.92 -3.16
N VAL F 98 14.00 32.91 -2.46
CA VAL F 98 13.17 31.90 -3.10
C VAL F 98 11.87 32.52 -3.57
N ILE F 99 11.28 33.36 -2.72
CA ILE F 99 9.99 33.95 -3.07
C ILE F 99 10.14 34.88 -4.26
N ARG F 100 11.31 35.51 -4.39
CA ARG F 100 11.60 36.29 -5.58
C ARG F 100 11.63 35.41 -6.81
N GLU F 101 12.22 34.22 -6.70
CA GLU F 101 12.24 33.30 -7.82
C GLU F 101 10.84 32.87 -8.21
N ARG F 102 9.95 32.73 -7.22
CA ARG F 102 8.60 32.27 -7.51
C ARG F 102 7.84 33.31 -8.30
N LYS F 103 7.95 34.58 -7.93
CA LYS F 103 7.21 35.62 -8.60
C LYS F 103 7.69 35.80 -10.03
N GLU F 104 8.95 35.49 -10.31
CA GLU F 104 9.41 35.52 -11.69
C GLU F 104 8.76 34.41 -12.50
N ARG F 105 8.65 33.23 -11.90
CA ARG F 105 7.99 32.12 -12.60
C ARG F 105 6.55 32.46 -12.90
N GLU F 106 5.86 33.11 -11.97
CA GLU F 106 4.49 33.51 -12.20
C GLU F 106 4.44 34.64 -13.21
N GLU F 107 5.30 35.64 -13.06
CA GLU F 107 5.29 36.77 -13.96
C GLU F 107 5.68 36.35 -15.36
N TRP F 108 6.54 35.34 -15.48
CA TRP F 108 6.96 34.90 -16.80
C TRP F 108 5.82 34.23 -17.54
N ALA F 109 4.97 33.51 -16.82
CA ALA F 109 3.79 32.91 -17.45
C ALA F 109 2.83 33.97 -17.94
N LYS F 110 2.81 35.13 -17.30
CA LYS F 110 1.91 36.21 -17.65
C LYS F 110 2.63 37.26 -18.50
N ARG G 3 4.77 6.06 5.20
CA ARG G 3 6.15 6.33 5.53
C ARG G 3 6.66 5.38 6.61
N GLN G 4 7.95 5.41 6.86
CA GLN G 4 8.57 4.49 7.80
C GLN G 4 9.82 5.12 8.38
N PHE G 5 10.37 4.49 9.40
CA PHE G 5 11.64 4.90 9.94
C PHE G 5 12.74 4.64 8.92
N GLY G 6 13.83 5.37 9.06
CA GLY G 6 15.05 5.08 8.34
C GLY G 6 15.53 6.18 7.43
N HIS G 7 14.60 6.83 6.74
CA HIS G 7 14.95 7.86 5.77
C HIS G 7 13.99 9.04 5.85
N LEU G 8 13.43 9.29 7.02
CA LEU G 8 12.45 10.36 7.16
C LEU G 8 13.10 11.72 6.97
N THR G 9 14.28 11.89 7.53
CA THR G 9 15.05 13.12 7.37
C THR G 9 16.51 12.78 7.63
N ARG G 10 17.32 13.81 7.81
CA ARG G 10 18.75 13.68 7.96
C ARG G 10 19.17 14.36 9.24
N VAL G 11 19.95 13.65 10.04
CA VAL G 11 20.40 14.14 11.34
C VAL G 11 21.85 13.73 11.51
N ARG G 12 22.62 14.59 12.15
CA ARG G 12 24.05 14.37 12.27
C ARG G 12 24.56 14.96 13.57
N HIS G 13 25.47 14.24 14.21
CA HIS G 13 26.13 14.71 15.42
C HIS G 13 25.12 15.01 16.50
N VAL G 14 24.31 14.00 16.80
CA VAL G 14 23.31 14.07 17.85
C VAL G 14 23.35 12.77 18.62
N ILE G 15 23.23 12.88 19.93
CA ILE G 15 23.40 11.75 20.83
C ILE G 15 22.18 11.65 21.73
N THR G 16 21.81 10.42 22.03
CA THR G 16 20.72 10.10 22.94
C THR G 16 21.21 9.10 23.97
N TYR G 17 20.86 9.32 25.22
CA TYR G 17 21.15 8.42 26.31
C TYR G 17 19.82 8.00 26.92
N SER G 18 19.71 6.74 27.31
CA SER G 18 18.49 6.31 27.96
C SER G 18 18.74 5.07 28.80
N LEU G 19 17.86 4.89 29.78
CA LEU G 19 17.93 3.81 30.74
C LEU G 19 16.84 2.78 30.47
N SER G 20 16.93 1.72 31.18
CA SER G 20 15.92 0.69 31.19
C SER G 20 14.87 1.01 32.25
N PRO G 21 13.58 0.91 31.92
CA PRO G 21 12.55 1.32 32.89
C PRO G 21 12.57 0.47 34.13
N PHE G 22 13.06 -0.76 34.06
CA PHE G 22 13.21 -1.58 35.24
C PHE G 22 14.30 -1.09 36.14
N GLU G 23 15.11 -0.13 35.71
CA GLU G 23 16.23 0.38 36.48
C GLU G 23 16.03 1.79 36.98
N GLN G 24 14.83 2.35 36.85
CA GLN G 24 14.56 3.70 37.32
C GLN G 24 13.14 3.77 37.86
N ARG G 25 12.94 4.69 38.80
CA ARG G 25 11.62 4.88 39.36
C ARG G 25 10.68 5.45 38.31
N ALA G 26 9.42 5.07 38.43
CA ALA G 26 8.39 5.63 37.57
C ALA G 26 7.83 6.92 38.12
N PHE G 27 7.92 7.14 39.43
CA PHE G 27 7.47 8.36 40.09
C PHE G 27 8.64 9.04 40.80
N PRO G 28 9.57 9.64 40.05
CA PRO G 28 10.65 10.39 40.67
C PRO G 28 10.23 11.84 40.89
N HIS G 29 10.34 12.31 42.13
CA HIS G 29 10.03 13.70 42.47
C HIS G 29 8.62 14.07 42.01
N TYR G 30 7.70 13.11 42.14
CA TYR G 30 6.36 13.31 41.61
C TYR G 30 5.67 14.47 42.29
N PHE G 31 5.78 14.56 43.61
CA PHE G 31 5.32 15.72 44.37
C PHE G 31 6.41 16.76 44.55
N SER G 32 7.66 16.31 44.69
CA SER G 32 8.73 17.21 45.06
C SER G 32 8.97 18.24 43.98
N LYS G 33 8.96 17.82 42.71
CA LYS G 33 9.24 18.69 41.58
C LYS G 33 8.05 18.89 40.66
N GLY G 34 7.16 17.91 40.56
CA GLY G 34 6.07 18.01 39.61
C GLY G 34 5.14 19.16 39.92
N ILE G 35 4.86 19.37 41.20
CA ILE G 35 3.84 20.30 41.67
C ILE G 35 4.15 21.72 41.19
N PRO G 36 5.32 22.30 41.49
CA PRO G 36 5.56 23.67 41.03
C PRO G 36 5.58 23.80 39.53
N ASN G 37 5.93 22.74 38.81
CA ASN G 37 5.82 22.76 37.35
C ASN G 37 4.39 23.01 36.93
N VAL G 38 3.43 22.43 37.65
CA VAL G 38 2.03 22.64 37.33
C VAL G 38 1.67 24.10 37.53
N LEU G 39 2.02 24.65 38.70
CA LEU G 39 1.74 26.04 38.97
C LEU G 39 2.47 26.94 37.98
N ARG G 40 3.68 26.54 37.60
CA ARG G 40 4.39 27.25 36.54
C ARG G 40 3.66 27.09 35.22
N ARG G 41 3.21 25.87 34.94
CA ARG G 41 2.43 25.63 33.73
C ARG G 41 1.08 26.34 33.82
N THR G 42 0.63 26.64 35.04
CA THR G 42 -0.66 27.29 35.22
C THR G 42 -0.56 28.78 34.98
N ARG G 43 0.30 29.47 35.73
CA ARG G 43 0.44 30.91 35.60
C ARG G 43 0.85 31.30 34.19
N ALA G 44 1.56 30.43 33.48
CA ALA G 44 2.00 30.73 32.14
C ALA G 44 0.85 30.95 31.17
N CYS G 45 -0.33 30.43 31.48
CA CYS G 45 -1.45 30.40 30.55
C CYS G 45 -2.77 30.88 31.12
N ILE G 46 -2.91 30.94 32.44
CA ILE G 46 -4.23 31.04 33.04
C ILE G 46 -4.90 32.38 32.71
N LEU G 47 -4.13 33.44 32.58
CA LEU G 47 -4.72 34.73 32.28
C LEU G 47 -5.32 34.79 30.89
N ARG G 48 -5.00 33.82 30.02
CA ARG G 48 -5.55 33.76 28.69
C ARG G 48 -6.74 32.84 28.59
N VAL G 49 -6.93 31.96 29.56
CA VAL G 49 -8.05 31.03 29.59
C VAL G 49 -9.16 31.56 30.45
N ALA G 50 -8.80 32.18 31.57
CA ALA G 50 -9.79 32.60 32.56
C ALA G 50 -10.77 33.62 32.03
N PRO G 51 -10.35 34.80 31.56
CA PRO G 51 -11.24 35.96 31.53
C PRO G 51 -12.50 35.79 30.70
N PRO G 52 -12.49 35.07 29.56
CA PRO G 52 -13.78 34.89 28.88
C PRO G 52 -14.72 34.01 29.68
N PHE G 53 -14.21 33.00 30.37
CA PHE G 53 -15.05 32.20 31.24
C PHE G 53 -15.43 32.96 32.49
N VAL G 54 -14.54 33.81 32.99
CA VAL G 54 -14.92 34.73 34.05
C VAL G 54 -16.05 35.63 33.57
N ALA G 55 -15.92 36.14 32.35
CA ALA G 55 -16.98 36.97 31.77
C ALA G 55 -18.26 36.18 31.61
N PHE G 56 -18.13 34.88 31.33
CA PHE G 56 -19.31 34.06 31.14
C PHE G 56 -20.13 33.97 32.42
N TYR G 57 -19.47 33.70 33.54
CA TYR G 57 -20.15 33.54 34.81
C TYR G 57 -20.95 34.76 35.19
N LEU G 58 -20.50 35.94 34.77
CA LEU G 58 -21.21 37.16 35.09
C LEU G 58 -22.46 37.32 34.23
N VAL G 59 -22.32 37.18 32.92
CA VAL G 59 -23.46 37.27 32.03
C VAL G 59 -24.43 36.12 32.31
N TYR G 60 -23.93 35.02 32.86
CA TYR G 60 -24.80 33.95 33.29
C TYR G 60 -25.70 34.40 34.43
N THR G 61 -25.12 35.03 35.44
CA THR G 61 -25.90 35.46 36.59
C THR G 61 -26.74 36.69 36.26
N TRP G 62 -26.11 37.71 35.68
CA TRP G 62 -26.83 38.94 35.38
C TRP G 62 -27.98 38.67 34.43
N GLY G 63 -27.73 37.87 33.40
CA GLY G 63 -28.81 37.46 32.53
C GLY G 63 -29.85 36.63 33.25
N THR G 64 -29.40 35.84 34.23
CA THR G 64 -30.33 35.01 34.98
C THR G 64 -31.21 35.87 35.88
N GLN G 65 -30.60 36.80 36.60
CA GLN G 65 -31.37 37.65 37.51
C GLN G 65 -32.31 38.55 36.74
N GLU G 66 -31.79 39.22 35.71
CA GLU G 66 -32.63 40.07 34.88
C GLU G 66 -33.74 39.26 34.23
N PHE G 67 -33.47 38.01 33.90
CA PHE G 67 -34.51 37.14 33.37
C PHE G 67 -35.59 36.92 34.41
N GLU G 68 -35.19 36.69 35.66
CA GLU G 68 -36.15 36.52 36.74
C GLU G 68 -36.98 37.77 36.91
N LYS G 69 -36.31 38.93 37.05
CA LYS G 69 -37.00 40.17 37.35
C LYS G 69 -38.01 40.52 36.27
N SER G 70 -37.74 40.12 35.03
CA SER G 70 -38.65 40.43 33.94
C SER G 70 -40.01 39.77 34.14
N LYS G 71 -40.04 38.63 34.82
CA LYS G 71 -41.25 37.82 34.92
C LYS G 71 -42.06 38.12 36.18
N ARG G 72 -41.67 39.12 36.97
CA ARG G 72 -42.25 39.24 38.31
C ARG G 72 -43.51 40.09 38.33
N LYS G 73 -43.36 41.40 38.09
CA LYS G 73 -44.47 42.35 38.18
C LYS G 73 -44.00 43.76 37.86
N ASN G 74 -44.93 44.70 37.86
CA ASN G 74 -44.58 46.12 37.82
C ASN G 74 -43.98 46.52 39.16
N LEU H 26 -56.33 12.51 64.32
CA LEU H 26 -54.92 12.28 64.06
C LEU H 26 -54.19 13.58 63.76
N VAL H 27 -52.89 13.58 64.03
CA VAL H 27 -52.04 14.76 63.86
C VAL H 27 -51.13 14.54 62.67
N ASP H 28 -51.21 15.44 61.71
CA ASP H 28 -50.19 15.51 60.68
C ASP H 28 -49.00 16.30 61.21
N PRO H 29 -47.82 15.69 61.37
CA PRO H 29 -46.68 16.47 61.87
C PRO H 29 -46.27 17.60 60.94
N LEU H 30 -46.63 17.51 59.67
CA LEU H 30 -46.35 18.58 58.71
C LEU H 30 -46.86 19.92 59.20
N THR H 31 -48.04 19.94 59.81
CA THR H 31 -48.60 21.20 60.30
C THR H 31 -47.72 21.79 61.39
N THR H 32 -47.12 20.95 62.21
CA THR H 32 -46.24 21.43 63.25
C THR H 32 -44.97 22.04 62.66
N VAL H 33 -44.38 21.34 61.67
CA VAL H 33 -43.13 21.79 61.10
C VAL H 33 -43.33 23.11 60.37
N ARG H 34 -44.43 23.23 59.62
CA ARG H 34 -44.75 24.50 58.99
C ARG H 34 -44.94 25.59 60.03
N GLU H 35 -45.63 25.26 61.13
CA GLU H 35 -45.92 26.23 62.17
C GLU H 35 -44.66 26.84 62.73
N GLN H 36 -43.61 26.03 62.88
CA GLN H 36 -42.34 26.55 63.37
C GLN H 36 -41.63 27.35 62.30
N CYS H 37 -41.63 26.84 61.07
CA CYS H 37 -40.93 27.52 59.99
C CYS H 37 -41.56 28.87 59.66
N GLU H 38 -42.87 28.98 59.85
CA GLU H 38 -43.54 30.26 59.62
C GLU H 38 -43.00 31.36 60.52
N GLN H 39 -42.46 31.00 61.68
CA GLN H 39 -41.90 31.98 62.61
C GLN H 39 -40.56 32.53 62.14
N LEU H 40 -39.98 31.99 61.08
CA LEU H 40 -38.66 32.41 60.66
C LEU H 40 -38.71 33.73 59.91
N GLU H 41 -37.56 34.41 59.90
CA GLU H 41 -37.47 35.80 59.45
C GLU H 41 -38.00 35.97 58.03
N LYS H 42 -37.51 35.14 57.10
CA LYS H 42 -37.93 35.26 55.71
C LYS H 42 -39.43 35.04 55.57
N CYS H 43 -39.97 34.08 56.31
CA CYS H 43 -41.39 33.79 56.23
C CYS H 43 -42.22 34.95 56.78
N VAL H 44 -41.80 35.50 57.92
CA VAL H 44 -42.52 36.62 58.51
C VAL H 44 -42.51 37.81 57.56
N LYS H 45 -41.39 38.02 56.87
CA LYS H 45 -41.30 39.15 55.95
C LYS H 45 -42.04 38.88 54.66
N ALA H 46 -41.99 37.64 54.17
CA ALA H 46 -42.82 37.29 53.03
C ALA H 46 -44.28 37.26 53.43
N ARG H 47 -44.57 36.88 54.66
CA ARG H 47 -45.93 37.00 55.17
C ARG H 47 -46.38 38.45 55.16
N GLU H 48 -45.46 39.35 55.48
CA GLU H 48 -45.80 40.77 55.58
C GLU H 48 -46.35 41.30 54.26
N ARG H 49 -45.53 41.22 53.20
CA ARG H 49 -45.97 41.70 51.89
C ARG H 49 -47.22 40.97 51.43
N LEU H 50 -47.35 39.70 51.79
CA LEU H 50 -48.55 38.96 51.45
C LEU H 50 -49.77 39.58 52.13
N GLU H 51 -49.61 40.00 53.38
CA GLU H 51 -50.68 40.73 54.04
C GLU H 51 -50.89 42.10 53.39
N LEU H 52 -49.80 42.73 52.96
CA LEU H 52 -49.89 44.09 52.44
C LEU H 52 -50.55 44.09 51.07
N CYS H 53 -50.15 43.18 50.19
CA CYS H 53 -50.83 43.08 48.90
C CYS H 53 -52.28 42.71 49.09
N ASP H 54 -52.56 41.86 50.08
CA ASP H 54 -53.94 41.46 50.36
C ASP H 54 -54.80 42.67 50.70
N GLU H 55 -54.28 43.55 51.56
CA GLU H 55 -54.99 44.79 51.85
C GLU H 55 -55.18 45.61 50.58
N ARG H 56 -54.18 45.60 49.69
CA ARG H 56 -54.28 46.37 48.45
C ARG H 56 -55.41 45.85 47.58
N VAL H 57 -55.33 44.59 47.16
CA VAL H 57 -56.32 44.04 46.25
C VAL H 57 -57.69 43.98 46.90
N SER H 58 -57.73 43.70 48.21
CA SER H 58 -59.02 43.63 48.88
C SER H 58 -59.68 45.00 48.95
N SER H 59 -58.91 46.01 49.36
CA SER H 59 -59.44 47.37 49.43
C SER H 59 -59.85 47.87 48.06
N ARG H 60 -59.15 47.46 47.01
CA ARG H 60 -59.41 47.92 45.67
C ARG H 60 -60.54 47.12 45.04
N SER H 61 -60.91 47.51 43.82
CA SER H 61 -61.88 46.78 43.02
C SER H 61 -61.58 47.06 41.56
N GLN H 62 -62.05 46.14 40.70
CA GLN H 62 -61.89 46.27 39.25
C GLN H 62 -60.41 46.33 38.87
N THR H 63 -59.68 45.31 39.30
CA THR H 63 -58.26 45.18 39.01
C THR H 63 -57.93 43.72 38.75
N GLU H 64 -56.84 43.52 38.02
CA GLU H 64 -56.35 42.20 37.70
C GLU H 64 -55.23 41.73 38.62
N GLU H 65 -54.65 42.64 39.40
CA GLU H 65 -53.56 42.28 40.29
C GLU H 65 -54.04 41.30 41.36
N ASP H 66 -53.11 40.50 41.85
CA ASP H 66 -53.40 39.50 42.87
C ASP H 66 -52.16 39.33 43.74
N CYS H 67 -52.27 38.43 44.71
CA CYS H 67 -51.18 38.11 45.63
C CYS H 67 -50.51 36.78 45.29
N THR H 68 -50.51 36.42 44.00
CA THR H 68 -49.89 35.18 43.57
C THR H 68 -48.41 35.17 43.89
N GLU H 69 -47.68 36.16 43.39
CA GLU H 69 -46.23 36.20 43.58
C GLU H 69 -45.88 36.31 45.05
N GLU H 70 -46.60 37.16 45.78
CA GLU H 70 -46.32 37.35 47.20
C GLU H 70 -46.51 36.05 47.96
N LEU H 71 -47.43 35.21 47.51
CA LEU H 71 -47.67 33.93 48.17
C LEU H 71 -46.53 32.96 47.89
N LEU H 72 -46.11 32.87 46.64
CA LEU H 72 -45.10 31.90 46.26
C LEU H 72 -43.78 32.18 46.96
N ASP H 73 -43.42 33.46 47.07
CA ASP H 73 -42.21 33.82 47.80
C ASP H 73 -42.29 33.38 49.24
N PHE H 74 -43.46 33.49 49.85
CA PHE H 74 -43.65 32.97 51.20
C PHE H 74 -43.49 31.46 51.21
N LEU H 75 -44.13 30.78 50.26
CA LEU H 75 -44.13 29.33 50.29
C LEU H 75 -42.78 28.76 49.89
N HIS H 76 -42.05 29.44 48.99
CA HIS H 76 -40.70 29.02 48.67
C HIS H 76 -39.81 29.10 49.91
N ALA H 77 -40.12 30.02 50.81
CA ALA H 77 -39.34 30.16 52.03
C ALA H 77 -39.74 29.14 53.07
N ARG H 78 -41.04 29.00 53.30
CA ARG H 78 -41.52 28.06 54.31
C ARG H 78 -41.14 26.64 53.96
N ASP H 79 -41.55 26.20 52.76
CA ASP H 79 -41.33 24.83 52.36
C ASP H 79 -39.85 24.49 52.28
N HIS H 80 -39.00 25.49 52.01
CA HIS H 80 -37.57 25.25 52.07
C HIS H 80 -37.12 24.93 53.48
N CYS H 81 -37.77 25.53 54.48
CA CYS H 81 -37.48 25.21 55.86
C CYS H 81 -38.07 23.86 56.24
N VAL H 82 -39.26 23.55 55.73
CA VAL H 82 -39.88 22.26 56.00
C VAL H 82 -39.00 21.13 55.46
N ALA H 83 -38.23 21.42 54.40
CA ALA H 83 -37.38 20.42 53.79
C ALA H 83 -36.39 19.84 54.79
N HIS H 84 -35.81 20.70 55.63
CA HIS H 84 -34.68 20.29 56.44
C HIS H 84 -35.08 19.50 57.67
N LYS H 85 -36.38 19.32 57.94
CA LYS H 85 -36.82 18.82 59.23
C LYS H 85 -37.87 17.71 59.14
N LEU H 86 -38.65 17.70 58.06
CA LEU H 86 -39.91 16.97 58.06
C LEU H 86 -39.72 15.48 58.20
N PHE H 87 -38.82 14.90 57.40
CA PHE H 87 -38.65 13.46 57.39
C PHE H 87 -38.08 12.91 58.69
N ASN H 88 -37.61 13.76 59.60
CA ASN H 88 -37.19 13.28 60.91
C ASN H 88 -38.34 12.63 61.65
N SER H 89 -39.56 13.11 61.45
CA SER H 89 -40.73 12.56 62.10
C SER H 89 -41.27 11.32 61.40
N LEU H 90 -40.99 11.15 60.11
CA LEU H 90 -41.51 10.05 59.34
C LEU H 90 -40.47 8.94 59.19
N PRO I 4 15.85 -13.57 49.84
CA PRO I 4 15.44 -12.37 49.10
C PRO I 4 14.01 -11.96 49.38
N THR I 5 13.56 -10.87 48.77
CA THR I 5 12.21 -10.39 49.01
C THR I 5 11.19 -11.33 48.39
N LEU I 6 9.91 -11.01 48.64
CA LEU I 6 8.83 -11.81 48.09
C LEU I 6 8.66 -11.55 46.60
N THR I 7 8.77 -10.28 46.20
CA THR I 7 8.61 -9.90 44.79
C THR I 7 9.56 -10.70 43.92
N ALA I 8 10.79 -10.88 44.36
CA ALA I 8 11.75 -11.63 43.56
C ALA I 8 11.38 -13.10 43.51
N ARG I 9 10.85 -13.64 44.61
CA ARG I 9 10.42 -15.03 44.60
C ARG I 9 9.23 -15.22 43.68
N LEU I 10 8.32 -14.25 43.65
CA LEU I 10 7.15 -14.35 42.78
C LEU I 10 7.57 -14.37 41.33
N TYR I 11 8.54 -13.55 40.95
CA TYR I 11 8.95 -13.48 39.57
C TYR I 11 9.58 -14.78 39.12
N SER I 12 10.41 -15.35 39.97
CA SER I 12 11.18 -16.53 39.58
C SER I 12 10.29 -17.71 39.26
N LEU I 13 9.12 -17.77 39.91
CA LEU I 13 8.23 -18.91 39.78
C LEU I 13 7.07 -18.66 38.84
N LEU I 14 6.57 -17.43 38.77
CA LEU I 14 5.30 -17.15 38.12
C LEU I 14 5.44 -16.21 36.93
N PHE I 15 6.01 -15.03 37.11
CA PHE I 15 6.06 -14.04 36.05
C PHE I 15 7.19 -14.29 35.05
N ARG I 16 7.98 -15.33 35.24
CA ARG I 16 9.05 -15.62 34.29
C ARG I 16 8.48 -16.28 33.04
N ARG I 17 7.82 -17.42 33.21
CA ARG I 17 7.20 -18.13 32.11
C ARG I 17 5.83 -17.56 31.83
N THR I 18 5.62 -17.14 30.58
CA THR I 18 4.33 -16.57 30.20
C THR I 18 3.21 -17.58 30.29
N SER I 19 3.53 -18.87 30.21
CA SER I 19 2.50 -19.88 30.41
C SER I 19 2.03 -19.88 31.86
N THR I 20 2.98 -19.99 32.79
CA THR I 20 2.65 -19.91 34.21
C THR I 20 1.99 -18.59 34.54
N PHE I 21 2.51 -17.51 33.96
CA PHE I 21 2.00 -16.15 34.17
C PHE I 21 0.50 -16.09 33.98
N ALA I 22 0.02 -16.57 32.83
CA ALA I 22 -1.39 -16.45 32.49
C ALA I 22 -2.25 -17.22 33.49
N LEU I 23 -1.80 -18.39 33.91
CA LEU I 23 -2.58 -19.21 34.83
C LEU I 23 -2.76 -18.51 36.17
N THR I 24 -1.78 -17.70 36.58
CA THR I 24 -1.97 -16.88 37.77
C THR I 24 -3.17 -15.97 37.60
N ILE I 25 -3.29 -15.36 36.43
CA ILE I 25 -4.28 -14.32 36.22
C ILE I 25 -5.67 -14.91 36.28
N VAL I 26 -5.86 -16.09 35.70
CA VAL I 26 -7.14 -16.77 35.79
C VAL I 26 -7.41 -17.16 37.24
N VAL I 27 -6.41 -17.75 37.89
CA VAL I 27 -6.56 -18.14 39.29
C VAL I 27 -6.85 -16.92 40.14
N GLY I 28 -6.16 -15.82 39.87
CA GLY I 28 -6.41 -14.60 40.61
C GLY I 28 -7.82 -14.10 40.41
N ALA I 29 -8.32 -14.17 39.17
CA ALA I 29 -9.65 -13.67 38.86
C ALA I 29 -10.71 -14.42 39.64
N LEU I 30 -10.56 -15.74 39.76
CA LEU I 30 -11.56 -16.54 40.45
C LEU I 30 -11.67 -16.14 41.90
N PHE I 31 -10.55 -16.19 42.63
CA PHE I 31 -10.57 -15.78 44.03
C PHE I 31 -10.84 -14.29 44.16
N PHE I 32 -10.46 -13.50 43.16
CA PHE I 32 -10.80 -12.08 43.20
C PHE I 32 -12.29 -11.88 42.96
N GLU I 33 -12.85 -12.59 41.98
CA GLU I 33 -14.27 -12.48 41.70
C GLU I 33 -15.10 -12.85 42.91
N ARG I 34 -14.65 -13.85 43.66
CA ARG I 34 -15.34 -14.26 44.87
C ARG I 34 -15.18 -13.21 45.95
N ALA I 35 -13.94 -12.84 46.24
CA ALA I 35 -13.65 -11.98 47.37
C ALA I 35 -14.25 -10.59 47.18
N PHE I 36 -14.17 -10.07 45.96
CA PHE I 36 -14.60 -8.70 45.73
C PHE I 36 -16.11 -8.58 45.87
N ASP I 37 -16.85 -9.57 45.36
CA ASP I 37 -18.30 -9.50 45.42
C ASP I 37 -18.81 -9.59 46.85
N GLN I 38 -18.18 -10.44 47.66
CA GLN I 38 -18.58 -10.55 49.06
C GLN I 38 -18.34 -9.23 49.79
N GLY I 39 -17.16 -8.65 49.62
CA GLY I 39 -16.84 -7.42 50.32
C GLY I 39 -17.68 -6.27 49.84
N ALA I 40 -17.95 -6.20 48.54
CA ALA I 40 -18.73 -5.11 47.99
C ALA I 40 -20.16 -5.13 48.52
N ASP I 41 -20.78 -6.31 48.48
CA ASP I 41 -22.15 -6.44 48.95
C ASP I 41 -22.26 -6.07 50.42
N ALA I 42 -21.27 -6.46 51.21
CA ALA I 42 -21.30 -6.20 52.64
C ALA I 42 -21.35 -4.71 52.93
N ILE I 43 -20.65 -3.92 52.13
CA ILE I 43 -20.64 -2.48 52.32
C ILE I 43 -22.00 -1.91 51.97
N TYR I 44 -22.52 -2.29 50.81
CA TYR I 44 -23.81 -1.80 50.35
C TYR I 44 -24.91 -2.13 51.35
N GLU I 45 -24.93 -3.38 51.81
CA GLU I 45 -25.91 -3.79 52.80
C GLU I 45 -25.73 -3.02 54.10
N HIS I 46 -24.48 -2.84 54.51
CA HIS I 46 -24.21 -2.10 55.75
C HIS I 46 -24.70 -0.66 55.65
N ILE I 47 -24.56 -0.06 54.48
CA ILE I 47 -25.10 1.28 54.27
C ILE I 47 -26.61 1.23 54.29
N ASN I 48 -27.18 0.30 53.54
CA ASN I 48 -28.62 0.18 53.37
C ASN I 48 -29.20 -0.89 54.29
N GLU I 49 -28.65 -1.00 55.49
CA GLU I 49 -29.09 -1.99 56.45
C GLU I 49 -30.56 -1.77 56.81
N GLY I 50 -31.32 -2.86 56.84
CA GLY I 50 -32.71 -2.79 57.18
C GLY I 50 -33.60 -2.19 56.12
N LYS I 51 -33.10 -2.00 54.89
CA LYS I 51 -33.87 -1.45 53.80
C LYS I 51 -34.10 -2.43 52.66
N LEU I 52 -33.33 -3.50 52.59
CA LEU I 52 -33.44 -4.46 51.52
C LEU I 52 -34.43 -5.56 51.87
N TRP I 53 -34.83 -6.29 50.84
CA TRP I 53 -35.86 -7.31 50.97
C TRP I 53 -35.49 -8.36 52.00
N LYS I 54 -34.34 -8.98 51.82
CA LYS I 54 -33.92 -10.06 52.70
C LYS I 54 -33.76 -9.60 54.14
N HIS I 55 -33.34 -8.34 54.34
CA HIS I 55 -33.23 -7.81 55.70
C HIS I 55 -34.57 -7.76 56.40
N ILE I 56 -35.66 -7.69 55.64
CA ILE I 56 -37.01 -7.69 56.18
C ILE I 56 -37.80 -8.93 55.80
N LYS I 57 -37.26 -9.82 54.96
CA LYS I 57 -38.04 -10.91 54.40
C LYS I 57 -38.53 -11.86 55.48
N HIS I 58 -37.76 -11.99 56.56
CA HIS I 58 -38.08 -12.95 57.61
C HIS I 58 -39.46 -12.72 58.20
N LYS I 59 -39.92 -11.46 58.20
CA LYS I 59 -41.20 -11.14 58.80
C LYS I 59 -42.36 -11.77 58.05
N TYR I 60 -42.19 -12.09 56.77
CA TYR I 60 -43.28 -12.52 55.91
C TYR I 60 -43.03 -13.92 55.38
N GLU I 61 -42.69 -14.84 56.28
CA GLU I 61 -42.69 -16.26 55.98
C GLU I 61 -43.38 -17.00 57.12
N SER J 79 16.99 -10.51 -39.88
CA SER J 79 17.21 -9.18 -39.33
C SER J 79 15.92 -8.47 -39.03
N HIS J 80 16.03 -7.16 -38.75
CA HIS J 80 14.84 -6.37 -38.50
C HIS J 80 14.15 -5.95 -39.79
N THR J 81 14.92 -5.75 -40.86
CA THR J 81 14.32 -5.40 -42.14
C THR J 81 13.52 -6.54 -42.73
N ASP J 82 13.89 -7.78 -42.41
CA ASP J 82 13.13 -8.94 -42.84
C ASP J 82 11.78 -9.03 -42.16
N ILE J 83 11.53 -8.21 -41.15
CA ILE J 83 10.26 -8.21 -40.44
C ILE J 83 9.22 -7.48 -41.28
N LYS J 84 8.08 -8.15 -41.49
CA LYS J 84 6.99 -7.61 -42.28
C LYS J 84 5.68 -8.03 -41.63
N VAL J 85 4.66 -7.21 -41.83
CA VAL J 85 3.35 -7.43 -41.24
C VAL J 85 2.61 -8.44 -42.09
N PRO J 86 1.80 -9.33 -41.53
CA PRO J 86 1.00 -10.22 -42.36
C PRO J 86 -0.29 -9.58 -42.82
N ASP J 87 -1.16 -10.33 -43.48
CA ASP J 87 -2.39 -9.80 -44.01
C ASP J 87 -3.45 -9.81 -42.92
N PHE J 88 -4.05 -8.65 -42.67
CA PHE J 88 -5.23 -8.53 -41.84
C PHE J 88 -6.50 -8.37 -42.64
N SER J 89 -6.43 -8.40 -43.98
CA SER J 89 -7.54 -8.02 -44.82
C SER J 89 -8.77 -8.88 -44.60
N ASP J 90 -8.60 -10.09 -44.05
CA ASP J 90 -9.76 -10.86 -43.63
C ASP J 90 -10.59 -10.11 -42.59
N TYR J 91 -9.93 -9.30 -41.75
CA TYR J 91 -10.57 -8.60 -40.66
C TYR J 91 -10.79 -7.13 -40.93
N ARG J 92 -10.06 -6.56 -41.88
CA ARG J 92 -10.15 -5.12 -42.13
C ARG J 92 -11.52 -4.75 -42.64
N ARG J 93 -11.91 -3.53 -42.36
CA ARG J 93 -13.18 -3.03 -42.88
C ARG J 93 -13.09 -2.86 -44.38
N PRO J 94 -14.21 -2.99 -45.09
CA PRO J 94 -14.15 -2.92 -46.56
C PRO J 94 -13.72 -1.56 -47.07
N GLU J 95 -13.93 -0.51 -46.29
CA GLU J 95 -13.57 0.82 -46.74
C GLU J 95 -12.07 1.03 -46.83
N VAL J 96 -11.29 0.15 -46.21
CA VAL J 96 -9.85 0.35 -46.05
C VAL J 96 -9.08 -0.86 -46.54
N LEU J 97 -9.64 -1.58 -47.51
CA LEU J 97 -8.96 -2.71 -48.12
C LEU J 97 -8.11 -2.31 -49.32
N ASP J 98 -8.20 -1.07 -49.79
CA ASP J 98 -7.42 -0.61 -50.94
C ASP J 98 -6.19 0.11 -50.41
N SER J 99 -5.04 -0.54 -50.57
CA SER J 99 -3.78 0.04 -50.14
C SER J 99 -3.47 1.37 -50.83
N THR J 100 -4.06 1.62 -52.00
CA THR J 100 -3.71 2.76 -52.82
C THR J 100 -4.52 4.01 -52.50
N LYS J 101 -5.37 3.97 -51.49
CA LYS J 101 -6.25 5.08 -51.14
C LYS J 101 -5.98 5.56 -49.72
N SER J 102 -6.33 6.82 -49.47
CA SER J 102 -6.10 7.44 -48.18
C SER J 102 -7.28 7.20 -47.26
N SER J 103 -7.00 6.64 -46.08
CA SER J 103 -8.03 6.24 -45.15
C SER J 103 -8.82 7.42 -44.59
N LYS J 104 -8.26 8.62 -44.65
CA LYS J 104 -8.86 9.78 -44.00
C LYS J 104 -10.28 10.03 -44.48
N GLU J 105 -10.57 9.72 -45.73
CA GLU J 105 -11.82 10.16 -46.34
C GLU J 105 -13.03 9.52 -45.68
N SER J 106 -12.86 8.37 -45.03
CA SER J 106 -13.94 7.68 -44.35
C SER J 106 -13.69 7.49 -42.86
N SER J 107 -12.58 8.02 -42.33
CA SER J 107 -12.38 7.98 -40.89
C SER J 107 -13.53 8.64 -40.16
N GLU J 108 -14.00 9.77 -40.68
CA GLU J 108 -15.16 10.45 -40.12
C GLU J 108 -16.35 9.51 -40.03
N ALA J 109 -16.49 8.62 -41.01
CA ALA J 109 -17.59 7.67 -41.01
C ALA J 109 -17.26 6.45 -40.18
N ARG J 110 -15.99 6.00 -40.21
CA ARG J 110 -15.60 4.86 -39.40
C ARG J 110 -15.73 5.20 -37.91
N LYS J 111 -15.31 6.41 -37.54
CA LYS J 111 -15.42 6.81 -36.15
C LYS J 111 -16.86 6.99 -35.75
N GLY J 112 -17.60 7.80 -36.52
CA GLY J 112 -18.97 8.12 -36.18
C GLY J 112 -19.85 6.89 -36.01
N PHE J 113 -19.53 5.82 -36.75
CA PHE J 113 -20.27 4.59 -36.59
C PHE J 113 -20.02 3.99 -35.21
N SER J 114 -18.74 3.85 -34.83
CA SER J 114 -18.41 3.23 -33.56
C SER J 114 -18.90 4.09 -32.40
N TYR J 115 -18.67 5.39 -32.46
CA TYR J 115 -19.14 6.27 -31.40
C TYR J 115 -20.65 6.34 -31.34
N LEU J 116 -21.33 5.98 -32.42
CA LEU J 116 -22.79 5.93 -32.37
C LEU J 116 -23.27 4.76 -31.53
N VAL J 117 -22.50 3.69 -31.49
CA VAL J 117 -22.91 2.51 -30.73
C VAL J 117 -22.98 2.87 -29.25
N THR J 118 -21.92 3.51 -28.75
CA THR J 118 -21.89 3.86 -27.34
C THR J 118 -22.87 4.97 -27.04
N ALA J 119 -23.10 5.86 -28.00
CA ALA J 119 -24.01 6.98 -27.76
C ALA J 119 -25.43 6.49 -27.59
N THR J 120 -25.92 5.71 -28.55
CA THR J 120 -27.27 5.15 -28.46
C THR J 120 -27.41 4.31 -27.21
N THR J 121 -26.37 3.57 -26.87
CA THR J 121 -26.38 2.81 -25.63
C THR J 121 -26.61 3.71 -24.45
N THR J 122 -25.86 4.81 -24.38
CA THR J 122 -25.96 5.73 -23.26
C THR J 122 -27.37 6.28 -23.12
N VAL J 123 -28.09 6.40 -24.23
CA VAL J 123 -29.46 6.89 -24.16
C VAL J 123 -30.32 5.88 -23.43
N GLY J 124 -30.16 4.60 -23.76
CA GLY J 124 -30.98 3.58 -23.14
C GLY J 124 -30.66 3.38 -21.68
N VAL J 125 -29.41 3.63 -21.30
CA VAL J 125 -29.04 3.56 -19.89
C VAL J 125 -29.76 4.65 -19.12
N ALA J 126 -29.63 5.89 -19.59
CA ALA J 126 -30.17 7.02 -18.86
C ALA J 126 -31.68 6.94 -18.75
N TYR J 127 -32.34 6.35 -19.73
CA TYR J 127 -33.76 6.07 -19.62
C TYR J 127 -34.04 5.21 -18.39
N ALA J 128 -33.39 4.06 -18.33
CA ALA J 128 -33.59 3.15 -17.20
C ALA J 128 -33.13 3.79 -15.91
N ALA J 129 -31.96 4.42 -15.93
CA ALA J 129 -31.43 5.06 -14.74
C ALA J 129 -32.36 6.16 -14.24
N LYS J 130 -33.08 6.83 -15.15
CA LYS J 130 -34.06 7.80 -14.71
C LYS J 130 -35.21 7.10 -14.00
N ASN J 131 -35.65 5.97 -14.53
CA ASN J 131 -36.84 5.32 -14.00
C ASN J 131 -36.60 4.79 -12.60
N VAL J 132 -35.65 3.87 -12.45
CA VAL J 132 -35.44 3.14 -11.20
C VAL J 132 -35.19 4.11 -10.05
N VAL J 133 -34.44 5.17 -10.32
CA VAL J 133 -34.29 6.23 -9.33
C VAL J 133 -35.65 6.83 -9.02
N SER J 134 -36.40 7.18 -10.07
CA SER J 134 -37.72 7.76 -9.86
C SER J 134 -38.64 6.76 -9.18
N GLN J 135 -38.45 5.47 -9.43
CA GLN J 135 -39.20 4.47 -8.69
C GLN J 135 -38.83 4.54 -7.22
N PHE J 136 -37.53 4.50 -6.93
CA PHE J 136 -37.07 4.47 -5.56
C PHE J 136 -37.52 5.72 -4.81
N VAL J 137 -37.25 6.89 -5.40
CA VAL J 137 -37.62 8.14 -4.75
C VAL J 137 -39.13 8.21 -4.55
N SER J 138 -39.88 7.69 -5.50
CA SER J 138 -41.32 7.62 -5.33
C SER J 138 -41.70 6.69 -4.20
N SER J 139 -40.87 5.68 -3.94
CA SER J 139 -41.14 4.78 -2.83
C SER J 139 -41.11 5.52 -1.51
N MET J 140 -40.13 6.39 -1.35
CA MET J 140 -39.98 7.13 -0.11
C MET J 140 -41.04 8.20 0.07
N SER J 141 -41.71 8.60 -1.01
CA SER J 141 -42.76 9.59 -0.90
C SER J 141 -43.99 8.94 -0.29
N ALA J 142 -45.08 9.68 -0.25
CA ALA J 142 -46.24 9.23 0.48
C ALA J 142 -46.92 8.07 -0.22
N SER J 143 -47.22 7.04 0.54
CA SER J 143 -47.91 5.88 0.01
C SER J 143 -49.35 6.25 -0.33
N ALA J 144 -50.09 5.27 -0.82
CA ALA J 144 -51.49 5.48 -1.10
C ALA J 144 -52.30 5.64 0.17
N ASP J 145 -51.87 4.99 1.25
CA ASP J 145 -52.64 5.01 2.48
C ASP J 145 -52.72 6.42 3.04
N VAL J 146 -51.59 7.12 3.08
CA VAL J 146 -51.56 8.45 3.68
C VAL J 146 -52.37 9.41 2.85
N LEU J 147 -52.30 9.28 1.53
CA LEU J 147 -52.97 10.25 0.66
C LEU J 147 -54.48 10.19 0.81
N ALA J 148 -55.03 9.02 1.14
CA ALA J 148 -56.46 8.93 1.37
C ALA J 148 -56.85 9.76 2.58
N MET J 149 -56.22 9.49 3.72
CA MET J 149 -56.56 10.19 4.94
C MET J 149 -56.21 11.66 4.87
N SER J 150 -55.26 12.03 4.00
CA SER J 150 -54.86 13.41 3.90
C SER J 150 -55.98 14.30 3.38
N LYS J 151 -56.84 13.74 2.53
CA LYS J 151 -57.92 14.47 1.89
C LYS J 151 -59.27 14.23 2.56
N ILE J 152 -59.64 12.97 2.72
CA ILE J 152 -60.96 12.63 3.26
C ILE J 152 -60.96 13.01 4.74
N GLU J 153 -61.65 14.10 5.07
CA GLU J 153 -61.76 14.55 6.46
C GLU J 153 -63.18 15.04 6.68
N ILE J 154 -64.02 14.15 7.17
CA ILE J 154 -65.43 14.44 7.43
C ILE J 154 -65.56 14.97 8.84
N LYS J 155 -66.51 15.89 9.05
CA LYS J 155 -66.80 16.43 10.37
C LYS J 155 -68.29 16.55 10.56
N LEU J 156 -68.69 17.00 11.75
CA LEU J 156 -70.09 17.22 12.07
C LEU J 156 -70.27 18.50 12.88
N GLU J 161 -72.05 25.48 20.71
CA GLU J 161 -71.76 26.84 20.28
C GLU J 161 -70.76 27.49 21.22
N GLY J 162 -70.04 28.49 20.70
CA GLY J 162 -69.00 29.15 21.47
C GLY J 162 -67.95 28.20 21.97
N LYS J 163 -67.72 27.11 21.24
CA LYS J 163 -66.83 26.04 21.65
C LYS J 163 -65.87 25.72 20.52
N ASN J 164 -64.70 25.19 20.88
CA ASN J 164 -63.68 24.82 19.90
C ASN J 164 -63.05 23.51 20.33
N MET J 165 -62.93 22.59 19.37
CA MET J 165 -62.39 21.27 19.60
C MET J 165 -61.14 21.08 18.75
N ALA J 166 -60.15 20.42 19.34
CA ALA J 166 -58.93 20.06 18.63
C ALA J 166 -59.10 18.67 18.04
N PHE J 167 -59.02 18.59 16.72
CA PHE J 167 -59.17 17.35 15.99
C PHE J 167 -57.96 17.09 15.12
N LYS J 168 -57.71 15.81 14.87
CA LYS J 168 -56.54 15.38 14.14
C LYS J 168 -56.80 15.40 12.65
N TRP J 169 -55.78 15.75 11.89
CA TRP J 169 -55.85 15.73 10.43
C TRP J 169 -54.42 15.81 9.91
N ARG J 170 -54.02 14.81 9.14
CA ARG J 170 -52.65 14.71 8.66
C ARG J 170 -51.67 14.71 9.83
N GLY J 171 -52.07 14.05 10.92
CA GLY J 171 -51.28 14.02 12.14
C GLY J 171 -50.94 15.39 12.67
N LYS J 172 -51.79 16.37 12.38
CA LYS J 172 -51.70 17.71 12.90
C LYS J 172 -53.01 18.08 13.57
N PRO J 173 -53.02 19.09 14.44
CA PRO J 173 -54.29 19.50 15.03
C PRO J 173 -55.13 20.27 14.03
N LEU J 174 -56.44 20.15 14.21
CA LEU J 174 -57.41 20.85 13.38
C LEU J 174 -58.50 21.40 14.29
N PHE J 175 -58.66 22.71 14.29
CA PHE J 175 -59.58 23.39 15.18
C PHE J 175 -60.87 23.74 14.43
N VAL J 176 -61.98 23.62 15.13
CA VAL J 176 -63.30 23.89 14.58
C VAL J 176 -64.08 24.74 15.57
N GLU J 183 -70.61 36.33 19.71
CA GLU J 183 -69.23 36.04 19.38
C GLU J 183 -68.90 36.54 17.97
N ILE J 184 -69.73 36.14 17.00
CA ILE J 184 -69.54 36.54 15.62
C ILE J 184 -69.46 38.06 15.50
N ASP J 185 -70.40 38.75 16.12
CA ASP J 185 -70.43 40.21 16.09
C ASP J 185 -69.17 40.78 16.74
N GLN J 186 -68.79 40.20 17.88
CA GLN J 186 -67.61 40.65 18.61
C GLN J 186 -66.38 40.55 17.71
N GLU J 187 -66.21 39.38 17.08
CA GLU J 187 -65.08 39.15 16.19
C GLU J 187 -65.12 40.09 15.00
N ALA J 188 -66.32 40.33 14.46
CA ALA J 188 -66.47 41.33 13.40
C ALA J 188 -66.14 42.72 13.92
N ALA J 189 -66.44 42.99 15.20
CA ALA J 189 -66.18 44.30 15.76
C ALA J 189 -64.69 44.58 15.88
N VAL J 190 -63.87 43.54 15.98
CA VAL J 190 -62.42 43.73 16.05
C VAL J 190 -61.94 44.33 14.74
N GLU J 191 -61.16 45.41 14.85
CA GLU J 191 -60.69 46.10 13.67
C GLU J 191 -59.66 45.28 12.91
N VAL J 192 -59.63 45.46 11.59
CA VAL J 192 -58.72 44.71 10.74
C VAL J 192 -57.32 45.31 10.80
N SER J 193 -57.22 46.64 10.71
CA SER J 193 -55.93 47.30 10.67
C SER J 193 -55.14 47.12 11.95
N GLN J 194 -55.83 46.99 13.09
CA GLN J 194 -55.15 46.84 14.37
C GLN J 194 -54.49 45.48 14.51
N LEU J 195 -54.79 44.52 13.65
CA LEU J 195 -54.10 43.24 13.66
C LEU J 195 -52.70 43.40 13.08
N ARG J 196 -51.75 42.63 13.63
CA ARG J 196 -50.43 42.54 13.00
C ARG J 196 -50.52 41.93 11.60
N ASP J 197 -51.54 41.12 11.35
CA ASP J 197 -51.75 40.48 10.06
C ASP J 197 -53.16 40.85 9.62
N PRO J 198 -53.34 42.04 9.01
CA PRO J 198 -54.69 42.53 8.74
C PRO J 198 -55.49 41.59 7.84
N GLN J 199 -56.55 41.03 8.41
CA GLN J 199 -57.48 40.18 7.68
C GLN J 199 -58.86 40.36 8.29
N HIS J 200 -59.86 40.44 7.42
CA HIS J 200 -61.24 40.46 7.89
C HIS J 200 -61.68 39.05 8.28
N ASP J 201 -62.69 38.97 9.13
CA ASP J 201 -63.15 37.69 9.64
C ASP J 201 -63.67 36.80 8.52
N LEU J 202 -64.68 37.29 7.78
CA LEU J 202 -65.28 36.52 6.70
C LEU J 202 -64.30 36.23 5.57
N GLU J 203 -63.18 36.94 5.49
CA GLU J 203 -62.10 36.51 4.61
C GLU J 203 -61.44 35.22 5.08
N ARG J 204 -61.66 34.83 6.33
CA ARG J 204 -61.10 33.62 6.90
C ARG J 204 -62.10 32.48 7.04
N VAL J 205 -63.40 32.78 7.00
CA VAL J 205 -64.45 31.77 7.10
C VAL J 205 -65.39 31.90 5.92
N LYS J 206 -65.96 30.76 5.51
CA LYS J 206 -66.99 30.73 4.49
C LYS J 206 -68.38 30.89 5.07
N LYS J 207 -68.58 30.53 6.33
CA LYS J 207 -69.77 30.87 7.09
C LYS J 207 -69.33 31.43 8.44
N PRO J 208 -70.04 32.43 8.96
CA PRO J 208 -69.52 33.14 10.14
C PRO J 208 -69.51 32.31 11.42
N GLU J 209 -70.37 31.30 11.52
CA GLU J 209 -70.45 30.48 12.73
C GLU J 209 -69.64 29.20 12.61
N TRP J 210 -68.61 29.19 11.77
CA TRP J 210 -67.72 28.04 11.63
C TRP J 210 -66.30 28.55 11.41
N VAL J 211 -65.48 28.45 12.44
CA VAL J 211 -64.06 28.82 12.37
C VAL J 211 -63.26 27.54 12.28
N ILE J 212 -62.72 27.27 11.10
CA ILE J 212 -61.93 26.07 10.83
C ILE J 212 -60.49 26.52 10.70
N LEU J 213 -59.65 26.10 11.65
CA LEU J 213 -58.30 26.61 11.73
C LEU J 213 -57.36 25.51 12.14
N ILE J 214 -56.08 25.83 12.07
CA ILE J 214 -55.00 24.84 12.01
C ILE J 214 -54.03 25.18 13.13
N GLY J 215 -53.91 24.29 14.11
CA GLY J 215 -53.11 24.57 15.29
C GLY J 215 -51.61 24.55 15.08
N VAL J 216 -51.12 25.42 14.20
CA VAL J 216 -49.69 25.56 13.93
C VAL J 216 -49.37 27.05 13.98
N CYS J 217 -48.35 27.41 14.77
CA CYS J 217 -47.96 28.80 14.92
C CYS J 217 -47.00 29.20 13.80
N THR J 218 -47.24 30.39 13.24
CA THR J 218 -46.41 30.90 12.16
C THR J 218 -45.05 31.41 12.65
N HIS J 219 -44.85 31.55 13.96
CA HIS J 219 -43.54 31.94 14.48
C HIS J 219 -42.58 30.76 14.40
N LEU J 220 -42.90 29.70 15.12
CA LEU J 220 -42.26 28.41 14.95
C LEU J 220 -43.30 27.34 15.25
N GLY J 221 -43.15 26.17 14.62
CA GLY J 221 -44.21 25.18 14.68
C GLY J 221 -44.55 24.73 16.08
N CYS J 222 -45.68 25.22 16.57
CA CYS J 222 -46.17 24.93 17.91
C CYS J 222 -47.68 25.09 17.90
N VAL J 223 -48.34 24.55 18.91
CA VAL J 223 -49.80 24.48 18.98
C VAL J 223 -50.28 25.53 19.97
N PRO J 224 -51.26 26.37 19.62
CA PRO J 224 -51.91 27.17 20.65
C PRO J 224 -53.02 26.40 21.32
N ILE J 225 -53.36 26.83 22.51
CA ILE J 225 -54.45 26.24 23.28
C ILE J 225 -55.75 26.92 22.87
N ALA J 226 -56.84 26.17 22.89
CA ALA J 226 -58.14 26.69 22.52
C ALA J 226 -58.80 27.40 23.71
N ASN J 227 -59.53 28.46 23.41
CA ASN J 227 -60.24 29.25 24.42
C ASN J 227 -59.30 29.75 25.51
N GLY J 232 -60.42 35.61 25.09
CA GLY J 232 -61.16 34.37 24.98
C GLY J 232 -60.90 33.59 23.71
N GLY J 233 -59.83 33.94 23.00
CA GLY J 233 -59.49 33.28 21.75
C GLY J 233 -58.54 32.13 21.99
N TYR J 234 -57.29 32.29 21.56
CA TYR J 234 -56.26 31.29 21.78
C TYR J 234 -55.12 31.87 22.59
N TYR J 235 -54.30 30.97 23.12
CA TYR J 235 -52.99 31.32 23.65
C TYR J 235 -52.02 30.22 23.29
N CYS J 236 -50.79 30.61 22.95
CA CYS J 236 -49.70 29.68 22.72
C CYS J 236 -48.60 29.93 23.76
N PRO J 237 -48.16 28.93 24.54
CA PRO J 237 -46.99 29.14 25.39
C PRO J 237 -45.65 28.96 24.68
N CYS J 238 -45.63 28.59 23.41
CA CYS J 238 -44.38 28.37 22.69
C CYS J 238 -43.72 29.70 22.32
N TYR J 243 -54.34 34.97 20.11
CA TYR J 243 -55.21 35.18 18.96
C TYR J 243 -56.63 35.31 19.45
N ASP J 244 -57.53 35.74 18.56
CA ASP J 244 -58.94 35.85 18.86
C ASP J 244 -59.65 34.53 18.52
N ALA J 245 -60.96 34.51 18.73
CA ALA J 245 -61.76 33.33 18.45
C ALA J 245 -61.81 33.06 16.95
N SER J 246 -61.62 34.10 16.15
CA SER J 246 -61.64 33.97 14.70
C SER J 246 -60.35 33.33 14.19
N GLY J 247 -59.27 33.47 14.95
CA GLY J 247 -57.99 32.93 14.57
C GLY J 247 -56.92 33.97 14.33
N ARG J 248 -57.32 35.24 14.24
CA ARG J 248 -56.38 36.32 14.02
C ARG J 248 -55.52 36.58 15.26
N ILE J 249 -54.34 37.16 15.05
CA ILE J 249 -53.43 37.44 16.14
C ILE J 249 -53.55 38.88 16.64
N ARG J 250 -53.34 39.07 17.93
CA ARG J 250 -53.41 40.38 18.55
C ARG J 250 -52.09 40.75 19.21
N LYS J 251 -51.65 39.95 20.18
CA LYS J 251 -50.40 40.20 20.89
C LYS J 251 -49.60 38.90 20.95
N GLY J 252 -48.28 39.02 21.06
CA GLY J 252 -47.41 37.87 21.14
C GLY J 252 -46.35 37.84 20.06
N PRO J 253 -45.49 36.81 20.09
CA PRO J 253 -44.40 36.62 19.13
C PRO J 253 -44.88 36.12 17.77
N ALA J 254 -46.09 35.57 17.72
CA ALA J 254 -46.65 35.05 16.47
C ALA J 254 -46.60 36.09 15.37
N PRO J 255 -45.86 35.78 14.29
CA PRO J 255 -45.71 36.69 13.13
C PRO J 255 -46.97 36.74 12.26
N LEU J 256 -47.66 35.61 12.14
CA LEU J 256 -48.87 35.54 11.34
C LEU J 256 -50.01 34.93 12.13
N ASN J 257 -51.23 35.09 11.63
CA ASN J 257 -52.42 34.55 12.27
C ASN J 257 -52.64 33.11 11.84
N LEU J 258 -53.64 32.45 12.43
CA LEU J 258 -53.95 31.07 12.10
C LEU J 258 -54.31 30.92 10.61
N GLU J 259 -53.88 29.82 9.99
CA GLU J 259 -54.16 29.61 8.57
C GLU J 259 -55.48 28.88 8.37
N VAL J 260 -56.12 29.10 7.21
CA VAL J 260 -57.38 28.47 6.90
C VAL J 260 -57.19 27.51 5.73
N PRO J 261 -57.56 26.24 5.92
CA PRO J 261 -57.40 25.23 4.87
C PRO J 261 -58.39 25.45 3.74
N SER J 262 -58.26 24.59 2.72
CA SER J 262 -59.21 24.53 1.62
C SER J 262 -60.24 23.46 1.95
N TYR J 263 -61.48 23.89 2.20
CA TYR J 263 -62.53 23.00 2.65
C TYR J 263 -63.82 23.33 1.90
N GLU J 264 -64.89 22.64 2.26
CA GLU J 264 -66.21 22.93 1.72
C GLU J 264 -67.25 22.33 2.65
N PHE J 265 -68.46 22.91 2.57
CA PHE J 265 -69.62 22.44 3.32
C PHE J 265 -70.52 21.70 2.35
N THR J 266 -70.58 20.38 2.49
CA THR J 266 -71.41 19.55 1.64
C THR J 266 -72.88 19.58 2.04
N SER J 267 -73.14 19.80 3.32
CA SER J 267 -74.50 19.88 3.83
C SER J 267 -74.53 20.91 4.95
N ASP J 268 -75.67 21.03 5.61
CA ASP J 268 -75.80 21.92 6.75
C ASP J 268 -75.15 21.38 8.01
N ASP J 269 -74.62 20.14 7.98
CA ASP J 269 -73.97 19.53 9.12
C ASP J 269 -72.62 18.92 8.80
N MET J 270 -72.39 18.47 7.57
CA MET J 270 -71.18 17.77 7.18
C MET J 270 -70.20 18.73 6.53
N VAL J 271 -68.92 18.47 6.72
CA VAL J 271 -67.85 19.36 6.27
C VAL J 271 -66.71 18.50 5.74
N ILE J 272 -66.07 18.98 4.68
CA ILE J 272 -64.97 18.27 4.03
C ILE J 272 -63.78 19.21 3.94
N VAL J 273 -62.66 18.81 4.53
CA VAL J 273 -61.45 19.60 4.59
C VAL J 273 -60.47 19.03 3.57
N GLY J 274 -60.13 19.84 2.58
CA GLY J 274 -59.17 19.42 1.58
C GLY J 274 -59.68 18.30 0.69
N ALA K 36 19.26 47.70 -41.20
CA ALA K 36 19.79 46.35 -41.39
C ALA K 36 19.10 45.39 -40.42
N THR K 37 17.85 45.07 -40.73
CA THR K 37 17.01 44.27 -39.87
C THR K 37 16.95 42.82 -40.36
N TYR K 38 16.16 42.01 -39.65
CA TYR K 38 15.94 40.64 -40.04
C TYR K 38 15.30 40.56 -41.41
N ALA K 39 14.27 41.38 -41.64
CA ALA K 39 13.59 41.38 -42.93
C ALA K 39 14.51 41.85 -44.03
N GLN K 40 15.38 42.82 -43.74
CA GLN K 40 16.27 43.33 -44.75
C GLN K 40 17.38 42.35 -45.08
N ALA K 41 17.73 41.46 -44.16
CA ALA K 41 18.66 40.39 -44.49
C ALA K 41 18.00 39.36 -45.38
N LEU K 42 16.74 39.05 -45.11
CA LEU K 42 15.98 38.18 -46.00
C LEU K 42 15.91 38.77 -47.40
N GLN K 43 15.79 40.09 -47.48
CA GLN K 43 15.77 40.77 -48.77
C GLN K 43 17.06 40.51 -49.54
N SER K 44 18.19 40.60 -48.86
CA SER K 44 19.49 40.47 -49.52
C SER K 44 19.91 39.01 -49.71
N VAL K 45 19.03 38.05 -49.45
CA VAL K 45 19.37 36.67 -49.74
C VAL K 45 19.57 36.51 -51.25
N PRO K 46 20.56 35.75 -51.72
CA PRO K 46 20.67 35.55 -53.16
C PRO K 46 19.47 34.79 -53.71
N GLU K 47 18.86 35.36 -54.75
CA GLU K 47 17.78 34.68 -55.43
C GLU K 47 18.32 33.45 -56.13
N THR K 48 17.48 32.43 -56.23
CA THR K 48 17.88 31.17 -56.83
C THR K 48 17.62 31.20 -58.33
N GLN K 49 18.57 30.66 -59.08
CA GLN K 49 18.43 30.48 -60.51
C GLN K 49 17.86 29.10 -60.80
N VAL K 50 17.17 28.98 -61.92
CA VAL K 50 16.67 27.70 -62.40
C VAL K 50 16.81 27.68 -63.91
N SER K 51 16.69 26.49 -64.47
CA SER K 51 16.67 26.31 -65.91
C SER K 51 16.22 24.88 -66.19
N GLN K 52 16.33 24.46 -67.45
CA GLN K 52 15.93 23.13 -67.84
C GLN K 52 16.57 22.81 -69.18
N LEU K 53 17.00 21.57 -69.33
CA LEU K 53 17.58 21.11 -70.58
C LEU K 53 16.49 20.61 -71.52
N ASP K 54 16.87 20.40 -72.78
CA ASP K 54 15.94 19.91 -73.78
C ASP K 54 15.49 18.50 -73.44
N ASN K 55 16.35 17.72 -72.78
CA ASN K 55 16.02 16.35 -72.39
C ASN K 55 15.25 16.28 -71.08
N GLY K 56 14.63 17.37 -70.65
CA GLY K 56 13.78 17.36 -69.48
C GLY K 56 14.48 17.62 -68.17
N LEU K 57 15.81 17.54 -68.14
CA LEU K 57 16.53 17.70 -66.89
C LEU K 57 16.42 19.12 -66.39
N ARG K 58 16.28 19.24 -65.07
CA ARG K 58 16.18 20.51 -64.40
C ARG K 58 17.54 20.92 -63.86
N VAL K 59 17.76 22.23 -63.79
CA VAL K 59 19.02 22.80 -63.32
C VAL K 59 18.69 24.00 -62.46
N ALA K 60 19.51 24.22 -61.43
CA ALA K 60 19.37 25.37 -60.55
C ALA K 60 20.67 25.61 -59.84
N SER K 61 20.75 26.75 -59.15
CA SER K 61 21.95 27.11 -58.42
C SER K 61 21.69 28.35 -57.59
N GLU K 62 22.63 28.64 -56.70
CA GLU K 62 22.67 29.87 -55.94
C GLU K 62 24.10 30.36 -55.91
N GLN K 63 24.30 31.60 -56.32
CA GLN K 63 25.62 32.21 -56.30
C GLN K 63 25.87 32.85 -54.94
N SER K 64 27.10 32.67 -54.45
CA SER K 64 27.55 33.32 -53.23
C SER K 64 29.02 33.66 -53.39
N SER K 65 29.54 34.43 -52.44
CA SER K 65 30.92 34.87 -52.47
C SER K 65 31.87 33.85 -51.87
N GLN K 66 31.41 32.63 -51.61
CA GLN K 66 32.28 31.64 -51.00
C GLN K 66 33.37 31.22 -51.97
N PRO K 67 34.50 30.72 -51.47
CA PRO K 67 35.46 30.05 -52.36
C PRO K 67 35.12 28.60 -52.62
N THR K 68 34.27 28.01 -51.79
CA THR K 68 33.89 26.61 -51.95
C THR K 68 32.57 26.52 -52.69
N CYS K 69 32.15 25.29 -52.93
CA CYS K 69 30.88 25.04 -53.60
C CYS K 69 30.52 23.58 -53.43
N THR K 70 29.22 23.34 -53.31
CA THR K 70 28.68 22.00 -53.28
C THR K 70 27.76 21.84 -54.48
N VAL K 71 27.91 20.72 -55.17
CA VAL K 71 27.06 20.40 -56.30
C VAL K 71 26.77 18.91 -56.28
N GLY K 72 25.55 18.56 -56.66
CA GLY K 72 25.17 17.16 -56.71
C GLY K 72 23.88 16.99 -57.47
N VAL K 73 23.41 15.76 -57.44
CA VAL K 73 22.19 15.37 -58.14
C VAL K 73 21.20 14.90 -57.10
N TRP K 74 19.93 15.22 -57.32
CA TRP K 74 18.85 14.80 -56.47
C TRP K 74 17.78 14.17 -57.35
N ILE K 75 17.40 12.93 -57.03
CA ILE K 75 16.52 12.13 -57.84
C ILE K 75 15.23 11.89 -57.09
N ASP K 76 14.14 11.74 -57.85
CA ASP K 76 12.86 11.30 -57.32
C ASP K 76 12.79 9.78 -57.42
N ALA K 77 13.66 9.13 -56.66
CA ALA K 77 13.72 7.68 -56.62
C ALA K 77 14.05 7.20 -55.22
N GLY K 78 13.42 6.11 -54.83
CA GLY K 78 13.67 5.52 -53.53
C GLY K 78 13.00 4.17 -53.44
N SER K 79 12.82 3.71 -52.21
CA SER K 79 12.21 2.41 -52.01
C SER K 79 10.71 2.43 -52.22
N ARG K 80 10.08 3.60 -52.16
CA ARG K 80 8.67 3.70 -52.50
C ARG K 80 8.41 3.22 -53.91
N TYR K 81 9.31 3.55 -54.84
CA TYR K 81 9.18 3.10 -56.21
C TYR K 81 9.55 1.63 -56.38
N GLU K 82 10.14 1.01 -55.37
CA GLU K 82 10.61 -0.35 -55.48
C GLU K 82 9.50 -1.34 -55.13
N SER K 83 9.53 -2.49 -55.79
CA SER K 83 8.70 -3.62 -55.44
C SER K 83 9.39 -4.45 -54.36
N GLU K 84 8.66 -5.42 -53.84
CA GLU K 84 9.23 -6.33 -52.86
C GLU K 84 10.40 -7.14 -53.44
N LYS K 85 10.46 -7.27 -54.77
CA LYS K 85 11.49 -8.10 -55.39
C LYS K 85 12.73 -7.31 -55.75
N ASN K 86 12.62 -5.99 -55.88
CA ASN K 86 13.75 -5.09 -56.05
C ASN K 86 13.91 -4.19 -54.84
N ASN K 87 13.49 -4.67 -53.68
CA ASN K 87 13.59 -3.89 -52.46
C ASN K 87 15.02 -3.93 -51.95
N GLY K 88 15.72 -2.82 -52.10
CA GLY K 88 17.11 -2.72 -51.73
C GLY K 88 18.02 -2.38 -52.89
N ALA K 89 17.49 -2.45 -54.12
CA ALA K 89 18.28 -2.12 -55.31
C ALA K 89 18.82 -0.70 -55.22
N GLY K 90 17.93 0.27 -55.04
CA GLY K 90 18.35 1.66 -54.97
C GLY K 90 19.36 1.93 -53.87
N TYR K 91 19.37 1.09 -52.84
CA TYR K 91 20.43 1.16 -51.83
C TYR K 91 21.66 0.42 -52.30
N PHE K 92 21.47 -0.69 -53.00
CA PHE K 92 22.61 -1.47 -53.47
C PHE K 92 23.43 -0.68 -54.48
N VAL K 93 22.76 0.13 -55.29
CA VAL K 93 23.46 0.95 -56.27
C VAL K 93 24.32 1.99 -55.58
N GLU K 94 23.97 2.39 -54.36
CA GLU K 94 24.70 3.43 -53.67
C GLU K 94 26.14 3.05 -53.44
N HIS K 95 26.44 1.75 -53.37
CA HIS K 95 27.80 1.30 -53.21
C HIS K 95 28.55 1.29 -54.54
N LEU K 96 27.99 0.61 -55.53
CA LEU K 96 28.73 0.34 -56.76
C LEU K 96 28.91 1.58 -57.62
N ALA K 97 28.11 2.63 -57.38
CA ALA K 97 28.29 3.85 -58.14
C ALA K 97 29.65 4.48 -57.94
N PHE K 98 30.34 4.14 -56.84
CA PHE K 98 31.67 4.65 -56.54
C PHE K 98 32.71 3.53 -56.56
N LYS K 99 32.55 2.58 -57.48
CA LYS K 99 33.42 1.42 -57.55
C LYS K 99 33.86 1.11 -58.98
N GLY K 100 33.69 2.05 -59.90
CA GLY K 100 34.17 1.90 -61.26
C GLY K 100 33.12 2.26 -62.29
N THR K 101 33.59 2.72 -63.44
CA THR K 101 32.73 3.08 -64.56
C THR K 101 33.34 2.56 -65.85
N LYS K 102 32.64 2.80 -66.96
CA LYS K 102 33.16 2.40 -68.26
C LYS K 102 34.42 3.19 -68.61
N ASN K 103 34.48 4.45 -68.19
CA ASN K 103 35.63 5.31 -68.48
C ASN K 103 36.58 5.47 -67.30
N ARG K 104 36.10 5.29 -66.07
CA ARG K 104 36.92 5.38 -64.87
C ARG K 104 36.72 4.10 -64.07
N PRO K 105 37.19 2.97 -64.60
CA PRO K 105 36.92 1.68 -63.95
C PRO K 105 37.63 1.55 -62.61
N GLY K 106 37.10 0.64 -61.80
CA GLY K 106 37.68 0.33 -60.52
C GLY K 106 37.70 1.52 -59.61
N ASN K 107 38.77 1.64 -58.83
CA ASN K 107 38.94 2.74 -57.91
C ASN K 107 39.54 3.98 -58.57
N ALA K 108 39.63 3.99 -59.90
CA ALA K 108 40.17 5.15 -60.60
C ALA K 108 39.36 6.40 -60.29
N LEU K 109 38.04 6.23 -60.16
CA LEU K 109 37.16 7.33 -59.79
C LEU K 109 37.57 7.95 -58.46
N GLU K 110 37.76 7.10 -57.45
CA GLU K 110 38.14 7.58 -56.12
C GLU K 110 39.44 8.37 -56.16
N LYS K 111 40.34 8.01 -57.07
CA LYS K 111 41.65 8.64 -57.10
C LYS K 111 41.57 10.09 -57.55
N GLU K 112 40.59 10.42 -58.40
CA GLU K 112 40.47 11.78 -58.88
C GLU K 112 39.87 12.69 -57.84
N VAL K 113 38.95 12.16 -57.03
CA VAL K 113 38.36 12.94 -55.96
C VAL K 113 39.41 13.32 -54.94
N GLU K 114 40.08 12.32 -54.38
CA GLU K 114 41.11 12.56 -53.39
C GLU K 114 42.25 13.39 -53.97
N SER K 115 42.49 13.25 -55.28
CA SER K 115 43.53 14.05 -55.92
C SER K 115 43.19 15.53 -55.86
N MET K 116 41.92 15.86 -56.00
CA MET K 116 41.46 17.25 -55.94
C MET K 116 41.21 17.71 -54.52
N GLY K 117 41.27 16.83 -53.53
CA GLY K 117 40.96 17.21 -52.17
C GLY K 117 39.49 17.36 -51.87
N ALA K 118 38.62 17.21 -52.86
CA ALA K 118 37.20 17.31 -52.62
C ALA K 118 36.72 16.15 -51.75
N HIS K 119 35.45 16.21 -51.38
CA HIS K 119 34.75 15.11 -50.74
C HIS K 119 33.70 14.56 -51.69
N LEU K 120 33.24 13.36 -51.38
CA LEU K 120 32.19 12.71 -52.15
C LEU K 120 31.31 11.93 -51.19
N ASN K 121 30.02 11.88 -51.49
CA ASN K 121 29.05 11.45 -50.52
C ASN K 121 27.77 11.06 -51.24
N ALA K 122 26.92 10.33 -50.55
CA ALA K 122 25.66 9.87 -51.10
C ALA K 122 24.68 9.64 -49.96
N TYR K 123 23.41 9.59 -50.32
CA TYR K 123 22.42 9.07 -49.40
C TYR K 123 21.19 8.68 -50.20
N SER K 124 20.30 7.95 -49.53
CA SER K 124 19.10 7.43 -50.15
C SER K 124 17.98 7.47 -49.13
N THR K 125 16.76 7.56 -49.63
CA THR K 125 15.57 7.62 -48.82
C THR K 125 14.48 6.78 -49.48
N ARG K 126 13.35 6.69 -48.80
CA ARG K 126 12.23 5.95 -49.34
C ARG K 126 11.62 6.64 -50.55
N GLU K 127 11.89 7.93 -50.76
CA GLU K 127 11.43 8.67 -51.92
C GLU K 127 12.55 9.18 -52.80
N HIS K 128 13.70 9.54 -52.21
CA HIS K 128 14.68 10.35 -52.90
C HIS K 128 16.08 9.82 -52.66
N THR K 129 16.94 10.06 -53.63
CA THR K 129 18.31 9.61 -53.63
C THR K 129 19.17 10.72 -54.20
N ALA K 130 20.39 10.83 -53.69
CA ALA K 130 21.23 11.95 -54.05
C ALA K 130 22.70 11.60 -53.93
N TYR K 131 23.45 12.00 -54.94
CA TYR K 131 24.90 11.99 -54.92
C TYR K 131 25.37 13.43 -55.04
N TYR K 132 26.44 13.77 -54.33
CA TYR K 132 26.93 15.13 -54.40
C TYR K 132 28.40 15.19 -54.07
N ILE K 133 29.01 16.29 -54.49
CA ILE K 133 30.41 16.57 -54.30
C ILE K 133 30.52 17.88 -53.54
N LYS K 134 31.45 17.92 -52.59
CA LYS K 134 31.82 19.14 -51.90
C LYS K 134 33.25 19.48 -52.31
N ALA K 135 33.41 20.61 -52.98
CA ALA K 135 34.67 20.93 -53.62
C ALA K 135 34.85 22.44 -53.67
N LEU K 136 35.92 22.87 -54.32
CA LEU K 136 36.24 24.28 -54.43
C LEU K 136 35.55 24.89 -55.63
N SER K 137 35.54 26.23 -55.65
CA SER K 137 34.84 26.95 -56.70
C SER K 137 35.44 26.65 -58.07
N LYS K 138 36.76 26.53 -58.15
CA LYS K 138 37.40 26.32 -59.45
C LYS K 138 37.19 24.90 -59.95
N ASP K 139 37.05 23.93 -59.05
CA ASP K 139 37.00 22.52 -59.41
C ASP K 139 35.61 22.07 -59.85
N LEU K 140 34.72 23.01 -60.14
CA LEU K 140 33.38 22.68 -60.65
C LEU K 140 33.40 21.79 -61.88
N PRO K 141 34.11 22.11 -62.97
CA PRO K 141 33.92 21.34 -64.22
C PRO K 141 34.35 19.90 -64.12
N LYS K 142 35.13 19.53 -63.12
CA LYS K 142 35.44 18.14 -62.89
C LYS K 142 34.39 17.46 -62.03
N ALA K 143 33.85 18.20 -61.05
CA ALA K 143 32.76 17.66 -60.25
C ALA K 143 31.59 17.25 -61.12
N VAL K 144 31.17 18.14 -62.01
CA VAL K 144 30.09 17.84 -62.92
C VAL K 144 30.48 16.70 -63.86
N GLU K 145 31.76 16.65 -64.24
CA GLU K 145 32.22 15.64 -65.17
C GLU K 145 32.03 14.24 -64.60
N LEU K 146 32.22 14.09 -63.29
CA LEU K 146 32.12 12.77 -62.68
C LEU K 146 30.67 12.37 -62.49
N LEU K 147 29.84 13.31 -62.05
CA LEU K 147 28.45 13.00 -61.75
C LEU K 147 27.71 12.48 -62.98
N ALA K 148 28.19 12.83 -64.17
CA ALA K 148 27.73 12.15 -65.37
C ALA K 148 28.22 10.72 -65.39
N ASP K 149 29.54 10.54 -65.33
CA ASP K 149 30.13 9.22 -65.47
C ASP K 149 29.72 8.28 -64.35
N ILE K 150 29.32 8.84 -63.20
CA ILE K 150 28.80 8.01 -62.11
C ILE K 150 27.42 7.49 -62.48
N VAL K 151 26.49 8.41 -62.74
CA VAL K 151 25.12 8.05 -63.06
C VAL K 151 25.08 7.29 -64.39
N GLN K 152 25.78 7.82 -65.39
CA GLN K 152 25.66 7.31 -66.74
C GLN K 152 26.27 5.91 -66.86
N ASN K 153 27.55 5.78 -66.48
CA ASN K 153 28.39 4.69 -66.94
C ASN K 153 28.83 3.78 -65.80
N CYS K 154 27.99 3.61 -64.78
CA CYS K 154 28.33 2.67 -63.72
C CYS K 154 28.41 1.27 -64.27
N SER K 155 29.63 0.72 -64.30
CA SER K 155 29.84 -0.58 -64.92
C SER K 155 29.17 -1.70 -64.15
N LEU K 156 29.12 -1.60 -62.82
CA LEU K 156 28.52 -2.61 -61.95
C LEU K 156 29.21 -3.97 -62.16
N GLU K 157 30.48 -4.01 -61.81
CA GLU K 157 31.27 -5.21 -62.03
C GLU K 157 30.75 -6.36 -61.18
N ASP K 158 30.56 -7.52 -61.82
CA ASP K 158 29.98 -8.68 -61.17
C ASP K 158 30.78 -9.10 -59.93
N SER K 159 32.10 -8.97 -59.99
CA SER K 159 32.90 -9.21 -58.80
C SER K 159 32.50 -8.27 -57.68
N GLN K 160 32.39 -6.98 -57.99
CA GLN K 160 32.00 -6.01 -56.99
C GLN K 160 30.57 -6.22 -56.54
N ILE K 161 29.71 -6.70 -57.45
CA ILE K 161 28.33 -6.98 -57.08
C ILE K 161 28.29 -8.02 -55.96
N GLU K 162 29.20 -8.99 -56.01
CA GLU K 162 29.21 -10.03 -54.99
C GLU K 162 29.94 -9.58 -53.74
N LYS K 163 30.92 -8.69 -53.86
CA LYS K 163 31.59 -8.17 -52.69
C LYS K 163 30.62 -7.35 -51.85
N GLU K 164 30.04 -6.33 -52.46
CA GLU K 164 29.11 -5.45 -51.74
C GLU K 164 27.90 -6.20 -51.25
N ARG K 165 27.53 -7.29 -51.91
CA ARG K 165 26.50 -8.17 -51.39
C ARG K 165 26.86 -8.65 -49.99
N ASP K 166 28.11 -9.05 -49.80
CA ASP K 166 28.54 -9.50 -48.48
C ASP K 166 28.62 -8.34 -47.52
N VAL K 167 29.01 -7.16 -48.03
CA VAL K 167 29.16 -6.00 -47.16
C VAL K 167 27.81 -5.59 -46.60
N ILE K 168 26.79 -5.56 -47.46
CA ILE K 168 25.51 -5.04 -47.04
C ILE K 168 24.85 -5.99 -46.05
N LEU K 169 25.10 -7.28 -46.18
CA LEU K 169 24.63 -8.20 -45.16
C LEU K 169 25.34 -7.96 -43.84
N GLN K 170 26.58 -7.49 -43.89
CA GLN K 170 27.27 -7.12 -42.68
C GLN K 170 26.71 -5.82 -42.11
N GLU K 171 26.21 -4.93 -42.98
CA GLU K 171 25.65 -3.67 -42.51
C GLU K 171 24.35 -3.90 -41.77
N LEU K 172 23.52 -4.79 -42.28
CA LEU K 172 22.25 -5.08 -41.63
C LEU K 172 22.47 -5.59 -40.21
N GLN K 173 23.48 -6.42 -40.03
CA GLN K 173 23.81 -6.90 -38.70
C GLN K 173 24.22 -5.75 -37.78
N GLU K 174 24.86 -4.73 -38.35
CA GLU K 174 25.19 -3.56 -37.57
C GLU K 174 23.95 -2.71 -37.31
N ASN K 175 23.11 -2.54 -38.33
CA ASN K 175 21.89 -1.79 -38.15
C ASN K 175 20.89 -2.52 -37.28
N ASP K 176 21.08 -3.82 -37.05
CA ASP K 176 20.28 -4.51 -36.05
C ASP K 176 20.55 -3.97 -34.65
N THR K 177 21.68 -3.29 -34.44
CA THR K 177 22.02 -2.72 -33.15
C THR K 177 21.66 -1.25 -33.04
N SER K 178 21.57 -0.55 -34.17
CA SER K 178 21.14 0.83 -34.16
C SER K 178 19.64 0.86 -33.88
N MET K 179 19.29 0.82 -32.61
CA MET K 179 17.91 0.61 -32.19
C MET K 179 16.99 1.69 -32.73
N ARG K 180 17.52 2.89 -32.92
CA ARG K 180 16.73 4.00 -33.44
C ARG K 180 16.22 3.70 -34.84
N ASP K 181 17.13 3.34 -35.74
CA ASP K 181 16.76 3.04 -37.11
C ASP K 181 15.76 1.91 -37.18
N VAL K 182 15.83 0.96 -36.24
CA VAL K 182 14.93 -0.18 -36.24
C VAL K 182 13.50 0.30 -36.04
N VAL K 183 13.30 1.22 -35.12
CA VAL K 183 11.96 1.61 -34.73
C VAL K 183 11.24 2.25 -35.90
N PHE K 184 11.89 3.21 -36.55
CA PHE K 184 11.26 3.87 -37.69
C PHE K 184 10.97 2.87 -38.79
N ASN K 185 11.86 1.91 -38.99
CA ASN K 185 11.62 0.88 -39.99
C ASN K 185 10.45 0.00 -39.57
N TYR K 186 10.34 -0.30 -38.28
CA TYR K 186 9.15 -0.98 -37.79
C TYR K 186 7.96 -0.07 -37.89
N LEU K 187 8.16 1.23 -37.68
CA LEU K 187 7.05 2.15 -37.68
C LEU K 187 6.41 2.26 -39.05
N HIS K 188 7.23 2.48 -40.08
CA HIS K 188 6.70 2.57 -41.43
C HIS K 188 6.04 1.27 -41.86
N ALA K 189 6.52 0.15 -41.32
CA ALA K 189 5.95 -1.14 -41.65
C ALA K 189 4.49 -1.23 -41.23
N THR K 190 4.14 -0.53 -40.16
CA THR K 190 2.82 -0.63 -39.56
C THR K 190 1.90 0.49 -39.96
N ALA K 191 2.41 1.70 -40.07
CA ALA K 191 1.59 2.80 -40.54
C ALA K 191 1.17 2.55 -41.97
N PHE K 192 2.10 2.10 -42.80
CA PHE K 192 1.95 2.04 -44.24
C PHE K 192 1.94 0.61 -44.74
N GLN K 193 1.21 -0.24 -44.03
CA GLN K 193 1.09 -1.66 -44.38
C GLN K 193 0.63 -1.82 -45.82
N GLY K 194 1.04 -2.92 -46.44
CA GLY K 194 0.59 -3.26 -47.77
C GLY K 194 0.96 -2.27 -48.85
N THR K 195 1.88 -1.35 -48.57
CA THR K 195 2.33 -0.36 -49.54
C THR K 195 3.84 -0.40 -49.64
N PRO K 196 4.43 0.32 -50.59
CA PRO K 196 5.90 0.38 -50.63
C PRO K 196 6.51 1.06 -49.44
N LEU K 197 5.83 2.04 -48.85
CA LEU K 197 6.44 2.81 -47.77
C LEU K 197 6.75 1.96 -46.56
N ALA K 198 6.05 0.84 -46.38
CA ALA K 198 6.42 -0.10 -45.35
C ALA K 198 7.82 -0.67 -45.56
N GLN K 199 8.33 -0.62 -46.78
CA GLN K 199 9.64 -1.16 -47.04
C GLN K 199 10.72 -0.28 -46.44
N SER K 200 11.90 -0.87 -46.29
CA SER K 200 13.08 -0.15 -45.90
C SER K 200 13.84 0.29 -47.14
N VAL K 201 14.75 1.26 -46.94
CA VAL K 201 15.64 1.66 -48.01
C VAL K 201 16.52 0.49 -48.41
N GLU K 202 16.91 -0.31 -47.41
CA GLU K 202 17.87 -1.38 -47.62
C GLU K 202 17.18 -2.68 -48.04
N GLY K 203 15.91 -2.83 -47.70
CA GLY K 203 15.17 -4.02 -48.04
C GLY K 203 15.62 -5.21 -47.24
N PRO K 204 14.92 -6.32 -47.42
CA PRO K 204 15.25 -7.52 -46.64
C PRO K 204 16.56 -8.14 -47.07
N SER K 205 17.15 -8.90 -46.16
CA SER K 205 18.40 -9.58 -46.47
C SER K 205 18.22 -10.62 -47.56
N GLU K 206 16.99 -11.11 -47.74
CA GLU K 206 16.73 -12.09 -48.78
C GLU K 206 17.02 -11.51 -50.15
N ASN K 207 16.40 -10.39 -50.49
CA ASN K 207 16.62 -9.77 -51.79
C ASN K 207 18.08 -9.38 -51.96
N VAL K 208 18.73 -8.99 -50.88
CA VAL K 208 20.16 -8.72 -50.93
C VAL K 208 20.92 -9.96 -51.38
N ARG K 209 20.49 -11.12 -50.91
CA ARG K 209 21.07 -12.37 -51.37
C ARG K 209 20.55 -12.76 -52.75
N LYS K 210 19.27 -12.53 -53.01
CA LYS K 210 18.64 -12.88 -54.27
C LYS K 210 18.49 -11.67 -55.18
N LEU K 211 19.61 -11.16 -55.67
CA LEU K 211 19.66 -10.02 -56.56
C LEU K 211 20.50 -10.35 -57.79
N SER K 212 20.33 -9.56 -58.83
CA SER K 212 21.05 -9.74 -60.08
C SER K 212 21.46 -8.40 -60.64
N ARG K 213 22.50 -8.44 -61.48
CA ARG K 213 22.82 -7.32 -62.34
C ARG K 213 21.61 -6.89 -63.16
N ALA K 214 20.84 -7.87 -63.63
CA ALA K 214 19.69 -7.57 -64.49
C ALA K 214 18.65 -6.74 -63.73
N ASP K 215 18.44 -7.06 -62.46
CA ASP K 215 17.47 -6.33 -61.65
C ASP K 215 17.83 -4.86 -61.56
N LEU K 216 19.12 -4.54 -61.59
CA LEU K 216 19.57 -3.18 -61.42
C LEU K 216 19.46 -2.40 -62.72
N THR K 217 19.92 -2.99 -63.82
CA THR K 217 19.79 -2.36 -65.12
C THR K 217 18.34 -2.04 -65.42
N GLU K 218 17.43 -2.90 -64.98
CA GLU K 218 16.02 -2.59 -65.04
C GLU K 218 15.70 -1.37 -64.18
N TYR K 219 16.20 -1.35 -62.94
CA TYR K 219 15.90 -0.26 -62.04
C TYR K 219 16.48 1.05 -62.55
N LEU K 220 17.70 1.01 -63.08
CA LEU K 220 18.35 2.22 -63.52
C LEU K 220 17.77 2.72 -64.84
N SER K 221 17.59 1.81 -65.79
CA SER K 221 17.03 2.18 -67.08
C SER K 221 15.60 2.68 -66.96
N ARG K 222 14.93 2.41 -65.85
CA ARG K 222 13.55 2.82 -65.66
C ARG K 222 13.46 4.18 -64.97
N HIS K 223 14.14 4.33 -63.85
CA HIS K 223 13.90 5.46 -62.95
C HIS K 223 14.78 6.66 -63.27
N TYR K 224 16.06 6.43 -63.55
CA TYR K 224 16.98 7.54 -63.83
C TYR K 224 16.69 8.08 -65.22
N LYS K 225 15.76 9.01 -65.27
CA LYS K 225 15.46 9.80 -66.45
C LYS K 225 15.58 11.27 -66.10
N ALA K 226 16.11 12.05 -67.04
CA ALA K 226 16.31 13.47 -66.84
C ALA K 226 15.11 14.22 -66.27
N PRO K 227 13.88 14.02 -66.75
CA PRO K 227 12.75 14.81 -66.20
C PRO K 227 12.55 14.62 -64.72
N ARG K 228 12.79 13.43 -64.20
CA ARG K 228 12.61 13.14 -62.79
C ARG K 228 13.81 13.55 -61.95
N MET K 229 14.88 13.99 -62.58
CA MET K 229 16.14 14.27 -61.88
C MET K 229 16.35 15.77 -61.79
N VAL K 230 17.37 16.13 -61.02
CA VAL K 230 17.74 17.53 -60.80
C VAL K 230 19.23 17.60 -60.61
N LEU K 231 19.88 18.50 -61.32
CA LEU K 231 21.19 19.00 -60.95
C LEU K 231 21.00 20.32 -60.22
N ALA K 232 21.77 20.53 -59.17
CA ALA K 232 21.75 21.81 -58.49
C ALA K 232 23.01 21.96 -57.67
N ALA K 233 23.31 23.21 -57.32
CA ALA K 233 24.59 23.55 -56.72
C ALA K 233 24.41 24.77 -55.84
N ALA K 234 25.51 25.22 -55.28
CA ALA K 234 25.56 26.43 -54.47
C ALA K 234 27.01 26.73 -54.14
N GLY K 235 27.29 28.01 -53.90
CA GLY K 235 28.60 28.46 -53.53
C GLY K 235 29.17 29.44 -54.55
N GLY K 236 30.50 29.47 -54.63
CA GLY K 236 31.17 30.38 -55.52
C GLY K 236 31.25 29.90 -56.94
N LEU K 237 30.12 29.94 -57.63
CA LEU K 237 30.04 29.58 -59.04
C LEU K 237 29.06 30.52 -59.71
N GLU K 238 28.69 30.19 -60.94
CA GLU K 238 27.59 30.87 -61.61
C GLU K 238 26.70 29.84 -62.31
N HIS K 239 25.41 30.17 -62.31
CA HIS K 239 24.40 29.42 -63.04
C HIS K 239 24.85 29.12 -64.46
N ARG K 240 25.21 30.17 -65.21
CA ARG K 240 25.62 30.04 -66.60
C ARG K 240 26.78 29.05 -66.78
N GLN K 241 27.70 29.01 -65.82
CA GLN K 241 28.78 28.04 -65.89
C GLN K 241 28.23 26.63 -65.80
N LEU K 242 27.17 26.44 -65.01
CA LEU K 242 26.63 25.11 -64.80
C LEU K 242 25.97 24.58 -66.07
N LEU K 243 25.36 25.48 -66.85
CA LEU K 243 24.64 25.06 -68.04
C LEU K 243 25.60 24.50 -69.08
N ASP K 244 26.72 25.18 -69.29
CA ASP K 244 27.68 24.79 -70.31
C ASP K 244 28.20 23.39 -70.07
N LEU K 245 28.19 22.94 -68.81
CA LEU K 245 28.63 21.60 -68.47
C LEU K 245 27.47 20.62 -68.55
N ALA K 246 26.27 21.07 -68.20
CA ALA K 246 25.10 20.21 -68.31
C ALA K 246 24.87 19.78 -69.75
N GLN K 247 24.90 20.74 -70.67
CA GLN K 247 24.77 20.40 -72.08
C GLN K 247 25.96 19.57 -72.55
N LYS K 248 27.15 19.90 -72.05
CA LYS K 248 28.34 19.15 -72.41
C LYS K 248 28.22 17.70 -72.00
N HIS K 249 27.73 17.45 -70.79
CA HIS K 249 27.63 16.11 -70.22
C HIS K 249 26.21 15.59 -70.20
N PHE K 250 25.29 16.32 -69.57
CA PHE K 250 23.96 15.78 -69.30
C PHE K 250 23.00 15.90 -70.47
N SER K 251 23.46 16.40 -71.63
CA SER K 251 22.60 16.38 -72.81
C SER K 251 22.34 14.96 -73.28
N GLY K 252 23.17 14.00 -72.87
CA GLY K 252 23.06 12.64 -73.37
C GLY K 252 22.06 11.76 -72.62
N LEU K 253 21.43 12.28 -71.58
CA LEU K 253 20.50 11.46 -70.81
C LEU K 253 19.29 11.08 -71.66
N SER K 254 18.63 10.01 -71.24
CA SER K 254 17.37 9.60 -71.86
C SER K 254 16.26 10.51 -71.34
N GLY K 255 16.01 11.59 -72.07
CA GLY K 255 14.94 12.51 -71.72
C GLY K 255 13.55 12.04 -72.07
N THR K 256 13.42 10.82 -72.58
CA THR K 256 12.15 10.25 -72.99
C THR K 256 12.00 8.87 -72.37
N TYR K 257 10.82 8.28 -72.56
CA TYR K 257 10.57 6.94 -72.08
C TYR K 257 9.32 6.41 -72.78
N ASP K 258 9.11 5.10 -72.65
CA ASP K 258 8.02 4.43 -73.35
C ASP K 258 6.67 4.95 -72.83
N GLU K 259 5.59 4.40 -73.41
CA GLU K 259 4.26 4.90 -73.10
C GLU K 259 3.92 4.73 -71.62
N ASP K 260 4.41 3.65 -71.00
CA ASP K 260 4.15 3.37 -69.60
C ASP K 260 5.38 2.85 -68.88
N ALA K 261 6.55 3.42 -69.16
CA ALA K 261 7.78 2.99 -68.51
C ALA K 261 7.93 3.62 -67.14
N VAL K 262 7.64 4.91 -67.01
CA VAL K 262 7.81 5.63 -65.75
C VAL K 262 6.57 5.39 -64.90
N PRO K 263 6.67 4.84 -63.68
CA PRO K 263 5.48 4.71 -62.85
C PRO K 263 5.06 6.04 -62.27
N THR K 264 3.89 6.03 -61.65
CA THR K 264 3.38 7.14 -60.87
C THR K 264 3.02 6.64 -59.48
N LEU K 265 2.99 7.57 -58.53
CA LEU K 265 2.73 7.27 -57.15
C LEU K 265 1.28 7.56 -56.80
N SER K 266 0.58 6.54 -56.35
CA SER K 266 -0.75 6.72 -55.78
C SER K 266 -0.60 7.03 -54.30
N PRO K 267 -1.66 7.53 -53.67
CA PRO K 267 -1.62 7.65 -52.21
C PRO K 267 -1.45 6.28 -51.58
N CYS K 268 -0.94 6.29 -50.36
CA CYS K 268 -0.69 5.07 -49.61
C CYS K 268 -1.58 5.02 -48.39
N ARG K 269 -1.94 3.81 -48.02
CA ARG K 269 -2.91 3.56 -46.96
C ARG K 269 -2.21 3.64 -45.61
N PHE K 270 -2.39 4.76 -44.94
CA PHE K 270 -2.10 4.81 -43.53
C PHE K 270 -3.06 3.89 -42.80
N THR K 271 -2.63 3.39 -41.64
CA THR K 271 -3.53 2.64 -40.78
C THR K 271 -3.09 2.77 -39.34
N GLY K 272 -4.03 2.51 -38.44
CA GLY K 272 -3.75 2.63 -37.02
C GLY K 272 -3.42 1.28 -36.46
N SER K 273 -2.24 1.18 -35.87
CA SER K 273 -1.71 -0.12 -35.52
C SER K 273 -0.62 0.05 -34.48
N GLN K 274 -0.11 -1.09 -34.02
CA GLN K 274 0.92 -1.13 -33.02
C GLN K 274 1.82 -2.31 -33.30
N ILE K 275 3.09 -2.13 -33.02
CA ILE K 275 4.08 -3.19 -33.08
C ILE K 275 4.94 -3.11 -31.84
N CYS K 276 5.13 -4.25 -31.19
CA CYS K 276 5.71 -4.32 -29.86
C CYS K 276 6.73 -5.44 -29.88
N HIS K 277 7.97 -5.09 -30.23
CA HIS K 277 9.06 -6.06 -30.27
C HIS K 277 9.68 -6.14 -28.90
N ARG K 278 9.31 -7.17 -28.17
CA ARG K 278 9.73 -7.32 -26.78
C ARG K 278 11.15 -7.87 -26.73
N GLU K 279 12.03 -7.16 -26.02
CA GLU K 279 13.40 -7.63 -25.80
C GLU K 279 13.86 -7.07 -24.45
N ASP K 280 13.67 -7.86 -23.40
CA ASP K 280 14.03 -7.42 -22.06
C ASP K 280 15.52 -7.41 -21.81
N GLY K 281 16.30 -8.12 -22.61
CA GLY K 281 17.74 -8.15 -22.39
C GLY K 281 18.42 -6.81 -22.56
N LEU K 282 17.81 -5.91 -23.31
CA LEU K 282 18.42 -4.65 -23.63
C LEU K 282 17.99 -3.59 -22.62
N PRO K 283 18.89 -2.70 -22.22
CA PRO K 283 18.66 -1.94 -20.99
C PRO K 283 17.66 -0.81 -21.13
N LEU K 284 17.50 -0.28 -22.34
CA LEU K 284 16.65 0.87 -22.58
C LEU K 284 15.56 0.53 -23.58
N ALA K 285 14.56 1.41 -23.62
CA ALA K 285 13.35 1.20 -24.39
C ALA K 285 13.12 2.35 -25.34
N HIS K 286 13.31 2.09 -26.62
CA HIS K 286 12.95 3.04 -27.66
C HIS K 286 11.47 2.92 -27.98
N VAL K 287 10.83 4.06 -28.17
CA VAL K 287 9.42 4.15 -28.49
C VAL K 287 9.25 5.16 -29.60
N ALA K 288 8.22 4.95 -30.41
CA ALA K 288 7.85 5.90 -31.44
C ALA K 288 6.39 5.77 -31.76
N ILE K 289 5.68 6.87 -31.61
CA ILE K 289 4.27 6.97 -31.92
C ILE K 289 4.09 8.09 -32.92
N ALA K 290 3.15 7.91 -33.84
CA ALA K 290 2.88 8.94 -34.81
C ALA K 290 1.53 8.70 -35.45
N VAL K 291 1.18 9.60 -36.37
CA VAL K 291 -0.09 9.61 -37.07
C VAL K 291 0.17 9.85 -38.55
N GLU K 292 -0.90 10.00 -39.31
CA GLU K 292 -0.77 10.34 -40.71
C GLU K 292 -0.44 11.81 -40.86
N GLY K 293 0.42 12.11 -41.82
CA GLY K 293 0.87 13.46 -42.06
C GLY K 293 0.19 14.05 -43.28
N PRO K 294 0.35 15.35 -43.49
CA PRO K 294 -0.24 15.95 -44.69
C PRO K 294 0.43 15.50 -45.97
N GLY K 295 1.75 15.57 -46.00
CA GLY K 295 2.52 15.57 -47.24
C GLY K 295 3.46 16.76 -47.28
N TRP K 296 4.27 16.79 -48.33
CA TRP K 296 5.19 17.89 -48.50
C TRP K 296 4.43 19.19 -48.71
N ALA K 297 3.71 19.25 -49.83
CA ALA K 297 3.21 20.50 -50.37
C ALA K 297 2.07 21.09 -49.57
N HIS K 298 1.50 20.34 -48.64
CA HIS K 298 0.35 20.83 -47.93
C HIS K 298 0.76 21.98 -47.01
N PRO K 299 0.05 23.11 -47.01
CA PRO K 299 0.58 24.30 -46.34
C PRO K 299 0.59 24.19 -44.83
N ASP K 300 -0.24 23.35 -44.24
CA ASP K 300 -0.28 23.27 -42.78
C ASP K 300 0.95 22.58 -42.20
N ASN K 301 1.88 22.11 -43.03
CA ASN K 301 3.16 21.64 -42.52
C ASN K 301 3.83 22.71 -41.69
N VAL K 302 3.68 23.97 -42.09
CA VAL K 302 4.33 25.07 -41.40
C VAL K 302 3.86 25.13 -39.96
N ALA K 303 2.55 25.10 -39.76
CA ALA K 303 1.99 25.24 -38.43
C ALA K 303 2.43 24.09 -37.53
N LEU K 304 2.60 22.91 -38.12
CA LEU K 304 2.95 21.75 -37.31
C LEU K 304 4.39 21.81 -36.84
N GLN K 305 5.28 22.32 -37.69
CA GLN K 305 6.67 22.48 -37.29
C GLN K 305 6.77 23.38 -36.08
N VAL K 306 5.86 24.34 -35.94
CA VAL K 306 5.78 25.12 -34.73
C VAL K 306 5.34 24.24 -33.58
N ALA K 307 4.25 23.50 -33.80
CA ALA K 307 3.66 22.71 -32.73
C ALA K 307 4.66 21.71 -32.17
N ASN K 308 5.41 21.05 -33.04
CA ASN K 308 6.48 20.19 -32.57
C ASN K 308 7.51 21.01 -31.82
N ALA K 309 7.82 22.20 -32.32
CA ALA K 309 8.85 23.02 -31.72
C ALA K 309 8.43 23.51 -30.35
N ILE K 310 7.14 23.65 -30.11
CA ILE K 310 6.67 23.97 -28.77
C ILE K 310 7.06 22.87 -27.81
N ILE K 311 6.89 21.63 -28.25
CA ILE K 311 7.29 20.50 -27.43
C ILE K 311 8.80 20.38 -27.42
N GLY K 312 9.43 20.65 -28.56
CA GLY K 312 10.87 20.67 -28.60
C GLY K 312 11.46 19.28 -28.58
N HIS K 313 12.48 19.11 -27.76
CA HIS K 313 13.31 17.91 -27.79
C HIS K 313 14.26 17.99 -26.60
N TYR K 314 14.79 16.84 -26.23
CA TYR K 314 15.55 16.76 -25.00
C TYR K 314 16.51 15.58 -25.04
N ASP K 315 17.65 15.78 -24.40
CA ASP K 315 18.55 14.70 -24.01
C ASP K 315 18.94 14.94 -22.56
N CYS K 316 19.60 13.95 -21.97
CA CYS K 316 20.08 14.10 -20.61
C CYS K 316 21.34 14.95 -20.51
N THR K 317 21.84 15.51 -21.61
CA THR K 317 23.01 16.37 -21.59
C THR K 317 22.67 17.84 -21.59
N TYR K 318 21.42 18.20 -21.80
CA TYR K 318 21.03 19.60 -21.80
C TYR K 318 21.00 20.14 -20.37
N GLY K 319 21.66 21.27 -20.17
CA GLY K 319 21.88 21.82 -18.86
C GLY K 319 20.78 22.69 -18.35
N GLY K 320 19.74 22.92 -19.14
CA GLY K 320 18.63 23.72 -18.66
C GLY K 320 17.87 23.02 -17.55
N GLY K 321 17.54 21.76 -17.76
CA GLY K 321 16.86 21.00 -16.75
C GLY K 321 15.43 21.47 -16.57
N ALA K 322 15.07 21.72 -15.30
CA ALA K 322 13.69 22.05 -14.97
C ALA K 322 13.27 23.37 -15.58
N HIS K 323 14.19 24.32 -15.67
CA HIS K 323 13.85 25.67 -16.07
C HIS K 323 13.54 25.81 -17.55
N LEU K 324 13.58 24.72 -18.31
CA LEU K 324 13.24 24.81 -19.73
C LEU K 324 11.80 25.23 -19.91
N SER K 325 11.44 25.56 -21.15
CA SER K 325 10.13 26.10 -21.44
C SER K 325 9.13 25.00 -21.75
N SER K 326 9.54 24.02 -22.53
CA SER K 326 8.65 22.94 -22.89
C SER K 326 8.26 22.18 -21.63
N PRO K 327 7.00 22.25 -21.18
CA PRO K 327 6.65 21.61 -19.91
C PRO K 327 6.87 20.11 -19.91
N LEU K 328 6.96 19.51 -21.08
CA LEU K 328 7.40 18.14 -21.20
C LEU K 328 8.85 18.01 -20.82
N ALA K 329 9.71 18.82 -21.43
CA ALA K 329 11.13 18.76 -21.12
C ALA K 329 11.38 19.17 -19.68
N SER K 330 10.57 20.09 -19.16
CA SER K 330 10.72 20.52 -17.78
C SER K 330 10.45 19.36 -16.83
N ILE K 331 9.37 18.63 -17.09
CA ILE K 331 8.98 17.53 -16.22
C ILE K 331 9.99 16.39 -16.34
N ALA K 332 10.40 16.10 -17.58
CA ALA K 332 11.28 14.97 -17.82
C ALA K 332 12.61 15.13 -17.11
N ALA K 333 13.16 16.34 -17.10
CA ALA K 333 14.42 16.57 -16.43
C ALA K 333 14.26 16.54 -14.93
N THR K 334 13.08 16.92 -14.45
CA THR K 334 12.82 16.93 -13.01
C THR K 334 12.74 15.51 -12.48
N ASN K 335 11.77 14.74 -12.97
CA ASN K 335 11.47 13.42 -12.48
C ASN K 335 12.31 12.32 -13.12
N LYS K 336 13.17 12.67 -14.08
CA LYS K 336 14.01 11.68 -14.77
C LYS K 336 13.16 10.58 -15.40
N LEU K 337 12.04 10.98 -15.99
CA LEU K 337 11.20 10.03 -16.69
C LEU K 337 11.86 9.45 -17.92
N CYS K 338 12.95 10.03 -18.41
CA CYS K 338 13.51 9.61 -19.68
C CYS K 338 14.96 10.04 -19.75
N GLN K 339 15.62 9.58 -20.81
CA GLN K 339 16.96 10.00 -21.18
C GLN K 339 16.95 10.90 -22.40
N SER K 340 15.89 10.86 -23.19
CA SER K 340 15.90 11.51 -24.49
C SER K 340 14.52 11.45 -25.11
N PHE K 341 14.22 12.45 -25.94
CA PHE K 341 13.08 12.40 -26.83
C PHE K 341 13.20 13.54 -27.81
N GLN K 342 12.24 13.61 -28.71
CA GLN K 342 12.26 14.57 -29.81
C GLN K 342 10.89 14.62 -30.46
N THR K 343 10.81 15.35 -31.56
CA THR K 343 9.58 15.55 -32.31
C THR K 343 9.94 15.64 -33.79
N PHE K 344 9.36 14.73 -34.57
CA PHE K 344 9.66 14.65 -35.99
C PHE K 344 8.39 14.88 -36.79
N ASN K 345 8.59 15.31 -38.02
CA ASN K 345 7.54 15.38 -39.01
C ASN K 345 8.13 14.94 -40.35
N ILE K 346 8.01 13.66 -40.63
CA ILE K 346 8.47 13.14 -41.90
C ILE K 346 7.37 13.40 -42.92
N CYS K 347 7.76 13.94 -44.06
CA CYS K 347 6.85 14.38 -45.10
C CYS K 347 7.11 13.55 -46.35
N TYR K 348 6.08 12.86 -46.83
CA TYR K 348 6.12 12.15 -48.08
C TYR K 348 5.23 12.87 -49.08
N ALA K 349 5.08 12.26 -50.26
CA ALA K 349 4.55 12.97 -51.43
C ALA K 349 3.17 13.56 -51.16
N ASP K 350 2.28 12.78 -50.54
CA ASP K 350 0.94 13.25 -50.22
C ASP K 350 0.51 12.79 -48.83
N THR K 351 1.47 12.53 -47.96
CA THR K 351 1.19 12.10 -46.60
C THR K 351 2.50 12.11 -45.85
N GLY K 352 2.46 11.66 -44.60
CA GLY K 352 3.66 11.63 -43.80
C GLY K 352 3.38 11.13 -42.40
N LEU K 353 4.44 11.08 -41.61
CA LEU K 353 4.36 10.71 -40.22
C LEU K 353 4.56 11.95 -39.36
N LEU K 354 3.84 11.98 -38.25
CA LEU K 354 3.89 13.10 -37.31
C LEU K 354 3.79 12.52 -35.92
N GLY K 355 4.78 12.80 -35.09
CA GLY K 355 4.76 12.24 -33.76
C GLY K 355 6.01 12.50 -32.97
N ALA K 356 6.56 11.45 -32.37
CA ALA K 356 7.70 11.64 -31.49
C ALA K 356 8.37 10.32 -31.18
N HIS K 357 9.64 10.44 -30.81
CA HIS K 357 10.52 9.34 -30.48
C HIS K 357 11.01 9.59 -29.07
N PHE K 358 11.19 8.52 -28.30
CA PHE K 358 11.71 8.73 -26.96
C PHE K 358 12.27 7.45 -26.38
N VAL K 359 13.23 7.65 -25.49
CA VAL K 359 13.95 6.60 -24.81
C VAL K 359 13.68 6.74 -23.32
N CYS K 360 13.46 5.61 -22.65
CA CYS K 360 13.19 5.68 -21.23
C CYS K 360 13.33 4.31 -20.61
N ASP K 361 13.49 4.32 -19.29
CA ASP K 361 13.57 3.08 -18.54
C ASP K 361 12.24 2.39 -18.50
N HIS K 362 12.28 1.06 -18.39
CA HIS K 362 11.09 0.25 -18.50
C HIS K 362 10.07 0.51 -17.42
N MET K 363 10.46 1.20 -16.34
CA MET K 363 9.54 1.56 -15.28
C MET K 363 9.08 3.01 -15.39
N SER K 364 9.16 3.59 -16.60
CA SER K 364 8.87 5.01 -16.79
C SER K 364 8.12 5.33 -18.07
N ILE K 365 7.61 4.34 -18.79
CA ILE K 365 6.96 4.62 -20.07
C ILE K 365 5.58 5.23 -19.84
N ASP K 366 4.79 4.61 -18.97
CA ASP K 366 3.40 5.02 -18.76
C ASP K 366 3.30 6.46 -18.34
N ASP K 367 4.31 6.98 -17.68
CA ASP K 367 4.30 8.38 -17.29
C ASP K 367 4.52 9.29 -18.48
N MET K 368 5.30 8.83 -19.46
CA MET K 368 5.62 9.67 -20.61
C MET K 368 4.42 9.79 -21.54
N MET K 369 3.83 8.66 -21.90
CA MET K 369 2.68 8.67 -22.80
C MET K 369 1.46 9.34 -22.20
N PHE K 370 1.47 9.65 -20.90
CA PHE K 370 0.39 10.38 -20.27
C PHE K 370 0.64 11.87 -20.29
N VAL K 371 1.90 12.28 -20.39
CA VAL K 371 2.23 13.70 -20.46
C VAL K 371 2.38 14.14 -21.90
N LEU K 372 2.93 13.26 -22.73
CA LEU K 372 3.11 13.57 -24.13
C LEU K 372 1.76 13.82 -24.79
N GLN K 373 0.84 12.89 -24.64
CA GLN K 373 -0.49 13.05 -25.18
C GLN K 373 -1.21 14.23 -24.54
N GLY K 374 -0.86 14.56 -23.31
CA GLY K 374 -1.49 15.70 -22.67
C GLY K 374 -1.13 16.99 -23.37
N GLN K 375 0.12 17.12 -23.78
CA GLN K 375 0.55 18.35 -24.41
C GLN K 375 -0.07 18.49 -25.79
N TRP K 376 -0.20 17.39 -26.52
CA TRP K 376 -0.90 17.43 -27.79
C TRP K 376 -2.34 17.89 -27.60
N MET K 377 -3.06 17.24 -26.71
CA MET K 377 -4.44 17.64 -26.46
C MET K 377 -4.52 19.01 -25.81
N ARG K 378 -3.46 19.42 -25.12
CA ARG K 378 -3.41 20.79 -24.61
C ARG K 378 -3.46 21.77 -25.76
N LEU K 379 -2.67 21.52 -26.79
CA LEU K 379 -2.61 22.42 -27.93
C LEU K 379 -3.89 22.39 -28.73
N CYS K 380 -4.46 21.20 -28.90
CA CYS K 380 -5.70 21.08 -29.66
C CYS K 380 -6.82 21.87 -29.02
N THR K 381 -6.74 22.11 -27.71
CA THR K 381 -7.79 22.78 -26.97
C THR K 381 -7.43 24.21 -26.59
N SER K 382 -6.21 24.44 -26.11
CA SER K 382 -5.84 25.75 -25.60
C SER K 382 -4.34 25.92 -25.67
N ALA K 383 -3.89 26.86 -26.49
CA ALA K 383 -2.51 27.27 -26.57
C ALA K 383 -2.43 28.78 -26.61
N THR K 384 -1.38 29.33 -26.01
CA THR K 384 -1.24 30.76 -25.84
C THR K 384 -0.31 31.33 -26.88
N GLU K 385 -0.54 32.60 -27.21
CA GLU K 385 0.27 33.25 -28.24
C GLU K 385 1.74 33.31 -27.86
N SER K 386 2.03 33.38 -26.55
CA SER K 386 3.41 33.50 -26.11
C SER K 386 4.20 32.26 -26.48
N GLU K 387 3.66 31.09 -26.17
CA GLU K 387 4.37 29.85 -26.48
C GLU K 387 4.34 29.56 -27.97
N VAL K 388 3.26 29.93 -28.65
CA VAL K 388 3.27 29.83 -30.10
C VAL K 388 4.34 30.74 -30.65
N LEU K 389 4.37 31.99 -30.18
CA LEU K 389 5.44 32.90 -30.55
C LEU K 389 6.82 32.33 -30.19
N ARG K 390 6.91 31.66 -29.06
CA ARG K 390 8.15 30.97 -28.72
C ARG K 390 8.48 29.91 -29.75
N GLY K 391 7.47 29.20 -30.24
CA GLY K 391 7.71 28.17 -31.22
C GLY K 391 8.08 28.76 -32.56
N LYS K 392 7.45 29.88 -32.91
CA LYS K 392 7.72 30.49 -34.21
C LYS K 392 9.17 30.95 -34.29
N ASN K 393 9.67 31.56 -33.24
CA ASN K 393 11.04 32.05 -33.23
C ASN K 393 12.03 30.90 -33.36
N LEU K 394 11.65 29.71 -32.90
CA LEU K 394 12.51 28.55 -33.10
C LEU K 394 12.54 28.15 -34.57
N LEU K 395 11.37 28.11 -35.19
CA LEU K 395 11.29 27.67 -36.58
C LEU K 395 12.03 28.64 -37.49
N ARG K 396 12.03 29.92 -37.14
CA ARG K 396 12.81 30.88 -37.90
C ARG K 396 14.28 30.51 -37.87
N ASN K 397 14.82 30.31 -36.66
CA ASN K 397 16.25 30.09 -36.52
C ASN K 397 16.69 28.78 -37.14
N ALA K 398 15.83 27.76 -37.06
CA ALA K 398 16.19 26.46 -37.61
C ALA K 398 16.42 26.54 -39.11
N LEU K 399 15.50 27.18 -39.82
CA LEU K 399 15.64 27.33 -41.26
C LEU K 399 16.90 28.12 -41.59
N VAL K 400 17.14 29.19 -40.85
CA VAL K 400 18.34 29.99 -41.08
C VAL K 400 19.58 29.18 -40.73
N SER K 401 19.60 28.61 -39.54
CA SER K 401 20.77 27.87 -39.10
C SER K 401 20.99 26.61 -39.93
N HIS K 402 19.92 26.02 -40.44
CA HIS K 402 20.08 24.85 -41.30
C HIS K 402 20.73 25.23 -42.60
N LEU K 403 20.52 26.47 -43.05
CA LEU K 403 21.11 26.98 -44.29
C LEU K 403 22.36 27.78 -43.93
N ASP K 404 23.42 27.03 -43.64
CA ASP K 404 24.73 27.62 -43.34
C ASP K 404 25.76 26.64 -43.88
N GLY K 405 26.24 26.91 -45.09
CA GLY K 405 27.17 26.05 -45.78
C GLY K 405 26.65 25.71 -47.16
N THR K 406 27.56 25.52 -48.12
CA THR K 406 27.11 25.26 -49.49
C THR K 406 26.42 23.91 -49.61
N THR K 407 26.68 22.99 -48.68
CA THR K 407 26.09 21.66 -48.81
C THR K 407 24.60 21.67 -48.48
N PRO K 408 24.17 22.02 -47.27
CA PRO K 408 22.74 21.94 -46.96
C PRO K 408 21.89 22.87 -47.81
N VAL K 409 22.47 23.91 -48.38
CA VAL K 409 21.70 24.80 -49.25
C VAL K 409 21.29 24.06 -50.51
N CYS K 410 22.25 23.44 -51.19
CA CYS K 410 21.92 22.74 -52.42
C CYS K 410 21.09 21.49 -52.15
N GLU K 411 21.12 20.98 -50.93
CA GLU K 411 20.13 19.99 -50.54
C GLU K 411 18.74 20.60 -50.55
N ASP K 412 18.59 21.74 -49.89
CA ASP K 412 17.31 22.43 -49.87
C ASP K 412 16.84 22.77 -51.28
N ILE K 413 17.77 23.08 -52.17
CA ILE K 413 17.41 23.32 -53.56
C ILE K 413 16.90 22.03 -54.17
N GLY K 414 17.70 20.96 -54.05
CA GLY K 414 17.41 19.75 -54.78
C GLY K 414 16.05 19.15 -54.45
N ARG K 415 15.82 18.87 -53.17
CA ARG K 415 14.57 18.19 -52.82
C ARG K 415 13.37 19.11 -53.01
N SER K 416 13.53 20.40 -52.72
CA SER K 416 12.41 21.32 -52.88
C SER K 416 11.98 21.40 -54.33
N LEU K 417 12.92 21.30 -55.26
CA LEU K 417 12.57 21.25 -56.67
C LEU K 417 11.92 19.93 -57.03
N LEU K 418 12.11 18.89 -56.23
CA LEU K 418 11.45 17.61 -56.45
C LEU K 418 10.14 17.51 -55.69
N THR K 419 10.11 18.01 -54.47
CA THR K 419 8.92 17.92 -53.64
C THR K 419 7.91 18.99 -54.01
N TYR K 420 8.33 20.25 -53.94
CA TYR K 420 7.45 21.37 -54.25
C TYR K 420 7.49 21.76 -55.71
N GLY K 421 8.51 21.35 -56.45
CA GLY K 421 8.71 21.79 -57.81
C GLY K 421 9.54 23.03 -57.93
N ARG K 422 9.44 23.95 -56.97
CA ARG K 422 10.26 25.14 -56.91
C ARG K 422 10.98 25.16 -55.57
N ARG K 423 11.74 26.21 -55.35
CA ARG K 423 12.26 26.52 -54.02
C ARG K 423 11.48 27.67 -53.43
N ILE K 424 11.37 27.64 -52.10
CA ILE K 424 10.74 28.70 -51.33
C ILE K 424 11.85 29.49 -50.65
N PRO K 425 11.91 30.81 -50.81
CA PRO K 425 12.87 31.59 -50.03
C PRO K 425 12.39 31.83 -48.61
N LEU K 426 13.36 32.13 -47.75
CA LEU K 426 13.08 32.34 -46.35
C LEU K 426 12.12 33.50 -46.13
N ALA K 427 12.11 34.47 -47.05
CA ALA K 427 11.13 35.54 -46.98
C ALA K 427 9.72 34.98 -47.06
N GLU K 428 9.51 33.97 -47.89
CA GLU K 428 8.18 33.42 -48.05
C GLU K 428 7.84 32.49 -46.90
N TRP K 429 8.82 31.75 -46.38
CA TRP K 429 8.61 30.96 -45.18
C TRP K 429 8.18 31.86 -44.03
N GLU K 430 8.91 32.96 -43.83
CA GLU K 430 8.54 33.93 -42.80
C GLU K 430 7.14 34.45 -43.03
N SER K 431 6.78 34.69 -44.30
CA SER K 431 5.44 35.16 -44.61
C SER K 431 4.41 34.12 -44.22
N ARG K 432 4.71 32.85 -44.45
CA ARG K 432 3.81 31.79 -44.05
C ARG K 432 3.77 31.65 -42.53
N ILE K 433 4.91 31.86 -41.87
CA ILE K 433 4.94 31.83 -40.41
C ILE K 433 4.08 32.95 -39.86
N ALA K 434 4.13 34.11 -40.49
CA ALA K 434 3.45 35.29 -39.97
C ALA K 434 1.96 35.09 -39.86
N GLU K 435 1.39 34.25 -40.72
CA GLU K 435 -0.05 33.98 -40.68
C GLU K 435 -0.42 33.00 -39.59
N VAL K 436 0.52 32.57 -38.76
CA VAL K 436 0.23 31.64 -37.68
C VAL K 436 -0.14 32.41 -36.42
N ASP K 437 -1.08 31.86 -35.68
CA ASP K 437 -1.33 32.30 -34.32
C ASP K 437 -1.85 31.10 -33.54
N ALA K 438 -2.40 31.36 -32.35
CA ALA K 438 -2.87 30.26 -31.51
C ALA K 438 -4.05 29.56 -32.15
N ARG K 439 -4.93 30.32 -32.81
CA ARG K 439 -6.13 29.75 -33.39
C ARG K 439 -5.78 28.72 -34.45
N VAL K 440 -4.77 29.00 -35.26
CA VAL K 440 -4.37 28.08 -36.31
C VAL K 440 -3.94 26.76 -35.71
N VAL K 441 -3.17 26.83 -34.63
CA VAL K 441 -2.57 25.63 -34.07
C VAL K 441 -3.63 24.75 -33.45
N ARG K 442 -4.56 25.35 -32.73
CA ARG K 442 -5.66 24.59 -32.13
C ARG K 442 -6.42 23.80 -33.18
N GLU K 443 -6.66 24.43 -34.34
CA GLU K 443 -7.44 23.77 -35.36
C GLU K 443 -6.65 22.64 -36.01
N VAL K 444 -5.44 22.94 -36.47
CA VAL K 444 -4.67 22.00 -37.25
C VAL K 444 -4.34 20.77 -36.43
N CYS K 445 -3.88 20.98 -35.20
CA CYS K 445 -3.62 19.84 -34.33
C CYS K 445 -4.89 19.06 -34.04
N SER K 446 -6.02 19.74 -33.96
CA SER K 446 -7.28 19.04 -33.75
C SER K 446 -7.64 18.19 -34.95
N LYS K 447 -7.16 18.56 -36.14
CA LYS K 447 -7.44 17.75 -37.31
C LYS K 447 -6.64 16.46 -37.29
N TYR K 448 -5.40 16.52 -36.79
CA TYR K 448 -4.42 15.49 -37.04
C TYR K 448 -3.93 14.80 -35.77
N PHE K 449 -4.22 15.33 -34.60
CA PHE K 449 -4.03 14.63 -33.34
C PHE K 449 -5.34 14.17 -32.71
N TYR K 450 -6.29 15.08 -32.55
CA TYR K 450 -7.45 14.84 -31.69
C TYR K 450 -8.30 13.71 -32.24
N ASP K 451 -8.31 12.60 -31.52
CA ASP K 451 -9.23 11.49 -31.74
C ASP K 451 -8.92 10.79 -33.05
N GLN K 452 -7.64 10.56 -33.30
CA GLN K 452 -7.17 9.85 -34.47
C GLN K 452 -6.63 8.49 -34.06
N CYS K 453 -6.32 7.69 -35.08
CA CYS K 453 -5.86 6.32 -34.91
C CYS K 453 -4.37 6.28 -35.26
N PRO K 454 -3.47 6.35 -34.28
CA PRO K 454 -2.06 6.49 -34.59
C PRO K 454 -1.39 5.16 -34.88
N ALA K 455 -0.12 5.27 -35.22
CA ALA K 455 0.78 4.14 -35.33
C ALA K 455 1.74 4.18 -34.16
N VAL K 456 2.06 3.01 -33.62
CA VAL K 456 2.86 2.88 -32.42
C VAL K 456 3.93 1.83 -32.67
N ALA K 457 5.08 2.03 -32.05
CA ALA K 457 6.18 1.10 -32.17
C ALA K 457 6.95 1.03 -30.88
N GLY K 458 7.51 -0.13 -30.62
CA GLY K 458 8.26 -0.36 -29.41
C GLY K 458 9.33 -1.40 -29.63
N PHE K 459 10.40 -1.28 -28.85
CA PHE K 459 11.52 -2.18 -28.98
C PHE K 459 12.30 -2.17 -27.68
N GLY K 460 12.24 -3.29 -26.96
CA GLY K 460 12.87 -3.40 -25.68
C GLY K 460 11.86 -3.70 -24.59
N PRO K 461 12.24 -3.47 -23.35
CA PRO K 461 11.34 -3.82 -22.26
C PRO K 461 10.16 -2.88 -22.20
N ILE K 462 9.19 -3.13 -23.07
CA ILE K 462 8.07 -2.25 -23.26
C ILE K 462 6.85 -2.78 -22.52
N GLU K 463 7.09 -3.57 -21.49
CA GLU K 463 5.99 -4.21 -20.78
C GLU K 463 5.02 -3.19 -20.23
N GLN K 464 5.53 -2.07 -19.74
CA GLN K 464 4.68 -1.05 -19.16
C GLN K 464 3.90 -0.29 -20.21
N LEU K 465 4.19 -0.49 -21.48
CA LEU K 465 3.61 0.31 -22.54
C LEU K 465 2.09 0.19 -22.52
N PRO K 466 1.35 1.29 -22.46
CA PRO K 466 -0.11 1.16 -22.46
C PRO K 466 -0.59 0.52 -23.74
N ASP K 467 -1.58 -0.34 -23.60
CA ASP K 467 -2.16 -0.97 -24.77
C ASP K 467 -2.88 0.06 -25.62
N TYR K 468 -3.01 -0.25 -26.91
CA TYR K 468 -3.36 0.74 -27.91
C TYR K 468 -4.70 1.41 -27.63
N ASN K 469 -5.59 0.71 -26.94
CA ASN K 469 -6.87 1.31 -26.58
C ASN K 469 -6.71 2.31 -25.46
N ARG K 470 -5.64 2.20 -24.68
CA ARG K 470 -5.31 3.22 -23.69
C ARG K 470 -4.55 4.37 -24.31
N ILE K 471 -3.66 4.06 -25.24
CA ILE K 471 -3.04 5.11 -26.05
C ILE K 471 -4.12 5.88 -26.77
N ARG K 472 -5.00 5.15 -27.46
CA ARG K 472 -6.08 5.79 -28.20
C ARG K 472 -7.05 6.48 -27.27
N SER K 473 -7.20 5.97 -26.05
CA SER K 473 -8.07 6.61 -25.09
C SER K 473 -7.55 7.99 -24.71
N GLY K 474 -6.24 8.14 -24.66
CA GLY K 474 -5.62 9.40 -24.32
C GLY K 474 -5.43 10.35 -25.47
N MET K 475 -5.79 9.94 -26.68
CA MET K 475 -5.77 10.84 -27.82
C MET K 475 -6.98 11.75 -27.84
N PHE K 476 -7.83 11.71 -26.82
CA PHE K 476 -8.83 12.74 -26.61
C PHE K 476 -8.97 13.01 -25.13
N TRP K 477 -9.73 14.05 -24.83
CA TRP K 477 -10.12 14.39 -23.49
C TRP K 477 -11.63 14.29 -23.34
N LEU K 478 -12.06 14.32 -22.09
CA LEU K 478 -13.46 14.50 -21.74
C LEU K 478 -13.72 15.93 -21.32
N ARG K 479 -13.05 16.86 -22.02
CA ARG K 479 -13.16 18.28 -21.74
C ARG K 479 -13.32 19.06 -23.04
N GLN L 36 31.69 42.41 -47.11
CA GLN L 36 32.41 43.26 -46.18
C GLN L 36 33.72 42.62 -45.76
N ASP L 37 34.50 43.35 -44.98
CA ASP L 37 35.79 42.89 -44.48
C ASP L 37 35.76 42.78 -42.97
N LEU L 38 36.57 41.86 -42.46
CA LEU L 38 36.59 41.56 -41.04
C LEU L 38 37.25 42.71 -40.28
N GLU L 39 36.46 43.46 -39.53
CA GLU L 39 37.02 44.41 -38.60
C GLU L 39 37.85 43.68 -37.56
N PHE L 40 38.75 44.41 -36.93
CA PHE L 40 39.62 43.84 -35.92
C PHE L 40 40.34 44.96 -35.20
N THR L 41 40.57 44.77 -33.91
CA THR L 41 41.29 45.74 -33.11
C THR L 41 41.72 45.07 -31.81
N ARG L 42 42.20 45.89 -30.88
CA ARG L 42 42.51 45.43 -29.54
C ARG L 42 42.38 46.61 -28.59
N LEU L 43 41.99 46.30 -27.38
CA LEU L 43 41.83 47.29 -26.35
C LEU L 43 43.11 47.44 -25.55
N PRO L 44 43.31 48.58 -24.88
CA PRO L 44 44.53 48.72 -24.07
C PRO L 44 44.60 47.77 -22.91
N ASN L 45 43.46 47.23 -22.46
CA ASN L 45 43.45 46.20 -21.43
C ASN L 45 43.74 44.81 -21.99
N GLY L 46 44.13 44.69 -23.26
CA GLY L 46 44.47 43.42 -23.83
C GLY L 46 43.32 42.64 -24.43
N LEU L 47 42.14 43.24 -24.52
CA LEU L 47 40.98 42.56 -25.07
C LEU L 47 40.90 42.79 -26.56
N VAL L 48 40.39 41.80 -27.26
CA VAL L 48 40.30 41.81 -28.71
C VAL L 48 38.83 41.89 -29.11
N ILE L 49 38.59 42.51 -30.26
CA ILE L 49 37.28 42.51 -30.89
C ILE L 49 37.48 42.29 -32.38
N ALA L 50 36.52 41.60 -32.99
CA ALA L 50 36.39 41.54 -34.44
C ALA L 50 34.93 41.74 -34.80
N SER L 51 34.66 41.85 -36.09
CA SER L 51 33.30 42.00 -36.57
C SER L 51 33.29 41.85 -38.08
N LEU L 52 32.27 41.17 -38.58
CA LEU L 52 32.08 40.96 -40.01
C LEU L 52 30.59 40.95 -40.28
N GLU L 53 30.05 42.09 -40.69
CA GLU L 53 28.63 42.20 -40.97
C GLU L 53 28.35 41.47 -42.27
N ASN L 54 28.09 40.18 -42.14
CA ASN L 54 27.84 39.32 -43.29
C ASN L 54 26.45 39.51 -43.89
N TYR L 55 25.62 40.38 -43.34
CA TYR L 55 24.23 40.55 -43.76
C TYR L 55 23.44 39.26 -43.64
N ALA L 56 23.88 38.33 -42.81
CA ALA L 56 23.10 37.12 -42.61
C ALA L 56 21.86 37.46 -41.79
N PRO L 57 20.77 36.69 -41.96
CA PRO L 57 19.60 36.94 -41.09
C PRO L 57 19.89 36.70 -39.63
N ALA L 58 20.63 35.64 -39.33
CA ALA L 58 20.95 35.25 -37.98
C ALA L 58 22.35 35.73 -37.63
N SER L 59 22.45 36.45 -36.53
CA SER L 59 23.75 36.83 -36.03
C SER L 59 24.47 35.62 -35.47
N ARG L 60 25.67 35.84 -34.98
CA ARG L 60 26.42 34.81 -34.27
C ARG L 60 27.55 35.48 -33.54
N ILE L 61 27.65 35.22 -32.25
CA ILE L 61 28.60 35.88 -31.38
C ILE L 61 29.27 34.81 -30.54
N GLY L 62 30.57 34.97 -30.34
CA GLY L 62 31.36 33.98 -29.63
C GLY L 62 32.50 34.62 -28.88
N LEU L 63 32.57 34.30 -27.59
CA LEU L 63 33.58 34.85 -26.70
C LEU L 63 34.59 33.77 -26.37
N PHE L 64 35.71 33.77 -27.08
CA PHE L 64 36.75 32.80 -26.86
C PHE L 64 37.71 33.29 -25.79
N ILE L 65 38.54 32.38 -25.30
CA ILE L 65 39.36 32.63 -24.13
C ILE L 65 40.43 31.56 -24.02
N LYS L 66 41.52 31.87 -23.31
CA LYS L 66 42.59 30.92 -23.02
C LYS L 66 42.41 30.43 -21.59
N ALA L 67 41.40 29.59 -21.39
CA ALA L 67 41.13 29.04 -20.08
C ALA L 67 40.72 27.58 -20.17
N GLY L 68 41.43 26.80 -20.97
CA GLY L 68 41.08 25.40 -21.14
C GLY L 68 41.44 24.57 -19.94
N SER L 69 41.74 23.30 -20.17
CA SER L 69 42.02 22.38 -19.08
C SER L 69 43.48 22.35 -18.68
N ARG L 70 44.38 22.84 -19.54
CA ARG L 70 45.79 22.87 -19.17
C ARG L 70 46.05 23.79 -17.99
N TYR L 71 45.18 24.76 -17.78
CA TYR L 71 45.32 25.70 -16.68
C TYR L 71 44.83 25.14 -15.35
N GLU L 72 44.50 23.86 -15.30
CA GLU L 72 44.09 23.21 -14.06
C GLU L 72 45.28 22.50 -13.44
N ASN L 73 45.44 22.66 -12.13
CA ASN L 73 46.42 21.88 -11.39
C ASN L 73 45.82 20.55 -10.97
N SER L 74 46.60 19.77 -10.24
CA SER L 74 46.14 18.47 -9.79
C SER L 74 45.02 18.60 -8.76
N ASN L 75 44.88 19.77 -8.14
CA ASN L 75 43.95 19.92 -7.03
C ASN L 75 42.54 20.20 -7.52
N ASN L 76 42.40 21.05 -8.53
CA ASN L 76 41.10 21.57 -8.94
C ASN L 76 40.66 20.94 -10.26
N LEU L 77 41.02 19.69 -10.45
CA LEU L 77 40.65 18.98 -11.67
C LEU L 77 39.14 18.81 -11.73
N GLY L 78 38.65 18.64 -12.96
CA GLY L 78 37.23 18.60 -13.21
C GLY L 78 36.55 19.95 -13.19
N THR L 79 37.30 21.02 -12.88
CA THR L 79 36.74 22.35 -12.82
C THR L 79 36.14 22.76 -14.16
N SER L 80 36.92 22.66 -15.22
CA SER L 80 36.46 23.11 -16.51
C SER L 80 35.30 22.30 -17.02
N HIS L 81 35.22 21.02 -16.67
CA HIS L 81 34.07 20.23 -17.07
C HIS L 81 32.81 20.75 -16.39
N LEU L 82 32.96 21.26 -15.18
CA LEU L 82 31.81 21.85 -14.52
C LEU L 82 31.41 23.16 -15.18
N LEU L 83 32.39 23.89 -15.69
CA LEU L 83 32.09 25.19 -16.30
C LEU L 83 31.36 25.03 -17.61
N ARG L 84 31.68 23.97 -18.37
CA ARG L 84 30.93 23.70 -19.58
C ARG L 84 29.46 23.52 -19.28
N LEU L 85 29.15 23.05 -18.08
CA LEU L 85 27.79 22.88 -17.61
C LEU L 85 27.34 23.99 -16.70
N ALA L 86 28.27 24.76 -16.14
CA ALA L 86 27.89 25.82 -15.21
C ALA L 86 27.24 27.00 -15.90
N SER L 87 27.33 27.09 -17.21
CA SER L 87 26.50 28.03 -17.92
C SER L 87 25.04 27.71 -17.66
N SER L 88 24.19 28.70 -17.86
CA SER L 88 22.78 28.59 -17.54
C SER L 88 22.58 28.35 -16.05
N LEU L 89 23.36 29.04 -15.23
CA LEU L 89 23.16 29.09 -13.79
C LEU L 89 22.92 30.53 -13.36
N THR L 90 22.70 30.72 -12.07
CA THR L 90 22.38 32.02 -11.53
C THR L 90 23.55 32.98 -11.70
N THR L 91 23.22 34.25 -11.87
CA THR L 91 24.20 35.32 -11.99
C THR L 91 23.73 36.52 -11.18
N LYS L 92 24.63 37.49 -11.05
CA LYS L 92 24.25 38.76 -10.45
C LYS L 92 23.34 39.54 -11.36
N GLY L 93 23.44 39.32 -12.67
CA GLY L 93 22.64 40.05 -13.62
C GLY L 93 21.28 39.43 -13.85
N ALA L 94 21.14 38.14 -13.56
CA ALA L 94 19.88 37.46 -13.79
C ALA L 94 19.93 36.10 -13.14
N SER L 95 18.78 35.44 -13.11
CA SER L 95 18.63 34.12 -12.53
C SER L 95 18.68 33.06 -13.62
N SER L 96 18.89 31.83 -13.19
CA SER L 96 18.99 30.73 -14.14
C SER L 96 17.71 30.52 -14.92
N PHE L 97 16.57 30.92 -14.35
CA PHE L 97 15.31 30.76 -15.06
C PHE L 97 15.15 31.82 -16.13
N LYS L 98 15.52 33.06 -15.80
CA LYS L 98 15.40 34.13 -16.76
C LYS L 98 16.28 33.89 -17.97
N ILE L 99 17.48 33.36 -17.74
CA ILE L 99 18.41 33.13 -18.83
C ILE L 99 17.86 32.07 -19.76
N THR L 100 17.37 30.98 -19.20
CA THR L 100 16.92 29.86 -20.01
C THR L 100 15.74 30.25 -20.88
N ARG L 101 14.74 30.88 -20.29
CA ARG L 101 13.54 31.18 -21.05
C ARG L 101 13.75 32.39 -21.95
N GLY L 102 14.47 33.40 -21.45
CA GLY L 102 14.73 34.59 -22.24
C GLY L 102 15.43 34.28 -23.54
N ILE L 103 16.27 33.25 -23.53
CA ILE L 103 16.90 32.80 -24.76
C ILE L 103 15.88 32.07 -25.63
N GLU L 104 15.18 31.10 -25.05
CA GLU L 104 14.24 30.31 -25.81
C GLU L 104 13.06 31.12 -26.31
N ALA L 105 12.74 32.22 -25.65
CA ALA L 105 11.61 33.02 -26.10
C ALA L 105 11.88 33.64 -27.46
N VAL L 106 13.14 34.02 -27.72
CA VAL L 106 13.55 34.50 -29.03
C VAL L 106 14.09 33.37 -29.90
N GLY L 107 14.06 32.14 -29.40
CA GLY L 107 14.52 31.01 -30.16
C GLY L 107 16.01 30.99 -30.38
N GLY L 108 16.77 31.76 -29.60
CA GLY L 108 18.20 31.74 -29.70
C GLY L 108 18.80 30.42 -29.25
N LYS L 109 20.10 30.45 -29.06
CA LYS L 109 20.86 29.27 -28.70
C LYS L 109 22.05 29.67 -27.85
N LEU L 110 22.49 28.74 -27.02
CA LEU L 110 23.67 28.93 -26.18
C LEU L 110 24.42 27.62 -26.12
N SER L 111 25.69 27.69 -26.44
CA SER L 111 26.50 26.49 -26.59
C SER L 111 27.91 26.81 -26.13
N VAL L 112 28.55 25.79 -25.58
CA VAL L 112 29.91 25.91 -25.06
C VAL L 112 30.77 24.89 -25.77
N THR L 113 31.97 25.30 -26.11
CA THR L 113 33.00 24.44 -26.66
C THR L 113 34.26 24.67 -25.88
N SER L 114 35.00 23.60 -25.64
CA SER L 114 36.26 23.69 -24.91
C SER L 114 37.32 22.88 -25.62
N THR L 115 38.55 23.30 -25.40
CA THR L 115 39.74 22.57 -25.77
C THR L 115 40.64 22.54 -24.54
N ARG L 116 41.75 21.81 -24.65
CA ARG L 116 42.68 21.79 -23.56
C ARG L 116 43.30 23.16 -23.32
N GLU L 117 43.39 23.97 -24.36
CA GLU L 117 43.83 25.35 -24.25
C GLU L 117 42.67 26.31 -24.04
N ASN L 118 41.71 26.31 -24.94
CA ASN L 118 40.72 27.36 -25.04
C ASN L 118 39.36 26.90 -24.58
N MET L 119 38.54 27.86 -24.20
CA MET L 119 37.11 27.68 -24.01
C MET L 119 36.39 28.64 -24.93
N ALA L 120 35.07 28.49 -25.00
CA ALA L 120 34.28 29.25 -25.94
C ALA L 120 32.84 29.29 -25.47
N TYR L 121 32.30 30.49 -25.34
CA TYR L 121 30.87 30.68 -25.10
C TYR L 121 30.29 31.36 -26.32
N THR L 122 29.29 30.73 -26.91
CA THR L 122 28.77 31.12 -28.21
C THR L 122 27.26 31.19 -28.14
N VAL L 123 26.69 32.01 -29.02
CA VAL L 123 25.25 32.18 -29.13
C VAL L 123 24.85 32.15 -30.59
N GLU L 124 23.55 32.02 -30.79
CA GLU L 124 22.94 32.27 -32.08
C GLU L 124 21.63 32.98 -31.82
N CYS L 125 21.24 33.85 -32.74
CA CYS L 125 19.99 34.56 -32.61
C CYS L 125 19.75 35.29 -33.91
N LEU L 126 18.62 35.98 -33.97
CA LEU L 126 18.31 36.85 -35.07
C LEU L 126 18.83 38.23 -34.74
N ARG L 127 19.33 38.93 -35.76
CA ARG L 127 20.02 40.19 -35.55
C ARG L 127 19.12 41.28 -34.98
N ASP L 128 17.81 41.08 -34.96
CA ASP L 128 16.92 41.94 -34.20
C ASP L 128 16.89 41.62 -32.72
N ASP L 129 17.69 40.64 -32.26
CA ASP L 129 17.65 40.15 -30.89
C ASP L 129 19.04 40.03 -30.30
N VAL L 130 19.99 40.81 -30.80
CA VAL L 130 21.37 40.69 -30.37
C VAL L 130 21.52 41.12 -28.91
N ASP L 131 20.97 42.28 -28.59
CA ASP L 131 21.27 42.92 -27.32
C ASP L 131 20.80 42.07 -26.14
N ILE L 132 19.79 41.24 -26.33
CA ILE L 132 19.33 40.37 -25.25
C ILE L 132 20.40 39.33 -24.97
N LEU L 133 20.83 38.62 -26.00
CA LEU L 133 21.72 37.48 -25.80
C LEU L 133 23.06 37.92 -25.22
N MET L 134 23.48 39.14 -25.52
CA MET L 134 24.72 39.65 -24.95
C MET L 134 24.60 39.81 -23.44
N GLU L 135 23.54 40.48 -23.00
CA GLU L 135 23.33 40.70 -21.58
C GLU L 135 23.28 39.39 -20.82
N PHE L 136 22.75 38.34 -21.44
CA PHE L 136 22.78 37.02 -20.84
C PHE L 136 24.17 36.41 -20.97
N LEU L 137 24.84 36.62 -22.10
CA LEU L 137 26.15 36.02 -22.30
C LEU L 137 27.14 36.52 -21.27
N LEU L 138 27.22 37.83 -21.10
CA LEU L 138 28.24 38.40 -20.25
C LEU L 138 27.99 38.12 -18.78
N ASN L 139 26.73 38.08 -18.36
CA ASN L 139 26.43 37.77 -16.97
C ASN L 139 26.88 36.38 -16.60
N VAL L 140 26.89 35.46 -17.58
CA VAL L 140 27.45 34.14 -17.33
C VAL L 140 28.95 34.23 -17.18
N THR L 141 29.59 34.96 -18.09
CA THR L 141 31.03 35.05 -18.11
C THR L 141 31.54 36.01 -17.05
N THR L 142 31.10 37.26 -17.11
CA THR L 142 31.63 38.30 -16.24
C THR L 142 31.38 37.99 -14.77
N ALA L 143 30.12 37.94 -14.36
CA ALA L 143 29.75 37.91 -12.96
C ALA L 143 28.72 36.83 -12.68
N PRO L 144 29.15 35.57 -12.68
CA PRO L 144 28.34 34.50 -12.12
C PRO L 144 28.54 34.36 -10.63
N GLU L 145 27.49 33.92 -9.95
CA GLU L 145 27.52 33.78 -8.51
C GLU L 145 27.92 32.39 -8.06
N PHE L 146 27.54 31.36 -8.81
CA PHE L 146 27.85 29.97 -8.50
C PHE L 146 27.40 29.61 -7.09
N ARG L 147 26.12 29.83 -6.86
CA ARG L 147 25.53 29.48 -5.58
C ARG L 147 25.59 27.97 -5.40
N ARG L 148 25.99 27.53 -4.21
CA ARG L 148 26.52 26.19 -4.05
C ARG L 148 25.48 25.11 -4.31
N TRP L 149 24.22 25.36 -3.98
CA TRP L 149 23.22 24.31 -4.13
C TRP L 149 22.99 23.98 -5.60
N GLU L 150 22.93 25.01 -6.44
CA GLU L 150 22.82 24.78 -7.88
C GLU L 150 24.01 23.98 -8.38
N VAL L 151 25.18 24.26 -7.82
CA VAL L 151 26.38 23.53 -8.21
C VAL L 151 26.23 22.06 -7.84
N ALA L 152 25.72 21.80 -6.64
CA ALA L 152 25.66 20.44 -6.14
C ALA L 152 24.60 19.65 -6.90
N ALA L 153 23.53 20.31 -7.31
CA ALA L 153 22.55 19.65 -8.17
C ALA L 153 23.11 19.35 -9.54
N LEU L 154 24.23 19.97 -9.90
CA LEU L 154 24.81 19.83 -11.23
C LEU L 154 25.92 18.79 -11.30
N GLN L 155 26.55 18.47 -10.17
CA GLN L 155 27.67 17.55 -10.15
C GLN L 155 27.42 16.23 -10.87
N PRO L 156 26.37 15.46 -10.57
CA PRO L 156 26.20 14.17 -11.22
C PRO L 156 25.97 14.26 -12.71
N GLN L 157 25.64 15.44 -13.24
CA GLN L 157 25.58 15.61 -14.67
C GLN L 157 26.93 15.32 -15.30
N LEU L 158 28.02 15.55 -14.57
CA LEU L 158 29.35 15.21 -15.05
C LEU L 158 29.46 13.75 -15.39
N ARG L 159 28.98 12.89 -14.50
CA ARG L 159 29.02 11.45 -14.74
C ARG L 159 28.31 11.08 -16.02
N ILE L 160 27.31 11.87 -16.42
CA ILE L 160 26.59 11.60 -17.64
C ILE L 160 27.40 12.04 -18.84
N ASP L 161 27.67 13.35 -18.92
CA ASP L 161 28.33 13.92 -20.08
C ASP L 161 29.67 13.25 -20.35
N LYS L 162 30.36 12.86 -19.29
CA LYS L 162 31.56 12.07 -19.45
C LYS L 162 31.25 10.73 -20.10
N ALA L 163 30.47 9.90 -19.41
CA ALA L 163 30.32 8.51 -19.82
C ALA L 163 29.63 8.40 -21.17
N VAL L 164 28.83 9.38 -21.55
CA VAL L 164 28.29 9.41 -22.90
C VAL L 164 29.42 9.52 -23.90
N ALA L 165 30.24 10.56 -23.75
CA ALA L 165 31.29 10.82 -24.72
C ALA L 165 32.33 9.72 -24.74
N LEU L 166 32.42 8.94 -23.67
CA LEU L 166 33.33 7.80 -23.64
C LEU L 166 32.73 6.56 -24.25
N GLN L 167 31.45 6.60 -24.66
CA GLN L 167 30.97 5.55 -25.54
C GLN L 167 31.80 5.50 -26.80
N ASN L 168 32.05 6.66 -27.38
CA ASN L 168 32.95 6.79 -28.51
C ASN L 168 34.35 6.44 -28.01
N PRO L 169 34.92 5.30 -28.39
CA PRO L 169 36.14 4.82 -27.70
C PRO L 169 37.34 5.72 -27.89
N GLN L 170 37.34 6.57 -28.91
CA GLN L 170 38.46 7.46 -29.13
C GLN L 170 38.76 8.31 -27.91
N ALA L 171 37.71 8.75 -27.23
CA ALA L 171 37.88 9.66 -26.10
C ALA L 171 38.67 9.01 -24.97
N HIS L 172 38.56 7.69 -24.80
CA HIS L 172 39.45 7.01 -23.88
C HIS L 172 40.88 7.14 -24.36
N VAL L 173 41.10 6.81 -25.62
CA VAL L 173 42.44 6.69 -26.15
C VAL L 173 43.14 8.04 -26.11
N ILE L 174 42.48 9.06 -26.64
CA ILE L 174 43.08 10.37 -26.76
C ILE L 174 43.38 10.94 -25.38
N GLU L 175 42.48 10.73 -24.42
CA GLU L 175 42.70 11.26 -23.09
C GLU L 175 43.81 10.49 -22.39
N ASN L 176 43.75 9.17 -22.45
CA ASN L 176 44.83 8.36 -21.92
C ASN L 176 46.12 8.54 -22.68
N LEU L 177 46.05 9.11 -23.90
CA LEU L 177 47.26 9.35 -24.67
C LEU L 177 47.98 10.59 -24.17
N HIS L 178 47.25 11.71 -24.06
CA HIS L 178 47.87 12.94 -23.58
C HIS L 178 48.39 12.79 -22.15
N ALA L 179 47.78 11.90 -21.38
CA ALA L 179 48.28 11.63 -20.04
C ALA L 179 49.67 11.01 -20.07
N ALA L 180 50.04 10.38 -21.19
CA ALA L 180 51.33 9.73 -21.31
C ALA L 180 52.37 10.61 -21.97
N ALA L 181 52.02 11.26 -23.07
CA ALA L 181 52.99 12.06 -23.80
C ALA L 181 53.50 13.20 -22.94
N TYR L 182 52.59 13.84 -22.23
CA TYR L 182 52.84 15.07 -21.52
C TYR L 182 52.66 14.84 -20.03
N ARG L 183 53.22 15.75 -19.25
CA ARG L 183 53.32 15.56 -17.81
C ARG L 183 52.14 16.19 -17.07
N ASN L 184 52.03 17.52 -17.16
CA ASN L 184 51.16 18.27 -16.28
C ASN L 184 50.07 19.04 -17.02
N ALA L 185 50.44 19.88 -17.98
CA ALA L 185 49.50 20.89 -18.45
C ALA L 185 48.54 20.31 -19.47
N LEU L 186 49.04 20.00 -20.67
CA LEU L 186 48.16 19.47 -21.69
C LEU L 186 47.78 18.02 -21.44
N ALA L 187 48.41 17.37 -20.47
CA ALA L 187 48.00 16.04 -20.07
C ALA L 187 46.69 16.03 -19.32
N ASN L 188 46.25 17.18 -18.83
CA ASN L 188 45.00 17.26 -18.10
C ASN L 188 43.83 16.88 -18.99
N SER L 189 42.88 16.16 -18.42
CA SER L 189 41.69 15.78 -19.15
C SER L 189 40.66 16.90 -19.14
N LEU L 190 39.97 17.04 -20.27
CA LEU L 190 38.79 17.88 -20.32
C LEU L 190 37.72 17.40 -19.38
N TYR L 191 37.67 16.09 -19.14
CA TYR L 191 36.59 15.46 -18.42
C TYR L 191 37.02 15.16 -17.00
N CYS L 192 36.16 15.52 -16.07
CA CYS L 192 36.44 15.37 -14.66
C CYS L 192 36.69 13.90 -14.31
N PRO L 193 37.74 13.59 -13.56
CA PRO L 193 37.89 12.21 -13.09
C PRO L 193 36.86 11.86 -12.03
N ASP L 194 36.73 10.57 -11.79
CA ASP L 194 35.61 10.07 -11.00
C ASP L 194 35.70 10.48 -9.55
N TYR L 195 36.91 10.66 -9.02
CA TYR L 195 37.05 10.93 -7.60
C TYR L 195 36.70 12.36 -7.23
N ARG L 196 36.78 13.30 -8.17
CA ARG L 196 36.45 14.68 -7.89
C ARG L 196 34.95 14.95 -7.94
N ILE L 197 34.14 13.95 -8.27
CA ILE L 197 32.70 14.17 -8.39
C ILE L 197 32.14 14.56 -7.04
N GLY L 198 31.35 15.63 -7.03
CA GLY L 198 30.78 16.13 -5.80
C GLY L 198 31.78 16.72 -4.84
N LYS L 199 32.98 17.02 -5.31
CA LYS L 199 34.02 17.65 -4.52
C LYS L 199 34.44 18.99 -5.06
N VAL L 200 34.01 19.33 -6.28
CA VAL L 200 34.32 20.63 -6.85
C VAL L 200 33.50 21.67 -6.09
N THR L 201 34.18 22.67 -5.57
CA THR L 201 33.57 23.70 -4.79
C THR L 201 33.29 24.93 -5.64
N PRO L 202 32.42 25.81 -5.19
CA PRO L 202 32.35 27.12 -5.84
C PRO L 202 33.59 27.94 -5.60
N VAL L 203 34.29 27.67 -4.50
CA VAL L 203 35.50 28.40 -4.17
C VAL L 203 36.53 28.24 -5.28
N GLU L 204 36.74 27.00 -5.71
CA GLU L 204 37.69 26.75 -6.78
C GLU L 204 37.28 27.46 -8.06
N LEU L 205 35.97 27.57 -8.30
CA LEU L 205 35.49 28.18 -9.52
C LEU L 205 35.82 29.65 -9.56
N HIS L 206 35.31 30.42 -8.58
CA HIS L 206 35.55 31.86 -8.53
C HIS L 206 37.04 32.15 -8.58
N ASP L 207 37.83 31.32 -7.91
CA ASP L 207 39.27 31.41 -8.06
C ASP L 207 39.67 31.19 -9.51
N TYR L 208 39.16 30.12 -10.12
CA TYR L 208 39.50 29.85 -11.52
C TYR L 208 38.98 30.94 -12.42
N VAL L 209 37.83 31.50 -12.09
CA VAL L 209 37.31 32.65 -12.83
C VAL L 209 38.30 33.80 -12.72
N GLN L 210 38.54 34.26 -11.49
CA GLN L 210 39.39 35.43 -11.30
C GLN L 210 40.81 35.19 -11.78
N ASN L 211 41.25 33.94 -11.77
CA ASN L 211 42.61 33.63 -12.15
C ASN L 211 42.83 33.57 -13.65
N HIS L 212 41.77 33.37 -14.43
CA HIS L 212 41.91 33.25 -15.88
C HIS L 212 40.91 34.06 -16.68
N PHE L 213 39.71 34.33 -16.16
CA PHE L 213 38.75 35.14 -16.91
C PHE L 213 39.14 36.60 -16.76
N THR L 214 40.16 36.97 -17.53
CA THR L 214 40.70 38.32 -17.57
C THR L 214 40.57 38.88 -18.98
N SER L 215 40.52 40.21 -19.07
CA SER L 215 40.38 40.86 -20.36
C SER L 215 41.58 40.62 -21.25
N ALA L 216 42.74 40.31 -20.68
CA ALA L 216 43.92 40.06 -21.47
C ALA L 216 43.84 38.76 -22.26
N ARG L 217 43.04 37.80 -21.79
CA ARG L 217 43.01 36.46 -22.35
C ARG L 217 41.80 36.22 -23.26
N MET L 218 40.92 37.19 -23.41
CA MET L 218 39.65 37.01 -24.09
C MET L 218 39.71 37.51 -25.53
N ALA L 219 38.69 37.15 -26.29
CA ALA L 219 38.57 37.58 -27.67
C ALA L 219 37.10 37.51 -28.06
N LEU L 220 36.44 38.66 -28.09
CA LEU L 220 35.03 38.73 -28.40
C LEU L 220 34.85 38.85 -29.91
N ILE L 221 33.92 38.08 -30.46
CA ILE L 221 33.73 37.99 -31.90
C ILE L 221 32.25 37.98 -32.20
N GLY L 222 31.86 38.66 -33.28
CA GLY L 222 30.48 38.74 -33.69
C GLY L 222 30.30 38.84 -35.18
N LEU L 223 29.38 38.05 -35.72
CA LEU L 223 29.10 38.01 -37.14
C LEU L 223 27.68 38.49 -37.39
N GLY L 224 27.47 39.13 -38.54
CA GLY L 224 26.22 39.82 -38.78
C GLY L 224 25.98 40.97 -37.84
N VAL L 225 27.05 41.51 -37.23
CA VAL L 225 26.96 42.54 -36.22
C VAL L 225 27.99 43.61 -36.50
N SER L 226 27.67 44.84 -36.10
CA SER L 226 28.56 45.96 -36.32
C SER L 226 29.64 46.00 -35.24
N HIS L 227 30.78 46.54 -35.61
CA HIS L 227 31.97 46.62 -34.77
C HIS L 227 31.77 47.47 -33.52
N PRO L 228 31.33 48.73 -33.63
CA PRO L 228 31.30 49.58 -32.43
C PRO L 228 30.31 49.11 -31.40
N VAL L 229 29.36 48.26 -31.77
CA VAL L 229 28.47 47.66 -30.79
C VAL L 229 29.28 46.84 -29.79
N LEU L 230 30.06 45.90 -30.30
CA LEU L 230 30.91 45.09 -29.43
C LEU L 230 31.90 45.96 -28.67
N LYS L 231 32.34 47.05 -29.27
CA LYS L 231 33.14 48.03 -28.54
C LYS L 231 32.32 48.62 -27.40
N GLN L 232 31.06 48.95 -27.67
CA GLN L 232 30.21 49.51 -26.63
C GLN L 232 30.01 48.52 -25.51
N VAL L 233 29.78 47.25 -25.86
CA VAL L 233 29.54 46.23 -24.86
C VAL L 233 30.80 45.97 -24.05
N ALA L 234 31.92 45.79 -24.74
CA ALA L 234 33.15 45.39 -24.06
C ALA L 234 33.66 46.49 -23.14
N GLU L 235 33.73 47.72 -23.65
CA GLU L 235 34.15 48.84 -22.82
C GLU L 235 33.24 49.01 -21.62
N GLN L 236 31.96 48.74 -21.79
CA GLN L 236 31.00 48.95 -20.72
C GLN L 236 31.09 47.84 -19.67
N PHE L 237 31.21 46.59 -20.10
CA PHE L 237 31.09 45.44 -19.23
C PHE L 237 32.39 44.68 -19.05
N LEU L 238 33.00 44.23 -20.15
CA LEU L 238 34.15 43.36 -20.08
C LEU L 238 35.44 44.09 -19.70
N ASN L 239 35.39 45.40 -19.50
CA ASN L 239 36.59 46.13 -19.13
C ASN L 239 36.95 45.78 -17.69
N ILE L 240 37.63 44.65 -17.52
CA ILE L 240 38.01 44.13 -16.20
C ILE L 240 39.52 43.99 -16.14
N ARG L 241 40.01 43.42 -15.06
CA ARG L 241 41.41 43.08 -14.94
C ARG L 241 41.86 42.20 -16.11
N ALA L 249 50.97 26.74 -17.36
CA ALA L 249 52.09 25.82 -17.16
C ALA L 249 52.56 25.28 -18.50
N LYS L 250 53.77 24.71 -18.49
CA LYS L 250 54.36 24.17 -19.70
C LYS L 250 53.81 22.79 -20.00
N ALA L 251 53.81 22.44 -21.29
CA ALA L 251 53.44 21.11 -21.75
C ALA L 251 54.73 20.31 -21.94
N LYS L 252 55.37 20.02 -20.82
CA LYS L 252 56.62 19.27 -20.85
C LYS L 252 56.36 17.86 -21.37
N TYR L 253 57.07 17.49 -22.44
CA TYR L 253 56.94 16.17 -23.01
C TYR L 253 57.75 15.16 -22.20
N HIS L 254 57.19 13.97 -22.04
CA HIS L 254 57.83 12.86 -21.38
C HIS L 254 57.80 11.58 -22.19
N GLY L 255 56.71 11.34 -22.91
CA GLY L 255 56.50 10.04 -23.53
C GLY L 255 55.99 9.04 -22.53
N GLY L 256 55.74 7.83 -23.03
CA GLY L 256 55.26 6.73 -22.23
C GLY L 256 54.16 6.00 -22.92
N GLU L 257 53.43 5.20 -22.15
CA GLU L 257 52.50 4.24 -22.72
C GLU L 257 51.39 3.94 -21.72
N ILE L 258 50.19 3.76 -22.25
CA ILE L 258 49.03 3.33 -21.49
C ILE L 258 48.42 2.15 -22.23
N ARG L 259 47.84 1.22 -21.47
CA ARG L 259 47.29 0.00 -22.01
C ARG L 259 46.05 -0.36 -21.20
N GLU L 260 44.88 0.03 -21.73
CA GLU L 260 43.61 -0.11 -21.03
C GLU L 260 42.92 -1.36 -21.55
N GLN L 261 43.32 -2.50 -21.02
CA GLN L 261 42.71 -3.78 -21.34
C GLN L 261 41.23 -3.75 -21.04
N ASN L 262 40.40 -4.00 -22.05
CA ASN L 262 38.96 -4.05 -21.89
C ASN L 262 38.40 -5.18 -22.76
N GLY L 263 37.12 -5.46 -22.53
CA GLY L 263 36.40 -6.43 -23.35
C GLY L 263 35.79 -5.78 -24.57
N ASP L 264 36.48 -5.90 -25.69
CA ASP L 264 35.98 -5.39 -26.96
C ASP L 264 36.81 -6.02 -28.07
N SER L 265 36.12 -6.47 -29.13
CA SER L 265 36.82 -7.18 -30.18
C SER L 265 37.80 -6.29 -30.92
N LEU L 266 37.47 -5.01 -31.05
CA LEU L 266 38.31 -4.08 -31.76
C LEU L 266 39.34 -3.47 -30.83
N VAL L 267 40.55 -3.30 -31.35
CA VAL L 267 41.61 -2.60 -30.65
C VAL L 267 41.65 -1.18 -31.18
N HIS L 268 41.50 -0.21 -30.30
CA HIS L 268 41.77 1.18 -30.60
C HIS L 268 43.14 1.52 -30.05
N ALA L 269 43.97 2.13 -30.88
CA ALA L 269 45.35 2.39 -30.52
C ALA L 269 45.87 3.60 -31.26
N ALA L 270 46.89 4.21 -30.68
CA ALA L 270 47.53 5.37 -31.28
C ALA L 270 49.01 5.33 -30.95
N LEU L 271 49.79 5.97 -31.81
CA LEU L 271 51.22 6.09 -31.62
C LEU L 271 51.66 7.41 -32.22
N VAL L 272 52.32 8.23 -31.40
CA VAL L 272 52.59 9.61 -31.73
C VAL L 272 53.98 9.98 -31.23
N ALA L 273 54.43 11.15 -31.65
CA ALA L 273 55.65 11.74 -31.15
C ALA L 273 55.44 13.24 -31.03
N GLU L 274 56.41 13.90 -30.42
CA GLU L 274 56.30 15.33 -30.20
C GLU L 274 56.33 16.06 -31.53
N SER L 275 55.70 17.23 -31.56
CA SER L 275 55.40 17.97 -32.77
C SER L 275 55.92 19.40 -32.64
N ALA L 276 55.49 20.23 -33.59
CA ALA L 276 55.67 21.66 -33.53
C ALA L 276 54.37 22.34 -33.16
N ALA L 277 54.49 23.47 -32.46
CA ALA L 277 53.31 24.24 -32.09
C ALA L 277 52.66 24.83 -33.32
N ILE L 278 51.41 25.27 -33.15
CA ILE L 278 50.70 25.89 -34.25
C ILE L 278 51.37 27.19 -34.66
N GLY L 279 51.23 27.54 -35.93
CA GLY L 279 51.78 28.75 -36.49
C GLY L 279 53.14 28.57 -37.12
N SER L 280 53.91 27.59 -36.65
CA SER L 280 55.18 27.29 -37.28
C SER L 280 54.96 26.72 -38.68
N ALA L 281 55.79 27.16 -39.62
CA ALA L 281 55.83 26.51 -40.93
C ALA L 281 56.18 25.04 -40.79
N GLU L 282 56.98 24.71 -39.78
CA GLU L 282 57.23 23.32 -39.41
C GLU L 282 55.93 22.57 -39.21
N ALA L 283 54.97 23.19 -38.52
CA ALA L 283 53.71 22.52 -38.25
C ALA L 283 52.92 22.30 -39.51
N ASN L 284 53.01 23.22 -40.47
CA ASN L 284 52.33 23.02 -41.74
C ASN L 284 52.85 21.78 -42.46
N ALA L 285 54.13 21.48 -42.28
CA ALA L 285 54.70 20.29 -42.91
C ALA L 285 53.99 19.04 -42.40
N PHE L 286 53.79 18.94 -41.09
CA PHE L 286 53.01 17.85 -40.54
C PHE L 286 51.60 17.84 -41.13
N SER L 287 50.99 19.02 -41.23
CA SER L 287 49.63 19.10 -41.77
C SER L 287 49.59 18.58 -43.19
N VAL L 288 50.66 18.81 -43.95
CA VAL L 288 50.76 18.20 -45.27
C VAL L 288 50.98 16.70 -45.11
N LEU L 289 51.94 16.32 -44.27
CA LEU L 289 52.26 14.92 -44.05
C LEU L 289 51.05 14.15 -43.54
N GLN L 290 50.18 14.84 -42.79
CA GLN L 290 48.94 14.24 -42.33
C GLN L 290 48.12 13.73 -43.50
N HIS L 291 47.98 14.55 -44.54
CA HIS L 291 47.13 14.19 -45.66
C HIS L 291 47.82 13.23 -46.62
N VAL L 292 49.15 13.27 -46.69
CA VAL L 292 49.88 12.32 -47.52
C VAL L 292 49.58 10.90 -47.06
N LEU L 293 49.54 10.70 -45.75
CA LEU L 293 49.25 9.39 -45.20
C LEU L 293 47.78 9.04 -45.32
N GLY L 294 46.91 10.05 -45.34
CA GLY L 294 45.48 9.84 -45.38
C GLY L 294 44.84 9.98 -44.03
N ALA L 295 44.18 11.12 -43.80
CA ALA L 295 43.58 11.45 -42.52
C ALA L 295 42.06 11.24 -42.55
N GLY L 296 41.64 10.20 -43.25
CA GLY L 296 40.25 9.80 -43.30
C GLY L 296 39.71 9.94 -44.70
N PRO L 297 38.62 9.23 -44.99
CA PRO L 297 38.15 9.15 -46.36
C PRO L 297 37.51 10.45 -46.81
N HIS L 298 37.73 10.75 -48.08
CA HIS L 298 37.03 11.81 -48.78
C HIS L 298 35.82 11.30 -49.53
N VAL L 299 35.87 10.05 -49.95
CA VAL L 299 34.75 9.37 -50.59
C VAL L 299 34.00 8.56 -49.55
N LYS L 300 32.69 8.49 -49.70
CA LYS L 300 31.90 7.60 -48.87
C LYS L 300 32.17 6.16 -49.28
N ARG L 301 32.59 5.36 -48.30
CA ARG L 301 32.93 3.95 -48.48
C ARG L 301 34.08 3.73 -49.45
N GLY L 302 34.86 4.75 -49.75
CA GLY L 302 35.97 4.58 -50.63
C GLY L 302 37.05 3.72 -50.00
N SER L 303 37.87 3.13 -50.87
CA SER L 303 38.97 2.29 -50.43
C SER L 303 40.21 3.10 -50.04
N ASN L 304 40.10 4.42 -49.92
CA ASN L 304 41.20 5.30 -49.56
C ASN L 304 42.42 5.02 -50.43
N ALA L 305 42.19 5.17 -51.74
CA ALA L 305 43.18 4.75 -52.74
C ALA L 305 44.51 5.46 -52.55
N THR L 306 44.47 6.73 -52.13
CA THR L 306 45.68 7.52 -51.99
C THR L 306 46.30 7.45 -50.61
N SER L 307 45.56 6.99 -49.60
CA SER L 307 46.10 6.87 -48.26
C SER L 307 47.19 5.82 -48.26
N SER L 308 48.44 6.27 -48.14
CA SER L 308 49.56 5.34 -48.15
C SER L 308 49.47 4.34 -47.01
N LEU L 309 48.94 4.76 -45.87
CA LEU L 309 48.80 3.85 -44.74
C LEU L 309 47.80 2.76 -45.04
N TYR L 310 46.57 3.15 -45.35
CA TYR L 310 45.49 2.19 -45.56
C TYR L 310 45.84 1.20 -46.66
N GLN L 311 46.56 1.67 -47.69
CA GLN L 311 47.03 0.77 -48.72
C GLN L 311 48.15 -0.11 -48.21
N ALA L 312 49.11 0.48 -47.50
CA ALA L 312 50.24 -0.29 -46.98
C ALA L 312 49.77 -1.38 -46.04
N VAL L 313 48.78 -1.07 -45.21
CA VAL L 313 48.19 -2.09 -44.36
C VAL L 313 47.46 -3.12 -45.19
N ALA L 314 46.79 -2.66 -46.24
CA ALA L 314 45.99 -3.56 -47.07
C ALA L 314 46.87 -4.60 -47.75
N LYS L 315 48.11 -4.25 -48.08
CA LYS L 315 48.99 -5.20 -48.72
C LYS L 315 49.32 -6.36 -47.81
N GLY L 316 49.36 -6.12 -46.50
CA GLY L 316 49.69 -7.15 -45.54
C GLY L 316 48.44 -7.81 -44.98
N VAL L 317 47.47 -7.01 -44.60
CA VAL L 317 46.28 -7.47 -43.89
C VAL L 317 45.13 -7.59 -44.88
N HIS L 318 44.26 -8.57 -44.64
CA HIS L 318 43.08 -8.83 -45.45
C HIS L 318 41.89 -9.11 -44.55
N GLN L 319 41.71 -8.23 -43.56
CA GLN L 319 40.74 -8.41 -42.50
C GLN L 319 40.35 -7.00 -42.10
N PRO L 320 39.07 -6.73 -41.75
CA PRO L 320 38.61 -5.34 -41.61
C PRO L 320 39.43 -4.48 -40.66
N PHE L 321 39.87 -3.32 -41.15
CA PHE L 321 40.72 -2.44 -40.37
C PHE L 321 40.44 -1.00 -40.77
N ASP L 322 41.10 -0.09 -40.05
CA ASP L 322 41.06 1.33 -40.36
C ASP L 322 42.30 1.98 -39.77
N VAL L 323 42.68 3.12 -40.34
CA VAL L 323 43.85 3.85 -39.89
C VAL L 323 43.80 5.24 -40.50
N SER L 324 44.43 6.19 -39.83
CA SER L 324 44.43 7.56 -40.32
C SER L 324 45.49 8.36 -39.59
N ALA L 325 45.85 9.49 -40.18
CA ALA L 325 46.84 10.37 -39.61
C ALA L 325 46.24 11.20 -38.48
N PHE L 326 46.96 11.26 -37.36
CA PHE L 326 46.60 12.10 -36.23
C PHE L 326 47.54 13.29 -36.18
N ASN L 327 46.97 14.49 -36.07
CA ASN L 327 47.76 15.71 -36.02
C ASN L 327 47.08 16.67 -35.06
N ALA L 328 47.61 16.76 -33.86
CA ALA L 328 47.17 17.71 -32.85
C ALA L 328 48.23 18.77 -32.68
N SER L 329 47.79 20.02 -32.59
CA SER L 329 48.68 21.15 -32.46
C SER L 329 48.19 22.05 -31.34
N TYR L 330 49.12 22.69 -30.68
CA TYR L 330 48.81 23.56 -29.56
C TYR L 330 49.79 24.72 -29.57
N SER L 331 49.48 25.74 -28.77
CA SER L 331 50.30 26.94 -28.72
C SER L 331 51.71 26.64 -28.23
N ASP L 332 51.85 25.79 -27.23
CA ASP L 332 53.14 25.42 -26.68
C ASP L 332 53.78 24.26 -27.42
N SER L 333 52.98 23.29 -27.83
CA SER L 333 53.50 22.09 -28.46
C SER L 333 52.42 21.52 -29.37
N GLY L 334 52.57 20.26 -29.71
CA GLY L 334 51.54 19.56 -30.42
C GLY L 334 51.84 18.10 -30.36
N LEU L 335 51.09 17.33 -31.15
CA LEU L 335 51.35 15.91 -31.31
C LEU L 335 51.07 15.52 -32.75
N PHE L 336 51.80 14.48 -33.21
CA PHE L 336 51.56 13.92 -34.53
C PHE L 336 51.83 12.43 -34.50
N GLY L 337 51.09 11.71 -35.31
CA GLY L 337 51.27 10.30 -35.49
C GLY L 337 50.11 9.72 -36.27
N PHE L 338 49.60 8.57 -35.84
CA PHE L 338 48.44 7.98 -36.50
C PHE L 338 47.60 7.25 -35.48
N TYR L 339 46.32 7.14 -35.81
CA TYR L 339 45.34 6.44 -34.99
C TYR L 339 44.97 5.13 -35.66
N THR L 340 44.76 4.12 -34.84
CA THR L 340 44.64 2.75 -35.29
C THR L 340 43.30 2.17 -34.88
N ILE L 341 42.74 1.33 -35.74
CA ILE L 341 41.64 0.46 -35.37
C ILE L 341 41.90 -0.89 -36.03
N SER L 342 41.88 -1.94 -35.23
CA SER L 342 42.12 -3.28 -35.73
C SER L 342 41.40 -4.28 -34.85
N GLN L 343 41.53 -5.55 -35.22
CA GLN L 343 41.05 -6.65 -34.42
C GLN L 343 42.07 -7.01 -33.35
N ALA L 344 41.65 -7.85 -32.42
CA ALA L 344 42.51 -8.20 -31.29
C ALA L 344 43.74 -8.97 -31.73
N ALA L 345 43.63 -9.77 -32.80
CA ALA L 345 44.67 -10.68 -33.22
C ALA L 345 45.37 -10.23 -34.49
N SER L 346 45.23 -8.95 -34.85
CA SER L 346 45.85 -8.43 -36.06
C SER L 346 46.48 -7.06 -35.88
N ALA L 347 46.26 -6.37 -34.76
CA ALA L 347 46.76 -5.01 -34.60
C ALA L 347 48.28 -4.97 -34.63
N GLY L 348 48.94 -6.01 -34.13
CA GLY L 348 50.38 -6.05 -34.14
C GLY L 348 50.99 -5.99 -35.52
N ASP L 349 50.22 -6.36 -36.54
CA ASP L 349 50.65 -6.23 -37.92
C ASP L 349 50.31 -4.87 -38.49
N VAL L 350 49.16 -4.33 -38.10
CA VAL L 350 48.69 -3.06 -38.65
C VAL L 350 49.62 -1.94 -38.25
N ILE L 351 49.98 -1.90 -36.97
CA ILE L 351 50.74 -0.77 -36.45
C ILE L 351 52.15 -0.78 -37.05
N LYS L 352 52.74 -1.96 -37.21
CA LYS L 352 54.07 -2.04 -37.80
C LYS L 352 54.04 -1.59 -39.25
N ALA L 353 53.00 -1.96 -39.98
CA ALA L 353 52.89 -1.55 -41.37
C ALA L 353 52.79 -0.03 -41.48
N ALA L 354 51.93 0.57 -40.66
CA ALA L 354 51.84 2.02 -40.64
C ALA L 354 53.15 2.64 -40.21
N TYR L 355 53.82 2.02 -39.24
CA TYR L 355 55.08 2.55 -38.76
C TYR L 355 56.14 2.50 -39.86
N ASN L 356 56.09 1.47 -40.70
CA ASN L 356 57.07 1.34 -41.76
C ASN L 356 56.77 2.29 -42.92
N GLN L 357 55.49 2.52 -43.22
CA GLN L 357 55.15 3.42 -44.31
C GLN L 357 55.63 4.83 -44.00
N VAL L 358 55.43 5.28 -42.78
CA VAL L 358 56.00 6.55 -42.35
C VAL L 358 57.52 6.47 -42.38
N LYS L 359 58.06 5.31 -42.05
CA LYS L 359 59.51 5.16 -41.98
C LYS L 359 60.16 5.33 -43.35
N THR L 360 59.59 4.68 -44.37
CA THR L 360 60.13 4.81 -45.72
C THR L 360 60.10 6.25 -46.18
N ILE L 361 59.02 6.96 -45.86
CA ILE L 361 58.89 8.35 -46.30
C ILE L 361 59.94 9.20 -45.62
N ALA L 362 60.29 8.85 -44.38
CA ALA L 362 61.34 9.60 -43.69
C ALA L 362 62.69 9.35 -44.35
N GLN L 363 62.89 8.16 -44.91
CA GLN L 363 64.16 7.86 -45.54
C GLN L 363 64.36 8.70 -46.80
N GLY L 364 63.28 9.07 -47.48
CA GLY L 364 63.37 9.85 -48.70
C GLY L 364 62.35 9.45 -49.74
N ASN L 365 61.64 8.35 -49.51
CA ASN L 365 60.68 7.84 -50.48
C ASN L 365 59.45 8.74 -50.48
N LEU L 366 59.51 9.78 -51.30
CA LEU L 366 58.39 10.71 -51.43
C LEU L 366 58.56 11.52 -52.70
N SER L 367 57.50 11.63 -53.48
CA SER L 367 57.50 12.35 -54.74
C SER L 367 56.65 13.62 -54.65
N ASN L 368 57.01 14.59 -55.49
CA ASN L 368 56.29 15.86 -55.52
C ASN L 368 54.79 15.73 -55.75
N PRO L 369 54.30 15.00 -56.76
CA PRO L 369 52.85 15.01 -56.99
C PRO L 369 52.07 14.39 -55.85
N ASP L 370 52.62 13.37 -55.20
CA ASP L 370 52.03 12.89 -53.96
C ASP L 370 51.91 14.02 -52.95
N VAL L 371 52.98 14.79 -52.80
CA VAL L 371 52.96 15.94 -51.90
C VAL L 371 52.01 16.99 -52.40
N GLN L 372 52.02 17.23 -53.71
CA GLN L 372 51.12 18.22 -54.30
C GLN L 372 49.67 17.84 -54.06
N ALA L 373 49.38 16.54 -54.10
CA ALA L 373 48.02 16.09 -53.82
C ALA L 373 47.61 16.43 -52.40
N ALA L 374 48.48 16.14 -51.43
CA ALA L 374 48.17 16.43 -50.04
C ALA L 374 47.97 17.93 -49.83
N LYS L 375 48.67 18.76 -50.60
CA LYS L 375 48.45 20.19 -50.53
C LYS L 375 47.03 20.54 -50.96
N ASN L 376 46.60 20.00 -52.10
CA ASN L 376 45.24 20.24 -52.58
C ASN L 376 44.22 19.78 -51.55
N LYS L 377 44.54 18.69 -50.84
CA LYS L 377 43.67 18.26 -49.76
C LYS L 377 43.65 19.28 -48.64
N LEU L 378 44.84 19.72 -48.22
CA LEU L 378 44.93 20.63 -47.10
C LEU L 378 44.27 21.96 -47.40
N LYS L 379 44.51 22.47 -48.62
CA LYS L 379 43.83 23.68 -49.04
C LYS L 379 42.31 23.51 -48.98
N ALA L 380 41.83 22.29 -49.21
CA ALA L 380 40.40 22.04 -49.16
C ALA L 380 39.92 21.88 -47.73
N GLY L 381 40.69 21.16 -46.92
CA GLY L 381 40.27 20.92 -45.55
C GLY L 381 40.10 22.20 -44.76
N TYR L 382 40.97 23.17 -45.03
CA TYR L 382 40.89 24.46 -44.34
C TYR L 382 39.66 25.22 -44.79
N LEU L 383 39.54 25.44 -46.09
CA LEU L 383 38.46 26.27 -46.62
C LEU L 383 37.10 25.67 -46.33
N MET L 384 37.00 24.35 -46.40
CA MET L 384 35.73 23.71 -46.12
C MET L 384 35.36 23.80 -44.65
N SER L 385 36.37 23.92 -43.78
CA SER L 385 36.10 24.07 -42.36
C SER L 385 35.51 25.44 -42.05
N VAL L 386 36.06 26.48 -42.65
CA VAL L 386 35.64 27.85 -42.38
C VAL L 386 34.48 28.24 -43.30
N GLU L 387 33.92 27.27 -44.01
CA GLU L 387 32.80 27.57 -44.89
C GLU L 387 31.60 28.07 -44.10
N SER L 388 31.22 27.34 -43.06
CA SER L 388 30.10 27.75 -42.24
C SER L 388 30.45 28.97 -41.41
N SER L 389 29.41 29.61 -40.88
CA SER L 389 29.64 30.68 -39.92
C SER L 389 30.31 30.14 -38.67
N GLU L 390 29.92 28.94 -38.26
CA GLU L 390 30.42 28.37 -37.01
C GLU L 390 31.90 27.99 -37.15
N GLY L 391 32.20 27.12 -38.11
CA GLY L 391 33.57 26.70 -38.30
C GLY L 391 34.48 27.86 -38.64
N PHE L 392 33.95 28.86 -39.34
CA PHE L 392 34.68 30.10 -39.50
C PHE L 392 34.95 30.73 -38.14
N LEU L 393 33.93 30.77 -37.29
CA LEU L 393 34.03 31.49 -36.03
C LEU L 393 35.11 30.90 -35.14
N ASP L 394 35.34 29.59 -35.24
CA ASP L 394 36.41 28.98 -34.46
C ASP L 394 37.77 29.36 -35.00
N GLU L 395 37.89 29.55 -36.31
CA GLU L 395 39.16 29.88 -36.91
C GLU L 395 39.52 31.34 -36.65
N VAL L 396 38.52 32.20 -36.53
CA VAL L 396 38.79 33.62 -36.33
C VAL L 396 39.47 33.83 -34.99
N GLY L 397 38.79 33.44 -33.91
CA GLY L 397 39.26 33.80 -32.59
C GLY L 397 40.40 32.95 -32.09
N SER L 398 40.50 31.72 -32.58
CA SER L 398 41.69 30.92 -32.29
C SER L 398 42.95 31.66 -32.71
N GLN L 399 42.96 32.17 -33.93
CA GLN L 399 44.04 33.04 -34.37
C GLN L 399 44.13 34.27 -33.49
N ALA L 400 42.99 34.86 -33.14
CA ALA L 400 42.99 36.11 -32.40
C ALA L 400 43.61 35.93 -31.03
N LEU L 401 43.38 34.80 -30.40
CA LEU L 401 44.05 34.51 -29.15
C LEU L 401 45.50 34.11 -29.36
N ALA L 402 45.77 33.38 -30.43
CA ALA L 402 47.11 32.91 -30.74
C ALA L 402 47.89 33.86 -31.64
N ALA L 403 47.27 34.95 -32.10
CA ALA L 403 47.95 35.91 -32.95
C ALA L 403 47.34 37.28 -32.70
N GLY L 404 48.12 38.30 -33.00
CA GLY L 404 47.65 39.65 -32.89
C GLY L 404 46.79 40.13 -34.04
N SER L 405 46.45 39.24 -34.98
CA SER L 405 45.62 39.64 -36.11
C SER L 405 45.13 38.41 -36.83
N TYR L 406 44.02 38.58 -37.54
CA TYR L 406 43.45 37.50 -38.32
C TYR L 406 44.32 37.21 -39.53
N THR L 407 44.51 35.93 -39.81
CA THR L 407 45.17 35.51 -41.03
C THR L 407 44.12 35.27 -42.10
N PRO L 408 44.13 36.00 -43.23
CA PRO L 408 43.19 35.69 -44.29
C PRO L 408 43.46 34.31 -44.86
N PRO L 409 42.44 33.63 -45.36
CA PRO L 409 42.66 32.26 -45.85
C PRO L 409 43.55 32.19 -47.07
N SER L 410 43.53 33.24 -47.91
CA SER L 410 44.39 33.25 -49.09
C SER L 410 45.85 33.17 -48.70
N THR L 411 46.23 33.87 -47.63
CA THR L 411 47.60 33.80 -47.15
C THR L 411 47.92 32.43 -46.58
N VAL L 412 46.94 31.77 -45.98
CA VAL L 412 47.14 30.42 -45.49
C VAL L 412 47.48 29.49 -46.64
N LEU L 413 46.80 29.66 -47.77
CA LEU L 413 47.08 28.85 -48.94
C LEU L 413 48.50 29.09 -49.44
N GLN L 414 48.99 30.32 -49.32
CA GLN L 414 50.36 30.61 -49.69
C GLN L 414 51.33 29.86 -48.78
N GLN L 415 51.02 29.81 -47.49
CA GLN L 415 51.87 29.08 -46.56
C GLN L 415 51.90 27.60 -46.89
N ILE L 416 50.79 27.06 -47.41
CA ILE L 416 50.78 25.66 -47.81
C ILE L 416 51.76 25.45 -48.97
N ASP L 417 51.69 26.31 -49.98
CA ASP L 417 52.57 26.19 -51.13
C ASP L 417 54.02 26.40 -50.74
N ALA L 418 54.26 27.14 -49.65
CA ALA L 418 55.62 27.37 -49.20
C ALA L 418 56.28 26.10 -48.64
N VAL L 419 55.50 25.08 -48.32
CA VAL L 419 56.04 23.87 -47.72
C VAL L 419 56.86 23.12 -48.74
N ALA L 420 58.06 22.71 -48.35
CA ALA L 420 58.95 21.93 -49.19
C ALA L 420 58.80 20.44 -48.89
N ASP L 421 59.06 19.62 -49.91
CA ASP L 421 58.96 18.18 -49.73
C ASP L 421 59.98 17.67 -48.71
N ALA L 422 61.16 18.28 -48.67
CA ALA L 422 62.19 17.82 -47.74
C ALA L 422 61.78 18.06 -46.31
N ASP L 423 61.13 19.19 -46.03
CA ASP L 423 60.61 19.45 -44.70
C ASP L 423 59.61 18.37 -44.31
N VAL L 424 58.78 17.94 -45.26
CA VAL L 424 57.85 16.86 -45.00
C VAL L 424 58.61 15.58 -44.70
N ILE L 425 59.78 15.41 -45.30
CA ILE L 425 60.58 14.23 -45.02
C ILE L 425 61.22 14.38 -43.64
N ASN L 426 61.84 15.54 -43.38
CA ASN L 426 62.42 15.78 -42.07
C ASN L 426 61.35 15.74 -40.99
N ALA L 427 60.12 16.12 -41.33
CA ALA L 427 59.01 15.93 -40.43
C ALA L 427 58.85 14.46 -40.06
N ALA L 428 58.85 13.58 -41.04
CA ALA L 428 58.69 12.16 -40.76
C ALA L 428 59.87 11.62 -39.98
N LYS L 429 61.06 12.14 -40.23
CA LYS L 429 62.24 11.75 -39.46
C LYS L 429 62.04 11.99 -37.98
N LYS L 430 61.40 13.11 -37.63
CA LYS L 430 61.17 13.43 -36.24
C LYS L 430 60.27 12.39 -35.59
N PHE L 431 59.24 11.96 -36.31
CA PHE L 431 58.34 10.94 -35.80
C PHE L 431 59.09 9.66 -35.50
N VAL L 432 59.93 9.20 -36.42
CA VAL L 432 60.67 7.98 -36.23
C VAL L 432 61.75 8.14 -35.17
N SER L 433 62.49 9.24 -35.23
CA SER L 433 63.64 9.43 -34.36
C SER L 433 63.26 9.92 -32.98
N GLY L 434 62.24 10.78 -32.89
CA GLY L 434 61.85 11.31 -31.60
C GLY L 434 61.28 10.25 -30.69
N ARG L 435 61.30 10.55 -29.39
CA ARG L 435 60.70 9.66 -28.42
C ARG L 435 59.20 9.56 -28.69
N LYS L 436 58.63 8.42 -28.35
CA LYS L 436 57.26 8.07 -28.70
C LYS L 436 56.34 8.23 -27.51
N SER L 437 55.05 8.28 -27.83
CA SER L 437 53.99 8.11 -26.85
C SER L 437 52.92 7.22 -27.46
N MET L 438 52.36 6.34 -26.63
CA MET L 438 51.48 5.30 -27.10
C MET L 438 50.30 5.19 -26.15
N ALA L 439 49.21 4.62 -26.67
CA ALA L 439 48.02 4.41 -25.88
C ALA L 439 47.11 3.46 -26.64
N ALA L 440 46.38 2.63 -25.91
CA ALA L 440 45.50 1.66 -26.53
C ALA L 440 44.32 1.35 -25.63
N SER L 441 43.41 0.54 -26.17
CA SER L 441 42.26 0.06 -25.42
C SER L 441 41.59 -1.04 -26.23
N GLY L 442 41.29 -2.13 -25.58
CA GLY L 442 40.64 -3.25 -26.21
C GLY L 442 41.15 -4.55 -25.60
N ASN L 443 41.16 -5.59 -26.43
CA ASN L 443 41.79 -6.86 -26.08
C ASN L 443 43.20 -6.85 -26.62
N LEU L 444 44.16 -6.61 -25.73
CA LEU L 444 45.55 -6.40 -26.11
C LEU L 444 46.38 -7.67 -26.06
N GLY L 445 45.77 -8.82 -26.32
CA GLY L 445 46.49 -10.08 -26.21
C GLY L 445 47.66 -10.18 -27.16
N HIS L 446 47.60 -9.48 -28.30
CA HIS L 446 48.62 -9.54 -29.34
C HIS L 446 49.21 -8.18 -29.65
N THR L 447 49.01 -7.20 -28.79
CA THR L 447 49.42 -5.84 -29.11
C THR L 447 50.87 -5.61 -28.69
N PRO L 448 51.71 -4.99 -29.50
CA PRO L 448 53.09 -4.74 -29.08
C PRO L 448 53.20 -3.54 -28.15
N PHE L 449 54.43 -3.19 -27.82
CA PHE L 449 54.79 -1.99 -27.08
C PHE L 449 55.48 -1.00 -28.01
N ILE L 450 55.91 0.11 -27.43
CA ILE L 450 56.72 1.08 -28.15
C ILE L 450 58.02 0.44 -28.60
N ASP L 451 58.75 -0.18 -27.66
CA ASP L 451 60.09 -0.66 -27.92
C ASP L 451 60.14 -1.74 -29.00
N GLU L 452 59.09 -2.52 -29.14
CA GLU L 452 59.01 -3.51 -30.21
C GLU L 452 58.78 -2.88 -31.57
N LEU L 453 58.47 -1.59 -31.63
CA LEU L 453 58.23 -0.89 -32.88
C LEU L 453 59.44 -0.07 -33.29
N LEU M 10 -5.30 10.82 -2.92
CA LEU M 10 -4.49 9.62 -3.03
C LEU M 10 -5.16 8.41 -2.40
N MET M 11 -6.46 8.30 -2.64
CA MET M 11 -7.14 7.02 -2.62
C MET M 11 -6.85 6.25 -3.88
N LYS M 12 -6.89 6.96 -5.01
CA LYS M 12 -7.00 6.37 -6.33
C LYS M 12 -5.76 5.61 -6.75
N ILE M 13 -4.74 5.52 -5.90
CA ILE M 13 -3.76 4.47 -6.05
C ILE M 13 -4.41 3.12 -5.80
N VAL M 14 -5.45 3.10 -4.98
CA VAL M 14 -6.23 1.89 -4.73
C VAL M 14 -7.13 1.57 -5.90
N ASN M 15 -7.55 2.57 -6.67
CA ASN M 15 -8.30 2.33 -7.88
C ASN M 15 -7.45 1.72 -8.99
N ASN M 16 -6.14 1.59 -8.79
CA ASN M 16 -5.34 0.85 -9.74
C ASN M 16 -5.70 -0.63 -9.74
N ALA M 17 -6.31 -1.11 -8.66
CA ALA M 17 -6.92 -2.43 -8.68
C ALA M 17 -8.16 -2.50 -9.55
N PHE M 18 -8.66 -1.38 -10.06
CA PHE M 18 -9.79 -1.35 -10.97
C PHE M 18 -9.44 -0.81 -12.35
N ILE M 19 -8.23 -0.28 -12.55
CA ILE M 19 -7.90 0.42 -13.78
C ILE M 19 -6.66 -0.16 -14.42
N ASP M 20 -5.53 -0.01 -13.76
CA ASP M 20 -4.23 -0.45 -14.28
C ASP M 20 -3.84 -1.80 -13.75
N LEU M 21 -4.79 -2.59 -13.33
CA LEU M 21 -4.48 -3.86 -12.72
C LEU M 21 -4.00 -4.84 -13.79
N PRO M 22 -2.88 -5.53 -13.57
CA PRO M 22 -2.56 -6.63 -14.46
C PRO M 22 -3.59 -7.74 -14.34
N ALA M 23 -4.08 -8.19 -15.47
CA ALA M 23 -4.98 -9.33 -15.52
C ALA M 23 -4.68 -10.13 -16.77
N PRO M 24 -4.93 -11.44 -16.74
CA PRO M 24 -4.69 -12.24 -17.93
C PRO M 24 -5.62 -11.84 -19.07
N SER M 25 -5.47 -12.53 -20.19
CA SER M 25 -6.15 -12.16 -21.42
C SER M 25 -7.22 -13.14 -21.84
N ASN M 26 -7.17 -14.38 -21.37
CA ASN M 26 -7.98 -15.44 -21.93
C ASN M 26 -9.25 -15.74 -21.15
N ILE M 27 -9.49 -15.05 -20.06
CA ILE M 27 -10.46 -15.54 -19.09
C ILE M 27 -11.86 -15.31 -19.61
N SER M 28 -12.67 -16.35 -19.58
CA SER M 28 -14.00 -16.29 -20.17
C SER M 28 -14.99 -15.85 -19.09
N SER M 29 -16.27 -16.05 -19.37
CA SER M 29 -17.31 -15.44 -18.55
C SER M 29 -17.28 -15.90 -17.11
N TRP M 30 -16.67 -17.05 -16.84
CA TRP M 30 -16.80 -17.69 -15.53
C TRP M 30 -16.27 -16.82 -14.41
N TRP M 31 -15.33 -15.94 -14.71
CA TRP M 31 -14.75 -15.08 -13.69
C TRP M 31 -15.61 -13.87 -13.39
N ASN M 32 -16.52 -13.51 -14.29
CA ASN M 32 -17.37 -12.34 -14.04
C ASN M 32 -18.22 -12.54 -12.80
N PHE M 33 -18.53 -13.77 -12.46
CA PHE M 33 -19.41 -14.04 -11.33
C PHE M 33 -18.81 -13.57 -10.02
N GLY M 34 -17.50 -13.34 -9.98
CA GLY M 34 -16.94 -12.70 -8.81
C GLY M 34 -17.35 -11.26 -8.70
N SER M 35 -17.39 -10.54 -9.82
CA SER M 35 -17.74 -9.14 -9.77
C SER M 35 -19.22 -8.97 -9.51
N LEU M 36 -20.03 -9.85 -10.10
CA LEU M 36 -21.48 -9.69 -10.05
C LEU M 36 -21.99 -9.71 -8.63
N LEU M 37 -21.38 -10.54 -7.78
CA LEU M 37 -21.70 -10.50 -6.37
C LEU M 37 -21.51 -9.10 -5.82
N GLY M 38 -20.50 -8.40 -6.31
CA GLY M 38 -20.31 -7.01 -5.97
C GLY M 38 -21.44 -6.13 -6.41
N ILE M 39 -22.22 -6.58 -7.40
CA ILE M 39 -23.38 -5.84 -7.84
C ILE M 39 -24.62 -6.27 -7.09
N CYS M 40 -24.84 -7.58 -7.03
CA CYS M 40 -25.98 -8.11 -6.28
C CYS M 40 -25.95 -7.61 -4.85
N LEU M 41 -24.78 -7.67 -4.23
CA LEU M 41 -24.65 -7.25 -2.85
C LEU M 41 -25.00 -5.77 -2.70
N ILE M 42 -24.41 -4.93 -3.53
CA ILE M 42 -24.70 -3.52 -3.46
C ILE M 42 -26.13 -3.26 -3.89
N LEU M 43 -26.61 -4.05 -4.85
CA LEU M 43 -28.00 -3.93 -5.26
C LEU M 43 -28.93 -4.33 -4.12
N GLN M 44 -28.63 -5.43 -3.48
CA GLN M 44 -29.53 -5.99 -2.49
C GLN M 44 -29.60 -5.10 -1.26
N ILE M 45 -28.51 -4.43 -0.93
CA ILE M 45 -28.47 -3.57 0.24
C ILE M 45 -29.36 -2.37 0.05
N LEU M 46 -29.38 -1.80 -1.15
CA LEU M 46 -30.24 -0.67 -1.42
C LEU M 46 -31.70 -1.04 -1.34
N THR M 47 -32.04 -2.21 -1.85
CA THR M 47 -33.42 -2.66 -1.85
C THR M 47 -33.89 -2.98 -0.45
N GLY M 48 -33.17 -3.88 0.21
CA GLY M 48 -33.53 -4.24 1.58
C GLY M 48 -33.57 -3.05 2.51
N LEU M 49 -32.77 -2.03 2.24
CA LEU M 49 -32.86 -0.81 3.02
C LEU M 49 -34.23 -0.18 2.87
N PHE M 50 -34.64 0.05 1.62
CA PHE M 50 -35.93 0.66 1.37
C PHE M 50 -37.07 -0.22 1.84
N LEU M 51 -36.82 -1.50 2.08
CA LEU M 51 -37.80 -2.32 2.76
C LEU M 51 -37.81 -2.06 4.25
N ALA M 52 -36.68 -1.65 4.81
CA ALA M 52 -36.64 -1.35 6.23
C ALA M 52 -37.49 -0.15 6.58
N MET M 53 -37.64 0.76 5.64
CA MET M 53 -38.42 1.97 5.87
C MET M 53 -39.87 1.65 6.18
N HIS M 54 -40.36 0.50 5.71
CA HIS M 54 -41.76 0.14 5.84
C HIS M 54 -41.95 -1.20 6.54
N TYR M 55 -40.88 -1.85 6.97
CA TYR M 55 -40.98 -3.10 7.70
C TYR M 55 -41.10 -2.81 9.19
N THR M 56 -41.76 -3.73 9.88
CA THR M 56 -41.89 -3.72 11.33
C THR M 56 -41.45 -5.08 11.85
N SER M 57 -40.65 -5.07 12.89
CA SER M 57 -40.04 -6.28 13.38
C SER M 57 -40.90 -7.03 14.37
N ASP M 58 -42.14 -6.60 14.60
CA ASP M 58 -43.02 -7.26 15.54
C ASP M 58 -43.93 -8.25 14.84
N THR M 59 -44.36 -9.26 15.58
CA THR M 59 -45.11 -10.35 14.98
C THR M 59 -46.51 -9.95 14.60
N THR M 60 -47.11 -9.05 15.36
CA THR M 60 -48.46 -8.60 15.07
C THR M 60 -48.52 -7.64 13.90
N THR M 61 -47.38 -7.22 13.37
CA THR M 61 -47.32 -6.18 12.35
C THR M 61 -46.42 -6.49 11.19
N ALA M 62 -45.63 -7.56 11.23
CA ALA M 62 -44.63 -7.78 10.19
C ALA M 62 -45.28 -8.19 8.89
N PHE M 63 -46.10 -9.25 8.94
CA PHE M 63 -46.71 -9.80 7.74
C PHE M 63 -47.51 -8.75 7.00
N SER M 64 -48.23 -7.91 7.75
CA SER M 64 -48.94 -6.81 7.15
C SER M 64 -47.97 -5.80 6.55
N SER M 65 -46.83 -5.59 7.21
CA SER M 65 -45.87 -4.59 6.78
C SER M 65 -45.41 -4.85 5.35
N VAL M 66 -45.23 -6.11 5.02
CA VAL M 66 -44.93 -6.48 3.64
C VAL M 66 -46.09 -6.10 2.74
N THR M 67 -47.31 -6.21 3.25
CA THR M 67 -48.46 -5.84 2.44
C THR M 67 -48.49 -4.35 2.19
N HIS M 68 -48.19 -3.55 3.22
CA HIS M 68 -48.06 -2.11 3.07
C HIS M 68 -47.12 -1.78 1.94
N ILE M 69 -46.03 -2.52 1.85
CA ILE M 69 -45.10 -2.33 0.74
C ILE M 69 -45.75 -2.75 -0.56
N CYS M 70 -46.21 -3.99 -0.63
CA CYS M 70 -46.63 -4.56 -1.90
C CYS M 70 -47.94 -3.99 -2.41
N ARG M 71 -48.67 -3.24 -1.60
CA ARG M 71 -49.97 -2.71 -1.98
C ARG M 71 -50.00 -1.20 -2.03
N ASP M 72 -49.69 -0.54 -0.93
CA ASP M 72 -49.97 0.87 -0.78
C ASP M 72 -48.82 1.76 -1.22
N VAL M 73 -47.61 1.22 -1.21
CA VAL M 73 -46.42 2.01 -1.51
C VAL M 73 -46.27 2.18 -3.02
N ASN M 74 -45.73 3.32 -3.42
CA ASN M 74 -45.39 3.57 -4.81
C ASN M 74 -44.21 2.69 -5.17
N TYR M 75 -44.47 1.61 -5.89
CA TYR M 75 -43.45 0.71 -6.39
C TYR M 75 -42.66 0.08 -5.25
N GLY M 76 -43.32 -0.08 -4.10
CA GLY M 76 -42.76 -0.89 -3.05
C GLY M 76 -42.66 -2.35 -3.46
N TRP M 77 -43.53 -2.79 -4.36
CA TRP M 77 -43.63 -4.21 -4.64
C TRP M 77 -42.44 -4.69 -5.44
N ILE M 78 -41.98 -3.88 -6.39
CA ILE M 78 -40.83 -4.26 -7.21
C ILE M 78 -39.62 -4.48 -6.32
N ILE M 79 -39.51 -3.71 -5.25
CA ILE M 79 -38.32 -3.77 -4.44
C ILE M 79 -38.28 -5.08 -3.67
N ARG M 80 -39.44 -5.59 -3.27
CA ARG M 80 -39.47 -6.86 -2.56
C ARG M 80 -38.94 -7.97 -3.45
N TYR M 81 -39.27 -7.91 -4.74
CA TYR M 81 -38.95 -9.00 -5.64
C TYR M 81 -37.61 -8.82 -6.32
N MET M 82 -37.13 -7.59 -6.42
CA MET M 82 -35.73 -7.39 -6.78
C MET M 82 -34.81 -7.83 -5.67
N HIS M 83 -35.35 -8.08 -4.48
CA HIS M 83 -34.56 -8.33 -3.28
C HIS M 83 -34.61 -9.78 -2.85
N ALA M 84 -35.80 -10.36 -2.79
CA ALA M 84 -35.92 -11.79 -2.57
C ALA M 84 -35.20 -12.56 -3.65
N ASN M 85 -35.65 -12.40 -4.90
CA ASN M 85 -34.97 -13.04 -6.02
C ASN M 85 -33.60 -12.45 -6.26
N GLY M 86 -33.32 -11.27 -5.71
CA GLY M 86 -31.96 -10.77 -5.66
C GLY M 86 -31.07 -11.53 -4.72
N ALA M 87 -31.64 -12.48 -3.95
CA ALA M 87 -30.85 -13.42 -3.18
C ALA M 87 -30.67 -14.73 -3.92
N SER M 88 -31.70 -15.14 -4.66
CA SER M 88 -31.59 -16.37 -5.44
C SER M 88 -30.48 -16.26 -6.48
N MET M 89 -30.52 -15.21 -7.29
CA MET M 89 -29.45 -14.97 -8.26
C MET M 89 -28.12 -14.79 -7.57
N PHE M 90 -28.14 -14.33 -6.32
CA PHE M 90 -26.92 -14.14 -5.57
C PHE M 90 -26.31 -15.46 -5.13
N PHE M 91 -26.98 -16.58 -5.39
CA PHE M 91 -26.45 -17.90 -5.11
C PHE M 91 -26.26 -18.74 -6.34
N ILE M 92 -26.95 -18.43 -7.44
CA ILE M 92 -26.51 -18.97 -8.71
C ILE M 92 -25.12 -18.47 -9.01
N CYS M 93 -24.85 -17.23 -8.65
CA CYS M 93 -23.54 -16.64 -8.90
C CYS M 93 -22.46 -17.34 -8.08
N LEU M 94 -22.74 -17.62 -6.82
CA LEU M 94 -21.75 -18.29 -5.97
C LEU M 94 -21.41 -19.66 -6.52
N TYR M 95 -22.42 -20.52 -6.60
CA TYR M 95 -22.22 -21.93 -6.92
C TYR M 95 -21.49 -22.10 -8.24
N MET M 96 -21.62 -21.14 -9.14
CA MET M 96 -20.80 -21.11 -10.34
C MET M 96 -19.47 -20.42 -10.05
N HIS M 97 -19.49 -19.41 -9.19
CA HIS M 97 -18.25 -18.76 -8.78
C HIS M 97 -17.35 -19.72 -8.00
N VAL M 98 -17.96 -20.70 -7.34
CA VAL M 98 -17.17 -21.68 -6.61
C VAL M 98 -16.71 -22.77 -7.56
N GLY M 99 -17.60 -23.23 -8.44
CA GLY M 99 -17.27 -24.34 -9.31
C GLY M 99 -16.12 -24.01 -10.22
N ARG M 100 -16.05 -22.76 -10.68
CA ARG M 100 -14.83 -22.26 -11.29
C ARG M 100 -13.63 -22.55 -10.41
N GLY M 101 -13.67 -22.04 -9.19
CA GLY M 101 -12.54 -22.15 -8.29
C GLY M 101 -12.11 -23.57 -8.03
N LEU M 102 -13.01 -24.53 -8.21
CA LEU M 102 -12.69 -25.93 -8.04
C LEU M 102 -12.28 -26.59 -9.35
N TYR M 103 -12.96 -26.23 -10.44
CA TYR M 103 -12.67 -26.86 -11.71
C TYR M 103 -11.41 -26.30 -12.34
N TYR M 104 -11.25 -24.98 -12.34
CA TYR M 104 -10.04 -24.35 -12.82
C TYR M 104 -8.95 -24.29 -11.77
N GLY M 105 -9.19 -24.85 -10.58
CA GLY M 105 -8.12 -24.99 -9.62
C GLY M 105 -7.59 -23.68 -9.07
N SER M 106 -8.46 -22.76 -8.70
CA SER M 106 -8.00 -21.54 -8.05
C SER M 106 -7.83 -21.69 -6.56
N TYR M 107 -8.24 -22.81 -6.00
CA TYR M 107 -8.16 -23.00 -4.55
C TYR M 107 -6.74 -23.06 -4.02
N THR M 108 -5.74 -23.05 -4.89
CA THR M 108 -4.36 -22.92 -4.44
C THR M 108 -4.07 -21.57 -3.82
N PHE M 109 -4.95 -20.59 -4.00
CA PHE M 109 -4.89 -19.33 -3.27
C PHE M 109 -5.63 -19.53 -1.94
N LEU M 110 -4.96 -20.27 -1.06
CA LEU M 110 -5.54 -20.70 0.20
C LEU M 110 -6.12 -19.54 1.00
N GLU M 111 -5.38 -18.43 1.05
CA GLU M 111 -5.78 -17.31 1.87
C GLU M 111 -7.13 -16.76 1.43
N THR M 112 -7.38 -16.80 0.13
CA THR M 112 -8.66 -16.33 -0.38
C THR M 112 -9.74 -17.38 -0.18
N TRP M 113 -9.43 -18.62 -0.51
CA TRP M 113 -10.40 -19.69 -0.49
C TRP M 113 -10.99 -19.89 0.91
N ASN M 114 -10.12 -19.99 1.91
CA ASN M 114 -10.59 -20.11 3.28
C ASN M 114 -11.42 -18.91 3.69
N ILE M 115 -11.20 -17.77 3.06
CA ILE M 115 -12.08 -16.62 3.25
C ILE M 115 -13.30 -16.73 2.34
N GLY M 116 -13.16 -17.36 1.19
CA GLY M 116 -14.33 -17.64 0.36
C GLY M 116 -15.35 -18.45 1.11
N VAL M 117 -14.88 -19.38 1.93
CA VAL M 117 -15.77 -20.14 2.78
C VAL M 117 -16.45 -19.23 3.78
N ILE M 118 -15.68 -18.35 4.40
CA ILE M 118 -16.20 -17.55 5.50
C ILE M 118 -17.21 -16.53 4.99
N LEU M 119 -17.12 -16.16 3.71
CA LEU M 119 -18.15 -15.35 3.10
C LEU M 119 -19.40 -16.18 2.88
N LEU M 120 -19.23 -17.43 2.48
CA LEU M 120 -20.36 -18.27 2.14
C LEU M 120 -21.24 -18.49 3.36
N LEU M 121 -20.64 -18.99 4.45
CA LEU M 121 -21.38 -19.22 5.67
C LEU M 121 -22.03 -17.93 6.17
N THR M 122 -21.27 -16.85 6.19
CA THR M 122 -21.76 -15.56 6.63
C THR M 122 -22.98 -15.14 5.86
N VAL M 123 -23.05 -15.54 4.60
CA VAL M 123 -24.21 -15.30 3.78
C VAL M 123 -25.30 -16.31 4.07
N MET M 124 -24.98 -17.59 3.96
CA MET M 124 -26.02 -18.59 3.86
C MET M 124 -26.72 -18.77 5.20
N ALA M 125 -26.28 -18.05 6.23
CA ALA M 125 -27.09 -17.89 7.42
C ALA M 125 -27.92 -16.62 7.33
N THR M 126 -27.44 -15.65 6.57
CA THR M 126 -28.16 -14.39 6.46
C THR M 126 -29.45 -14.55 5.70
N ALA M 127 -29.47 -15.40 4.70
CA ALA M 127 -30.71 -15.64 3.98
C ALA M 127 -31.70 -16.35 4.86
N PHE M 128 -31.20 -17.27 5.68
CA PHE M 128 -32.04 -17.96 6.63
C PHE M 128 -32.75 -16.98 7.54
N MET M 129 -32.00 -16.03 8.08
CA MET M 129 -32.60 -14.98 8.89
C MET M 129 -33.53 -14.13 8.04
N GLY M 130 -33.14 -13.86 6.80
CA GLY M 130 -33.95 -12.99 5.98
C GLY M 130 -35.25 -13.62 5.55
N TYR M 131 -35.30 -14.94 5.49
CA TYR M 131 -36.51 -15.62 5.08
C TYR M 131 -37.53 -15.66 6.19
N VAL M 132 -37.12 -15.34 7.42
CA VAL M 132 -38.04 -15.36 8.54
C VAL M 132 -38.91 -14.11 8.54
N LEU M 133 -38.30 -12.99 8.24
CA LEU M 133 -38.85 -11.66 8.47
C LEU M 133 -40.25 -11.42 7.92
N PRO M 134 -40.65 -12.02 6.80
CA PRO M 134 -42.03 -11.88 6.36
C PRO M 134 -43.03 -12.51 7.30
N TRP M 135 -42.58 -13.45 8.12
CA TRP M 135 -43.42 -14.03 9.16
C TRP M 135 -44.66 -14.70 8.57
N GLY M 136 -44.40 -15.74 7.78
CA GLY M 136 -45.41 -16.68 7.37
C GLY M 136 -45.12 -18.07 7.91
N GLN M 137 -45.87 -19.04 7.40
CA GLN M 137 -45.73 -20.41 7.85
C GLN M 137 -44.33 -20.96 7.58
N MET M 138 -43.97 -21.03 6.30
CA MET M 138 -42.70 -21.63 5.93
C MET M 138 -41.53 -20.84 6.49
N SER M 139 -41.74 -19.55 6.74
CA SER M 139 -40.77 -18.75 7.46
C SER M 139 -40.61 -19.28 8.87
N PHE M 140 -41.71 -19.27 9.63
CA PHE M 140 -41.69 -19.72 11.01
C PHE M 140 -41.23 -21.16 11.10
N TRP M 141 -41.98 -22.06 10.48
CA TRP M 141 -41.70 -23.48 10.59
C TRP M 141 -40.33 -23.83 10.03
N GLY M 142 -39.83 -23.02 9.10
CA GLY M 142 -38.48 -23.22 8.63
C GLY M 142 -37.52 -23.02 9.77
N ALA M 143 -37.69 -21.91 10.46
CA ALA M 143 -36.81 -21.59 11.56
C ALA M 143 -37.04 -22.48 12.76
N THR M 144 -38.24 -23.05 12.89
CA THR M 144 -38.53 -23.89 14.03
C THR M 144 -37.78 -25.20 13.93
N VAL M 145 -37.80 -25.80 12.74
CA VAL M 145 -37.12 -27.07 12.54
C VAL M 145 -35.63 -26.88 12.64
N ILE M 146 -35.12 -25.86 11.97
CA ILE M 146 -33.71 -25.80 11.66
C ILE M 146 -32.89 -25.36 12.86
N THR M 147 -33.49 -24.59 13.77
CA THR M 147 -32.80 -24.25 15.00
C THR M 147 -32.70 -25.45 15.93
N ASN M 148 -33.71 -26.31 15.92
CA ASN M 148 -33.73 -27.46 16.82
C ASN M 148 -32.60 -28.43 16.56
N LEU M 149 -31.97 -28.36 15.39
CA LEU M 149 -30.89 -29.28 15.08
C LEU M 149 -29.72 -29.09 16.03
N LEU M 150 -29.50 -27.87 16.49
CA LEU M 150 -28.48 -27.66 17.49
C LEU M 150 -28.84 -28.32 18.81
N SER M 151 -30.12 -28.58 19.06
CA SER M 151 -30.52 -29.31 20.25
C SER M 151 -29.92 -30.69 20.29
N ALA M 152 -29.54 -31.24 19.13
CA ALA M 152 -28.94 -32.56 19.09
C ALA M 152 -27.61 -32.61 19.80
N ILE M 153 -26.92 -31.48 19.91
CA ILE M 153 -25.59 -31.48 20.54
C ILE M 153 -25.76 -31.80 22.03
N PRO M 154 -24.88 -32.59 22.63
CA PRO M 154 -25.04 -32.89 24.05
C PRO M 154 -24.60 -31.74 24.93
N TYR M 155 -25.31 -31.59 26.06
CA TYR M 155 -24.94 -30.73 27.18
C TYR M 155 -25.06 -29.25 26.90
N ILE M 156 -25.39 -28.83 25.68
CA ILE M 156 -25.42 -27.41 25.32
C ILE M 156 -26.76 -27.06 24.69
N GLY M 157 -27.22 -27.92 23.77
CA GLY M 157 -28.21 -27.50 22.79
C GLY M 157 -29.50 -26.98 23.39
N THR M 158 -29.98 -27.61 24.45
CA THR M 158 -31.17 -27.11 25.12
C THR M 158 -30.97 -25.72 25.69
N ASN M 159 -29.74 -25.33 25.98
CA ASN M 159 -29.43 -24.01 26.48
C ASN M 159 -29.17 -23.02 25.35
N LEU M 160 -28.50 -23.47 24.29
CA LEU M 160 -28.11 -22.55 23.23
C LEU M 160 -29.30 -22.17 22.37
N VAL M 161 -30.17 -23.14 22.10
CA VAL M 161 -31.30 -22.88 21.22
C VAL M 161 -32.26 -21.91 21.88
N GLU M 162 -32.55 -22.14 23.16
CA GLU M 162 -33.41 -21.22 23.90
C GLU M 162 -32.79 -19.84 23.97
N TRP M 163 -31.47 -19.77 23.94
CA TRP M 163 -30.80 -18.48 23.96
C TRP M 163 -30.98 -17.77 22.64
N ILE M 164 -30.78 -18.47 21.53
CA ILE M 164 -30.95 -17.88 20.21
C ILE M 164 -32.39 -17.43 20.04
N TRP M 165 -33.33 -18.25 20.47
CA TRP M 165 -34.74 -17.89 20.40
C TRP M 165 -35.06 -16.72 21.32
N GLY M 166 -34.23 -16.45 22.31
CA GLY M 166 -34.62 -15.55 23.36
C GLY M 166 -35.79 -16.05 24.17
N GLY M 167 -36.05 -17.36 24.15
CA GLY M 167 -37.18 -17.92 24.83
C GLY M 167 -37.19 -19.42 24.69
N PHE M 168 -38.38 -20.02 24.62
CA PHE M 168 -38.54 -21.46 24.53
C PHE M 168 -39.19 -21.89 23.23
N SER M 169 -39.50 -20.94 22.35
CA SER M 169 -39.90 -21.23 20.98
C SER M 169 -39.78 -19.95 20.18
N VAL M 170 -39.78 -20.10 18.87
CA VAL M 170 -39.65 -18.93 18.01
C VAL M 170 -40.84 -18.03 18.23
N ASP M 171 -40.56 -16.77 18.48
CA ASP M 171 -41.55 -15.81 18.93
C ASP M 171 -41.02 -14.43 18.57
N LYS M 172 -41.58 -13.40 19.20
CA LYS M 172 -41.22 -12.02 18.91
C LYS M 172 -39.71 -11.80 18.93
N ALA M 173 -39.07 -12.03 20.08
CA ALA M 173 -37.68 -11.64 20.21
C ALA M 173 -36.76 -12.45 19.32
N THR M 174 -37.23 -13.59 18.80
CA THR M 174 -36.47 -14.30 17.80
C THR M 174 -36.49 -13.55 16.48
N LEU M 175 -37.64 -12.98 16.15
CA LEU M 175 -37.77 -12.22 14.92
C LEU M 175 -36.93 -10.97 14.95
N THR M 176 -37.14 -10.14 15.98
CA THR M 176 -36.55 -8.82 16.03
C THR M 176 -35.04 -8.87 15.97
N ARG M 177 -34.43 -9.93 16.48
CA ARG M 177 -32.99 -10.03 16.47
C ARG M 177 -32.48 -10.49 15.13
N PHE M 178 -33.22 -11.34 14.44
CA PHE M 178 -32.84 -11.68 13.08
C PHE M 178 -32.80 -10.44 12.22
N PHE M 179 -33.79 -9.57 12.37
CA PHE M 179 -33.82 -8.34 11.60
C PHE M 179 -32.57 -7.51 11.84
N ALA M 180 -31.99 -7.62 13.03
CA ALA M 180 -30.79 -6.88 13.33
C ALA M 180 -29.54 -7.65 12.95
N PHE M 181 -29.56 -8.97 13.12
CA PHE M 181 -28.47 -9.79 12.59
C PHE M 181 -28.46 -9.84 11.09
N HIS M 182 -29.54 -9.44 10.46
CA HIS M 182 -29.69 -9.56 9.02
C HIS M 182 -29.26 -8.29 8.33
N PHE M 183 -29.70 -7.18 8.88
CA PHE M 183 -29.45 -5.85 8.36
C PHE M 183 -28.10 -5.28 8.82
N ILE M 184 -27.19 -6.15 9.26
CA ILE M 184 -25.83 -5.78 9.66
C ILE M 184 -24.77 -6.59 8.92
N LEU M 185 -24.90 -7.92 8.92
CA LEU M 185 -23.86 -8.77 8.36
C LEU M 185 -23.46 -8.40 6.94
N PRO M 186 -24.36 -8.00 6.06
CA PRO M 186 -23.91 -7.56 4.73
C PRO M 186 -22.90 -6.45 4.77
N PHE M 187 -22.95 -5.59 5.77
CA PHE M 187 -21.90 -4.61 5.94
C PHE M 187 -20.63 -5.23 6.49
N ILE M 188 -20.75 -6.39 7.13
CA ILE M 188 -19.55 -7.16 7.48
C ILE M 188 -19.09 -7.95 6.27
N ILE M 189 -20.01 -8.43 5.45
CA ILE M 189 -19.64 -9.17 4.26
C ILE M 189 -18.87 -8.25 3.31
N MET M 190 -19.28 -6.99 3.24
CA MET M 190 -18.62 -6.06 2.34
C MET M 190 -17.17 -5.88 2.74
N ALA M 191 -16.88 -5.96 4.03
CA ALA M 191 -15.50 -5.84 4.48
C ALA M 191 -14.69 -7.02 4.00
N ILE M 192 -15.19 -8.22 4.22
CA ILE M 192 -14.43 -9.41 3.95
C ILE M 192 -14.19 -9.56 2.46
N ALA M 193 -15.07 -8.99 1.64
CA ALA M 193 -14.83 -8.99 0.21
C ALA M 193 -13.59 -8.18 -0.13
N MET M 194 -13.51 -6.96 0.39
CA MET M 194 -12.32 -6.15 0.16
C MET M 194 -11.09 -6.82 0.72
N VAL M 195 -11.24 -7.57 1.81
CA VAL M 195 -10.18 -8.45 2.29
C VAL M 195 -9.93 -9.55 1.28
N HIS M 196 -10.99 -10.20 0.84
CA HIS M 196 -10.86 -11.34 -0.05
C HIS M 196 -10.13 -10.97 -1.31
N LEU M 197 -10.42 -9.78 -1.85
CA LEU M 197 -9.70 -9.29 -3.01
C LEU M 197 -8.26 -8.99 -2.67
N LEU M 198 -8.02 -8.49 -1.47
CA LEU M 198 -6.69 -8.03 -1.09
C LEU M 198 -5.65 -9.12 -1.24
N PHE M 199 -5.99 -10.33 -0.81
CA PHE M 199 -5.08 -11.44 -0.97
C PHE M 199 -5.07 -11.96 -2.39
N LEU M 200 -6.08 -11.62 -3.18
CA LEU M 200 -6.09 -11.95 -4.59
C LEU M 200 -5.19 -11.01 -5.39
N HIS M 201 -5.23 -9.72 -5.06
CA HIS M 201 -4.38 -8.74 -5.73
C HIS M 201 -2.93 -8.81 -5.29
N GLU M 202 -2.58 -9.74 -4.42
CA GLU M 202 -1.19 -10.11 -4.23
C GLU M 202 -0.73 -11.16 -5.21
N THR M 203 -1.66 -11.93 -5.78
CA THR M 203 -1.35 -13.06 -6.62
C THR M 203 -1.88 -12.94 -8.03
N GLY M 204 -2.93 -12.17 -8.26
CA GLY M 204 -3.50 -12.04 -9.58
C GLY M 204 -4.29 -13.28 -9.94
N SER M 205 -5.33 -13.12 -10.74
CA SER M 205 -6.28 -14.20 -10.91
C SER M 205 -5.71 -15.32 -11.77
N ASN M 206 -6.47 -16.40 -11.81
CA ASN M 206 -6.11 -17.62 -12.51
C ASN M 206 -6.73 -17.60 -13.90
N ASN M 207 -6.35 -18.54 -14.74
CA ASN M 207 -6.85 -18.65 -16.09
C ASN M 207 -7.34 -20.07 -16.29
N PRO M 208 -8.00 -20.35 -17.41
CA PRO M 208 -8.48 -21.72 -17.64
C PRO M 208 -7.37 -22.75 -17.68
N THR M 209 -6.15 -22.34 -18.01
CA THR M 209 -5.05 -23.26 -18.18
C THR M 209 -4.38 -23.64 -16.88
N GLY M 210 -4.46 -22.77 -15.88
CA GLY M 210 -3.72 -22.99 -14.66
C GLY M 210 -2.27 -22.59 -14.74
N ILE M 211 -1.87 -21.89 -15.78
CA ILE M 211 -0.47 -21.57 -16.02
C ILE M 211 -0.23 -20.12 -15.67
N SER M 212 1.00 -19.83 -15.23
CA SER M 212 1.39 -18.48 -14.89
C SER M 212 1.25 -17.58 -16.09
N SER M 213 0.45 -16.54 -15.92
CA SER M 213 0.07 -15.65 -17.01
C SER M 213 0.76 -14.30 -16.92
N ASP M 214 1.93 -14.24 -16.30
CA ASP M 214 2.66 -12.99 -16.18
C ASP M 214 3.08 -12.43 -17.52
N VAL M 215 3.09 -13.25 -18.56
CA VAL M 215 3.61 -12.81 -19.85
C VAL M 215 2.54 -12.10 -20.66
N ASP M 216 1.29 -12.55 -20.56
CA ASP M 216 0.19 -12.08 -21.39
C ASP M 216 -0.85 -11.41 -20.54
N LYS M 217 -0.39 -10.56 -19.62
CA LYS M 217 -1.31 -9.77 -18.85
C LYS M 217 -1.83 -8.63 -19.69
N ILE M 218 -2.90 -8.02 -19.21
CA ILE M 218 -3.50 -6.86 -19.85
C ILE M 218 -4.14 -5.98 -18.80
N PRO M 219 -4.35 -4.72 -19.11
CA PRO M 219 -5.05 -3.85 -18.18
C PRO M 219 -6.49 -4.28 -18.02
N PHE M 220 -7.21 -3.53 -17.21
CA PHE M 220 -8.53 -3.90 -16.74
C PHE M 220 -9.55 -2.83 -17.08
N HIS M 221 -9.12 -1.66 -17.51
CA HIS M 221 -10.02 -0.52 -17.58
C HIS M 221 -10.94 -0.53 -18.79
N PRO M 222 -10.42 -0.75 -20.00
CA PRO M 222 -11.32 -0.86 -21.16
C PRO M 222 -11.87 -2.26 -21.41
N TYR M 223 -11.16 -3.29 -20.96
CA TYR M 223 -11.39 -4.63 -21.45
C TYR M 223 -12.35 -5.43 -20.57
N TYR M 224 -12.01 -5.65 -19.31
CA TYR M 224 -12.90 -6.41 -18.45
C TYR M 224 -14.01 -5.57 -17.87
N THR M 225 -13.79 -4.26 -17.76
CA THR M 225 -14.82 -3.34 -17.34
C THR M 225 -16.06 -3.50 -18.19
N ILE M 226 -15.91 -3.23 -19.49
CA ILE M 226 -17.00 -3.38 -20.43
C ILE M 226 -17.49 -4.82 -20.47
N LYS M 227 -16.62 -5.77 -20.19
CA LYS M 227 -17.06 -7.15 -20.09
C LYS M 227 -17.94 -7.34 -18.86
N ASP M 228 -17.60 -6.66 -17.77
CA ASP M 228 -18.44 -6.74 -16.58
C ASP M 228 -19.71 -5.94 -16.76
N ILE M 229 -19.66 -4.87 -17.55
CA ILE M 229 -20.88 -4.14 -17.85
C ILE M 229 -21.82 -5.04 -18.64
N LEU M 230 -21.28 -5.83 -19.56
CA LEU M 230 -22.11 -6.78 -20.28
C LEU M 230 -22.65 -7.84 -19.32
N GLY M 231 -21.75 -8.50 -18.60
CA GLY M 231 -22.17 -9.56 -17.70
C GLY M 231 -23.12 -9.07 -16.63
N ALA M 232 -22.98 -7.82 -16.22
CA ALA M 232 -23.90 -7.26 -15.25
C ALA M 232 -25.26 -7.04 -15.87
N LEU M 233 -25.26 -6.61 -17.13
CA LEU M 233 -26.52 -6.35 -17.82
C LEU M 233 -27.35 -7.60 -17.95
N LEU M 234 -26.73 -8.69 -18.39
CA LEU M 234 -27.43 -9.96 -18.49
C LEU M 234 -27.95 -10.42 -17.14
N LEU M 235 -27.22 -10.12 -16.07
CA LEU M 235 -27.71 -10.48 -14.75
C LEU M 235 -28.98 -9.74 -14.43
N ILE M 236 -29.03 -8.45 -14.78
CA ILE M 236 -30.22 -7.67 -14.48
C ILE M 236 -31.38 -8.16 -15.31
N LEU M 237 -31.12 -8.79 -16.44
CA LEU M 237 -32.19 -9.43 -17.18
C LEU M 237 -32.80 -10.56 -16.36
N ALA M 238 -32.00 -11.58 -16.06
CA ALA M 238 -32.52 -12.79 -15.43
C ALA M 238 -33.10 -12.52 -14.06
N LEU M 239 -32.69 -11.43 -13.43
CA LEU M 239 -33.36 -11.01 -12.21
C LEU M 239 -34.73 -10.43 -12.52
N MET M 240 -34.78 -9.45 -13.40
CA MET M 240 -36.01 -8.71 -13.60
C MET M 240 -37.05 -9.55 -14.36
N LEU M 241 -36.60 -10.54 -15.13
CA LEU M 241 -37.55 -11.48 -15.72
C LEU M 241 -38.36 -12.14 -14.64
N LEU M 242 -37.69 -12.67 -13.63
CA LEU M 242 -38.39 -13.26 -12.51
C LEU M 242 -39.27 -12.24 -11.83
N VAL M 243 -38.77 -11.01 -11.68
CA VAL M 243 -39.58 -9.99 -11.04
C VAL M 243 -40.76 -9.62 -11.92
N LEU M 244 -40.56 -9.63 -13.23
CA LEU M 244 -41.57 -9.16 -14.17
C LEU M 244 -42.25 -10.27 -14.95
N PHE M 245 -41.84 -11.53 -14.78
CA PHE M 245 -42.52 -12.61 -15.47
C PHE M 245 -42.72 -13.87 -14.65
N ALA M 246 -42.09 -14.03 -13.51
CA ALA M 246 -42.34 -15.22 -12.70
C ALA M 246 -41.89 -15.05 -11.27
N PRO M 247 -42.46 -14.11 -10.53
CA PRO M 247 -41.91 -13.78 -9.22
C PRO M 247 -42.16 -14.84 -8.18
N ASP M 248 -43.27 -15.56 -8.25
CA ASP M 248 -43.55 -16.63 -7.32
C ASP M 248 -42.87 -17.94 -7.69
N LEU M 249 -42.00 -17.93 -8.71
CA LEU M 249 -41.43 -19.17 -9.21
C LEU M 249 -40.63 -19.88 -8.15
N LEU M 250 -39.51 -19.29 -7.75
CA LEU M 250 -38.65 -19.89 -6.75
C LEU M 250 -39.21 -19.78 -5.34
N GLY M 251 -40.29 -19.04 -5.16
CA GLY M 251 -40.89 -18.87 -3.85
C GLY M 251 -41.53 -20.15 -3.37
N ASP M 252 -42.46 -19.98 -2.45
CA ASP M 252 -43.20 -21.11 -1.91
C ASP M 252 -44.51 -20.55 -1.40
N PRO M 253 -45.66 -20.87 -2.01
CA PRO M 253 -46.86 -20.06 -1.76
C PRO M 253 -47.36 -20.13 -0.34
N ASP M 254 -47.05 -21.19 0.40
CA ASP M 254 -47.49 -21.27 1.78
C ASP M 254 -46.94 -20.14 2.64
N ASN M 255 -45.86 -19.50 2.19
CA ASN M 255 -45.33 -18.33 2.86
C ASN M 255 -46.33 -17.20 2.92
N TYR M 256 -47.24 -17.12 1.95
CA TYR M 256 -48.23 -16.06 1.91
C TYR M 256 -49.42 -16.34 2.80
N THR M 257 -49.32 -17.29 3.71
CA THR M 257 -50.20 -17.40 4.86
C THR M 257 -49.43 -16.97 6.09
N PRO M 258 -49.97 -16.10 6.93
CA PRO M 258 -49.21 -15.67 8.10
C PRO M 258 -48.91 -16.84 9.01
N ALA M 259 -47.95 -16.64 9.90
CA ALA M 259 -47.48 -17.72 10.74
C ALA M 259 -48.58 -18.21 11.65
N ASN M 260 -48.71 -19.53 11.73
CA ASN M 260 -49.66 -20.21 12.60
C ASN M 260 -48.91 -21.33 13.29
N PRO M 261 -48.35 -21.08 14.48
CA PRO M 261 -47.55 -22.12 15.14
C PRO M 261 -48.34 -23.34 15.54
N LEU M 262 -49.66 -23.29 15.50
CA LEU M 262 -50.52 -24.42 15.84
C LEU M 262 -51.06 -25.13 14.61
N ASN M 263 -50.51 -24.84 13.42
CA ASN M 263 -50.96 -25.46 12.19
C ASN M 263 -49.73 -25.70 11.32
N THR M 264 -49.25 -26.91 11.33
CA THR M 264 -48.05 -27.24 10.60
C THR M 264 -48.37 -27.35 9.11
N PRO M 265 -47.56 -26.79 8.22
CA PRO M 265 -47.81 -26.98 6.80
C PRO M 265 -47.51 -28.41 6.38
N PRO M 266 -48.00 -28.84 5.21
CA PRO M 266 -47.68 -30.19 4.76
C PRO M 266 -46.21 -30.39 4.48
N HIS M 267 -45.64 -29.55 3.63
CA HIS M 267 -44.26 -29.64 3.19
C HIS M 267 -43.48 -28.54 3.88
N ILE M 268 -42.66 -28.93 4.84
CA ILE M 268 -41.66 -28.02 5.39
C ILE M 268 -40.37 -28.21 4.61
N LYS M 269 -39.77 -27.11 4.23
CA LYS M 269 -38.48 -27.16 3.58
C LYS M 269 -37.91 -25.76 3.54
N PRO M 270 -36.60 -25.59 3.53
CA PRO M 270 -36.06 -24.27 3.22
C PRO M 270 -36.20 -24.00 1.74
N GLU M 271 -35.65 -22.88 1.28
CA GLU M 271 -35.74 -22.54 -0.12
C GLU M 271 -34.71 -23.33 -0.92
N TRP M 272 -34.79 -23.16 -2.24
CA TRP M 272 -34.08 -24.04 -3.16
C TRP M 272 -32.58 -24.04 -2.92
N TYR M 273 -32.05 -22.92 -2.45
CA TYR M 273 -30.60 -22.77 -2.38
C TYR M 273 -29.97 -23.47 -1.19
N PHE M 274 -30.77 -23.93 -0.23
CA PHE M 274 -30.29 -24.76 0.86
C PHE M 274 -30.50 -26.25 0.63
N LEU M 275 -31.42 -26.62 -0.26
CA LEU M 275 -32.04 -27.93 -0.19
C LEU M 275 -31.06 -29.08 -0.27
N PHE M 276 -29.96 -28.91 -1.02
CA PHE M 276 -28.99 -29.99 -1.10
C PHE M 276 -28.39 -30.27 0.26
N ALA M 277 -28.29 -29.25 1.09
CA ALA M 277 -27.87 -29.44 2.46
C ALA M 277 -28.93 -30.21 3.23
N TYR M 278 -30.19 -29.87 3.01
CA TYR M 278 -31.28 -30.46 3.77
C TYR M 278 -31.45 -31.93 3.43
N ALA M 279 -31.28 -32.27 2.15
CA ALA M 279 -31.41 -33.66 1.72
C ALA M 279 -30.38 -34.54 2.42
N ILE M 280 -29.17 -34.01 2.60
CA ILE M 280 -28.14 -34.74 3.32
C ILE M 280 -28.61 -35.02 4.74
N LEU M 281 -29.29 -34.07 5.34
CA LEU M 281 -29.74 -34.23 6.71
C LEU M 281 -30.84 -35.27 6.80
N ARG M 282 -31.86 -35.14 5.95
CA ARG M 282 -32.95 -36.10 5.98
C ARG M 282 -32.49 -37.50 5.61
N SER M 283 -31.37 -37.62 4.91
CA SER M 283 -30.84 -38.93 4.59
C SER M 283 -30.52 -39.72 5.84
N ILE M 284 -29.80 -39.11 6.77
CA ILE M 284 -29.32 -39.83 7.94
C ILE M 284 -30.44 -39.89 8.98
N PRO M 285 -30.74 -41.06 9.56
CA PRO M 285 -31.74 -41.08 10.62
C PRO M 285 -31.22 -40.54 11.94
N ASN M 286 -29.98 -40.86 12.28
CA ASN M 286 -29.40 -40.36 13.52
C ASN M 286 -29.30 -38.84 13.46
N LYS M 287 -29.91 -38.17 14.43
CA LYS M 287 -30.10 -36.74 14.34
C LYS M 287 -28.78 -35.99 14.37
N LEU M 288 -27.99 -36.23 15.42
CA LEU M 288 -26.73 -35.50 15.57
C LEU M 288 -25.78 -35.84 14.43
N GLY M 289 -25.67 -37.12 14.09
CA GLY M 289 -24.84 -37.51 12.98
C GLY M 289 -25.29 -36.89 11.68
N GLY M 290 -26.57 -36.57 11.56
CA GLY M 290 -27.04 -35.84 10.41
C GLY M 290 -26.49 -34.43 10.38
N VAL M 291 -26.37 -33.81 11.55
CA VAL M 291 -25.95 -32.41 11.61
C VAL M 291 -24.51 -32.26 11.15
N LEU M 292 -23.62 -33.10 11.69
CA LEU M 292 -22.22 -32.97 11.36
C LEU M 292 -21.97 -33.27 9.89
N ALA M 293 -22.90 -33.96 9.24
CA ALA M 293 -22.83 -34.11 7.80
C ALA M 293 -23.25 -32.81 7.11
N LEU M 294 -24.24 -32.13 7.68
CA LEU M 294 -24.72 -30.89 7.08
C LEU M 294 -23.62 -29.85 7.05
N ALA M 295 -23.03 -29.57 8.22
CA ALA M 295 -21.98 -28.58 8.30
C ALA M 295 -20.76 -29.03 7.51
N PHE M 296 -20.54 -30.33 7.38
CA PHE M 296 -19.37 -30.81 6.68
C PHE M 296 -19.54 -30.73 5.17
N SER M 297 -20.79 -30.74 4.68
CA SER M 297 -21.01 -30.57 3.26
C SER M 297 -20.53 -29.22 2.77
N ILE M 298 -20.48 -28.23 3.65
CA ILE M 298 -19.98 -26.91 3.33
C ILE M 298 -18.50 -26.81 3.63
N LEU M 299 -18.11 -27.14 4.86
CA LEU M 299 -16.74 -26.97 5.30
C LEU M 299 -15.75 -27.84 4.54
N ILE M 300 -16.24 -28.85 3.82
CA ILE M 300 -15.36 -29.72 3.04
C ILE M 300 -14.56 -28.94 2.03
N LEU M 301 -15.04 -27.77 1.63
CA LEU M 301 -14.28 -26.92 0.73
C LEU M 301 -12.91 -26.59 1.31
N ALA M 302 -12.82 -26.51 2.63
CA ALA M 302 -11.55 -26.24 3.26
C ALA M 302 -10.62 -27.44 3.30
N LEU M 303 -11.09 -28.60 2.84
CA LEU M 303 -10.27 -29.80 2.74
C LEU M 303 -9.80 -30.07 1.32
N ILE M 304 -10.32 -29.34 0.34
CA ILE M 304 -9.94 -29.50 -1.05
C ILE M 304 -8.44 -29.34 -1.24
N PRO M 305 -7.85 -28.19 -0.88
CA PRO M 305 -6.44 -27.99 -1.22
C PRO M 305 -5.51 -28.98 -0.56
N LEU M 306 -5.90 -29.51 0.59
CA LEU M 306 -5.13 -30.58 1.21
C LEU M 306 -5.35 -31.91 0.53
N LEU M 307 -6.27 -31.97 -0.44
CA LEU M 307 -6.49 -33.16 -1.26
C LEU M 307 -6.11 -32.92 -2.71
N HIS M 308 -5.40 -31.85 -3.01
CA HIS M 308 -4.87 -31.67 -4.34
C HIS M 308 -3.74 -32.66 -4.57
N THR M 309 -3.79 -33.36 -5.70
CA THR M 309 -2.86 -34.43 -6.01
C THR M 309 -2.21 -34.30 -7.36
N SER M 310 -2.92 -33.76 -8.34
CA SER M 310 -2.37 -33.60 -9.67
C SER M 310 -1.37 -32.46 -9.66
N LYS M 311 -0.24 -32.67 -10.33
CA LYS M 311 0.74 -31.62 -10.48
C LYS M 311 0.32 -30.55 -11.47
N GLN M 312 -0.84 -30.70 -12.08
CA GLN M 312 -1.50 -29.63 -12.80
C GLN M 312 -2.54 -28.98 -11.92
N ARG M 313 -3.11 -27.89 -12.42
CA ARG M 313 -4.03 -27.05 -11.67
C ARG M 313 -5.43 -27.07 -12.27
N SER M 314 -5.54 -26.74 -13.55
CA SER M 314 -6.82 -26.69 -14.22
C SER M 314 -7.39 -28.08 -14.39
N MET M 315 -8.59 -28.12 -14.95
CA MET M 315 -9.21 -29.35 -15.39
C MET M 315 -9.55 -29.33 -16.88
N MET M 316 -9.16 -28.28 -17.61
CA MET M 316 -9.21 -28.39 -19.07
C MET M 316 -8.26 -29.47 -19.58
N PHE M 317 -7.23 -29.78 -18.80
CA PHE M 317 -6.21 -30.74 -19.15
C PHE M 317 -6.18 -31.86 -18.14
N ARG M 318 -7.35 -32.30 -17.70
CA ARG M 318 -7.47 -33.43 -16.79
C ARG M 318 -8.78 -34.14 -17.12
N PRO M 319 -8.78 -34.98 -18.16
CA PRO M 319 -10.04 -35.61 -18.61
C PRO M 319 -10.83 -36.35 -17.55
N LEU M 320 -10.19 -37.20 -16.74
CA LEU M 320 -10.94 -37.99 -15.78
C LEU M 320 -11.58 -37.10 -14.74
N SER M 321 -10.90 -36.04 -14.31
CA SER M 321 -11.48 -35.16 -13.32
C SER M 321 -12.64 -34.37 -13.89
N GLN M 322 -12.62 -34.10 -15.19
CA GLN M 322 -13.76 -33.45 -15.81
C GLN M 322 -15.01 -34.31 -15.68
N CYS M 323 -14.88 -35.61 -15.98
CA CYS M 323 -16.03 -36.49 -15.91
C CYS M 323 -16.53 -36.61 -14.48
N LEU M 324 -15.62 -36.62 -13.52
CA LEU M 324 -16.04 -36.70 -12.13
C LEU M 324 -16.63 -35.38 -11.65
N PHE M 325 -16.10 -34.27 -12.16
CA PHE M 325 -16.60 -32.97 -11.72
C PHE M 325 -18.04 -32.80 -12.12
N TRP M 326 -18.34 -32.96 -13.40
CA TRP M 326 -19.72 -32.82 -13.85
C TRP M 326 -20.62 -33.90 -13.28
N ALA M 327 -20.06 -34.97 -12.74
CA ALA M 327 -20.86 -35.91 -11.98
C ALA M 327 -21.25 -35.33 -10.63
N LEU M 328 -20.34 -34.59 -10.02
CA LEU M 328 -20.62 -33.96 -8.73
C LEU M 328 -21.77 -32.99 -8.87
N VAL M 329 -21.80 -32.26 -9.97
CA VAL M 329 -22.87 -31.31 -10.23
C VAL M 329 -24.20 -32.03 -10.27
N ALA M 330 -24.24 -33.19 -10.90
CA ALA M 330 -25.47 -33.96 -10.94
C ALA M 330 -25.88 -34.41 -9.55
N ASP M 331 -24.90 -34.80 -8.73
CA ASP M 331 -25.22 -35.19 -7.37
C ASP M 331 -25.81 -34.02 -6.60
N LEU M 332 -25.28 -32.82 -6.81
CA LEU M 332 -25.86 -31.64 -6.20
C LEU M 332 -27.28 -31.44 -6.66
N LEU M 333 -27.47 -31.37 -7.98
CA LEU M 333 -28.79 -31.15 -8.55
C LEU M 333 -29.79 -32.18 -8.05
N THR M 334 -29.33 -33.41 -7.89
CA THR M 334 -30.15 -34.43 -7.25
C THR M 334 -30.54 -33.99 -5.85
N LEU M 335 -29.55 -33.65 -5.03
CA LEU M 335 -29.83 -33.29 -3.65
C LEU M 335 -30.72 -32.06 -3.56
N THR M 336 -30.59 -31.14 -4.51
CA THR M 336 -31.53 -30.03 -4.58
C THR M 336 -32.93 -30.53 -4.81
N TRP M 337 -33.07 -31.60 -5.60
CA TRP M 337 -34.38 -32.09 -5.95
C TRP M 337 -34.98 -32.92 -4.84
N ILE M 338 -34.16 -33.79 -4.24
CA ILE M 338 -34.66 -34.66 -3.19
C ILE M 338 -35.13 -33.84 -2.00
N GLY M 339 -34.36 -32.81 -1.65
CA GLY M 339 -34.73 -31.99 -0.50
C GLY M 339 -36.07 -31.31 -0.69
N GLY M 340 -36.37 -30.91 -1.93
CA GLY M 340 -37.65 -30.28 -2.19
C GLY M 340 -38.80 -31.26 -2.20
N GLN M 341 -38.51 -32.52 -2.45
CA GLN M 341 -39.52 -33.55 -2.55
C GLN M 341 -39.66 -34.27 -1.22
N PRO M 342 -40.81 -34.91 -0.97
CA PRO M 342 -41.02 -35.54 0.33
C PRO M 342 -40.16 -36.78 0.52
N VAL M 343 -40.36 -37.44 1.65
CA VAL M 343 -39.50 -38.50 2.13
C VAL M 343 -40.29 -39.80 2.01
N GLU M 344 -39.99 -40.57 0.97
CA GLU M 344 -40.58 -41.88 0.77
C GLU M 344 -39.57 -42.81 0.12
N HIS M 345 -39.93 -44.10 0.07
CA HIS M 345 -38.95 -45.16 -0.14
C HIS M 345 -38.13 -45.01 -1.41
N PRO M 346 -38.69 -44.55 -2.54
CA PRO M 346 -37.81 -44.27 -3.67
C PRO M 346 -36.88 -43.10 -3.42
N TYR M 347 -37.39 -42.01 -2.84
CA TYR M 347 -36.59 -40.81 -2.67
C TYR M 347 -35.64 -40.94 -1.48
N ILE M 348 -36.00 -41.72 -0.48
CA ILE M 348 -35.07 -42.00 0.61
C ILE M 348 -33.83 -42.67 0.08
N THR M 349 -34.02 -43.72 -0.72
CA THR M 349 -32.90 -44.48 -1.26
C THR M 349 -32.01 -43.60 -2.11
N ILE M 350 -32.60 -42.77 -2.95
CA ILE M 350 -31.83 -41.91 -3.82
C ILE M 350 -31.06 -40.88 -3.00
N GLY M 351 -31.74 -40.27 -2.02
CA GLY M 351 -31.11 -39.26 -1.21
C GLY M 351 -29.93 -39.79 -0.43
N GLN M 352 -29.96 -41.08 -0.09
CA GLN M 352 -28.82 -41.67 0.59
C GLN M 352 -27.66 -41.84 -0.37
N LEU M 353 -27.92 -42.37 -1.55
CA LEU M 353 -26.83 -42.65 -2.48
C LEU M 353 -26.13 -41.38 -2.90
N ALA M 354 -26.91 -40.34 -3.23
CA ALA M 354 -26.34 -39.10 -3.70
C ALA M 354 -25.46 -38.48 -2.64
N SER M 355 -25.93 -38.50 -1.39
CA SER M 355 -25.16 -37.89 -0.31
C SER M 355 -23.84 -38.62 -0.11
N VAL M 356 -23.83 -39.93 -0.28
CA VAL M 356 -22.60 -40.69 -0.15
C VAL M 356 -21.66 -40.34 -1.28
N LEU M 357 -22.21 -40.17 -2.48
CA LEU M 357 -21.39 -39.77 -3.61
C LEU M 357 -20.74 -38.42 -3.36
N TYR M 358 -21.46 -37.49 -2.76
CA TYR M 358 -20.94 -36.15 -2.54
C TYR M 358 -19.67 -36.17 -1.73
N PHE M 359 -19.67 -36.91 -0.61
CA PHE M 359 -18.48 -37.03 0.20
C PHE M 359 -17.47 -37.98 -0.42
N LEU M 360 -17.95 -39.08 -1.02
CA LEU M 360 -17.05 -40.04 -1.62
C LEU M 360 -16.32 -39.43 -2.80
N LEU M 361 -17.07 -38.80 -3.70
CA LEU M 361 -16.51 -38.30 -4.94
C LEU M 361 -15.46 -37.24 -4.67
N ILE M 362 -15.69 -36.40 -3.66
CA ILE M 362 -14.77 -35.31 -3.37
C ILE M 362 -13.50 -35.83 -2.73
N LEU M 363 -13.65 -36.74 -1.77
CA LEU M 363 -12.53 -37.13 -0.93
C LEU M 363 -11.66 -38.21 -1.53
N VAL M 364 -12.19 -39.00 -2.46
CA VAL M 364 -11.58 -40.26 -2.84
C VAL M 364 -11.27 -40.27 -4.33
N LEU M 365 -12.32 -40.16 -5.13
CA LEU M 365 -12.16 -40.35 -6.56
C LEU M 365 -11.37 -39.21 -7.20
N MET M 366 -11.74 -37.99 -6.91
CA MET M 366 -11.14 -36.84 -7.57
C MET M 366 -9.67 -36.70 -7.21
N PRO M 367 -9.28 -36.91 -5.95
CA PRO M 367 -7.84 -37.04 -5.67
C PRO M 367 -7.23 -38.22 -6.38
N THR M 368 -7.90 -39.37 -6.32
CA THR M 368 -7.40 -40.59 -6.94
C THR M 368 -7.18 -40.39 -8.42
N ALA M 369 -8.00 -39.56 -9.05
CA ALA M 369 -7.89 -39.34 -10.49
C ALA M 369 -6.56 -38.72 -10.84
N GLY M 370 -6.27 -37.56 -10.25
CA GLY M 370 -5.05 -36.85 -10.58
C GLY M 370 -3.82 -37.67 -10.29
N THR M 371 -3.88 -38.54 -9.28
CA THR M 371 -2.81 -39.49 -9.07
C THR M 371 -2.63 -40.36 -10.29
N ILE M 372 -3.73 -40.91 -10.78
CA ILE M 372 -3.69 -41.75 -11.97
C ILE M 372 -3.23 -40.93 -13.16
N GLU M 373 -3.73 -39.71 -13.29
CA GLU M 373 -3.38 -38.88 -14.42
C GLU M 373 -1.89 -38.57 -14.42
N ASN M 374 -1.32 -38.41 -13.23
CA ASN M 374 0.13 -38.22 -13.15
C ASN M 374 0.86 -39.44 -13.68
N LYS M 375 0.35 -40.64 -13.36
CA LYS M 375 1.04 -41.86 -13.74
C LYS M 375 1.10 -42.02 -15.25
N LEU M 376 0.03 -41.62 -15.94
CA LEU M 376 0.03 -41.74 -17.39
C LEU M 376 1.04 -40.80 -18.01
N LEU M 377 1.24 -39.64 -17.40
CA LEU M 377 2.23 -38.68 -17.85
C LEU M 377 3.61 -38.97 -17.31
N LYS M 378 3.83 -40.16 -16.75
CA LYS M 378 5.15 -40.56 -16.27
C LYS M 378 5.62 -39.66 -15.15
N TRP M 379 4.73 -39.37 -14.22
CA TRP M 379 5.03 -38.55 -13.04
C TRP M 379 4.85 -39.35 -11.76
N GLU N 88 -53.82 -37.25 -4.31
CA GLU N 88 -54.17 -35.89 -4.71
C GLU N 88 -54.45 -35.82 -6.19
N LEU N 89 -54.85 -34.63 -6.65
CA LEU N 89 -55.29 -34.41 -8.03
C LEU N 89 -54.65 -33.12 -8.53
N HIS N 90 -53.79 -33.24 -9.51
CA HIS N 90 -53.22 -32.06 -10.13
C HIS N 90 -54.30 -31.36 -10.94
N PRO N 91 -54.63 -30.11 -10.65
CA PRO N 91 -55.69 -29.46 -11.41
C PRO N 91 -55.24 -29.21 -12.84
N PRO N 92 -56.16 -29.01 -13.77
CA PRO N 92 -55.78 -28.69 -15.13
C PRO N 92 -55.50 -27.21 -15.32
N SER N 93 -54.66 -26.92 -16.31
CA SER N 93 -54.33 -25.56 -16.69
C SER N 93 -55.26 -25.11 -17.82
N TYR N 94 -55.75 -23.88 -17.73
CA TYR N 94 -56.77 -23.36 -18.61
C TYR N 94 -56.26 -22.23 -19.48
N PRO N 95 -57.02 -21.85 -20.53
CA PRO N 95 -56.67 -20.65 -21.30
C PRO N 95 -57.28 -19.39 -20.69
N TRP N 96 -56.82 -19.05 -19.51
CA TRP N 96 -57.18 -17.77 -18.92
C TRP N 96 -56.78 -16.64 -19.86
N SER N 97 -57.53 -15.55 -19.80
CA SER N 97 -57.23 -14.40 -20.64
C SER N 97 -55.90 -13.78 -20.28
N HIS N 98 -55.49 -13.89 -19.03
CA HIS N 98 -54.31 -13.22 -18.52
C HIS N 98 -53.09 -14.13 -18.41
N ARG N 99 -53.17 -15.34 -18.93
CA ARG N 99 -52.02 -16.23 -18.91
C ARG N 99 -50.86 -15.70 -19.73
N GLY N 100 -51.13 -14.79 -20.67
CA GLY N 100 -50.09 -14.31 -21.54
C GLY N 100 -49.05 -13.50 -20.80
N LEU N 101 -47.82 -13.55 -21.31
CA LEU N 101 -46.73 -12.82 -20.71
C LEU N 101 -46.96 -11.32 -20.75
N LEU N 102 -47.75 -10.87 -21.73
CA LEU N 102 -48.16 -9.48 -21.85
C LEU N 102 -49.66 -9.30 -21.67
N SER N 103 -50.40 -10.38 -21.50
CA SER N 103 -51.84 -10.28 -21.34
C SER N 103 -52.19 -9.78 -19.96
N SER N 104 -53.20 -8.92 -19.90
CA SER N 104 -53.67 -8.32 -18.67
C SER N 104 -54.94 -9.02 -18.21
N LEU N 105 -55.56 -8.44 -17.19
CA LEU N 105 -56.82 -8.95 -16.66
C LEU N 105 -57.99 -8.26 -17.34
N ASP N 106 -59.08 -9.01 -17.47
CA ASP N 106 -60.36 -8.44 -17.91
C ASP N 106 -60.93 -7.66 -16.76
N HIS N 107 -60.65 -6.36 -16.74
CA HIS N 107 -61.17 -5.49 -15.69
C HIS N 107 -62.68 -5.54 -15.63
N THR N 108 -63.34 -5.76 -16.76
CA THR N 108 -64.78 -5.96 -16.74
C THR N 108 -65.14 -7.19 -15.94
N SER N 109 -64.31 -8.23 -16.02
CA SER N 109 -64.58 -9.44 -15.26
C SER N 109 -64.30 -9.24 -13.78
N ILE N 110 -63.30 -8.41 -13.47
CA ILE N 110 -63.01 -8.10 -12.07
C ILE N 110 -64.21 -7.43 -11.45
N ARG N 111 -64.95 -6.64 -12.23
CA ARG N 111 -66.16 -6.01 -11.72
C ARG N 111 -67.16 -7.07 -11.31
N ARG N 112 -67.34 -8.09 -12.15
CA ARG N 112 -68.27 -9.15 -11.82
C ARG N 112 -67.77 -9.95 -10.63
N GLY N 113 -66.46 -10.17 -10.56
CA GLY N 113 -65.91 -11.01 -9.50
C GLY N 113 -66.12 -10.42 -8.13
N PHE N 114 -66.10 -9.10 -8.03
CA PHE N 114 -66.29 -8.47 -6.73
C PHE N 114 -67.73 -8.65 -6.25
N GLN N 115 -68.68 -8.57 -7.17
CA GLN N 115 -70.07 -8.77 -6.82
C GLN N 115 -70.31 -10.16 -6.25
N VAL N 116 -69.47 -11.11 -6.65
CA VAL N 116 -69.57 -12.47 -6.13
C VAL N 116 -69.11 -12.50 -4.67
N TYR N 117 -67.90 -12.01 -4.42
CA TYR N 117 -67.36 -11.98 -3.06
C TYR N 117 -68.24 -11.22 -2.10
N LYS N 118 -68.96 -10.24 -2.60
CA LYS N 118 -69.72 -9.33 -1.75
C LYS N 118 -71.05 -9.91 -1.35
N GLN N 119 -71.65 -10.73 -2.21
CA GLN N 119 -72.98 -11.26 -2.00
C GLN N 119 -72.97 -12.70 -1.54
N VAL N 120 -71.80 -13.34 -1.51
CA VAL N 120 -71.69 -14.76 -1.23
C VAL N 120 -70.68 -14.99 -0.12
N CYS N 121 -69.48 -14.49 -0.33
CA CYS N 121 -68.32 -14.86 0.49
C CYS N 121 -67.99 -13.83 1.56
N SER N 122 -68.32 -12.56 1.33
CA SER N 122 -68.04 -11.54 2.31
C SER N 122 -68.76 -11.77 3.63
N SER N 123 -69.79 -12.61 3.65
CA SER N 123 -70.45 -12.98 4.89
C SER N 123 -69.68 -14.01 5.68
N CYS N 124 -68.75 -14.71 5.06
CA CYS N 124 -68.05 -15.83 5.68
C CYS N 124 -66.56 -15.84 5.46
N HIS N 125 -66.02 -14.97 4.61
CA HIS N 125 -64.59 -14.82 4.42
C HIS N 125 -64.14 -13.40 4.68
N SER N 126 -63.00 -13.27 5.32
CA SER N 126 -62.33 -12.00 5.50
C SER N 126 -61.40 -11.71 4.33
N MET N 127 -61.18 -10.42 4.06
CA MET N 127 -60.14 -9.97 3.16
C MET N 127 -59.57 -8.71 3.79
N ASP N 128 -58.54 -8.87 4.60
CA ASP N 128 -58.08 -7.79 5.45
C ASP N 128 -57.19 -6.80 4.72
N TYR N 129 -56.57 -7.22 3.63
CA TYR N 129 -55.49 -6.48 3.01
C TYR N 129 -55.92 -5.82 1.71
N VAL N 130 -57.15 -5.32 1.68
CA VAL N 130 -57.68 -4.61 0.53
C VAL N 130 -58.57 -3.49 1.06
N ALA N 131 -58.66 -2.42 0.27
CA ALA N 131 -59.53 -1.29 0.57
C ALA N 131 -60.48 -1.04 -0.59
N TYR N 132 -61.54 -0.32 -0.27
CA TYR N 132 -62.44 0.16 -1.29
C TYR N 132 -61.77 1.16 -2.22
N ARG N 133 -60.67 1.77 -1.79
CA ARG N 133 -59.97 2.70 -2.67
C ARG N 133 -59.19 1.96 -3.73
N HIS N 134 -58.68 0.76 -3.41
CA HIS N 134 -57.93 -0.01 -4.39
C HIS N 134 -58.80 -0.39 -5.58
N LEU N 135 -60.12 -0.49 -5.37
CA LEU N 135 -61.01 -0.79 -6.48
C LEU N 135 -61.11 0.37 -7.45
N VAL N 136 -60.72 1.57 -7.03
CA VAL N 136 -60.83 2.72 -7.90
C VAL N 136 -59.92 2.53 -9.09
N GLY N 137 -60.42 2.89 -10.26
CA GLY N 137 -59.64 2.88 -11.45
C GLY N 137 -59.34 1.50 -12.01
N VAL N 138 -59.91 0.45 -11.41
CA VAL N 138 -59.69 -0.91 -11.86
C VAL N 138 -60.98 -1.60 -12.25
N CYS N 139 -61.94 -1.68 -11.32
CA CYS N 139 -63.24 -2.28 -11.60
C CYS N 139 -64.40 -1.40 -11.20
N TYR N 140 -64.27 -0.61 -10.14
CA TYR N 140 -65.20 0.44 -9.82
C TYR N 140 -64.46 1.77 -9.92
N THR N 141 -65.26 2.83 -10.07
CA THR N 141 -64.72 4.17 -10.08
C THR N 141 -64.78 4.75 -8.67
N GLU N 142 -64.53 6.04 -8.56
CA GLU N 142 -64.53 6.70 -7.27
C GLU N 142 -65.93 6.67 -6.65
N ASP N 143 -66.92 7.17 -7.38
CA ASP N 143 -68.25 7.34 -6.81
C ASP N 143 -68.90 6.00 -6.53
N GLU N 144 -68.75 5.05 -7.45
CA GLU N 144 -69.38 3.75 -7.30
C GLU N 144 -68.86 3.05 -6.04
N ALA N 145 -67.54 3.05 -5.86
CA ALA N 145 -66.97 2.46 -4.66
C ALA N 145 -67.36 3.25 -3.43
N LYS N 146 -67.40 4.57 -3.56
CA LYS N 146 -67.79 5.43 -2.43
C LYS N 146 -69.20 5.10 -1.98
N ALA N 147 -70.08 4.81 -2.94
CA ALA N 147 -71.44 4.41 -2.59
C ALA N 147 -71.45 3.14 -1.76
N LEU N 148 -70.57 2.20 -2.10
CA LEU N 148 -70.53 0.94 -1.38
C LEU N 148 -69.89 1.11 -0.03
N ALA N 149 -69.00 2.09 0.10
CA ALA N 149 -68.47 2.41 1.42
C ALA N 149 -69.57 2.85 2.36
N GLU N 150 -70.61 3.48 1.83
CA GLU N 150 -71.71 3.98 2.63
C GLU N 150 -72.83 2.95 2.80
N GLU N 151 -72.64 1.73 2.33
CA GLU N 151 -73.64 0.69 2.54
C GLU N 151 -73.44 -0.04 3.86
N VAL N 152 -72.20 -0.28 4.25
CA VAL N 152 -71.88 -1.06 5.44
C VAL N 152 -71.44 -0.12 6.54
N GLU N 153 -71.76 -0.51 7.77
CA GLU N 153 -71.41 0.24 8.96
C GLU N 153 -70.09 -0.28 9.52
N VAL N 154 -69.29 0.63 10.04
CA VAL N 154 -67.96 0.31 10.55
C VAL N 154 -67.81 0.91 11.94
N GLN N 155 -67.12 0.18 12.81
CA GLN N 155 -66.86 0.65 14.15
C GLN N 155 -65.66 1.58 14.12
N ASP N 156 -65.91 2.85 14.42
CA ASP N 156 -64.87 3.87 14.36
C ASP N 156 -65.20 4.97 15.35
N GLY N 157 -64.17 5.50 15.99
CA GLY N 157 -64.26 6.73 16.71
C GLY N 157 -64.54 6.54 18.18
N PRO N 158 -63.53 6.75 19.02
CA PRO N 158 -63.81 6.98 20.44
C PRO N 158 -64.55 8.29 20.64
N ASN N 159 -65.82 8.17 21.01
CA ASN N 159 -66.65 9.32 21.28
C ASN N 159 -66.02 10.18 22.38
N GLU N 160 -66.36 11.47 22.38
CA GLU N 160 -65.94 12.31 23.49
C GLU N 160 -66.54 11.85 24.80
N ASP N 161 -67.70 11.19 24.75
CA ASP N 161 -68.27 10.57 25.93
C ASP N 161 -67.43 9.42 26.44
N GLY N 162 -66.57 8.86 25.60
CA GLY N 162 -65.70 7.78 25.99
C GLY N 162 -66.15 6.42 25.51
N GLU N 163 -66.93 6.37 24.44
CA GLU N 163 -67.47 5.14 23.89
C GLU N 163 -67.09 5.05 22.42
N MET N 164 -67.45 3.93 21.80
CA MET N 164 -67.23 3.70 20.39
C MET N 164 -68.55 3.39 19.71
N PHE N 165 -68.69 3.88 18.49
CA PHE N 165 -69.95 3.87 17.77
C PHE N 165 -69.73 3.24 16.40
N MET N 166 -70.76 3.32 15.57
CA MET N 166 -70.75 2.83 14.21
C MET N 166 -71.03 3.98 13.25
N ARG N 167 -70.38 3.95 12.10
CA ARG N 167 -70.60 4.94 11.07
C ARG N 167 -70.61 4.25 9.72
N PRO N 168 -71.10 4.91 8.68
CA PRO N 168 -70.91 4.38 7.33
C PRO N 168 -69.44 4.36 6.99
N GLY N 169 -69.01 3.30 6.33
CA GLY N 169 -67.62 3.20 5.92
C GLY N 169 -67.27 4.24 4.88
N LYS N 170 -65.97 4.41 4.68
CA LYS N 170 -65.42 5.28 3.66
C LYS N 170 -64.46 4.47 2.79
N LEU N 171 -63.79 5.15 1.87
CA LEU N 171 -62.93 4.44 0.93
C LEU N 171 -61.67 3.94 1.61
N SER N 172 -61.14 4.71 2.56
CA SER N 172 -59.97 4.27 3.29
C SER N 172 -60.21 3.00 4.07
N ASP N 173 -61.46 2.75 4.46
CA ASP N 173 -61.79 1.57 5.22
C ASP N 173 -61.55 0.31 4.39
N TYR N 174 -61.12 -0.74 5.06
CA TYR N 174 -60.87 -2.01 4.43
C TYR N 174 -62.16 -2.80 4.34
N PHE N 175 -62.11 -3.92 3.65
CA PHE N 175 -63.28 -4.75 3.50
C PHE N 175 -63.73 -5.23 4.88
N PRO N 176 -65.01 -5.10 5.24
CA PRO N 176 -65.40 -5.44 6.59
C PRO N 176 -65.29 -6.91 6.85
N LYS N 177 -64.64 -7.24 7.95
CA LYS N 177 -64.51 -8.62 8.34
C LYS N 177 -65.86 -9.15 8.79
N PRO N 178 -66.33 -10.30 8.29
CA PRO N 178 -67.67 -10.76 8.68
C PRO N 178 -67.77 -11.11 10.14
N TYR N 179 -66.70 -11.64 10.72
CA TYR N 179 -66.68 -12.12 12.08
C TYR N 179 -65.69 -11.33 12.91
N PRO N 180 -65.87 -11.29 14.24
CA PRO N 180 -64.94 -10.51 15.06
C PRO N 180 -63.64 -11.23 15.37
N ASN N 181 -63.60 -12.54 15.23
CA ASN N 181 -62.43 -13.31 15.63
C ASN N 181 -62.58 -14.73 15.08
N PRO N 182 -61.46 -15.44 14.88
CA PRO N 182 -61.55 -16.75 14.22
C PRO N 182 -62.30 -17.79 15.02
N GLU N 183 -62.34 -17.65 16.34
CA GLU N 183 -63.04 -18.63 17.16
C GLU N 183 -64.53 -18.61 16.87
N ALA N 184 -65.10 -17.42 16.72
CA ALA N 184 -66.49 -17.31 16.30
C ALA N 184 -66.70 -17.97 14.95
N ALA N 185 -65.68 -17.95 14.10
CA ALA N 185 -65.78 -18.60 12.81
C ALA N 185 -65.79 -20.11 12.97
N ARG N 186 -64.82 -20.64 13.71
CA ARG N 186 -64.83 -22.05 14.06
C ARG N 186 -66.09 -22.41 14.80
N ALA N 187 -66.64 -21.48 15.57
CA ALA N 187 -67.91 -21.74 16.24
C ALA N 187 -69.06 -21.81 15.24
N ALA N 188 -69.01 -20.96 14.22
CA ALA N 188 -70.10 -20.84 13.26
C ALA N 188 -69.95 -21.74 12.05
N ASN N 189 -68.91 -22.57 12.00
CA ASN N 189 -68.70 -23.45 10.87
C ASN N 189 -68.20 -24.82 11.32
N ASN N 190 -68.65 -25.27 12.49
CA ASN N 190 -68.36 -26.61 12.99
C ASN N 190 -66.86 -26.81 13.17
N GLY N 191 -66.23 -25.87 13.87
CA GLY N 191 -64.82 -25.92 14.13
C GLY N 191 -63.93 -25.54 12.97
N ALA N 192 -64.50 -25.33 11.79
CA ALA N 192 -63.71 -25.07 10.60
C ALA N 192 -63.50 -23.58 10.41
N LEU N 193 -62.41 -23.24 9.73
CA LEU N 193 -61.95 -21.86 9.61
C LEU N 193 -62.02 -21.40 8.17
N PRO N 194 -62.98 -20.53 7.80
CA PRO N 194 -62.90 -19.88 6.51
C PRO N 194 -61.63 -19.06 6.40
N PRO N 195 -60.77 -19.34 5.44
CA PRO N 195 -59.52 -18.58 5.34
C PRO N 195 -59.73 -17.21 4.75
N ASP N 196 -58.79 -16.32 5.02
CA ASP N 196 -58.74 -15.06 4.32
C ASP N 196 -58.50 -15.33 2.84
N LEU N 197 -58.77 -14.32 2.01
CA LEU N 197 -58.70 -14.48 0.56
C LEU N 197 -57.95 -13.35 -0.10
N SER N 198 -57.13 -12.61 0.65
CA SER N 198 -56.27 -11.61 0.03
C SER N 198 -55.21 -12.26 -0.84
N TYR N 199 -54.60 -13.35 -0.37
CA TYR N 199 -53.47 -13.98 -1.01
C TYR N 199 -53.75 -15.43 -1.39
N ILE N 200 -55.03 -15.82 -1.44
CA ILE N 200 -55.38 -17.24 -1.61
C ILE N 200 -54.88 -17.76 -2.94
N VAL N 201 -54.89 -16.93 -3.96
CA VAL N 201 -54.38 -17.33 -5.27
C VAL N 201 -52.92 -17.74 -5.13
N ARG N 202 -52.13 -16.87 -4.54
CA ARG N 202 -50.70 -17.07 -4.41
C ARG N 202 -50.31 -17.84 -3.15
N ALA N 203 -51.29 -18.39 -2.44
CA ALA N 203 -51.06 -19.24 -1.28
C ALA N 203 -51.49 -20.68 -1.52
N ARG N 204 -51.78 -21.04 -2.76
CA ARG N 204 -52.21 -22.39 -3.08
C ARG N 204 -51.60 -22.80 -4.41
N HIS N 205 -50.95 -23.96 -4.40
CA HIS N 205 -50.35 -24.51 -5.60
C HIS N 205 -51.41 -24.67 -6.68
N GLY N 206 -51.05 -24.32 -7.90
CA GLY N 206 -51.97 -24.31 -9.01
C GLY N 206 -52.66 -23.00 -9.23
N GLY N 207 -52.81 -22.19 -8.18
CA GLY N 207 -53.35 -20.86 -8.37
C GLY N 207 -54.82 -20.87 -8.72
N GLU N 208 -55.20 -19.94 -9.59
CA GLU N 208 -56.61 -19.79 -9.92
C GLU N 208 -57.18 -21.02 -10.61
N ASP N 209 -56.34 -21.80 -11.29
CA ASP N 209 -56.80 -23.05 -11.88
C ASP N 209 -57.35 -23.98 -10.82
N TYR N 210 -56.70 -24.00 -9.65
CA TYR N 210 -57.17 -24.82 -8.54
C TYR N 210 -58.55 -24.38 -8.10
N VAL N 211 -58.74 -23.08 -7.95
CA VAL N 211 -59.92 -22.56 -7.29
C VAL N 211 -61.16 -22.82 -8.14
N PHE N 212 -61.08 -22.54 -9.43
CA PHE N 212 -62.22 -22.80 -10.31
C PHE N 212 -62.58 -24.27 -10.30
N SER N 213 -61.57 -25.13 -10.38
CA SER N 213 -61.81 -26.56 -10.31
C SER N 213 -62.34 -26.95 -8.94
N LEU N 214 -62.02 -26.17 -7.91
CA LEU N 214 -62.44 -26.52 -6.57
C LEU N 214 -63.93 -26.28 -6.40
N LEU N 215 -64.38 -25.07 -6.70
CA LEU N 215 -65.80 -24.77 -6.66
C LEU N 215 -66.56 -25.64 -7.64
N THR N 216 -66.01 -25.80 -8.84
CA THR N 216 -66.68 -26.51 -9.92
C THR N 216 -66.38 -28.00 -9.90
N GLY N 217 -65.96 -28.54 -8.76
CA GLY N 217 -65.59 -29.94 -8.66
C GLY N 217 -66.42 -30.72 -7.67
N TYR N 218 -67.42 -30.10 -7.07
CA TYR N 218 -68.25 -30.79 -6.13
C TYR N 218 -68.97 -31.95 -6.78
N CYS N 219 -69.13 -33.03 -6.02
CA CYS N 219 -69.83 -34.21 -6.47
C CYS N 219 -70.09 -35.07 -5.25
N GLU N 220 -70.99 -36.02 -5.40
CA GLU N 220 -71.15 -37.02 -4.37
C GLU N 220 -69.85 -37.79 -4.20
N PRO N 221 -69.62 -38.37 -3.03
CA PRO N 221 -68.44 -39.20 -2.87
C PRO N 221 -68.58 -40.47 -3.67
N PRO N 222 -67.50 -41.15 -4.01
CA PRO N 222 -67.61 -42.48 -4.62
C PRO N 222 -67.97 -43.51 -3.58
N THR N 223 -68.21 -44.72 -4.07
CA THR N 223 -68.58 -45.80 -3.18
C THR N 223 -67.40 -46.17 -2.28
N GLY N 224 -67.72 -46.60 -1.06
CA GLY N 224 -66.73 -46.84 -0.04
C GLY N 224 -66.33 -45.62 0.75
N VAL N 225 -66.68 -44.43 0.28
CA VAL N 225 -66.32 -43.18 0.92
C VAL N 225 -67.51 -42.65 1.69
N SER N 226 -67.27 -42.15 2.90
CA SER N 226 -68.31 -41.54 3.71
C SER N 226 -67.70 -40.49 4.61
N LEU N 227 -68.38 -39.35 4.72
CA LEU N 227 -67.90 -38.20 5.46
C LEU N 227 -68.85 -37.89 6.61
N ARG N 228 -68.35 -37.09 7.54
CA ARG N 228 -69.12 -36.67 8.69
C ARG N 228 -70.04 -35.51 8.32
N GLU N 229 -71.01 -35.26 9.20
CA GLU N 229 -71.96 -34.20 8.98
C GLU N 229 -71.26 -32.84 8.99
N GLY N 230 -71.70 -31.96 8.10
CA GLY N 230 -71.10 -30.65 7.94
C GLY N 230 -70.10 -30.64 6.80
N LEU N 231 -69.32 -31.71 6.69
CA LEU N 231 -68.26 -31.80 5.70
C LEU N 231 -68.75 -32.46 4.43
N TYR N 232 -68.29 -31.93 3.30
CA TYR N 232 -68.70 -32.37 1.98
C TYR N 232 -67.49 -32.84 1.19
N PHE N 233 -67.77 -33.48 0.07
CA PHE N 233 -66.76 -34.11 -0.76
C PHE N 233 -66.37 -33.19 -1.91
N ASN N 234 -65.08 -33.14 -2.20
CA ASN N 234 -64.60 -32.43 -3.37
C ASN N 234 -63.23 -32.98 -3.77
N PRO N 235 -63.04 -33.49 -4.98
CA PRO N 235 -61.76 -34.15 -5.29
C PRO N 235 -60.56 -33.23 -5.25
N TYR N 236 -60.75 -31.92 -5.28
CA TYR N 236 -59.64 -30.97 -5.43
C TYR N 236 -59.14 -30.44 -4.11
N PHE N 237 -59.15 -31.27 -3.07
CA PHE N 237 -58.71 -30.88 -1.74
C PHE N 237 -57.96 -32.05 -1.10
N PRO N 238 -56.93 -31.79 -0.30
CA PRO N 238 -56.25 -32.90 0.38
C PRO N 238 -57.17 -33.59 1.37
N GLY N 239 -57.43 -34.87 1.11
CA GLY N 239 -58.41 -35.61 1.86
C GLY N 239 -59.81 -35.50 1.33
N GLN N 240 -60.07 -34.55 0.42
CA GLN N 240 -61.35 -34.44 -0.27
C GLN N 240 -62.49 -34.22 0.70
N ALA N 241 -62.23 -33.44 1.74
CA ALA N 241 -63.20 -33.19 2.79
C ALA N 241 -63.08 -31.76 3.28
N ILE N 242 -64.12 -30.97 3.06
CA ILE N 242 -64.12 -29.57 3.46
C ILE N 242 -65.48 -29.19 4.01
N GLY N 243 -65.49 -28.09 4.77
CA GLY N 243 -66.73 -27.54 5.28
C GLY N 243 -67.39 -26.57 4.33
N MET N 244 -66.77 -26.33 3.18
CA MET N 244 -67.28 -25.32 2.29
C MET N 244 -68.50 -25.85 1.56
N ALA N 245 -69.67 -25.57 2.09
CA ALA N 245 -70.89 -25.96 1.41
C ALA N 245 -71.03 -25.15 0.12
N PRO N 246 -71.92 -25.56 -0.78
CA PRO N 246 -72.03 -24.91 -2.11
C PRO N 246 -72.23 -23.42 -1.98
N PRO N 247 -71.23 -22.62 -2.38
CA PRO N 247 -71.39 -21.17 -2.32
C PRO N 247 -72.10 -20.64 -3.53
N ILE N 248 -71.96 -21.34 -4.66
CA ILE N 248 -72.44 -20.85 -5.94
C ILE N 248 -73.16 -21.95 -6.71
N TYR N 249 -74.02 -21.52 -7.62
CA TYR N 249 -74.70 -22.39 -8.56
C TYR N 249 -75.41 -21.49 -9.55
N ASN N 250 -76.17 -22.11 -10.44
CA ASN N 250 -76.85 -21.36 -11.50
C ASN N 250 -77.86 -20.39 -10.89
N GLU N 251 -77.72 -19.11 -11.23
CA GLU N 251 -78.59 -18.05 -10.73
C GLU N 251 -78.57 -17.97 -9.21
N VAL N 252 -77.42 -18.28 -8.61
CA VAL N 252 -77.23 -18.03 -7.18
C VAL N 252 -77.31 -16.55 -6.87
N LEU N 253 -77.01 -15.70 -7.85
CA LEU N 253 -77.07 -14.25 -7.68
C LEU N 253 -77.51 -13.63 -9.00
N GLU N 254 -77.35 -12.31 -9.10
CA GLU N 254 -77.56 -11.59 -10.34
C GLU N 254 -76.43 -10.59 -10.53
N PHE N 255 -76.08 -10.38 -11.79
CA PHE N 255 -75.07 -9.41 -12.18
C PHE N 255 -75.73 -8.12 -12.65
N ASP N 256 -74.92 -7.07 -12.73
CA ASP N 256 -75.42 -5.77 -13.14
C ASP N 256 -75.41 -5.59 -14.65
N ASP N 257 -74.42 -6.16 -15.32
CA ASP N 257 -74.28 -6.00 -16.77
C ASP N 257 -75.16 -6.94 -17.57
N GLY N 258 -76.11 -7.62 -16.94
CA GLY N 258 -76.98 -8.52 -17.67
C GLY N 258 -76.35 -9.84 -18.04
N THR N 259 -75.27 -10.22 -17.38
CA THR N 259 -74.60 -11.47 -17.71
C THR N 259 -75.43 -12.65 -17.19
N PRO N 260 -75.49 -13.77 -17.92
CA PRO N 260 -76.06 -14.98 -17.34
C PRO N 260 -75.16 -15.54 -16.25
N ALA N 261 -75.74 -15.78 -15.08
CA ALA N 261 -74.97 -16.16 -13.89
C ALA N 261 -74.91 -17.68 -13.78
N THR N 262 -74.30 -18.29 -14.78
CA THR N 262 -73.98 -19.70 -14.68
C THR N 262 -72.90 -19.89 -13.63
N MET N 263 -72.92 -21.05 -12.99
CA MET N 263 -71.92 -21.40 -11.99
C MET N 263 -70.51 -21.20 -12.51
N SER N 264 -70.28 -21.50 -13.79
CA SER N 264 -68.96 -21.32 -14.36
C SER N 264 -68.65 -19.84 -14.56
N GLN N 265 -69.58 -19.10 -15.16
CA GLN N 265 -69.40 -17.67 -15.35
C GLN N 265 -69.10 -16.97 -14.04
N VAL N 266 -69.73 -17.42 -12.96
CA VAL N 266 -69.48 -16.83 -11.66
C VAL N 266 -68.06 -17.15 -11.21
N ALA N 267 -67.71 -18.44 -11.22
CA ALA N 267 -66.42 -18.86 -10.69
C ALA N 267 -65.28 -18.33 -11.52
N LYS N 268 -65.52 -18.04 -12.79
CA LYS N 268 -64.50 -17.41 -13.60
C LYS N 268 -64.18 -16.02 -13.09
N ASP N 269 -65.22 -15.20 -12.92
CA ASP N 269 -65.02 -13.80 -12.61
C ASP N 269 -64.40 -13.63 -11.23
N VAL N 270 -64.84 -14.43 -10.27
CA VAL N 270 -64.33 -14.29 -8.92
C VAL N 270 -62.85 -14.62 -8.87
N CYS N 271 -62.44 -15.67 -9.57
CA CYS N 271 -61.02 -16.02 -9.57
C CYS N 271 -60.21 -14.93 -10.23
N THR N 272 -60.80 -14.27 -11.23
CA THR N 272 -60.14 -13.12 -11.82
C THR N 272 -59.99 -12.01 -10.79
N PHE N 273 -61.00 -11.81 -9.96
CA PHE N 273 -60.90 -10.80 -8.93
C PHE N 273 -59.81 -11.15 -7.93
N LEU N 274 -59.74 -12.41 -7.53
CA LEU N 274 -58.79 -12.79 -6.50
C LEU N 274 -57.37 -12.68 -7.00
N ARG N 275 -57.15 -12.96 -8.28
CA ARG N 275 -55.83 -12.77 -8.85
C ARG N 275 -55.43 -11.32 -8.84
N TRP N 276 -56.42 -10.41 -8.90
CA TRP N 276 -56.12 -9.01 -8.73
C TRP N 276 -55.82 -8.68 -7.29
N ALA N 277 -56.53 -9.33 -6.37
CA ALA N 277 -56.29 -9.11 -4.95
C ALA N 277 -54.89 -9.54 -4.56
N ALA N 278 -54.53 -10.77 -4.91
CA ALA N 278 -53.22 -11.27 -4.54
C ALA N 278 -52.11 -10.68 -5.37
N GLU N 279 -52.44 -10.00 -6.48
CA GLU N 279 -51.42 -9.44 -7.36
C GLU N 279 -52.02 -8.27 -8.12
N PRO N 280 -52.29 -7.16 -7.42
CA PRO N 280 -52.81 -5.98 -8.11
C PRO N 280 -51.80 -5.35 -9.03
N GLU N 281 -50.52 -5.61 -8.83
CA GLU N 281 -49.47 -5.13 -9.71
C GLU N 281 -49.43 -5.85 -11.05
N HIS N 282 -50.25 -6.89 -11.23
CA HIS N 282 -50.21 -7.73 -12.42
C HIS N 282 -50.28 -6.90 -13.70
N ASP N 283 -51.32 -6.09 -13.83
CA ASP N 283 -51.51 -5.31 -15.04
C ASP N 283 -50.42 -4.29 -15.27
N HIS N 284 -49.77 -3.82 -14.22
CA HIS N 284 -48.63 -2.90 -14.34
C HIS N 284 -47.31 -3.63 -14.38
N ARG N 285 -47.27 -4.87 -13.92
CA ARG N 285 -46.08 -5.69 -14.00
C ARG N 285 -45.62 -5.81 -15.45
N LYS N 286 -46.53 -6.25 -16.32
CA LYS N 286 -46.14 -6.65 -17.67
C LYS N 286 -45.73 -5.47 -18.52
N ARG N 287 -46.35 -4.30 -18.32
CA ARG N 287 -45.97 -3.11 -19.06
C ARG N 287 -44.49 -2.80 -18.88
N MET N 288 -44.01 -2.93 -17.65
CA MET N 288 -42.57 -2.83 -17.44
C MET N 288 -41.86 -4.01 -18.07
N GLY N 289 -42.49 -5.19 -18.05
CA GLY N 289 -41.93 -6.34 -18.74
C GLY N 289 -41.81 -6.11 -20.22
N LEU N 290 -42.70 -5.29 -20.78
CA LEU N 290 -42.62 -4.96 -22.19
C LEU N 290 -41.53 -3.94 -22.43
N LYS N 291 -41.49 -2.89 -21.61
CA LYS N 291 -40.48 -1.86 -21.77
C LYS N 291 -39.09 -2.47 -21.63
N MET N 292 -38.95 -3.48 -20.78
CA MET N 292 -37.64 -4.04 -20.54
C MET N 292 -37.11 -4.74 -21.78
N LEU N 293 -37.88 -5.69 -22.30
CA LEU N 293 -37.38 -6.53 -23.39
C LEU N 293 -37.07 -5.73 -24.63
N LEU N 294 -37.74 -4.60 -24.82
CA LEU N 294 -37.42 -3.75 -25.95
C LEU N 294 -36.10 -3.03 -25.72
N MET N 295 -35.87 -2.56 -24.49
CA MET N 295 -34.58 -1.95 -24.17
C MET N 295 -33.49 -2.99 -24.16
N MET N 296 -33.73 -4.10 -23.47
CA MET N 296 -32.73 -5.15 -23.38
C MET N 296 -32.51 -5.81 -24.73
N GLY N 297 -33.49 -5.74 -25.62
CA GLY N 297 -33.27 -6.15 -26.98
C GLY N 297 -32.27 -5.26 -27.72
N LEU N 298 -32.07 -4.05 -27.23
CA LEU N 298 -31.16 -3.09 -27.83
C LEU N 298 -29.82 -3.03 -27.12
N LEU N 299 -29.83 -2.92 -25.80
CA LEU N 299 -28.58 -2.71 -25.08
C LEU N 299 -27.67 -3.92 -25.15
N LEU N 300 -28.24 -5.12 -25.13
CA LEU N 300 -27.42 -6.32 -25.18
C LEU N 300 -26.57 -6.41 -26.43
N PRO N 301 -27.10 -6.24 -27.65
CA PRO N 301 -26.22 -6.25 -28.81
C PRO N 301 -25.28 -5.08 -28.87
N LEU N 302 -25.73 -3.89 -28.48
CA LEU N 302 -24.87 -2.72 -28.56
C LEU N 302 -23.68 -2.85 -27.63
N VAL N 303 -23.91 -3.22 -26.37
CA VAL N 303 -22.83 -3.47 -25.45
C VAL N 303 -21.95 -4.59 -25.98
N TYR N 304 -22.56 -5.62 -26.55
CA TYR N 304 -21.82 -6.72 -27.14
C TYR N 304 -20.98 -6.27 -28.31
N ALA N 305 -21.27 -5.11 -28.89
CA ALA N 305 -20.44 -4.57 -29.94
C ALA N 305 -19.23 -3.85 -29.36
N MET N 306 -19.48 -2.97 -28.37
CA MET N 306 -18.38 -2.27 -27.73
C MET N 306 -17.39 -3.24 -27.12
N LYS N 307 -17.89 -4.36 -26.61
CA LYS N 307 -16.99 -5.41 -26.14
C LYS N 307 -16.13 -5.90 -27.29
N ARG N 308 -16.75 -6.43 -28.31
CA ARG N 308 -16.02 -6.92 -29.46
C ARG N 308 -15.54 -5.80 -30.35
N HIS N 309 -15.65 -4.56 -29.90
CA HIS N 309 -14.90 -3.44 -30.43
C HIS N 309 -13.58 -3.27 -29.70
N LYS N 310 -13.61 -3.31 -28.37
CA LYS N 310 -12.40 -3.09 -27.60
C LYS N 310 -11.53 -4.35 -27.56
N TRP N 311 -12.15 -5.51 -27.37
CA TRP N 311 -11.42 -6.76 -27.46
C TRP N 311 -10.95 -7.06 -28.87
N SER N 312 -11.44 -6.33 -29.86
CA SER N 312 -11.09 -6.60 -31.25
C SER N 312 -9.60 -6.50 -31.48
N VAL N 313 -8.92 -5.68 -30.70
CA VAL N 313 -7.46 -5.58 -30.81
C VAL N 313 -6.84 -6.94 -30.54
N LEU N 314 -7.39 -7.67 -29.60
CA LEU N 314 -6.78 -8.89 -29.11
C LEU N 314 -7.24 -10.10 -29.89
N LYS N 315 -8.47 -10.09 -30.38
CA LYS N 315 -8.92 -11.18 -31.23
C LYS N 315 -8.21 -11.16 -32.58
N SER N 316 -7.56 -10.06 -32.94
CA SER N 316 -6.92 -9.89 -34.22
C SER N 316 -5.42 -9.75 -34.13
N ARG N 317 -4.85 -9.72 -32.93
CA ARG N 317 -3.41 -9.55 -32.86
C ARG N 317 -2.72 -10.82 -33.32
N LYS N 318 -1.40 -10.71 -33.49
CA LYS N 318 -0.59 -11.78 -34.02
C LYS N 318 0.72 -11.80 -33.27
N LEU N 319 1.47 -12.88 -33.44
CA LEU N 319 2.70 -13.08 -32.72
C LEU N 319 3.73 -13.77 -33.60
N ALA N 320 4.98 -13.67 -33.17
CA ALA N 320 6.09 -14.26 -33.89
C ALA N 320 7.26 -14.38 -32.92
N TYR N 321 8.28 -15.11 -33.36
CA TYR N 321 9.37 -15.50 -32.49
C TYR N 321 10.66 -15.43 -33.29
N ARG N 322 11.44 -14.38 -33.06
CA ARG N 322 12.62 -14.05 -33.85
C ARG N 322 13.85 -14.07 -32.96
N PRO N 323 14.34 -15.26 -32.61
CA PRO N 323 15.55 -15.36 -31.83
C PRO N 323 16.76 -15.10 -32.69
N PRO N 324 17.93 -14.86 -32.09
CA PRO N 324 19.14 -14.56 -32.85
C PRO N 324 19.70 -15.77 -33.58
N TRP O 13 -2.88 -52.03 -24.87
CA TRP O 13 -1.59 -51.93 -24.21
C TRP O 13 -1.39 -50.54 -23.65
N LEU O 14 -0.64 -50.45 -22.55
CA LEU O 14 -0.59 -49.23 -21.76
C LEU O 14 0.01 -48.08 -22.55
N GLU O 15 1.02 -48.35 -23.37
CA GLU O 15 1.61 -47.32 -24.21
C GLU O 15 0.56 -46.69 -25.11
N GLY O 16 -0.26 -47.52 -25.75
CA GLY O 16 -1.36 -47.00 -26.53
C GLY O 16 -2.33 -46.22 -25.68
N ILE O 17 -2.46 -46.59 -24.41
CA ILE O 17 -3.39 -45.90 -23.52
C ILE O 17 -2.79 -44.55 -23.10
N ARG O 18 -1.50 -44.53 -22.77
CA ARG O 18 -0.83 -43.27 -22.51
C ARG O 18 -0.98 -42.32 -23.69
N LYS O 19 -0.89 -42.86 -24.90
CA LYS O 19 -0.96 -42.01 -26.08
C LYS O 19 -2.35 -41.42 -26.23
N TRP O 20 -3.39 -42.23 -26.02
CA TRP O 20 -4.75 -41.75 -26.20
C TRP O 20 -5.07 -40.68 -25.18
N TYR O 21 -4.66 -40.88 -23.93
CA TYR O 21 -4.88 -39.89 -22.89
C TYR O 21 -4.23 -38.57 -23.25
N TYR O 22 -3.06 -38.62 -23.87
CA TYR O 22 -2.36 -37.40 -24.26
C TYR O 22 -3.18 -36.59 -25.24
N ASN O 23 -3.67 -37.24 -26.29
CA ASN O 23 -4.52 -36.56 -27.24
C ASN O 23 -5.84 -36.15 -26.63
N ALA O 24 -6.32 -36.92 -25.65
CA ALA O 24 -7.57 -36.57 -24.98
C ALA O 24 -7.42 -35.30 -24.16
N ALA O 25 -6.26 -35.11 -23.55
CA ALA O 25 -6.03 -33.93 -22.73
C ALA O 25 -6.14 -32.67 -23.57
N GLY O 26 -5.37 -32.62 -24.65
CA GLY O 26 -5.51 -31.58 -25.64
C GLY O 26 -4.52 -30.45 -25.55
N PHE O 27 -3.55 -30.51 -24.66
CA PHE O 27 -2.55 -29.44 -24.66
C PHE O 27 -1.57 -29.58 -25.82
N ASN O 28 -1.63 -30.68 -26.57
CA ASN O 28 -1.02 -30.70 -27.90
C ASN O 28 -1.78 -29.83 -28.88
N LYS O 29 -3.10 -29.71 -28.71
CA LYS O 29 -3.87 -28.92 -29.65
C LYS O 29 -3.56 -27.44 -29.53
N LEU O 30 -2.93 -27.02 -28.44
CA LEU O 30 -2.42 -25.66 -28.28
C LEU O 30 -0.91 -25.61 -28.43
N GLY O 31 -0.31 -26.64 -29.01
CA GLY O 31 1.11 -26.59 -29.31
C GLY O 31 2.01 -26.67 -28.12
N LEU O 32 1.47 -26.92 -26.93
CA LEU O 32 2.27 -26.98 -25.73
C LEU O 32 2.91 -28.35 -25.57
N MET O 33 3.97 -28.38 -24.77
CA MET O 33 4.56 -29.60 -24.29
C MET O 33 4.05 -29.88 -22.88
N ARG O 34 4.49 -31.00 -22.33
CA ARG O 34 4.03 -31.37 -21.00
C ARG O 34 4.53 -30.39 -19.96
N ASP O 35 5.85 -30.24 -19.88
CA ASP O 35 6.46 -29.44 -18.82
C ASP O 35 6.04 -27.99 -18.86
N ASP O 36 5.44 -27.52 -19.95
CA ASP O 36 4.92 -26.17 -19.99
C ASP O 36 3.74 -25.98 -19.04
N THR O 37 3.11 -27.06 -18.60
CA THR O 37 1.84 -27.01 -17.89
C THR O 37 1.96 -27.18 -16.39
N ILE O 38 3.13 -27.57 -15.89
CA ILE O 38 3.23 -28.03 -14.51
C ILE O 38 2.90 -26.88 -13.57
N HIS O 39 2.34 -27.24 -12.41
CA HIS O 39 1.92 -26.24 -11.45
C HIS O 39 3.10 -25.42 -10.99
N GLU O 40 2.99 -24.12 -11.16
CA GLU O 40 3.95 -23.17 -10.62
C GLU O 40 4.15 -23.43 -9.13
N ASN O 41 5.40 -23.68 -8.75
CA ASN O 41 5.70 -24.11 -7.40
C ASN O 41 7.15 -23.79 -7.10
N ASP O 42 7.47 -23.77 -5.81
CA ASP O 42 8.80 -23.37 -5.36
C ASP O 42 9.87 -24.26 -5.96
N ASP O 43 9.67 -25.57 -5.89
CA ASP O 43 10.62 -26.50 -6.49
C ASP O 43 10.69 -26.32 -8.00
N VAL O 44 9.65 -25.77 -8.60
CA VAL O 44 9.60 -25.63 -10.04
C VAL O 44 10.30 -24.36 -10.48
N LYS O 45 9.97 -23.23 -9.84
CA LYS O 45 10.56 -21.95 -10.21
C LYS O 45 12.08 -22.01 -10.14
N GLU O 46 12.59 -22.62 -9.08
CA GLU O 46 14.01 -22.93 -8.99
C GLU O 46 14.48 -23.63 -10.26
N ALA O 47 13.73 -24.63 -10.70
CA ALA O 47 14.14 -25.37 -11.90
C ALA O 47 14.03 -24.50 -13.13
N ILE O 48 13.01 -23.66 -13.20
CA ILE O 48 12.85 -22.80 -14.36
C ILE O 48 13.98 -21.80 -14.44
N ARG O 49 14.33 -21.22 -13.29
CA ARG O 49 15.40 -20.24 -13.23
C ARG O 49 16.70 -20.79 -13.77
N ARG O 50 16.92 -22.09 -13.62
CA ARG O 50 18.14 -22.73 -14.08
C ARG O 50 18.13 -23.06 -15.55
N LEU O 51 17.01 -22.85 -16.24
CA LEU O 51 16.97 -23.17 -17.65
C LEU O 51 17.91 -22.26 -18.43
N PRO O 52 18.33 -22.67 -19.61
CA PRO O 52 19.07 -21.76 -20.48
C PRO O 52 18.13 -20.81 -21.19
N GLU O 53 18.71 -19.80 -21.82
CA GLU O 53 17.90 -18.76 -22.44
C GLU O 53 17.17 -19.28 -23.66
N ASN O 54 17.81 -20.15 -24.45
CA ASN O 54 17.18 -20.68 -25.64
C ASN O 54 15.94 -21.48 -25.28
N LEU O 55 16.11 -22.45 -24.41
CA LEU O 55 15.01 -23.31 -24.00
C LEU O 55 13.95 -22.53 -23.26
N TYR O 56 14.36 -21.58 -22.43
CA TYR O 56 13.41 -20.77 -21.69
C TYR O 56 12.58 -19.90 -22.62
N ASP O 57 13.27 -19.12 -23.46
CA ASP O 57 12.58 -18.21 -24.37
C ASP O 57 11.67 -18.96 -25.33
N ASP O 58 11.88 -20.27 -25.50
CA ASP O 58 10.93 -21.08 -26.25
C ASP O 58 9.71 -21.40 -25.40
N ARG O 59 9.93 -21.66 -24.11
CA ARG O 59 8.81 -21.97 -23.23
C ARG O 59 7.84 -20.82 -23.17
N VAL O 60 8.37 -19.60 -23.13
CA VAL O 60 7.52 -18.43 -23.01
C VAL O 60 6.63 -18.29 -24.23
N PHE O 61 7.16 -18.63 -25.40
CA PHE O 61 6.38 -18.46 -26.62
C PHE O 61 5.34 -19.55 -26.75
N ARG O 62 5.68 -20.78 -26.37
CA ARG O 62 4.70 -21.86 -26.39
C ARG O 62 3.52 -21.52 -25.51
N ILE O 63 3.77 -20.79 -24.43
CA ILE O 63 2.70 -20.40 -23.52
C ILE O 63 1.93 -19.24 -24.10
N LYS O 64 2.64 -18.16 -24.44
CA LYS O 64 1.97 -16.93 -24.84
C LYS O 64 1.19 -17.14 -26.12
N ARG O 65 1.61 -18.07 -26.96
CA ARG O 65 0.81 -18.44 -28.11
C ARG O 65 -0.46 -19.12 -27.67
N ALA O 66 -0.34 -20.07 -26.74
CA ALA O 66 -1.49 -20.83 -26.30
C ALA O 66 -2.55 -19.96 -25.67
N LEU O 67 -2.12 -19.02 -24.82
CA LEU O 67 -3.07 -18.10 -24.22
C LEU O 67 -3.77 -17.28 -25.27
N ASP O 68 -3.04 -16.89 -26.32
CA ASP O 68 -3.67 -16.15 -27.41
C ASP O 68 -4.68 -16.99 -28.15
N LEU O 69 -4.58 -18.31 -28.04
CA LEU O 69 -5.56 -19.18 -28.66
C LEU O 69 -6.80 -19.31 -27.80
N SER O 70 -6.60 -19.57 -26.50
CA SER O 70 -7.73 -19.79 -25.62
C SER O 70 -8.57 -18.53 -25.47
N MET O 71 -7.94 -17.37 -25.61
CA MET O 71 -8.69 -16.13 -25.68
C MET O 71 -9.65 -16.16 -26.86
N ARG O 72 -9.15 -16.48 -28.03
CA ARG O 72 -9.96 -16.61 -29.21
C ARG O 72 -10.77 -17.90 -29.23
N GLN O 73 -10.57 -18.78 -28.26
CA GLN O 73 -11.21 -20.10 -28.22
C GLN O 73 -11.00 -20.84 -29.53
N GLN O 74 -9.74 -20.89 -29.95
CA GLN O 74 -9.34 -21.58 -31.16
C GLN O 74 -8.17 -22.48 -30.84
N ILE O 75 -7.74 -23.22 -31.85
CA ILE O 75 -6.63 -24.14 -31.75
C ILE O 75 -5.82 -24.06 -33.05
N LEU O 76 -4.81 -24.88 -33.13
CA LEU O 76 -3.95 -24.93 -34.30
C LEU O 76 -4.33 -26.09 -35.19
N PRO O 77 -3.86 -26.11 -36.44
CA PRO O 77 -4.08 -27.28 -37.27
C PRO O 77 -3.33 -28.48 -36.74
N LYS O 78 -3.76 -29.66 -37.23
CA LYS O 78 -3.15 -30.91 -36.79
C LYS O 78 -1.66 -30.96 -37.10
N GLU O 79 -1.22 -30.20 -38.09
CA GLU O 79 0.17 -30.25 -38.51
C GLU O 79 1.11 -29.67 -37.46
N GLN O 80 0.60 -28.79 -36.59
CA GLN O 80 1.40 -28.13 -35.58
C GLN O 80 1.19 -28.69 -34.20
N TRP O 81 0.26 -29.62 -34.02
CA TRP O 81 0.01 -30.17 -32.71
C TRP O 81 1.22 -30.95 -32.23
N THR O 82 1.38 -31.00 -30.91
CA THR O 82 2.50 -31.70 -30.32
C THR O 82 2.26 -33.20 -30.40
N LYS O 83 3.27 -33.94 -30.86
CA LYS O 83 3.18 -35.37 -30.98
C LYS O 83 3.66 -36.05 -29.71
N TYR O 84 3.03 -37.19 -29.40
CA TYR O 84 3.30 -37.89 -28.15
C TYR O 84 4.76 -38.29 -28.06
N GLU O 85 5.27 -38.93 -29.11
CA GLU O 85 6.67 -39.32 -29.12
C GLU O 85 7.60 -38.13 -29.09
N GLU O 86 7.15 -36.96 -29.53
CA GLU O 86 7.94 -35.74 -29.51
C GLU O 86 7.75 -34.91 -28.24
N ASP O 87 7.05 -35.45 -27.25
CA ASP O 87 6.84 -34.72 -26.01
C ASP O 87 8.13 -34.64 -25.23
N LYS O 88 8.85 -33.55 -25.40
CA LYS O 88 10.15 -33.42 -24.75
C LYS O 88 9.98 -33.12 -23.27
N SER O 89 10.76 -33.84 -22.46
CA SER O 89 10.76 -33.63 -21.01
C SER O 89 11.93 -32.74 -20.63
N TYR O 90 11.89 -31.52 -21.15
CA TYR O 90 13.04 -30.64 -21.04
C TYR O 90 13.30 -30.17 -19.62
N LEU O 91 12.31 -30.28 -18.73
CA LEU O 91 12.40 -29.68 -17.41
C LEU O 91 12.70 -30.69 -16.32
N GLU O 92 12.27 -31.94 -16.51
CA GLU O 92 12.49 -32.96 -15.50
C GLU O 92 13.95 -33.19 -15.13
N PRO O 93 14.92 -33.17 -16.05
CA PRO O 93 16.32 -33.34 -15.63
C PRO O 93 16.78 -32.33 -14.62
N TYR O 94 16.30 -31.09 -14.74
CA TYR O 94 16.64 -30.04 -13.80
C TYR O 94 15.77 -30.09 -12.56
N LEU O 95 14.52 -30.56 -12.70
CA LEU O 95 13.61 -30.56 -11.56
C LEU O 95 13.95 -31.68 -10.59
N LYS O 96 14.19 -32.88 -11.10
CA LYS O 96 14.56 -33.99 -10.24
C LYS O 96 15.83 -33.68 -9.46
N GLU O 97 16.68 -32.82 -10.00
CA GLU O 97 17.85 -32.36 -9.28
C GLU O 97 17.43 -31.53 -8.08
N VAL O 98 16.49 -30.63 -8.26
CA VAL O 98 16.11 -29.70 -7.20
C VAL O 98 15.46 -30.46 -6.06
N ILE O 99 14.59 -31.40 -6.39
CA ILE O 99 13.88 -32.14 -5.34
C ILE O 99 14.86 -32.98 -4.54
N ARG O 100 15.92 -33.45 -5.20
CA ARG O 100 16.98 -34.15 -4.49
C ARG O 100 17.65 -33.21 -3.50
N GLU O 101 17.89 -31.96 -3.90
CA GLU O 101 18.49 -31.00 -2.99
C GLU O 101 17.59 -30.72 -1.80
N ARG O 102 16.28 -30.75 -2.02
CA ARG O 102 15.35 -30.45 -0.92
C ARG O 102 15.38 -31.53 0.12
N LYS O 103 15.40 -32.79 -0.31
CA LYS O 103 15.38 -33.89 0.64
C LYS O 103 16.65 -33.95 1.45
N GLU O 104 17.77 -33.47 0.91
CA GLU O 104 18.99 -33.38 1.69
C GLU O 104 18.85 -32.33 2.78
N ARG O 105 18.23 -31.19 2.44
CA ARG O 105 18.02 -30.15 3.44
C ARG O 105 17.13 -30.66 4.56
N GLU O 106 16.11 -31.42 4.21
CA GLU O 106 15.24 -32.00 5.23
C GLU O 106 15.97 -33.07 6.01
N GLU O 107 16.67 -33.95 5.30
CA GLU O 107 17.36 -35.04 5.98
C GLU O 107 18.48 -34.51 6.85
N TRP O 108 19.09 -33.40 6.45
CA TRP O 108 20.17 -32.85 7.24
C TRP O 108 19.67 -32.30 8.56
N ALA O 109 18.48 -31.72 8.56
CA ALA O 109 17.89 -31.25 9.80
C ALA O 109 17.57 -32.40 10.75
N LYS O 110 17.31 -33.58 10.20
CA LYS O 110 16.97 -34.75 10.99
C LYS O 110 18.19 -35.66 11.16
N ARG P 3 1.17 -5.68 -7.26
CA ARG P 3 2.08 -5.80 -8.38
C ARG P 3 1.69 -4.84 -9.50
N GLN P 4 2.55 -4.71 -10.50
CA GLN P 4 2.34 -3.76 -11.58
C GLN P 4 3.05 -4.27 -12.83
N PHE P 5 2.76 -3.61 -13.94
CA PHE P 5 3.46 -3.89 -15.18
C PHE P 5 4.92 -3.46 -15.03
N GLY P 6 5.77 -4.05 -15.85
CA GLY P 6 7.13 -3.58 -16.02
C GLY P 6 8.20 -4.58 -15.64
N HIS P 7 7.98 -5.31 -14.56
CA HIS P 7 8.97 -6.25 -14.05
C HIS P 7 8.32 -7.53 -13.58
N LEU P 8 7.19 -7.90 -14.16
CA LEU P 8 6.49 -9.10 -13.71
C LEU P 8 7.27 -10.35 -14.02
N THR P 9 7.86 -10.40 -15.20
CA THR P 9 8.72 -11.51 -15.59
C THR P 9 9.65 -11.01 -16.68
N ARG P 10 10.29 -11.94 -17.36
CA ARG P 10 11.30 -11.63 -18.36
C ARG P 10 10.92 -12.32 -19.66
N VAL P 11 10.95 -11.56 -20.74
CA VAL P 11 10.56 -12.04 -22.06
C VAL P 11 11.53 -11.46 -23.07
N ARG P 12 11.85 -12.25 -24.08
CA ARG P 12 12.85 -11.86 -25.05
C ARG P 12 12.52 -12.45 -26.41
N HIS P 13 12.76 -11.64 -27.44
CA HIS P 13 12.59 -12.07 -28.82
C HIS P 13 11.16 -12.54 -29.05
N VAL P 14 10.23 -11.66 -28.76
CA VAL P 14 8.81 -11.89 -28.96
C VAL P 14 8.21 -10.63 -29.55
N ILE P 15 7.32 -10.81 -30.50
CA ILE P 15 6.76 -9.71 -31.27
C ILE P 15 5.24 -9.79 -31.22
N THR P 16 4.61 -8.63 -31.18
CA THR P 16 3.17 -8.50 -31.22
C THR P 16 2.80 -7.48 -32.27
N TYR P 17 1.79 -7.81 -33.06
CA TYR P 17 1.22 -6.91 -34.06
C TYR P 17 -0.24 -6.70 -33.71
N SER P 18 -0.71 -5.47 -33.89
CA SER P 18 -2.12 -5.22 -33.63
C SER P 18 -2.59 -4.01 -34.39
N LEU P 19 -3.90 -3.97 -34.62
CA LEU P 19 -4.57 -2.93 -35.37
C LEU P 19 -5.38 -2.04 -34.44
N SER P 20 -5.89 -1.00 -35.01
CA SER P 20 -6.80 -0.11 -34.35
C SER P 20 -8.23 -0.59 -34.55
N PRO P 21 -9.05 -0.64 -33.50
CA PRO P 21 -10.38 -1.21 -33.65
C PRO P 21 -11.25 -0.44 -34.60
N PHE P 22 -10.98 0.86 -34.78
CA PHE P 22 -11.68 1.64 -35.77
C PHE P 22 -11.32 1.25 -37.18
N GLU P 23 -10.32 0.41 -37.38
CA GLU P 23 -9.85 0.01 -38.69
C GLU P 23 -10.14 -1.44 -39.02
N GLN P 24 -10.92 -2.14 -38.20
CA GLN P 24 -11.25 -3.53 -38.46
C GLN P 24 -12.68 -3.79 -38.01
N ARG P 25 -13.31 -4.76 -38.67
CA ARG P 25 -14.66 -5.14 -38.32
C ARG P 25 -14.67 -5.78 -36.94
N ALA P 26 -15.77 -5.56 -36.23
CA ALA P 26 -15.98 -6.20 -34.95
C ALA P 26 -16.60 -7.58 -35.09
N PHE P 27 -17.31 -7.84 -36.19
CA PHE P 27 -17.92 -9.14 -36.48
C PHE P 27 -17.36 -9.69 -37.78
N PRO P 28 -16.10 -10.15 -37.79
CA PRO P 28 -15.54 -10.79 -38.99
C PRO P 28 -15.82 -12.28 -38.95
N HIS P 29 -16.45 -12.79 -40.02
CA HIS P 29 -16.73 -14.22 -40.14
C HIS P 29 -17.49 -14.74 -38.94
N TYR P 30 -18.40 -13.91 -38.44
CA TYR P 30 -19.11 -14.24 -37.21
C TYR P 30 -19.91 -15.51 -37.36
N PHE P 31 -20.63 -15.64 -38.47
CA PHE P 31 -21.31 -16.88 -38.83
C PHE P 31 -20.45 -17.78 -39.69
N SER P 32 -19.62 -17.19 -40.54
CA SER P 32 -18.89 -17.97 -41.54
C SER P 32 -17.92 -18.92 -40.88
N LYS P 33 -17.19 -18.44 -39.86
CA LYS P 33 -16.18 -19.22 -39.18
C LYS P 33 -16.50 -19.52 -37.73
N GLY P 34 -17.27 -18.67 -37.06
CA GLY P 34 -17.51 -18.85 -35.64
C GLY P 34 -18.29 -20.12 -35.36
N ILE P 35 -19.27 -20.42 -36.21
CA ILE P 35 -20.23 -21.49 -35.99
C ILE P 35 -19.53 -22.84 -35.87
N PRO P 36 -18.74 -23.28 -36.84
CA PRO P 36 -18.09 -24.59 -36.69
C PRO P 36 -17.13 -24.66 -35.52
N ASN P 37 -16.55 -23.52 -35.13
CA ASN P 37 -15.73 -23.50 -33.92
C ASN P 37 -16.55 -23.91 -32.71
N VAL P 38 -17.81 -23.47 -32.67
CA VAL P 38 -18.68 -23.84 -31.57
C VAL P 38 -18.91 -25.34 -31.55
N LEU P 39 -19.29 -25.88 -32.71
CA LEU P 39 -19.50 -27.32 -32.81
C LEU P 39 -18.22 -28.07 -32.51
N ARG P 40 -17.09 -27.52 -32.95
CA ARG P 40 -15.80 -28.09 -32.58
C ARG P 40 -15.57 -27.95 -31.08
N ARG P 41 -15.90 -26.79 -30.53
CA ARG P 41 -15.80 -26.60 -29.10
C ARG P 41 -16.81 -27.48 -28.38
N THR P 42 -17.88 -27.88 -29.07
CA THR P 42 -18.92 -28.69 -28.44
C THR P 42 -18.51 -30.15 -28.37
N ARG P 43 -18.21 -30.75 -29.52
CA ARG P 43 -17.84 -32.16 -29.56
C ARG P 43 -16.61 -32.44 -28.72
N ALA P 44 -15.73 -31.45 -28.57
CA ALA P 44 -14.52 -31.64 -27.79
C ALA P 44 -14.78 -31.95 -26.34
N CYS P 45 -15.97 -31.60 -25.83
CA CYS P 45 -16.26 -31.68 -24.40
C CYS P 45 -17.58 -32.34 -24.07
N ILE P 46 -18.50 -32.47 -25.02
CA ILE P 46 -19.89 -32.76 -24.68
C ILE P 46 -20.04 -34.15 -24.07
N LEU P 47 -19.22 -35.10 -24.49
CA LEU P 47 -19.34 -36.44 -23.94
C LEU P 47 -18.95 -36.51 -22.47
N ARG P 48 -18.29 -35.48 -21.95
CA ARG P 48 -17.90 -35.43 -20.56
C ARG P 48 -18.88 -34.66 -19.71
N VAL P 49 -19.73 -33.85 -20.33
CA VAL P 49 -20.73 -33.07 -19.61
C VAL P 49 -22.07 -33.76 -19.63
N ALA P 50 -22.39 -34.38 -20.77
CA ALA P 50 -23.72 -34.96 -20.96
C ALA P 50 -24.05 -36.07 -19.97
N PRO P 51 -23.29 -37.17 -19.90
CA PRO P 51 -23.81 -38.42 -19.38
C PRO P 51 -24.30 -38.37 -17.95
N PRO P 52 -23.69 -37.62 -17.03
CA PRO P 52 -24.29 -37.56 -15.69
C PRO P 52 -25.62 -36.85 -15.70
N PHE P 53 -25.77 -35.82 -16.53
CA PHE P 53 -27.05 -35.16 -16.65
C PHE P 53 -28.03 -36.00 -17.44
N VAL P 54 -27.54 -36.76 -18.42
CA VAL P 54 -28.38 -37.77 -19.05
C VAL P 54 -28.85 -38.78 -18.02
N ALA P 55 -27.94 -39.22 -17.15
CA ALA P 55 -28.30 -40.14 -16.10
C ALA P 55 -29.29 -39.51 -15.14
N PHE P 56 -29.19 -38.20 -14.94
CA PHE P 56 -30.09 -37.51 -14.03
C PHE P 56 -31.53 -37.58 -14.53
N TYR P 57 -31.72 -37.28 -15.82
CA TYR P 57 -33.06 -37.26 -16.38
C TYR P 57 -33.76 -38.59 -16.24
N LEU P 58 -33.01 -39.68 -16.23
CA LEU P 58 -33.61 -41.00 -16.10
C LEU P 58 -34.05 -41.27 -14.67
N VAL P 59 -33.13 -41.07 -13.72
CA VAL P 59 -33.47 -41.25 -12.32
C VAL P 59 -34.54 -40.25 -11.89
N TYR P 60 -34.62 -39.12 -12.59
CA TYR P 60 -35.70 -38.17 -12.33
C TYR P 60 -37.05 -38.79 -12.70
N THR P 61 -37.13 -39.38 -13.89
CA THR P 61 -38.40 -39.96 -14.33
C THR P 61 -38.70 -41.25 -13.60
N TRP P 62 -37.73 -42.16 -13.57
CA TRP P 62 -37.94 -43.46 -12.94
C TRP P 62 -38.29 -43.30 -11.47
N GLY P 63 -37.56 -42.43 -10.78
CA GLY P 63 -37.92 -42.11 -9.41
C GLY P 63 -39.27 -41.46 -9.32
N THR P 64 -39.62 -40.65 -10.32
CA THR P 64 -40.91 -39.99 -10.31
C THR P 64 -42.04 -40.98 -10.51
N GLN P 65 -41.90 -41.86 -11.50
CA GLN P 65 -42.96 -42.83 -11.77
C GLN P 65 -43.10 -43.81 -10.63
N GLU P 66 -41.98 -44.37 -10.17
CA GLU P 66 -42.02 -45.28 -9.02
C GLU P 66 -42.58 -44.59 -7.80
N PHE P 67 -42.31 -43.29 -7.65
CA PHE P 67 -42.91 -42.54 -6.56
C PHE P 67 -44.42 -42.49 -6.71
N GLU P 68 -44.90 -42.27 -7.92
CA GLU P 68 -46.33 -42.26 -8.18
C GLU P 68 -46.94 -43.62 -7.86
N LYS P 69 -46.36 -44.69 -8.43
CA LYS P 69 -46.93 -46.02 -8.28
C LYS P 69 -47.01 -46.44 -6.83
N SER P 70 -46.09 -45.96 -6.00
CA SER P 70 -46.08 -46.32 -4.59
C SER P 70 -47.34 -45.85 -3.89
N LYS P 71 -47.93 -44.75 -4.36
CA LYS P 71 -49.03 -44.10 -3.67
C LYS P 71 -50.39 -44.55 -4.16
N ARG P 72 -50.46 -45.52 -5.07
CA ARG P 72 -51.72 -45.78 -5.77
C ARG P 72 -52.61 -46.79 -5.06
N LYS P 73 -52.18 -48.04 -5.01
CA LYS P 73 -52.99 -49.12 -4.43
C LYS P 73 -52.25 -50.45 -4.53
N ASN P 74 -52.85 -51.50 -3.99
CA ASN P 74 -52.39 -52.86 -4.24
C ASN P 74 -52.69 -53.26 -5.69
N LEU Q 26 -81.89 -21.96 -16.04
CA LEU Q 26 -80.66 -21.55 -16.71
C LEU Q 26 -79.77 -22.74 -16.99
N VAL Q 27 -78.93 -22.60 -18.02
CA VAL Q 27 -78.04 -23.65 -18.48
C VAL Q 27 -76.61 -23.29 -18.11
N ASP Q 28 -75.96 -24.15 -17.34
CA ASP Q 28 -74.53 -24.06 -17.19
C ASP Q 28 -73.86 -24.72 -18.38
N PRO Q 29 -73.12 -23.99 -19.22
CA PRO Q 29 -72.46 -24.66 -20.36
C PRO Q 29 -71.44 -25.68 -19.95
N LEU Q 30 -70.92 -25.59 -18.72
CA LEU Q 30 -69.97 -26.56 -18.20
C LEU Q 30 -70.51 -27.98 -18.31
N THR Q 31 -71.80 -28.16 -18.04
CA THR Q 31 -72.40 -29.49 -18.11
C THR Q 31 -72.33 -30.04 -19.53
N THR Q 32 -72.49 -29.16 -20.52
CA THR Q 32 -72.41 -29.59 -21.91
C THR Q 32 -70.99 -30.00 -22.26
N VAL Q 33 -70.00 -29.21 -21.83
CA VAL Q 33 -68.62 -29.48 -22.20
C VAL Q 33 -68.16 -30.79 -21.55
N ARG Q 34 -68.52 -31.00 -20.29
CA ARG Q 34 -68.23 -32.27 -19.65
C ARG Q 34 -68.89 -33.42 -20.39
N GLU Q 35 -70.15 -33.21 -20.79
CA GLU Q 35 -70.92 -34.26 -21.44
C GLU Q 35 -70.23 -34.74 -22.71
N GLN Q 36 -69.61 -33.82 -23.44
CA GLN Q 36 -68.88 -34.21 -24.64
C GLN Q 36 -67.56 -34.88 -24.29
N CYS Q 37 -66.84 -34.32 -23.31
CA CYS Q 37 -65.54 -34.87 -22.94
C CYS Q 37 -65.67 -36.25 -22.34
N GLU Q 38 -66.79 -36.54 -21.67
CA GLU Q 38 -67.01 -37.87 -21.12
C GLU Q 38 -67.03 -38.93 -22.21
N GLN Q 39 -67.40 -38.57 -23.44
CA GLN Q 39 -67.42 -39.52 -24.53
C GLN Q 39 -66.03 -39.89 -25.04
N LEU Q 40 -64.98 -39.24 -24.55
CA LEU Q 40 -63.65 -39.48 -25.08
C LEU Q 40 -63.07 -40.77 -24.51
N GLU Q 41 -62.10 -41.30 -25.25
CA GLU Q 41 -61.58 -42.64 -25.01
C GLU Q 41 -61.08 -42.82 -23.58
N LYS Q 42 -60.21 -41.90 -23.14
CA LYS Q 42 -59.65 -42.01 -21.80
C LYS Q 42 -60.74 -41.95 -20.74
N CYS Q 43 -61.73 -41.09 -20.95
CA CYS Q 43 -62.82 -40.97 -19.97
C CYS Q 43 -63.65 -42.24 -19.93
N VAL Q 44 -63.98 -42.79 -21.09
CA VAL Q 44 -64.77 -44.02 -21.15
C VAL Q 44 -64.03 -45.15 -20.46
N LYS Q 45 -62.72 -45.20 -20.64
CA LYS Q 45 -61.92 -46.27 -20.03
C LYS Q 45 -61.72 -46.03 -18.55
N ALA Q 46 -61.52 -44.78 -18.14
CA ALA Q 46 -61.48 -44.47 -16.73
C ALA Q 46 -62.86 -44.63 -16.11
N ARG Q 47 -63.91 -44.34 -16.88
CA ARG Q 47 -65.26 -44.63 -16.42
C ARG Q 47 -65.42 -46.12 -16.19
N GLU Q 48 -64.81 -46.94 -17.05
CA GLU Q 48 -64.97 -48.38 -16.97
C GLU Q 48 -64.49 -48.91 -15.63
N ARG Q 49 -63.22 -48.68 -15.31
CA ARG Q 49 -62.67 -49.15 -14.04
C ARG Q 49 -63.42 -48.56 -12.86
N LEU Q 50 -63.91 -47.33 -13.02
CA LEU Q 50 -64.70 -46.72 -11.96
C LEU Q 50 -65.99 -47.51 -11.75
N GLU Q 51 -66.60 -47.97 -12.83
CA GLU Q 51 -67.75 -48.84 -12.71
C GLU Q 51 -67.35 -50.19 -12.12
N LEU Q 52 -66.16 -50.68 -12.50
CA LEU Q 52 -65.75 -52.01 -12.08
C LEU Q 52 -65.39 -52.04 -10.61
N CYS Q 53 -64.64 -51.04 -10.14
CA CYS Q 53 -64.36 -50.96 -8.72
C CYS Q 53 -65.64 -50.76 -7.93
N ASP Q 54 -66.58 -50.00 -8.49
CA ASP Q 54 -67.86 -49.77 -7.83
C ASP Q 54 -68.59 -51.09 -7.60
N GLU Q 55 -68.63 -51.94 -8.62
CA GLU Q 55 -69.20 -53.27 -8.45
C GLU Q 55 -68.47 -54.06 -7.38
N ARG Q 56 -67.15 -53.89 -7.32
CA ARG Q 56 -66.34 -54.61 -6.33
C ARG Q 56 -66.73 -54.18 -4.91
N VAL Q 57 -66.55 -52.90 -4.60
CA VAL Q 57 -66.81 -52.44 -3.24
C VAL Q 57 -68.28 -52.56 -2.88
N SER Q 58 -69.16 -52.35 -3.85
CA SER Q 58 -70.58 -52.46 -3.57
C SER Q 58 -70.97 -53.89 -3.26
N SER Q 59 -70.53 -54.83 -4.10
CA SER Q 59 -70.82 -56.24 -3.87
C SER Q 59 -70.20 -56.73 -2.58
N ARG Q 60 -69.05 -56.18 -2.19
CA ARG Q 60 -68.36 -56.62 -0.99
C ARG Q 60 -68.93 -55.93 0.24
N SER Q 61 -68.41 -56.30 1.40
CA SER Q 61 -68.74 -55.66 2.66
C SER Q 61 -67.55 -55.82 3.59
N GLN Q 62 -67.48 -54.94 4.59
CA GLN Q 62 -66.43 -54.99 5.61
C GLN Q 62 -65.05 -54.85 4.98
N THR Q 63 -64.87 -53.77 4.22
CA THR Q 63 -63.62 -53.47 3.57
C THR Q 63 -63.37 -51.98 3.60
N GLU Q 64 -62.10 -51.61 3.50
CA GLU Q 64 -61.67 -50.23 3.50
C GLU Q 64 -61.45 -49.68 2.09
N GLU Q 65 -61.39 -50.54 1.09
CA GLU Q 65 -61.15 -50.10 -0.27
C GLU Q 65 -62.31 -49.24 -0.77
N ASP Q 66 -61.99 -48.35 -1.70
CA ASP Q 66 -62.98 -47.45 -2.28
C ASP Q 66 -62.59 -47.16 -3.72
N CYS Q 67 -63.39 -46.33 -4.38
CA CYS Q 67 -63.17 -45.92 -5.76
C CYS Q 67 -62.59 -44.52 -5.86
N THR Q 68 -61.83 -44.10 -4.85
CA THR Q 68 -61.22 -42.78 -4.85
C THR Q 68 -60.29 -42.60 -6.04
N GLU Q 69 -59.29 -43.47 -6.14
CA GLU Q 69 -58.30 -43.36 -7.20
C GLU Q 69 -58.94 -43.51 -8.57
N GLU Q 70 -59.85 -44.46 -8.71
CA GLU Q 70 -60.51 -44.67 -10.00
C GLU Q 70 -61.28 -43.44 -10.43
N LEU Q 71 -61.81 -42.70 -9.46
CA LEU Q 71 -62.55 -41.48 -9.77
C LEU Q 71 -61.61 -40.37 -10.23
N LEU Q 72 -60.52 -40.18 -9.52
CA LEU Q 72 -59.62 -39.08 -9.83
C LEU Q 72 -59.02 -39.24 -11.21
N ASP Q 73 -58.66 -40.47 -11.58
CA ASP Q 73 -58.13 -40.72 -12.91
C ASP Q 73 -59.15 -40.36 -13.97
N PHE Q 74 -60.43 -40.63 -13.70
CA PHE Q 74 -61.47 -40.20 -14.61
C PHE Q 74 -61.54 -38.68 -14.67
N LEU Q 75 -61.51 -38.04 -13.50
CA LEU Q 75 -61.70 -36.60 -13.47
C LEU Q 75 -60.48 -35.86 -13.98
N HIS Q 76 -59.28 -36.42 -13.76
CA HIS Q 76 -58.10 -35.83 -14.36
C HIS Q 76 -58.18 -35.85 -15.87
N ALA Q 77 -58.87 -36.84 -16.43
CA ALA Q 77 -59.01 -36.95 -17.87
C ALA Q 77 -60.10 -36.01 -18.38
N ARG Q 78 -61.26 -36.04 -17.73
CA ARG Q 78 -62.38 -35.22 -18.18
C ARG Q 78 -62.03 -33.75 -18.08
N ASP Q 79 -61.65 -33.31 -16.89
CA ASP Q 79 -61.38 -31.90 -16.66
C ASP Q 79 -60.24 -31.39 -17.51
N HIS Q 80 -59.30 -32.26 -17.88
CA HIS Q 80 -58.26 -31.87 -18.81
C HIS Q 80 -58.85 -31.56 -20.18
N CYS Q 81 -59.90 -32.28 -20.57
CA CYS Q 81 -60.59 -31.98 -21.81
C CYS Q 81 -61.44 -30.73 -21.69
N VAL Q 82 -62.07 -30.54 -20.53
CA VAL Q 82 -62.85 -29.34 -20.30
C VAL Q 82 -61.98 -28.11 -20.38
N ALA Q 83 -60.69 -28.26 -20.07
CA ALA Q 83 -59.77 -27.13 -20.08
C ALA Q 83 -59.69 -26.49 -21.46
N HIS Q 84 -59.68 -27.31 -22.51
CA HIS Q 84 -59.37 -26.81 -23.84
C HIS Q 84 -60.55 -26.12 -24.51
N LYS Q 85 -61.73 -26.10 -23.89
CA LYS Q 85 -62.95 -25.71 -24.59
C LYS Q 85 -63.83 -24.74 -23.83
N LEU Q 86 -63.75 -24.77 -22.49
CA LEU Q 86 -64.81 -24.19 -21.67
C LEU Q 86 -64.92 -22.69 -21.84
N PHE Q 87 -63.80 -21.98 -21.77
CA PHE Q 87 -63.83 -20.53 -21.81
C PHE Q 87 -64.27 -19.98 -23.16
N ASN Q 88 -64.38 -20.81 -24.19
CA ASN Q 88 -64.93 -20.35 -25.46
C ASN Q 88 -66.36 -19.85 -25.28
N SER Q 89 -67.12 -20.47 -24.37
CA SER Q 89 -68.49 -20.09 -24.13
C SER Q 89 -68.62 -18.90 -23.19
N LEU Q 90 -67.62 -18.65 -22.36
CA LEU Q 90 -67.66 -17.56 -21.39
C LEU Q 90 -66.89 -16.34 -21.88
N PRO R 4 -20.45 13.61 -48.39
CA PRO R 4 -20.15 12.38 -47.65
C PRO R 4 -21.39 11.78 -47.00
N THR R 5 -21.22 10.66 -46.30
CA THR R 5 -22.34 9.99 -45.68
C THR R 5 -22.86 10.80 -44.50
N LEU R 6 -23.94 10.31 -43.91
CA LEU R 6 -24.52 10.96 -42.75
C LEU R 6 -23.69 10.72 -41.50
N THR R 7 -23.20 9.49 -41.35
CA THR R 7 -22.39 9.13 -40.18
C THR R 7 -21.20 10.06 -40.03
N ALA R 8 -20.56 10.39 -41.15
CA ALA R 8 -19.41 11.29 -41.09
C ALA R 8 -19.82 12.70 -40.71
N ARG R 9 -20.99 13.13 -41.20
CA ARG R 9 -21.47 14.46 -40.83
C ARG R 9 -21.83 14.51 -39.35
N LEU R 10 -22.40 13.42 -38.83
CA LEU R 10 -22.75 13.39 -37.41
C LEU R 10 -21.52 13.51 -36.53
N TYR R 11 -20.45 12.82 -36.92
CA TYR R 11 -19.24 12.83 -36.10
C TYR R 11 -18.63 14.22 -36.07
N SER R 12 -18.60 14.88 -37.22
CA SER R 12 -17.90 16.15 -37.33
C SER R 12 -18.52 17.21 -36.44
N LEU R 13 -19.83 17.11 -36.19
CA LEU R 13 -20.57 18.12 -35.46
C LEU R 13 -20.82 17.74 -34.02
N LEU R 14 -21.03 16.45 -33.74
CA LEU R 14 -21.55 16.02 -32.45
C LEU R 14 -20.59 15.14 -31.68
N PHE R 15 -20.13 14.04 -32.26
CA PHE R 15 -19.30 13.09 -31.54
C PHE R 15 -17.84 13.51 -31.45
N ARG R 16 -17.47 14.65 -32.02
CA ARG R 16 -16.08 15.10 -31.94
C ARG R 16 -15.81 15.71 -30.57
N ARG R 17 -16.56 16.74 -30.21
CA ARG R 17 -16.41 17.40 -28.92
C ARG R 17 -17.23 16.65 -27.88
N THR R 18 -16.56 16.22 -26.81
CA THR R 18 -17.24 15.50 -25.75
C THR R 18 -18.27 16.35 -25.04
N SER R 19 -18.13 17.68 -25.09
CA SER R 19 -19.16 18.54 -24.54
C SER R 19 -20.43 18.44 -25.36
N THR R 20 -20.31 18.66 -26.68
CA THR R 20 -21.45 18.50 -27.56
C THR R 20 -22.01 17.09 -27.50
N PHE R 21 -21.11 16.11 -27.45
CA PHE R 21 -21.48 14.70 -27.38
C PHE R 21 -22.50 14.44 -26.29
N ALA R 22 -22.19 14.87 -25.07
CA ALA R 22 -23.05 14.58 -23.94
C ALA R 22 -24.43 15.20 -24.12
N LEU R 23 -24.49 16.41 -24.65
CA LEU R 23 -25.76 17.10 -24.81
C LEU R 23 -26.67 16.35 -25.77
N THR R 24 -26.09 15.67 -26.76
CA THR R 24 -26.88 14.81 -27.62
C THR R 24 -27.59 13.75 -26.81
N ILE R 25 -26.87 13.16 -25.87
CA ILE R 25 -27.36 11.99 -25.14
C ILE R 25 -28.54 12.39 -24.27
N VAL R 26 -28.46 13.55 -23.63
CA VAL R 26 -29.58 14.06 -22.85
C VAL R 26 -30.75 14.37 -23.78
N VAL R 27 -30.46 15.08 -24.87
CA VAL R 27 -31.50 15.41 -25.84
C VAL R 27 -32.13 14.14 -26.40
N GLY R 28 -31.29 13.15 -26.70
CA GLY R 28 -31.81 11.89 -27.19
C GLY R 28 -32.71 11.21 -26.17
N ALA R 29 -32.31 11.25 -24.90
CA ALA R 29 -33.07 10.59 -23.87
C ALA R 29 -34.47 11.16 -23.74
N LEU R 30 -34.58 12.48 -23.85
CA LEU R 30 -35.88 13.13 -23.70
C LEU R 30 -36.84 12.69 -24.80
N PHE R 31 -36.45 12.87 -26.06
CA PHE R 31 -37.30 12.42 -27.15
C PHE R 31 -37.42 10.91 -27.18
N PHE R 32 -36.40 10.20 -26.69
CA PHE R 32 -36.51 8.76 -26.60
C PHE R 32 -37.48 8.36 -25.50
N GLU R 33 -37.37 9.01 -24.34
CA GLU R 33 -38.26 8.73 -23.24
C GLU R 33 -39.72 8.95 -23.64
N ARG R 34 -39.96 9.98 -24.43
CA ARG R 34 -41.31 10.27 -24.90
C ARG R 34 -41.74 9.23 -25.92
N ALA R 35 -40.92 9.02 -26.94
CA ALA R 35 -41.33 8.18 -28.06
C ALA R 35 -41.50 6.73 -27.62
N PHE R 36 -40.60 6.25 -26.76
CA PHE R 36 -40.63 4.84 -26.40
C PHE R 36 -41.86 4.52 -25.57
N ASP R 37 -42.23 5.41 -24.66
CA ASP R 37 -43.36 5.15 -23.78
C ASP R 37 -44.66 5.14 -24.57
N GLN R 38 -44.80 6.04 -25.54
CA GLN R 38 -45.99 6.06 -26.37
C GLN R 38 -46.12 4.78 -27.17
N GLY R 39 -45.03 4.37 -27.81
CA GLY R 39 -45.09 3.17 -28.63
C GLY R 39 -45.30 1.92 -27.81
N ALA R 40 -44.68 1.86 -26.64
CA ALA R 40 -44.80 0.68 -25.80
C ALA R 40 -46.23 0.50 -25.30
N ASP R 41 -46.83 1.59 -24.81
CA ASP R 41 -48.18 1.53 -24.31
C ASP R 41 -49.15 1.11 -25.40
N ALA R 42 -48.93 1.61 -26.62
CA ALA R 42 -49.84 1.32 -27.72
C ALA R 42 -49.89 -0.17 -28.01
N ILE R 43 -48.74 -0.84 -27.88
CA ILE R 43 -48.69 -2.27 -28.13
C ILE R 43 -49.45 -3.01 -27.04
N TYR R 44 -49.16 -2.68 -25.79
CA TYR R 44 -49.80 -3.33 -24.66
C TYR R 44 -51.31 -3.16 -24.72
N GLU R 45 -51.76 -1.94 -24.98
CA GLU R 45 -53.19 -1.68 -25.10
C GLU R 45 -53.78 -2.45 -26.28
N HIS R 46 -53.06 -2.49 -27.39
CA HIS R 46 -53.55 -3.20 -28.57
C HIS R 46 -53.69 -4.69 -28.28
N ILE R 47 -52.77 -5.24 -27.49
CA ILE R 47 -52.89 -6.63 -27.10
C ILE R 47 -54.08 -6.80 -26.15
N ASN R 48 -54.14 -5.92 -25.15
CA ASN R 48 -55.16 -5.99 -24.11
C ASN R 48 -56.32 -5.04 -24.39
N GLU R 49 -56.65 -4.88 -25.66
CA GLU R 49 -57.73 -3.97 -26.05
C GLU R 49 -59.04 -4.40 -25.42
N GLY R 50 -59.77 -3.42 -24.90
CA GLY R 50 -61.05 -3.68 -24.30
C GLY R 50 -60.99 -4.37 -22.95
N LYS R 51 -59.81 -4.46 -22.34
CA LYS R 51 -59.64 -5.09 -21.04
C LYS R 51 -59.23 -4.11 -19.95
N LEU R 52 -58.71 -2.95 -20.31
CA LEU R 52 -58.24 -1.99 -19.33
C LEU R 52 -59.34 -1.05 -18.92
N TRP R 53 -59.08 -0.33 -17.82
CA TRP R 53 -60.08 0.52 -17.20
C TRP R 53 -60.56 1.59 -18.16
N LYS R 54 -59.64 2.36 -18.72
CA LYS R 54 -60.01 3.47 -19.59
C LYS R 54 -60.72 3.00 -20.83
N HIS R 55 -60.39 1.81 -21.33
CA HIS R 55 -61.09 1.26 -22.48
C HIS R 55 -62.56 1.01 -22.19
N ILE R 56 -62.90 0.82 -20.92
CA ILE R 56 -64.29 0.63 -20.49
C ILE R 56 -64.80 1.77 -19.62
N LYS R 57 -63.96 2.73 -19.26
CA LYS R 57 -64.33 3.72 -18.25
C LYS R 57 -65.49 4.58 -18.73
N HIS R 58 -65.61 4.78 -20.04
CA HIS R 58 -66.63 5.67 -20.59
C HIS R 58 -68.03 5.24 -20.20
N LYS R 59 -68.23 3.94 -19.99
CA LYS R 59 -69.56 3.43 -19.66
C LYS R 59 -70.05 3.92 -18.31
N TYR R 60 -69.14 4.29 -17.40
CA TYR R 60 -69.50 4.59 -16.02
C TYR R 60 -69.13 6.02 -15.67
#